data_4GO3
#
_entry.id   4GO3
#
_cell.length_a   83.531
_cell.length_b   144.252
_cell.length_c   138.288
_cell.angle_alpha   90.00
_cell.angle_beta   93.59
_cell.angle_gamma   90.00
#
_symmetry.space_group_name_H-M   'P 1 21 1'
#
loop_
_entity.id
_entity.type
_entity.pdbx_description
1 polymer 'Putative gamma-hydroxymuconic semialdehyde dehydrogenase'
2 water water
#
_entity_poly.entity_id   1
_entity_poly.type   'polypeptide(L)'
_entity_poly.pdbx_seq_one_letter_code
;MQNQLYIDGRFVDAVAGGTIDVVSPHDGSLITRIAAAEAADVDLAVAAAKRAFPAWSALGAAERGRLLLKLADRIEECSE
ELAQLESLNTGHPIRDSRGLDVPRTAACFRYFGGMADKIEGSVIPVDAGFLNYVQRKPIGVVAQIVPWNFPLMFTSWKMG
PALAAGNTIVIKPSEITPLSTLRIVELMTEVGFPKGVVNVVPGYGHTAGQALAEHLDVGKIAFTGSTATGRRIVEASKSN
LKRIQLELGGKGANIVFEDANIEAAVNGAAWAIFHNQGQACIAGSRLILHKDIADQFLERFIALAKSIRLGDPMDPETEM
GPLTSALRRDRVLSYIDIAIEQGGKVLAGGKAPDDKALANGFYVEPTVVEAKPQDRVCQEEVFGPFVTVVRFSSDEEALA
IANNTEYGLGSGLWTQNLARAHKMANAIHAGMCWINCYKRVSPGSPFGGVGQSGYGREMGFEAIHDYTEARSVWVNVDAK
IAPHFKRLGHHHHHH
;
_entity_poly.pdbx_strand_id   A,B,C,D,E,F,G,H
#
# COMPACT_ATOMS: atom_id res chain seq x y z
N MET A 1 -9.69 -56.73 17.24
CA MET A 1 -9.81 -56.35 15.84
C MET A 1 -10.36 -54.97 15.71
N GLN A 2 -9.51 -54.08 15.23
CA GLN A 2 -9.86 -52.68 15.11
C GLN A 2 -10.62 -52.48 13.83
N ASN A 3 -11.72 -51.76 13.91
CA ASN A 3 -12.69 -51.70 12.83
C ASN A 3 -13.25 -50.31 12.64
N GLN A 4 -12.53 -49.36 13.19
CA GLN A 4 -12.95 -47.99 13.17
C GLN A 4 -11.93 -47.19 12.39
N LEU A 5 -12.18 -45.90 12.21
CA LEU A 5 -11.22 -45.11 11.50
C LEU A 5 -10.17 -44.75 12.49
N TYR A 6 -8.97 -44.47 12.02
CA TYR A 6 -7.94 -44.02 12.92
C TYR A 6 -7.63 -42.59 12.58
N ILE A 7 -8.03 -41.69 13.46
CA ILE A 7 -7.84 -40.28 13.26
C ILE A 7 -7.37 -39.59 14.52
N ASP A 8 -6.22 -38.98 14.45
CA ASP A 8 -5.69 -38.20 15.55
C ASP A 8 -5.45 -39.08 16.70
N GLY A 9 -4.92 -40.26 16.44
CA GLY A 9 -4.55 -41.19 17.49
C GLY A 9 -5.73 -41.84 18.15
N ARG A 10 -6.84 -41.87 17.43
CA ARG A 10 -8.10 -42.31 17.97
C ARG A 10 -8.78 -43.21 16.98
N PHE A 11 -9.30 -44.33 17.44
CA PHE A 11 -10.15 -45.17 16.63
C PHE A 11 -11.53 -44.62 16.84
N VAL A 12 -12.24 -44.34 15.76
CA VAL A 12 -13.51 -43.67 15.87
C VAL A 12 -14.33 -44.06 14.69
N ASP A 13 -15.63 -44.01 14.87
CA ASP A 13 -16.56 -44.36 13.83
C ASP A 13 -16.69 -43.17 12.92
N ALA A 14 -17.23 -43.42 11.75
CA ALA A 14 -17.40 -42.41 10.75
C ALA A 14 -18.32 -41.36 11.28
N VAL A 15 -18.13 -40.12 10.88
CA VAL A 15 -19.00 -39.10 11.38
C VAL A 15 -20.42 -39.55 11.18
N ALA A 16 -20.78 -39.85 9.93
CA ALA A 16 -22.16 -40.20 9.62
C ALA A 16 -22.48 -41.57 10.11
N GLY A 17 -21.49 -42.22 10.72
CA GLY A 17 -21.69 -43.56 11.25
C GLY A 17 -21.88 -44.60 10.15
N GLY A 18 -21.56 -44.24 8.91
CA GLY A 18 -21.61 -45.18 7.81
C GLY A 18 -20.65 -46.36 7.85
N THR A 19 -21.11 -47.52 7.40
CA THR A 19 -20.36 -48.74 7.70
C THR A 19 -20.36 -49.69 6.54
N ILE A 20 -19.30 -50.49 6.48
CA ILE A 20 -19.10 -51.40 5.39
C ILE A 20 -18.90 -52.80 5.92
N ASP A 21 -19.35 -53.81 5.21
CA ASP A 21 -19.17 -55.17 5.66
C ASP A 21 -17.84 -55.69 5.20
N VAL A 22 -17.11 -56.33 6.10
CA VAL A 22 -15.83 -56.90 5.74
C VAL A 22 -15.91 -58.42 5.76
N VAL A 23 -15.68 -59.03 4.62
CA VAL A 23 -16.01 -60.44 4.44
C VAL A 23 -14.83 -61.37 4.18
N SER A 24 -14.98 -62.61 4.59
CA SER A 24 -13.96 -63.60 4.33
C SER A 24 -14.16 -64.03 2.93
N PRO A 25 -13.09 -64.15 2.16
CA PRO A 25 -13.22 -64.58 0.76
C PRO A 25 -13.37 -66.08 0.67
N HIS A 26 -13.16 -66.77 1.77
CA HIS A 26 -13.22 -68.21 1.78
C HIS A 26 -14.62 -68.71 1.87
N ASP A 27 -15.40 -68.11 2.77
CA ASP A 27 -16.76 -68.56 3.05
C ASP A 27 -17.73 -67.40 3.06
N GLY A 28 -17.24 -66.25 2.63
CA GLY A 28 -18.09 -65.10 2.43
C GLY A 28 -18.85 -64.65 3.64
N SER A 29 -18.47 -65.18 4.79
CA SER A 29 -19.02 -64.79 6.09
C SER A 29 -18.40 -63.51 6.60
N LEU A 30 -19.11 -62.89 7.54
CA LEU A 30 -18.74 -61.59 8.07
C LEU A 30 -17.68 -61.66 9.14
N ILE A 31 -16.59 -60.96 8.89
CA ILE A 31 -15.53 -60.86 9.86
C ILE A 31 -15.81 -59.72 10.82
N THR A 32 -16.31 -58.63 10.29
CA THR A 32 -16.62 -57.44 11.08
C THR A 32 -17.17 -56.36 10.18
N ARG A 33 -17.62 -55.27 10.77
CA ARG A 33 -18.11 -54.17 9.99
C ARG A 33 -17.23 -52.97 10.25
N ILE A 34 -16.82 -52.32 9.18
CA ILE A 34 -15.85 -51.26 9.32
C ILE A 34 -16.50 -49.89 9.19
N ALA A 35 -16.03 -48.94 9.97
CA ALA A 35 -16.50 -47.58 9.83
C ALA A 35 -16.21 -47.09 8.43
N ALA A 36 -17.25 -46.81 7.66
CA ALA A 36 -17.07 -46.29 6.32
C ALA A 36 -16.88 -44.81 6.40
N ALA A 37 -15.71 -44.35 5.99
CA ALA A 37 -15.43 -42.95 5.95
C ALA A 37 -15.94 -42.33 4.67
N GLU A 38 -16.18 -41.04 4.74
CA GLU A 38 -16.63 -40.23 3.64
C GLU A 38 -15.93 -38.88 3.70
N ALA A 39 -16.46 -37.89 3.01
CA ALA A 39 -15.78 -36.60 2.95
C ALA A 39 -15.54 -35.95 4.32
N ALA A 40 -16.49 -36.10 5.21
CA ALA A 40 -16.40 -35.52 6.53
C ALA A 40 -15.24 -36.05 7.31
N ASP A 41 -14.99 -37.34 7.19
CA ASP A 41 -13.98 -37.98 7.97
C ASP A 41 -12.61 -37.77 7.37
N VAL A 42 -12.56 -37.59 6.07
CA VAL A 42 -11.29 -37.30 5.45
C VAL A 42 -10.89 -35.86 5.70
N ASP A 43 -11.85 -35.02 6.05
CA ASP A 43 -11.46 -33.70 6.48
C ASP A 43 -10.93 -33.72 7.90
N LEU A 44 -11.49 -34.56 8.75
CA LEU A 44 -10.99 -34.71 10.09
C LEU A 44 -9.60 -35.30 10.05
N ALA A 45 -9.41 -36.19 9.10
CA ALA A 45 -8.15 -36.85 8.91
C ALA A 45 -7.14 -35.89 8.39
N VAL A 46 -7.41 -35.29 7.24
CA VAL A 46 -6.48 -34.39 6.64
C VAL A 46 -6.12 -33.29 7.60
N ALA A 47 -7.01 -33.00 8.53
CA ALA A 47 -6.89 -31.89 9.45
C ALA A 47 -5.95 -32.26 10.56
N ALA A 48 -6.07 -33.52 10.94
CA ALA A 48 -5.21 -34.14 11.93
C ALA A 48 -3.79 -34.26 11.46
N ALA A 49 -3.63 -34.53 10.17
CA ALA A 49 -2.34 -34.69 9.55
C ALA A 49 -1.69 -33.34 9.37
N LYS A 50 -2.48 -32.35 9.00
CA LYS A 50 -2.02 -30.98 8.90
C LYS A 50 -1.55 -30.46 10.24
N ARG A 51 -2.27 -30.79 11.29
CA ARG A 51 -1.92 -30.37 12.62
C ARG A 51 -0.64 -31.04 13.02
N ALA A 52 -0.50 -32.28 12.59
CA ALA A 52 0.60 -33.11 13.00
C ALA A 52 1.87 -32.79 12.27
N PHE A 53 1.72 -32.24 11.08
CA PHE A 53 2.83 -32.07 10.15
C PHE A 53 4.03 -31.30 10.64
N PRO A 54 3.81 -30.10 11.13
CA PRO A 54 4.88 -29.23 11.54
C PRO A 54 5.82 -29.87 12.55
N ALA A 55 5.29 -30.45 13.60
CA ALA A 55 6.13 -31.08 14.58
C ALA A 55 6.74 -32.36 14.07
N TRP A 56 6.11 -32.98 13.10
CA TRP A 56 6.59 -34.24 12.57
C TRP A 56 7.70 -34.01 11.57
N SER A 57 7.54 -33.01 10.72
CA SER A 57 8.53 -32.69 9.72
C SER A 57 9.71 -32.02 10.37
N ALA A 58 9.55 -31.65 11.62
CA ALA A 58 10.59 -31.00 12.37
C ALA A 58 11.22 -31.99 13.30
N LEU A 59 10.91 -33.27 13.11
CA LEU A 59 11.33 -34.28 14.05
C LEU A 59 12.81 -34.50 13.95
N GLY A 60 13.39 -34.19 12.83
CA GLY A 60 14.80 -34.53 12.66
C GLY A 60 14.88 -35.95 12.17
N ALA A 61 15.33 -36.11 10.94
CA ALA A 61 15.22 -37.37 10.23
C ALA A 61 15.50 -38.63 11.02
N ALA A 62 16.47 -38.61 11.91
CA ALA A 62 16.82 -39.81 12.63
C ALA A 62 15.64 -40.29 13.47
N GLU A 63 14.83 -39.35 13.91
CA GLU A 63 13.76 -39.64 14.84
C GLU A 63 12.53 -40.19 14.17
N ARG A 64 12.35 -39.89 12.90
CA ARG A 64 11.29 -40.52 12.14
C ARG A 64 11.80 -41.83 11.67
N GLY A 65 13.09 -41.91 11.41
CA GLY A 65 13.69 -43.19 11.07
C GLY A 65 13.60 -44.21 12.19
N ARG A 66 13.98 -43.77 13.37
CA ARG A 66 13.94 -44.56 14.58
C ARG A 66 12.54 -45.09 14.80
N LEU A 67 11.54 -44.33 14.39
CA LEU A 67 10.18 -44.76 14.58
C LEU A 67 9.75 -45.78 13.55
N LEU A 68 10.24 -45.65 12.33
CA LEU A 68 9.97 -46.58 11.24
C LEU A 68 10.68 -47.89 11.48
N LEU A 69 11.85 -47.79 12.09
CA LEU A 69 12.60 -48.95 12.46
C LEU A 69 11.91 -49.70 13.56
N LYS A 70 11.36 -49.00 14.54
CA LYS A 70 10.65 -49.66 15.61
C LYS A 70 9.40 -50.30 15.06
N LEU A 71 8.81 -49.67 14.07
CA LEU A 71 7.61 -50.23 13.46
C LEU A 71 7.89 -51.56 12.78
N ALA A 72 8.97 -51.61 12.02
CA ALA A 72 9.36 -52.86 11.37
C ALA A 72 9.48 -53.98 12.39
N ASP A 73 10.22 -53.72 13.46
CA ASP A 73 10.43 -54.72 14.50
C ASP A 73 9.09 -55.13 15.05
N ARG A 74 8.29 -54.16 15.44
CA ARG A 74 6.98 -54.42 16.00
C ARG A 74 6.13 -55.22 15.06
N ILE A 75 6.27 -54.96 13.77
CA ILE A 75 5.51 -55.67 12.77
C ILE A 75 5.95 -57.11 12.73
N GLU A 76 7.23 -57.31 12.98
CA GLU A 76 7.81 -58.63 12.99
C GLU A 76 7.44 -59.35 14.27
N GLU A 77 7.21 -58.59 15.34
CA GLU A 77 6.76 -59.18 16.60
C GLU A 77 5.31 -59.61 16.55
N CYS A 78 4.50 -58.90 15.78
CA CYS A 78 3.11 -59.23 15.66
C CYS A 78 2.85 -59.89 14.34
N SER A 79 3.81 -60.68 13.91
CA SER A 79 3.85 -61.26 12.58
C SER A 79 2.76 -62.27 12.27
N GLU A 80 2.49 -63.16 13.20
CA GLU A 80 1.45 -64.18 13.00
C GLU A 80 0.07 -63.60 13.12
N GLU A 81 -0.04 -62.63 14.00
CA GLU A 81 -1.27 -61.93 14.19
C GLU A 81 -1.63 -61.21 12.91
N LEU A 82 -0.69 -60.45 12.40
CA LEU A 82 -0.86 -59.70 11.18
C LEU A 82 -1.04 -60.67 10.04
N ALA A 83 -0.28 -61.74 10.09
CA ALA A 83 -0.37 -62.73 9.05
C ALA A 83 -1.75 -63.36 9.03
N GLN A 84 -2.31 -63.60 10.19
CA GLN A 84 -3.59 -64.25 10.25
C GLN A 84 -4.67 -63.28 9.92
N LEU A 85 -4.54 -62.08 10.45
CA LEU A 85 -5.48 -61.03 10.15
C LEU A 85 -5.52 -60.77 8.66
N GLU A 86 -4.40 -60.66 8.00
CA GLU A 86 -4.41 -60.37 6.59
C GLU A 86 -4.86 -61.49 5.72
N SER A 87 -4.75 -62.71 6.17
CA SER A 87 -5.15 -63.79 5.31
C SER A 87 -6.62 -63.93 5.34
N LEU A 88 -7.15 -63.82 6.55
CA LEU A 88 -8.56 -63.93 6.85
C LEU A 88 -9.34 -62.95 6.05
N ASN A 89 -8.83 -61.74 6.00
CA ASN A 89 -9.49 -60.68 5.30
C ASN A 89 -9.29 -60.71 3.82
N THR A 90 -8.14 -61.15 3.37
CA THR A 90 -7.76 -61.00 1.98
C THR A 90 -7.92 -62.24 1.12
N GLY A 91 -7.66 -63.38 1.72
CA GLY A 91 -7.74 -64.63 1.00
C GLY A 91 -6.37 -65.17 0.70
N HIS A 92 -5.37 -64.43 1.16
CA HIS A 92 -3.98 -64.83 1.02
C HIS A 92 -3.76 -66.07 1.85
N PRO A 93 -3.02 -67.01 1.27
CA PRO A 93 -2.51 -68.12 2.04
C PRO A 93 -1.63 -67.62 3.14
N ILE A 94 -1.91 -68.07 4.35
CA ILE A 94 -1.21 -67.63 5.53
C ILE A 94 0.27 -67.91 5.40
N ARG A 95 0.61 -68.81 4.49
CA ARG A 95 1.98 -69.12 4.19
C ARG A 95 2.51 -68.03 3.32
N ASP A 96 1.60 -67.24 2.78
CA ASP A 96 1.94 -66.10 1.98
C ASP A 96 1.98 -64.88 2.87
N SER A 97 0.98 -64.72 3.70
CA SER A 97 0.99 -63.66 4.67
C SER A 97 2.18 -63.68 5.60
N ARG A 98 2.68 -64.86 5.92
CA ARG A 98 3.77 -64.96 6.87
C ARG A 98 5.12 -64.99 6.19
N GLY A 99 5.17 -65.55 5.00
CA GLY A 99 6.40 -65.50 4.29
C GLY A 99 6.59 -64.40 3.30
N LEU A 100 5.51 -63.77 2.87
CA LEU A 100 5.65 -62.68 1.94
C LEU A 100 5.10 -61.39 2.50
N ASP A 101 3.81 -61.32 2.70
CA ASP A 101 3.23 -60.07 3.10
C ASP A 101 3.98 -59.52 4.27
N VAL A 102 3.83 -60.13 5.43
CA VAL A 102 4.42 -59.66 6.67
C VAL A 102 5.88 -59.27 6.58
N PRO A 103 6.71 -60.13 6.04
CA PRO A 103 8.14 -59.85 6.00
C PRO A 103 8.50 -58.77 5.01
N ARG A 104 7.79 -58.68 3.91
CA ARG A 104 8.03 -57.62 2.95
C ARG A 104 7.51 -56.30 3.52
N THR A 105 6.48 -56.33 4.34
CA THR A 105 5.99 -55.12 4.99
C THR A 105 6.97 -54.54 5.99
N ALA A 106 7.69 -55.37 6.69
CA ALA A 106 8.63 -54.90 7.66
C ALA A 106 9.88 -54.49 6.95
N ALA A 107 10.33 -55.34 6.05
CA ALA A 107 11.51 -55.04 5.28
C ALA A 107 11.46 -53.63 4.74
N CYS A 108 10.34 -53.26 4.15
CA CYS A 108 10.15 -51.96 3.53
C CYS A 108 10.07 -50.82 4.53
N PHE A 109 9.48 -51.07 5.66
CA PHE A 109 9.44 -50.07 6.70
C PHE A 109 10.81 -49.97 7.29
N ARG A 110 11.54 -51.05 7.37
CA ARG A 110 12.90 -50.96 7.85
C ARG A 110 13.72 -50.13 6.89
N TYR A 111 13.61 -50.45 5.62
CA TYR A 111 14.42 -49.79 4.61
C TYR A 111 14.29 -48.29 4.72
N PHE A 112 13.07 -47.83 4.91
CA PHE A 112 12.77 -46.42 4.90
C PHE A 112 12.98 -45.77 6.25
N GLY A 113 13.11 -46.57 7.29
CA GLY A 113 13.44 -46.02 8.57
C GLY A 113 14.89 -45.64 8.58
N GLY A 114 15.68 -46.30 7.76
CA GLY A 114 17.07 -45.99 7.67
C GLY A 114 17.30 -45.08 6.49
N MET A 115 16.27 -44.86 5.70
CA MET A 115 16.34 -43.98 4.56
C MET A 115 16.14 -42.55 4.96
N ALA A 116 15.58 -42.36 6.15
CA ALA A 116 15.14 -41.09 6.65
C ALA A 116 16.19 -40.01 6.77
N ASP A 117 17.29 -40.33 7.43
CA ASP A 117 18.36 -39.35 7.58
C ASP A 117 19.36 -39.53 6.50
N LYS A 118 18.95 -40.10 5.37
CA LYS A 118 19.83 -40.24 4.23
C LYS A 118 19.24 -39.49 3.05
N ILE A 119 18.16 -38.78 3.30
CA ILE A 119 17.51 -37.95 2.32
C ILE A 119 18.26 -36.63 2.31
N GLU A 120 19.01 -36.38 1.26
CA GLU A 120 19.89 -35.22 1.27
C GLU A 120 19.57 -34.20 0.21
N GLY A 121 19.79 -32.94 0.54
CA GLY A 121 19.64 -31.87 -0.43
C GLY A 121 20.95 -31.76 -1.17
N SER A 122 21.15 -30.64 -1.84
CA SER A 122 22.38 -30.46 -2.59
C SER A 122 22.79 -29.02 -2.53
N VAL A 123 24.04 -28.76 -2.83
CA VAL A 123 24.56 -27.42 -2.93
C VAL A 123 24.99 -27.24 -4.35
N ILE A 124 24.45 -26.25 -5.04
CA ILE A 124 24.65 -26.09 -6.49
C ILE A 124 25.80 -25.18 -6.84
N PRO A 125 26.56 -25.46 -7.88
CA PRO A 125 27.62 -24.54 -8.23
C PRO A 125 27.05 -23.38 -8.99
N VAL A 126 26.97 -22.25 -8.33
CA VAL A 126 26.41 -21.05 -8.90
C VAL A 126 27.48 -19.97 -9.03
N ASP A 127 27.11 -18.76 -9.42
CA ASP A 127 28.14 -17.76 -9.66
C ASP A 127 28.88 -17.46 -8.38
N ALA A 128 30.03 -16.82 -8.50
CA ALA A 128 30.81 -16.51 -7.34
C ALA A 128 30.09 -15.54 -6.44
N GLY A 129 30.23 -15.73 -5.14
CA GLY A 129 29.64 -14.85 -4.18
C GLY A 129 28.26 -15.27 -3.74
N PHE A 130 27.80 -16.36 -4.31
CA PHE A 130 26.48 -16.85 -4.02
C PHE A 130 26.59 -18.19 -3.37
N LEU A 131 25.73 -18.46 -2.40
CA LEU A 131 25.58 -19.80 -1.88
C LEU A 131 24.20 -20.25 -2.27
N ASN A 132 24.13 -21.34 -3.01
CA ASN A 132 22.87 -21.95 -3.36
C ASN A 132 22.77 -23.33 -2.80
N TYR A 133 21.99 -23.50 -1.75
CA TYR A 133 21.69 -24.81 -1.28
C TYR A 133 20.23 -25.13 -1.53
N VAL A 134 19.94 -26.38 -1.84
CA VAL A 134 18.59 -26.82 -2.13
C VAL A 134 18.21 -27.89 -1.16
N GLN A 135 17.29 -27.62 -0.25
CA GLN A 135 16.83 -28.68 0.60
C GLN A 135 15.77 -29.50 -0.08
N ARG A 136 15.53 -30.68 0.47
CA ARG A 136 14.44 -31.54 0.06
C ARG A 136 13.50 -31.53 1.22
N LYS A 137 12.36 -30.89 1.08
CA LYS A 137 11.44 -30.86 2.17
C LYS A 137 10.28 -31.75 1.86
N PRO A 138 9.57 -32.15 2.90
CA PRO A 138 8.35 -32.93 2.73
C PRO A 138 7.33 -32.06 2.06
N ILE A 139 6.48 -32.64 1.23
CA ILE A 139 5.38 -31.94 0.61
C ILE A 139 4.45 -31.39 1.66
N GLY A 140 4.07 -32.24 2.60
CA GLY A 140 3.18 -31.91 3.68
C GLY A 140 2.26 -33.04 4.04
N VAL A 141 0.97 -32.83 3.82
CA VAL A 141 -0.03 -33.84 4.06
C VAL A 141 -0.24 -34.57 2.77
N VAL A 142 -0.06 -35.87 2.84
CA VAL A 142 -0.06 -36.73 1.68
C VAL A 142 -1.25 -37.66 1.75
N ALA A 143 -1.96 -37.84 0.66
CA ALA A 143 -3.09 -38.76 0.65
C ALA A 143 -2.67 -40.02 -0.10
N GLN A 144 -3.07 -41.16 0.42
CA GLN A 144 -2.70 -42.43 -0.18
C GLN A 144 -3.88 -43.40 -0.24
N ILE A 145 -4.21 -43.81 -1.45
CA ILE A 145 -5.26 -44.77 -1.67
C ILE A 145 -4.63 -46.08 -2.10
N VAL A 146 -4.87 -47.16 -1.36
CA VAL A 146 -4.27 -48.44 -1.72
C VAL A 146 -5.34 -49.46 -2.07
N PRO A 147 -5.00 -50.40 -2.96
CA PRO A 147 -5.94 -51.45 -3.33
C PRO A 147 -5.96 -52.58 -2.31
N TRP A 148 -6.76 -53.58 -2.60
CA TRP A 148 -7.00 -54.66 -1.68
C TRP A 148 -6.16 -55.89 -1.96
N ASN A 149 -5.24 -55.83 -2.93
CA ASN A 149 -4.46 -57.00 -3.24
C ASN A 149 -3.30 -57.27 -2.30
N PHE A 150 -2.77 -56.22 -1.68
CA PHE A 150 -1.69 -56.37 -0.71
C PHE A 150 -1.89 -55.34 0.39
N PRO A 151 -3.07 -55.36 1.00
CA PRO A 151 -3.38 -54.33 1.98
C PRO A 151 -2.20 -54.08 2.89
N LEU A 152 -1.68 -55.14 3.48
CA LEU A 152 -0.63 -55.03 4.48
C LEU A 152 0.67 -54.51 3.89
N MET A 153 1.14 -55.16 2.86
CA MET A 153 2.43 -54.83 2.30
C MET A 153 2.42 -53.39 1.77
N PHE A 154 1.31 -53.00 1.16
CA PHE A 154 1.22 -51.67 0.59
C PHE A 154 1.20 -50.55 1.64
N THR A 155 0.90 -50.87 2.88
CA THR A 155 1.07 -49.87 3.92
C THR A 155 2.54 -49.47 3.96
N SER A 156 3.45 -50.44 3.90
CA SER A 156 4.85 -50.08 3.96
C SER A 156 5.28 -49.33 2.70
N TRP A 157 4.91 -49.86 1.54
CA TRP A 157 5.26 -49.27 0.27
C TRP A 157 4.88 -47.79 0.15
N LYS A 158 3.70 -47.44 0.60
CA LYS A 158 3.23 -46.08 0.47
C LYS A 158 3.70 -45.25 1.63
N MET A 159 3.46 -45.72 2.84
CA MET A 159 3.73 -44.94 4.02
C MET A 159 5.19 -44.90 4.41
N GLY A 160 5.95 -45.89 4.00
CA GLY A 160 7.37 -45.94 4.27
C GLY A 160 8.10 -44.68 3.82
N PRO A 161 8.11 -44.43 2.49
CA PRO A 161 8.77 -43.26 1.91
C PRO A 161 8.18 -41.94 2.43
N ALA A 162 6.86 -41.84 2.41
CA ALA A 162 6.19 -40.62 2.81
C ALA A 162 6.53 -40.23 4.22
N LEU A 163 6.45 -41.15 5.15
CA LEU A 163 6.79 -40.82 6.52
C LEU A 163 8.26 -40.44 6.62
N ALA A 164 9.13 -41.29 6.10
CA ALA A 164 10.57 -41.07 6.15
C ALA A 164 10.90 -39.64 5.81
N ALA A 165 10.32 -39.16 4.72
CA ALA A 165 10.55 -37.82 4.25
C ALA A 165 9.83 -36.79 5.12
N GLY A 166 8.99 -37.24 6.02
CA GLY A 166 8.43 -36.31 6.98
C GLY A 166 7.05 -35.80 6.69
N ASN A 167 6.40 -36.31 5.67
CA ASN A 167 5.03 -35.97 5.45
C ASN A 167 4.21 -36.52 6.57
N THR A 168 2.97 -36.08 6.61
CA THR A 168 1.97 -36.75 7.35
C THR A 168 1.03 -37.29 6.32
N ILE A 169 0.30 -38.29 6.72
CA ILE A 169 -0.40 -39.12 5.81
C ILE A 169 -1.81 -39.31 6.24
N VAL A 170 -2.69 -39.26 5.26
CA VAL A 170 -4.01 -39.81 5.37
C VAL A 170 -4.07 -40.93 4.35
N ILE A 171 -4.18 -42.15 4.83
CA ILE A 171 -4.21 -43.30 3.95
C ILE A 171 -5.62 -43.89 3.87
N LYS A 172 -6.02 -44.29 2.68
CA LYS A 172 -7.30 -44.91 2.54
C LYS A 172 -7.17 -46.30 1.96
N PRO A 173 -7.35 -47.35 2.77
CA PRO A 173 -7.34 -48.67 2.22
C PRO A 173 -8.68 -48.96 1.64
N SER A 174 -8.89 -50.11 1.06
CA SER A 174 -10.15 -50.39 0.47
C SER A 174 -11.09 -50.88 1.51
N GLU A 175 -12.35 -50.61 1.30
CA GLU A 175 -13.40 -51.03 2.15
C GLU A 175 -13.28 -52.53 2.23
N ILE A 176 -12.50 -53.09 1.33
CA ILE A 176 -12.46 -54.52 1.15
C ILE A 176 -11.43 -55.20 2.01
N THR A 177 -10.40 -54.46 2.42
CA THR A 177 -9.32 -55.06 3.15
C THR A 177 -8.65 -54.04 4.00
N PRO A 178 -9.40 -53.47 4.91
CA PRO A 178 -8.94 -52.41 5.80
C PRO A 178 -8.24 -52.91 7.05
N LEU A 179 -8.56 -54.12 7.46
CA LEU A 179 -8.27 -54.55 8.81
C LEU A 179 -6.82 -54.58 9.15
N SER A 180 -6.01 -54.86 8.14
CA SER A 180 -4.58 -54.99 8.28
C SER A 180 -3.91 -53.64 8.48
N THR A 181 -4.38 -52.66 7.74
CA THR A 181 -3.88 -51.32 7.82
C THR A 181 -4.20 -50.70 9.14
N LEU A 182 -5.38 -50.99 9.64
CA LEU A 182 -5.85 -50.46 10.90
C LEU A 182 -5.02 -50.94 12.07
N ARG A 183 -4.61 -52.19 12.02
CA ARG A 183 -3.79 -52.75 13.06
C ARG A 183 -2.40 -52.20 12.92
N ILE A 184 -2.02 -51.77 11.73
CA ILE A 184 -0.66 -51.31 11.56
C ILE A 184 -0.47 -49.96 12.22
N VAL A 185 -1.40 -49.07 11.99
CA VAL A 185 -1.37 -47.76 12.62
C VAL A 185 -1.49 -47.82 14.15
N GLU A 186 -2.18 -48.81 14.68
CA GLU A 186 -2.12 -49.01 16.10
C GLU A 186 -0.76 -49.45 16.52
N LEU A 187 -0.15 -50.26 15.66
CA LEU A 187 1.23 -50.74 15.78
C LEU A 187 2.16 -49.58 15.76
N MET A 188 1.76 -48.54 15.06
CA MET A 188 2.49 -47.31 14.98
C MET A 188 2.41 -46.53 16.27
N THR A 189 1.20 -46.24 16.73
CA THR A 189 1.09 -45.48 17.96
C THR A 189 1.65 -46.30 19.09
N GLU A 190 1.55 -47.61 18.96
CA GLU A 190 2.15 -48.50 19.92
C GLU A 190 3.62 -48.18 20.08
N VAL A 191 4.23 -47.76 19.00
CA VAL A 191 5.67 -47.65 18.89
C VAL A 191 6.20 -46.23 19.02
N GLY A 192 5.33 -45.25 19.00
CA GLY A 192 5.70 -43.89 19.33
C GLY A 192 5.37 -42.85 18.29
N PHE A 193 4.76 -43.25 17.18
CA PHE A 193 4.41 -42.28 16.16
C PHE A 193 3.47 -41.32 16.81
N PRO A 194 3.59 -40.05 16.48
CA PRO A 194 2.75 -39.06 17.11
C PRO A 194 1.38 -39.05 16.50
N LYS A 195 0.40 -38.58 17.25
CA LYS A 195 -0.97 -38.59 16.81
C LYS A 195 -1.13 -37.72 15.60
N GLY A 196 -1.97 -38.17 14.68
CA GLY A 196 -2.23 -37.38 13.49
C GLY A 196 -1.17 -37.48 12.40
N VAL A 197 -0.07 -38.15 12.72
CA VAL A 197 0.96 -38.38 11.73
C VAL A 197 0.42 -39.32 10.68
N VAL A 198 -0.31 -40.33 11.09
CA VAL A 198 -0.96 -41.20 10.14
C VAL A 198 -2.37 -41.36 10.55
N ASN A 199 -3.27 -41.15 9.60
CA ASN A 199 -4.68 -41.36 9.79
C ASN A 199 -5.22 -42.25 8.74
N VAL A 200 -5.90 -43.27 9.18
CA VAL A 200 -6.44 -44.31 8.32
C VAL A 200 -7.95 -44.13 8.21
N VAL A 201 -8.44 -44.17 6.99
CA VAL A 201 -9.78 -43.68 6.68
C VAL A 201 -10.43 -44.56 5.59
N PRO A 202 -10.64 -45.82 5.92
CA PRO A 202 -11.26 -46.74 4.97
C PRO A 202 -12.63 -46.25 4.57
N GLY A 203 -12.98 -46.44 3.32
CA GLY A 203 -14.22 -45.90 2.80
C GLY A 203 -14.33 -46.21 1.33
N TYR A 204 -15.50 -46.04 0.75
CA TYR A 204 -15.65 -46.34 -0.66
C TYR A 204 -14.77 -45.38 -1.38
N GLY A 205 -14.57 -45.59 -2.66
CA GLY A 205 -13.69 -44.71 -3.41
C GLY A 205 -14.27 -43.36 -3.71
N HIS A 206 -15.56 -43.34 -4.00
CA HIS A 206 -16.22 -42.13 -4.44
C HIS A 206 -16.57 -41.27 -3.24
N THR A 207 -16.33 -41.81 -2.06
CA THR A 207 -16.55 -41.07 -0.84
C THR A 207 -15.26 -40.54 -0.26
N ALA A 208 -14.45 -41.43 0.27
CA ALA A 208 -13.26 -41.02 0.98
C ALA A 208 -12.13 -40.91 0.01
N GLY A 209 -12.17 -41.73 -1.01
CA GLY A 209 -11.23 -41.60 -2.11
C GLY A 209 -11.33 -40.26 -2.82
N GLN A 210 -12.52 -39.97 -3.34
CA GLN A 210 -12.80 -38.73 -4.01
C GLN A 210 -12.39 -37.57 -3.15
N ALA A 211 -12.74 -37.63 -1.87
CA ALA A 211 -12.51 -36.54 -0.95
C ALA A 211 -11.04 -36.36 -0.66
N LEU A 212 -10.29 -37.44 -0.70
CA LEU A 212 -8.87 -37.37 -0.48
C LEU A 212 -8.20 -36.75 -1.69
N ALA A 213 -8.59 -37.21 -2.86
CA ALA A 213 -8.00 -36.73 -4.09
C ALA A 213 -8.31 -35.27 -4.38
N GLU A 214 -9.43 -34.78 -3.89
CA GLU A 214 -9.80 -33.41 -4.16
C GLU A 214 -9.40 -32.45 -3.05
N HIS A 215 -9.04 -32.95 -1.89
CA HIS A 215 -8.73 -32.08 -0.78
C HIS A 215 -7.70 -31.00 -1.07
N LEU A 216 -8.04 -29.78 -0.67
CA LEU A 216 -7.18 -28.63 -0.81
C LEU A 216 -5.90 -28.70 0.01
N ASP A 217 -5.91 -29.41 1.12
CA ASP A 217 -4.75 -29.41 1.99
C ASP A 217 -3.85 -30.59 1.79
N VAL A 218 -4.24 -31.45 0.86
CA VAL A 218 -3.41 -32.55 0.47
C VAL A 218 -2.51 -32.09 -0.65
N GLY A 219 -1.22 -32.29 -0.47
CA GLY A 219 -0.20 -31.87 -1.40
C GLY A 219 0.20 -32.90 -2.43
N LYS A 220 -0.17 -34.14 -2.21
CA LYS A 220 0.11 -35.19 -3.14
C LYS A 220 -0.91 -36.28 -2.91
N ILE A 221 -1.37 -36.92 -3.96
CA ILE A 221 -2.21 -38.09 -3.80
C ILE A 221 -1.54 -39.23 -4.51
N ALA A 222 -1.26 -40.29 -3.77
CA ALA A 222 -0.68 -41.49 -4.32
C ALA A 222 -1.81 -42.48 -4.52
N PHE A 223 -1.93 -43.01 -5.74
CA PHE A 223 -2.99 -43.94 -6.05
C PHE A 223 -2.44 -45.19 -6.69
N THR A 224 -2.81 -46.34 -6.13
CA THR A 224 -2.60 -47.59 -6.80
C THR A 224 -4.00 -48.15 -7.01
N GLY A 225 -4.34 -48.49 -8.24
CA GLY A 225 -5.69 -48.91 -8.55
C GLY A 225 -5.89 -48.95 -10.02
N SER A 226 -7.11 -49.13 -10.48
CA SER A 226 -7.37 -49.26 -11.90
C SER A 226 -6.99 -48.03 -12.69
N THR A 227 -6.89 -48.18 -13.99
CA THR A 227 -6.70 -47.07 -14.88
C THR A 227 -7.94 -46.18 -14.88
N ALA A 228 -9.12 -46.77 -14.84
CA ALA A 228 -10.33 -45.97 -14.88
C ALA A 228 -10.37 -44.96 -13.75
N THR A 229 -10.19 -45.43 -12.53
CA THR A 229 -10.34 -44.58 -11.35
C THR A 229 -9.13 -43.73 -11.12
N GLY A 230 -8.12 -43.90 -11.94
CA GLY A 230 -6.90 -43.12 -11.82
C GLY A 230 -7.04 -41.81 -12.55
N ARG A 231 -7.70 -41.88 -13.70
CA ARG A 231 -8.00 -40.72 -14.47
C ARG A 231 -8.81 -39.78 -13.61
N ARG A 232 -9.58 -40.32 -12.69
CA ARG A 232 -10.40 -39.46 -11.84
C ARG A 232 -9.75 -39.11 -10.52
N ILE A 233 -8.53 -39.55 -10.31
CA ILE A 233 -7.73 -39.03 -9.22
C ILE A 233 -7.11 -37.83 -9.85
N VAL A 234 -6.72 -38.00 -11.10
CA VAL A 234 -6.11 -36.97 -11.88
C VAL A 234 -7.06 -35.82 -12.10
N GLU A 235 -8.30 -36.15 -12.45
CA GLU A 235 -9.32 -35.14 -12.67
C GLU A 235 -9.66 -34.44 -11.36
N ALA A 236 -9.40 -35.12 -10.25
CA ALA A 236 -9.64 -34.51 -8.94
C ALA A 236 -8.47 -33.65 -8.47
N SER A 237 -7.28 -34.07 -8.84
CA SER A 237 -6.07 -33.37 -8.43
C SER A 237 -6.08 -31.90 -8.86
N LYS A 238 -6.85 -31.54 -9.86
CA LYS A 238 -6.79 -30.17 -10.30
C LYS A 238 -7.16 -29.25 -9.17
N SER A 239 -8.06 -29.69 -8.31
CA SER A 239 -8.50 -28.83 -7.23
C SER A 239 -7.39 -27.91 -6.75
N ASN A 240 -6.25 -28.48 -6.36
CA ASN A 240 -5.17 -27.68 -5.82
C ASN A 240 -3.85 -27.97 -6.49
N LEU A 241 -3.93 -28.75 -7.54
CA LEU A 241 -2.79 -29.13 -8.31
C LEU A 241 -1.79 -29.77 -7.39
N LYS A 242 -2.27 -30.79 -6.70
CA LYS A 242 -1.45 -31.60 -5.85
C LYS A 242 -0.69 -32.54 -6.72
N ARG A 243 0.47 -33.00 -6.27
CA ARG A 243 1.22 -33.92 -7.09
C ARG A 243 0.55 -35.28 -7.08
N ILE A 244 0.81 -36.08 -8.09
CA ILE A 244 0.20 -37.37 -8.23
C ILE A 244 1.23 -38.43 -8.42
N GLN A 245 0.95 -39.61 -7.90
CA GLN A 245 1.68 -40.84 -8.17
C GLN A 245 0.61 -41.81 -8.62
N LEU A 246 0.80 -42.46 -9.75
CA LEU A 246 -0.13 -43.49 -10.19
C LEU A 246 0.53 -44.84 -10.48
N GLU A 247 0.01 -45.90 -9.90
CA GLU A 247 0.28 -47.23 -10.41
C GLU A 247 -1.03 -47.84 -10.87
N LEU A 248 -1.21 -47.92 -12.19
CA LEU A 248 -2.50 -48.27 -12.75
C LEU A 248 -2.54 -49.58 -13.46
N GLY A 249 -1.86 -50.59 -12.96
CA GLY A 249 -2.05 -51.93 -13.46
C GLY A 249 -0.98 -52.37 -14.43
N GLY A 250 -0.95 -53.67 -14.65
CA GLY A 250 0.01 -54.26 -15.55
C GLY A 250 -0.59 -55.40 -16.33
N LYS A 251 -0.03 -55.68 -17.48
CA LYS A 251 -0.33 -56.91 -18.17
C LYS A 251 1.01 -57.51 -18.42
N GLY A 252 1.60 -58.08 -17.38
CA GLY A 252 2.96 -58.56 -17.36
C GLY A 252 3.35 -59.62 -18.37
N ALA A 253 4.21 -59.21 -19.30
CA ALA A 253 4.77 -60.15 -20.23
C ALA A 253 5.75 -61.06 -19.49
N ASN A 254 5.61 -62.37 -19.68
CA ASN A 254 6.58 -63.32 -19.21
C ASN A 254 7.02 -64.12 -20.39
N ILE A 255 8.16 -63.72 -20.96
CA ILE A 255 8.66 -64.30 -22.18
C ILE A 255 9.55 -65.48 -21.87
N VAL A 256 9.33 -66.57 -22.58
CA VAL A 256 10.21 -67.73 -22.43
C VAL A 256 10.84 -68.13 -23.75
N PHE A 257 12.14 -67.91 -23.82
CA PHE A 257 12.90 -68.20 -25.01
C PHE A 257 13.37 -69.63 -25.06
N GLU A 258 13.75 -70.07 -26.24
CA GLU A 258 14.08 -71.46 -26.51
C GLU A 258 15.19 -72.05 -25.65
N ASP A 259 16.14 -71.22 -25.25
CA ASP A 259 17.25 -71.65 -24.44
C ASP A 259 17.08 -71.26 -22.98
N ALA A 260 15.84 -71.05 -22.56
CA ALA A 260 15.51 -70.91 -21.16
C ALA A 260 15.59 -72.22 -20.45
N ASN A 261 15.90 -72.14 -19.17
CA ASN A 261 15.82 -73.25 -18.25
C ASN A 261 14.36 -73.46 -17.90
N ILE A 262 13.76 -74.43 -18.57
CA ILE A 262 12.33 -74.57 -18.60
C ILE A 262 11.75 -75.06 -17.29
N GLU A 263 12.52 -75.70 -16.44
CA GLU A 263 12.01 -76.02 -15.12
C GLU A 263 11.94 -74.76 -14.29
N ALA A 264 12.96 -73.93 -14.39
CA ALA A 264 13.04 -72.69 -13.66
C ALA A 264 11.96 -71.76 -14.15
N ALA A 265 11.84 -71.66 -15.47
CA ALA A 265 10.87 -70.78 -16.09
C ALA A 265 9.46 -71.17 -15.66
N VAL A 266 9.19 -72.47 -15.58
CA VAL A 266 7.87 -72.93 -15.19
C VAL A 266 7.58 -72.54 -13.75
N ASN A 267 8.51 -72.78 -12.85
CA ASN A 267 8.33 -72.35 -11.48
C ASN A 267 8.16 -70.86 -11.36
N GLY A 268 8.96 -70.10 -12.09
CA GLY A 268 8.84 -68.67 -12.08
C GLY A 268 7.49 -68.21 -12.60
N ALA A 269 7.09 -68.77 -13.74
CA ALA A 269 5.81 -68.42 -14.34
C ALA A 269 4.66 -68.76 -13.40
N ALA A 270 4.76 -69.92 -12.75
CA ALA A 270 3.70 -70.31 -11.82
C ALA A 270 3.63 -69.30 -10.67
N TRP A 271 4.78 -69.00 -10.09
CA TRP A 271 4.89 -67.96 -9.08
C TRP A 271 4.42 -66.61 -9.61
N ALA A 272 4.80 -66.31 -10.84
CA ALA A 272 4.52 -64.98 -11.41
C ALA A 272 3.04 -64.67 -11.52
N ILE A 273 2.20 -65.66 -11.77
CA ILE A 273 0.78 -65.39 -11.92
C ILE A 273 -0.11 -66.02 -10.90
N PHE A 274 0.35 -67.05 -10.23
CA PHE A 274 -0.54 -67.71 -9.31
C PHE A 274 -0.31 -67.27 -7.88
N HIS A 275 0.85 -66.66 -7.61
CA HIS A 275 1.03 -66.14 -6.28
C HIS A 275 0.01 -65.04 -6.08
N ASN A 276 -0.49 -64.95 -4.86
CA ASN A 276 -1.52 -63.98 -4.55
C ASN A 276 -2.73 -64.07 -5.45
N GLN A 277 -2.99 -65.26 -5.98
CA GLN A 277 -4.16 -65.50 -6.82
C GLN A 277 -4.13 -64.61 -8.01
N GLY A 278 -2.94 -64.25 -8.45
CA GLY A 278 -2.78 -63.42 -9.61
C GLY A 278 -3.19 -61.98 -9.39
N GLN A 279 -3.48 -61.65 -8.15
CA GLN A 279 -3.90 -60.32 -7.81
C GLN A 279 -2.71 -59.47 -7.54
N ALA A 280 -1.99 -59.20 -8.58
CA ALA A 280 -0.75 -58.43 -8.51
C ALA A 280 -0.56 -57.82 -9.88
N CYS A 281 -0.34 -56.51 -9.89
CA CYS A 281 -0.23 -55.81 -11.16
C CYS A 281 1.01 -56.22 -11.94
N ILE A 282 2.00 -56.74 -11.24
CA ILE A 282 3.21 -57.20 -11.87
C ILE A 282 3.15 -58.70 -12.16
N ALA A 283 1.98 -59.28 -11.94
CA ALA A 283 1.76 -60.68 -12.27
C ALA A 283 2.23 -60.92 -13.70
N GLY A 284 2.83 -62.10 -13.92
CA GLY A 284 3.14 -62.53 -15.27
C GLY A 284 1.90 -63.19 -15.84
N SER A 285 0.99 -62.36 -16.34
CA SER A 285 -0.31 -62.81 -16.79
C SER A 285 -0.33 -63.14 -18.27
N ARG A 286 0.78 -62.86 -18.94
CA ARG A 286 0.90 -63.10 -20.36
C ARG A 286 2.12 -63.94 -20.66
N LEU A 287 1.95 -65.26 -20.67
CA LEU A 287 3.02 -66.17 -21.03
C LEU A 287 3.25 -66.13 -22.51
N ILE A 288 4.48 -65.80 -22.89
CA ILE A 288 4.90 -65.72 -24.28
C ILE A 288 5.99 -66.76 -24.48
N LEU A 289 5.64 -67.87 -25.11
CA LEU A 289 6.54 -69.01 -25.19
C LEU A 289 7.05 -69.17 -26.60
N HIS A 290 8.33 -69.48 -26.68
CA HIS A 290 8.94 -69.77 -27.95
C HIS A 290 8.42 -71.10 -28.40
N LYS A 291 7.94 -71.13 -29.62
CA LYS A 291 7.30 -72.30 -30.21
C LYS A 291 8.05 -73.60 -30.02
N ASP A 292 9.35 -73.55 -29.79
CA ASP A 292 10.11 -74.79 -29.67
C ASP A 292 10.07 -75.41 -28.28
N ILE A 293 9.76 -74.61 -27.28
CA ILE A 293 9.75 -75.08 -25.91
C ILE A 293 8.37 -74.93 -25.29
N ALA A 294 7.43 -74.42 -26.07
CA ALA A 294 6.08 -74.20 -25.60
C ALA A 294 5.39 -75.47 -25.16
N ASP A 295 5.61 -76.55 -25.91
CA ASP A 295 5.03 -77.85 -25.59
C ASP A 295 5.72 -78.45 -24.40
N GLN A 296 7.04 -78.39 -24.39
CA GLN A 296 7.77 -78.89 -23.25
C GLN A 296 7.36 -78.12 -22.03
N PHE A 297 7.24 -76.81 -22.20
CA PHE A 297 6.90 -75.93 -21.10
C PHE A 297 5.54 -76.20 -20.56
N LEU A 298 4.53 -76.11 -21.42
CA LEU A 298 3.12 -76.24 -21.03
C LEU A 298 2.78 -77.55 -20.31
N GLU A 299 3.52 -78.58 -20.67
CA GLU A 299 3.46 -79.88 -20.05
C GLU A 299 3.74 -79.83 -18.57
N ARG A 300 4.76 -79.11 -18.14
CA ARG A 300 5.08 -79.06 -16.75
C ARG A 300 4.32 -77.97 -16.09
N PHE A 301 4.00 -76.94 -16.85
CA PHE A 301 3.29 -75.79 -16.28
C PHE A 301 1.83 -76.13 -16.03
N ILE A 302 1.17 -76.76 -16.99
CA ILE A 302 -0.22 -77.15 -16.80
C ILE A 302 -0.39 -78.23 -15.73
N ALA A 303 0.60 -79.08 -15.57
CA ALA A 303 0.55 -80.04 -14.50
C ALA A 303 0.76 -79.33 -13.18
N LEU A 304 1.53 -78.27 -13.20
CA LEU A 304 1.68 -77.48 -12.00
C LEU A 304 0.38 -76.78 -11.68
N ALA A 305 -0.11 -76.00 -12.61
CA ALA A 305 -1.30 -75.23 -12.40
C ALA A 305 -2.38 -76.07 -11.76
N LYS A 306 -2.51 -77.29 -12.25
CA LYS A 306 -3.59 -78.15 -11.81
C LYS A 306 -3.27 -78.81 -10.50
N SER A 307 -2.02 -78.73 -10.10
CA SER A 307 -1.59 -79.37 -8.87
C SER A 307 -1.76 -78.44 -7.72
N ILE A 308 -2.07 -77.20 -8.03
CA ILE A 308 -2.07 -76.17 -7.01
C ILE A 308 -3.21 -76.29 -6.00
N ARG A 309 -2.82 -76.25 -4.74
CA ARG A 309 -3.71 -76.42 -3.63
C ARG A 309 -4.54 -75.19 -3.42
N LEU A 310 -5.71 -75.15 -4.03
CA LEU A 310 -6.66 -74.09 -3.83
C LEU A 310 -7.51 -74.42 -2.60
N GLY A 311 -7.59 -73.50 -1.67
CA GLY A 311 -8.35 -73.76 -0.46
C GLY A 311 -8.29 -72.74 0.67
N ASP A 312 -8.73 -73.15 1.85
CA ASP A 312 -8.80 -72.30 3.03
C ASP A 312 -7.51 -71.54 3.27
N PRO A 313 -7.57 -70.24 3.22
CA PRO A 313 -6.40 -69.41 3.35
C PRO A 313 -5.70 -69.60 4.64
N MET A 314 -6.39 -70.14 5.63
CA MET A 314 -5.81 -70.26 6.95
C MET A 314 -5.09 -71.57 7.06
N ASP A 315 -5.13 -72.37 5.99
CA ASP A 315 -4.29 -73.51 5.95
C ASP A 315 -2.93 -73.16 5.35
N PRO A 316 -1.92 -73.28 6.16
CA PRO A 316 -0.60 -72.96 5.68
C PRO A 316 -0.18 -73.89 4.59
N GLU A 317 -1.03 -74.77 4.17
CA GLU A 317 -0.60 -75.64 3.13
C GLU A 317 -1.43 -75.31 1.96
N THR A 318 -2.33 -74.39 2.14
CA THR A 318 -3.03 -73.88 1.01
C THR A 318 -1.99 -73.18 0.21
N GLU A 319 -2.07 -73.39 -1.08
CA GLU A 319 -1.13 -72.80 -2.01
C GLU A 319 -1.70 -71.54 -2.62
N MET A 320 -2.97 -71.60 -2.99
CA MET A 320 -3.71 -70.46 -3.50
C MET A 320 -5.02 -70.37 -2.75
N GLY A 321 -5.48 -69.15 -2.53
CA GLY A 321 -6.72 -68.96 -1.83
C GLY A 321 -7.76 -68.44 -2.78
N PRO A 322 -8.78 -67.79 -2.26
CA PRO A 322 -9.81 -67.24 -3.13
C PRO A 322 -9.39 -65.87 -3.61
N LEU A 323 -10.07 -65.33 -4.62
CA LEU A 323 -9.92 -63.93 -4.95
C LEU A 323 -10.52 -63.23 -3.77
N THR A 324 -10.17 -61.98 -3.53
CA THR A 324 -10.56 -61.36 -2.27
C THR A 324 -11.97 -60.76 -2.28
N SER A 325 -12.53 -60.54 -3.46
CA SER A 325 -13.93 -60.08 -3.54
C SER A 325 -14.77 -60.92 -4.49
N ALA A 326 -16.05 -61.05 -4.16
CA ALA A 326 -17.00 -61.75 -5.01
C ALA A 326 -17.09 -61.11 -6.38
N LEU A 327 -17.12 -59.80 -6.41
CA LEU A 327 -17.07 -59.10 -7.69
C LEU A 327 -15.81 -59.48 -8.49
N ARG A 328 -14.64 -59.38 -7.90
CA ARG A 328 -13.45 -59.80 -8.62
C ARG A 328 -13.73 -61.16 -9.22
N ARG A 329 -14.14 -62.10 -8.39
CA ARG A 329 -14.42 -63.42 -8.87
C ARG A 329 -15.29 -63.38 -10.11
N ASP A 330 -16.32 -62.56 -10.08
CA ASP A 330 -17.31 -62.57 -11.11
C ASP A 330 -16.73 -62.05 -12.35
N ARG A 331 -15.78 -61.15 -12.20
CA ARG A 331 -15.20 -60.51 -13.34
C ARG A 331 -14.22 -61.43 -13.98
N VAL A 332 -13.47 -62.15 -13.16
CA VAL A 332 -12.48 -63.04 -13.67
C VAL A 332 -13.17 -64.11 -14.46
N LEU A 333 -14.25 -64.64 -13.95
CA LEU A 333 -15.03 -65.64 -14.68
C LEU A 333 -15.53 -65.06 -16.01
N SER A 334 -16.07 -63.86 -15.97
CA SER A 334 -16.44 -63.17 -17.20
C SER A 334 -15.29 -63.20 -18.19
N TYR A 335 -14.12 -62.74 -17.77
CA TYR A 335 -12.92 -62.75 -18.60
C TYR A 335 -12.64 -64.13 -19.18
N ILE A 336 -12.76 -65.15 -18.34
CA ILE A 336 -12.60 -66.52 -18.79
C ILE A 336 -13.58 -66.84 -19.90
N ASP A 337 -14.82 -66.51 -19.66
CA ASP A 337 -15.85 -66.70 -20.65
C ASP A 337 -15.50 -65.95 -21.89
N ILE A 338 -14.96 -64.76 -21.78
CA ILE A 338 -14.73 -64.00 -22.97
C ILE A 338 -13.40 -64.44 -23.59
N ALA A 339 -12.50 -64.89 -22.74
CA ALA A 339 -11.29 -65.51 -23.23
C ALA A 339 -11.67 -66.64 -24.16
N ILE A 340 -12.68 -67.40 -23.81
CA ILE A 340 -13.12 -68.50 -24.64
C ILE A 340 -14.01 -68.28 -25.85
N GLU A 341 -15.07 -67.51 -25.65
CA GLU A 341 -15.87 -66.96 -26.73
C GLU A 341 -14.98 -66.43 -27.83
N GLN A 342 -13.79 -65.99 -27.46
CA GLN A 342 -12.83 -65.42 -28.40
C GLN A 342 -12.07 -66.51 -29.11
N GLY A 343 -12.28 -67.74 -28.72
CA GLY A 343 -11.57 -68.83 -29.34
C GLY A 343 -10.43 -69.33 -28.50
N GLY A 344 -10.21 -68.70 -27.35
CA GLY A 344 -9.28 -69.17 -26.35
C GLY A 344 -9.52 -70.64 -26.02
N LYS A 345 -8.44 -71.33 -25.68
CA LYS A 345 -8.50 -72.71 -25.32
C LYS A 345 -7.94 -72.86 -23.94
N VAL A 346 -8.82 -73.09 -22.99
CA VAL A 346 -8.40 -73.33 -21.63
C VAL A 346 -7.65 -74.63 -21.40
N LEU A 347 -6.42 -74.52 -20.95
CA LEU A 347 -5.56 -75.68 -20.72
C LEU A 347 -5.56 -76.13 -19.27
N ALA A 348 -6.07 -75.28 -18.40
CA ALA A 348 -6.27 -75.61 -17.01
C ALA A 348 -7.16 -74.54 -16.47
N GLY A 349 -8.04 -74.87 -15.55
CA GLY A 349 -8.92 -73.90 -14.97
C GLY A 349 -10.11 -73.57 -15.84
N GLY A 350 -10.55 -72.33 -15.77
CA GLY A 350 -11.65 -71.88 -16.60
C GLY A 350 -12.92 -71.61 -15.82
N LYS A 351 -12.85 -71.81 -14.51
CA LYS A 351 -14.00 -71.55 -13.66
C LYS A 351 -13.71 -71.86 -12.20
N ALA A 352 -14.74 -71.71 -11.37
CA ALA A 352 -14.62 -71.94 -9.94
C ALA A 352 -14.42 -73.42 -9.66
N PRO A 353 -13.83 -73.71 -8.52
CA PRO A 353 -13.55 -75.09 -8.16
C PRO A 353 -14.81 -75.89 -7.95
N ASP A 354 -14.90 -77.06 -8.57
CA ASP A 354 -15.97 -77.99 -8.34
C ASP A 354 -15.81 -78.60 -6.97
N ASP A 355 -15.80 -77.78 -5.93
CA ASP A 355 -15.62 -78.33 -4.61
C ASP A 355 -16.68 -77.80 -3.71
N LYS A 356 -17.73 -78.56 -3.53
CA LYS A 356 -18.81 -78.07 -2.73
C LYS A 356 -18.22 -77.35 -1.53
N ALA A 357 -16.94 -77.57 -1.28
CA ALA A 357 -16.30 -77.14 -0.06
C ALA A 357 -15.82 -75.70 -0.14
N LEU A 358 -15.66 -75.20 -1.35
CA LEU A 358 -15.06 -73.93 -1.58
C LEU A 358 -16.12 -73.17 -2.30
N ALA A 359 -17.34 -73.49 -1.99
CA ALA A 359 -18.52 -73.02 -2.71
C ALA A 359 -19.01 -71.67 -2.23
N ASN A 360 -18.71 -71.34 -0.98
CA ASN A 360 -19.12 -70.06 -0.42
C ASN A 360 -18.09 -68.96 -0.63
N GLY A 361 -16.86 -69.38 -0.93
CA GLY A 361 -15.77 -68.45 -1.15
C GLY A 361 -15.65 -68.04 -2.60
N PHE A 362 -14.81 -67.04 -2.85
CA PHE A 362 -14.68 -66.49 -4.18
C PHE A 362 -13.50 -67.12 -4.86
N TYR A 363 -13.48 -68.44 -4.87
CA TYR A 363 -12.36 -69.17 -5.46
C TYR A 363 -12.45 -69.25 -6.99
N VAL A 364 -11.31 -69.27 -7.65
CA VAL A 364 -11.26 -69.52 -9.07
C VAL A 364 -10.05 -70.40 -9.30
N GLU A 365 -10.20 -71.40 -10.15
CA GLU A 365 -9.11 -72.32 -10.38
C GLU A 365 -7.97 -71.69 -11.14
N PRO A 366 -6.75 -72.02 -10.74
CA PRO A 366 -5.60 -71.55 -11.51
C PRO A 366 -5.88 -71.83 -12.99
N THR A 367 -5.96 -70.75 -13.78
CA THR A 367 -6.47 -70.85 -15.14
C THR A 367 -5.38 -70.51 -16.16
N VAL A 368 -5.35 -71.26 -17.26
CA VAL A 368 -4.35 -71.07 -18.28
C VAL A 368 -5.04 -71.19 -19.63
N VAL A 369 -4.91 -70.15 -20.45
CA VAL A 369 -5.67 -70.07 -21.70
C VAL A 369 -4.78 -69.81 -22.89
N GLU A 370 -4.83 -70.66 -23.90
CA GLU A 370 -4.05 -70.43 -25.09
C GLU A 370 -4.82 -69.46 -25.95
N ALA A 371 -4.18 -68.39 -26.37
CA ALA A 371 -4.86 -67.27 -27.01
C ALA A 371 -4.03 -66.61 -28.12
N LYS A 372 -4.47 -65.47 -28.58
CA LYS A 372 -3.69 -64.70 -29.50
C LYS A 372 -3.33 -63.45 -28.77
N PRO A 373 -2.42 -62.66 -29.33
CA PRO A 373 -2.03 -61.45 -28.65
C PRO A 373 -3.06 -60.39 -28.86
N GLN A 374 -3.86 -60.54 -29.90
CA GLN A 374 -4.85 -59.57 -30.26
C GLN A 374 -6.04 -59.68 -29.34
N ASP A 375 -6.21 -60.87 -28.78
CA ASP A 375 -7.35 -61.18 -27.93
C ASP A 375 -7.47 -60.14 -26.83
N ARG A 376 -8.59 -60.07 -26.14
CA ARG A 376 -8.69 -59.04 -25.10
C ARG A 376 -8.18 -59.44 -23.73
N VAL A 377 -8.33 -60.71 -23.39
CA VAL A 377 -7.81 -61.18 -22.13
C VAL A 377 -6.31 -61.07 -22.19
N CYS A 378 -5.81 -60.65 -23.34
CA CYS A 378 -4.39 -60.60 -23.54
C CYS A 378 -3.97 -59.18 -23.55
N GLN A 379 -4.93 -58.28 -23.42
CA GLN A 379 -4.65 -56.86 -23.56
C GLN A 379 -5.16 -56.15 -22.35
N GLU A 380 -6.05 -56.81 -21.64
CA GLU A 380 -6.73 -56.20 -20.56
C GLU A 380 -6.31 -56.92 -19.34
N GLU A 381 -6.26 -56.24 -18.22
CA GLU A 381 -5.80 -56.86 -17.01
C GLU A 381 -6.89 -57.60 -16.29
N VAL A 382 -6.81 -58.92 -16.31
CA VAL A 382 -7.78 -59.78 -15.65
C VAL A 382 -7.80 -59.61 -14.13
N PHE A 383 -6.64 -59.75 -13.52
CA PHE A 383 -6.43 -59.57 -12.07
C PHE A 383 -6.88 -60.74 -11.24
N GLY A 384 -6.58 -61.90 -11.76
CA GLY A 384 -6.76 -63.18 -11.10
C GLY A 384 -5.76 -64.24 -11.48
N PRO A 385 -6.01 -65.49 -11.07
CA PRO A 385 -5.08 -66.59 -11.29
C PRO A 385 -5.22 -67.02 -12.73
N PHE A 386 -4.78 -66.17 -13.63
CA PHE A 386 -5.15 -66.31 -15.02
C PHE A 386 -4.00 -65.92 -15.93
N VAL A 387 -3.48 -66.89 -16.67
CA VAL A 387 -2.44 -66.64 -17.64
C VAL A 387 -2.84 -67.04 -19.03
N THR A 388 -2.53 -66.18 -19.97
CA THR A 388 -2.79 -66.45 -21.36
C THR A 388 -1.48 -66.87 -21.94
N VAL A 389 -1.54 -67.79 -22.89
CA VAL A 389 -0.36 -68.33 -23.53
C VAL A 389 -0.38 -68.02 -24.99
N VAL A 390 0.74 -67.53 -25.48
CA VAL A 390 0.90 -67.17 -26.87
C VAL A 390 2.27 -67.65 -27.26
N ARG A 391 2.46 -67.95 -28.53
CA ARG A 391 3.73 -68.48 -28.97
C ARG A 391 4.38 -67.56 -29.96
N PHE A 392 5.70 -67.62 -30.04
CA PHE A 392 6.45 -66.79 -30.96
C PHE A 392 7.64 -67.56 -31.51
N SER A 393 8.31 -66.97 -32.51
CA SER A 393 9.46 -67.61 -33.13
C SER A 393 10.69 -66.69 -33.20
N SER A 394 10.49 -65.38 -33.15
CA SER A 394 11.60 -64.44 -33.12
C SER A 394 11.68 -63.63 -31.82
N ASP A 395 12.87 -63.17 -31.49
CA ASP A 395 13.01 -62.17 -30.46
C ASP A 395 12.10 -60.99 -30.80
N GLU A 396 12.14 -60.59 -32.05
CA GLU A 396 11.42 -59.45 -32.47
C GLU A 396 9.94 -59.70 -32.34
N GLU A 397 9.52 -60.92 -32.64
CA GLU A 397 8.15 -61.31 -32.40
C GLU A 397 7.83 -61.06 -30.94
N ALA A 398 8.50 -61.81 -30.06
CA ALA A 398 8.40 -61.69 -28.60
C ALA A 398 8.36 -60.28 -28.04
N LEU A 399 9.25 -59.42 -28.53
CA LEU A 399 9.26 -58.01 -28.15
C LEU A 399 7.95 -57.37 -28.55
N ALA A 400 7.57 -57.56 -29.81
CA ALA A 400 6.34 -56.97 -30.33
C ALA A 400 5.17 -57.30 -29.43
N ILE A 401 5.04 -58.57 -29.08
CA ILE A 401 3.94 -59.02 -28.23
C ILE A 401 4.02 -58.37 -26.86
N ALA A 402 5.18 -58.51 -26.23
CA ALA A 402 5.43 -57.92 -24.92
C ALA A 402 4.98 -56.46 -24.88
N ASN A 403 5.19 -55.75 -25.98
CA ASN A 403 4.95 -54.33 -26.03
C ASN A 403 3.60 -53.97 -26.63
N ASN A 404 2.97 -54.96 -27.26
CA ASN A 404 1.63 -54.81 -27.79
C ASN A 404 0.73 -54.77 -26.59
N THR A 405 0.77 -53.70 -25.81
CA THR A 405 -0.19 -53.46 -24.75
C THR A 405 -0.13 -52.03 -24.29
N GLU A 406 -1.14 -51.57 -23.60
CA GLU A 406 -1.15 -50.21 -23.16
C GLU A 406 -0.39 -50.09 -21.88
N TYR A 407 -0.20 -51.23 -21.23
CA TYR A 407 0.43 -51.29 -19.92
C TYR A 407 1.93 -51.19 -20.03
N GLY A 408 2.60 -51.19 -18.88
CA GLY A 408 4.04 -51.05 -18.85
C GLY A 408 4.55 -51.02 -17.43
N LEU A 409 4.00 -51.90 -16.59
CA LEU A 409 4.41 -51.97 -15.20
C LEU A 409 5.58 -52.92 -15.04
N GLY A 410 5.31 -54.21 -15.17
CA GLY A 410 6.35 -55.21 -15.04
C GLY A 410 6.49 -56.01 -16.33
N SER A 411 7.52 -56.83 -16.34
CA SER A 411 7.84 -57.64 -17.48
C SER A 411 8.94 -58.60 -17.06
N GLY A 412 9.13 -59.65 -17.84
CA GLY A 412 10.15 -60.62 -17.51
C GLY A 412 10.39 -61.56 -18.66
N LEU A 413 11.59 -62.11 -18.68
CA LEU A 413 11.92 -63.02 -19.75
C LEU A 413 12.90 -64.08 -19.23
N TRP A 414 13.03 -65.16 -19.98
CA TRP A 414 13.87 -66.26 -19.57
C TRP A 414 14.77 -66.68 -20.72
N THR A 415 16.07 -66.56 -20.46
CA THR A 415 17.14 -67.04 -21.31
C THR A 415 18.42 -67.23 -20.58
N GLN A 416 19.34 -67.85 -21.27
CA GLN A 416 20.73 -67.80 -20.88
C GLN A 416 21.58 -67.01 -21.87
N ASN A 417 20.98 -66.40 -22.90
CA ASN A 417 21.74 -65.57 -23.82
C ASN A 417 21.95 -64.17 -23.27
N LEU A 418 23.21 -63.79 -23.14
CA LEU A 418 23.57 -62.49 -22.58
C LEU A 418 22.96 -61.33 -23.37
N ALA A 419 23.29 -61.28 -24.62
CA ALA A 419 22.79 -60.24 -25.42
C ALA A 419 21.30 -60.18 -25.19
N ARG A 420 20.59 -61.20 -25.64
CA ARG A 420 19.16 -61.26 -25.69
C ARG A 420 18.53 -60.71 -24.49
N ALA A 421 19.00 -61.19 -23.36
CA ALA A 421 18.53 -60.72 -22.05
C ALA A 421 18.50 -59.19 -21.97
N HIS A 422 19.61 -58.53 -22.26
CA HIS A 422 19.67 -57.08 -22.10
C HIS A 422 18.97 -56.36 -23.23
N LYS A 423 19.09 -56.86 -24.43
CA LYS A 423 18.45 -56.24 -25.52
C LYS A 423 17.00 -56.13 -25.28
N MET A 424 16.43 -57.20 -24.79
CA MET A 424 15.00 -57.27 -24.56
C MET A 424 14.56 -56.44 -23.37
N ALA A 425 15.28 -56.54 -22.26
CA ALA A 425 15.00 -55.71 -21.10
C ALA A 425 15.04 -54.21 -21.44
N ASN A 426 15.95 -53.82 -22.30
CA ASN A 426 16.18 -52.46 -22.70
C ASN A 426 15.12 -52.00 -23.70
N ALA A 427 14.48 -52.95 -24.34
CA ALA A 427 13.51 -52.66 -25.39
C ALA A 427 12.06 -52.80 -24.94
N ILE A 428 11.82 -53.42 -23.80
CA ILE A 428 10.46 -53.55 -23.31
C ILE A 428 10.04 -52.30 -22.58
N HIS A 429 8.95 -51.70 -23.02
CA HIS A 429 8.45 -50.53 -22.36
C HIS A 429 7.70 -50.95 -21.13
N ALA A 430 8.45 -51.10 -20.05
CA ALA A 430 7.94 -51.41 -18.73
C ALA A 430 8.84 -50.74 -17.71
N GLY A 431 8.31 -50.43 -16.54
CA GLY A 431 9.08 -49.80 -15.48
C GLY A 431 10.10 -50.77 -14.91
N MET A 432 9.74 -52.04 -14.86
CA MET A 432 10.60 -53.08 -14.32
C MET A 432 10.67 -54.29 -15.25
N CYS A 433 11.81 -54.95 -15.28
CA CYS A 433 11.94 -56.15 -16.09
C CYS A 433 12.79 -57.16 -15.37
N TRP A 434 12.25 -58.36 -15.20
CA TRP A 434 12.98 -59.43 -14.53
C TRP A 434 13.48 -60.47 -15.53
N ILE A 435 14.74 -60.88 -15.34
CA ILE A 435 15.35 -61.87 -16.21
C ILE A 435 15.69 -63.15 -15.43
N ASN A 436 15.12 -64.26 -15.85
CA ASN A 436 15.31 -65.54 -15.17
C ASN A 436 14.82 -65.48 -13.72
N CYS A 437 13.81 -64.67 -13.51
CA CYS A 437 13.18 -64.53 -12.22
C CYS A 437 11.99 -63.67 -12.54
N TYR A 438 11.11 -63.46 -11.57
CA TYR A 438 9.93 -62.64 -11.82
C TYR A 438 9.35 -62.11 -10.52
N LYS A 439 8.68 -60.98 -10.56
CA LYS A 439 8.02 -60.40 -9.40
C LYS A 439 8.97 -60.21 -8.25
N ARG A 440 10.19 -59.87 -8.58
CA ARG A 440 11.25 -59.63 -7.61
C ARG A 440 11.25 -58.21 -7.19
N VAL A 441 10.99 -57.96 -5.94
CA VAL A 441 10.87 -56.58 -5.48
C VAL A 441 11.74 -56.38 -4.26
N SER A 442 12.38 -55.22 -4.21
CA SER A 442 13.25 -54.85 -3.10
C SER A 442 12.94 -53.41 -2.68
N PRO A 443 13.05 -53.13 -1.38
CA PRO A 443 12.67 -51.82 -0.86
C PRO A 443 13.51 -50.68 -1.44
N GLY A 444 14.65 -51.01 -2.03
CA GLY A 444 15.51 -49.99 -2.60
C GLY A 444 15.41 -49.96 -4.11
N SER A 445 14.71 -50.93 -4.70
CA SER A 445 14.59 -51.01 -6.14
C SER A 445 13.31 -50.36 -6.62
N PRO A 446 13.41 -49.21 -7.31
CA PRO A 446 12.25 -48.42 -7.72
C PRO A 446 11.20 -49.27 -8.42
N PHE A 447 9.97 -49.09 -8.00
CA PHE A 447 8.86 -49.89 -8.48
C PHE A 447 7.81 -48.93 -9.02
N GLY A 448 7.45 -49.07 -10.28
CA GLY A 448 6.40 -48.25 -10.80
C GLY A 448 6.22 -48.48 -12.25
N GLY A 449 5.28 -47.76 -12.84
CA GLY A 449 4.92 -47.98 -14.22
C GLY A 449 5.45 -46.95 -15.18
N VAL A 450 5.06 -47.15 -16.42
CA VAL A 450 5.48 -46.34 -17.52
C VAL A 450 4.21 -46.27 -18.37
N GLY A 451 4.12 -45.26 -19.23
CA GLY A 451 2.94 -45.11 -20.04
C GLY A 451 1.65 -45.06 -19.21
N GLN A 452 0.68 -45.88 -19.56
CA GLN A 452 -0.59 -45.82 -18.89
C GLN A 452 -0.68 -46.68 -17.66
N SER A 453 0.44 -47.26 -17.27
CA SER A 453 0.55 -47.96 -16.00
C SER A 453 0.91 -46.93 -14.93
N GLY A 454 1.18 -45.73 -15.39
CA GLY A 454 1.22 -44.60 -14.49
C GLY A 454 2.57 -43.95 -14.46
N TYR A 455 2.88 -43.37 -13.32
CA TYR A 455 4.16 -42.75 -13.12
C TYR A 455 4.40 -42.59 -11.64
N GLY A 456 5.61 -42.18 -11.29
CA GLY A 456 6.04 -42.17 -9.91
C GLY A 456 6.62 -43.55 -9.59
N ARG A 457 7.41 -43.61 -8.55
CA ARG A 457 8.03 -44.85 -8.13
C ARG A 457 7.91 -45.06 -6.65
N GLU A 458 7.74 -46.30 -6.27
CA GLU A 458 7.75 -46.66 -4.90
C GLU A 458 9.10 -47.27 -4.70
N MET A 459 9.56 -47.26 -3.47
CA MET A 459 10.82 -47.90 -3.14
C MET A 459 11.98 -47.05 -3.57
N GLY A 460 13.03 -47.08 -2.79
CA GLY A 460 14.23 -46.42 -3.19
C GLY A 460 14.32 -44.95 -2.90
N PHE A 461 15.44 -44.36 -3.28
CA PHE A 461 15.54 -42.92 -3.28
C PHE A 461 14.45 -42.30 -4.15
N GLU A 462 14.08 -42.97 -5.22
CA GLU A 462 13.03 -42.45 -6.08
C GLU A 462 11.75 -42.20 -5.33
N ALA A 463 11.29 -43.17 -4.54
CA ALA A 463 10.09 -42.97 -3.76
C ALA A 463 10.23 -41.71 -2.91
N ILE A 464 11.40 -41.57 -2.29
CA ILE A 464 11.68 -40.39 -1.48
C ILE A 464 11.61 -39.12 -2.32
N HIS A 465 12.18 -39.17 -3.52
CA HIS A 465 12.10 -38.02 -4.39
C HIS A 465 10.65 -37.63 -4.63
N ASP A 466 9.78 -38.62 -4.79
CA ASP A 466 8.37 -38.37 -5.08
C ASP A 466 7.62 -37.81 -3.90
N TYR A 467 8.20 -37.85 -2.73
CA TYR A 467 7.56 -37.35 -1.54
C TYR A 467 8.26 -36.19 -0.94
N THR A 468 9.11 -35.53 -1.70
CA THR A 468 9.75 -34.34 -1.20
C THR A 468 9.63 -33.25 -2.24
N GLU A 469 10.00 -32.04 -1.89
CA GLU A 469 10.06 -30.97 -2.85
C GLU A 469 11.42 -30.35 -2.78
N ALA A 470 11.89 -29.83 -3.90
CA ALA A 470 13.06 -29.02 -3.94
C ALA A 470 12.77 -27.63 -3.39
N ARG A 471 13.48 -27.25 -2.35
CA ARG A 471 13.43 -25.90 -1.82
C ARG A 471 14.77 -25.19 -2.01
N SER A 472 14.89 -24.43 -3.10
CA SER A 472 16.16 -23.76 -3.42
C SER A 472 16.35 -22.45 -2.66
N VAL A 473 17.44 -22.38 -1.91
CA VAL A 473 17.74 -21.17 -1.15
C VAL A 473 19.00 -20.50 -1.68
N TRP A 474 18.93 -19.21 -1.97
CA TRP A 474 20.07 -18.49 -2.50
C TRP A 474 20.50 -17.48 -1.48
N VAL A 475 21.76 -17.51 -1.10
CA VAL A 475 22.28 -16.54 -0.16
C VAL A 475 23.32 -15.70 -0.84
N ASN A 476 23.12 -14.41 -0.91
CA ASN A 476 24.18 -13.53 -1.38
C ASN A 476 25.20 -13.29 -0.28
N VAL A 477 26.42 -13.75 -0.44
CA VAL A 477 27.37 -13.51 0.61
C VAL A 477 28.45 -12.52 0.23
N ASP A 478 29.17 -12.81 -0.83
CA ASP A 478 30.44 -12.16 -1.10
C ASP A 478 30.61 -11.52 -2.43
N ALA A 479 29.66 -11.69 -3.34
CA ALA A 479 29.84 -11.10 -4.64
C ALA A 479 28.57 -10.48 -5.10
N LYS A 480 28.64 -9.18 -5.32
CA LYS A 480 27.49 -8.39 -5.66
C LYS A 480 27.60 -7.91 -7.11
N ILE A 481 26.50 -7.37 -7.61
CA ILE A 481 26.41 -7.05 -9.01
C ILE A 481 25.81 -5.69 -9.11
N ALA A 482 25.81 -5.16 -10.33
CA ALA A 482 25.50 -3.77 -10.54
C ALA A 482 24.04 -3.59 -10.77
N PRO A 483 23.53 -2.47 -10.31
CA PRO A 483 22.11 -2.23 -10.48
C PRO A 483 21.74 -2.67 -11.87
N HIS A 484 20.50 -3.09 -12.05
CA HIS A 484 20.05 -3.38 -13.39
C HIS A 484 19.84 -2.00 -13.98
N PHE A 485 19.45 -1.08 -13.11
CA PHE A 485 19.24 0.30 -13.47
C PHE A 485 20.43 1.08 -12.98
N LYS A 486 21.38 1.33 -13.87
CA LYS A 486 22.60 2.02 -13.51
C LYS A 486 22.32 3.48 -13.17
N ARG A 487 21.81 3.70 -11.96
CA ARG A 487 21.47 5.03 -11.52
C ARG A 487 20.31 5.60 -12.34
N MET B 1 -20.67 2.79 43.73
CA MET B 1 -20.74 1.59 42.90
C MET B 1 -20.36 0.36 43.67
N GLN B 2 -21.38 -0.41 44.02
CA GLN B 2 -21.24 -1.56 44.87
C GLN B 2 -20.25 -2.59 44.37
N ASN B 3 -19.44 -3.14 45.28
CA ASN B 3 -18.44 -4.14 44.89
C ASN B 3 -18.39 -5.41 45.72
N GLN B 4 -19.33 -5.57 46.64
CA GLN B 4 -19.30 -6.67 47.56
C GLN B 4 -20.28 -7.76 47.17
N LEU B 5 -20.26 -8.88 47.90
CA LEU B 5 -21.22 -9.93 47.72
C LEU B 5 -22.55 -9.37 48.13
N TYR B 6 -23.62 -9.91 47.61
CA TYR B 6 -24.92 -9.49 48.04
C TYR B 6 -25.66 -10.71 48.53
N ILE B 7 -25.67 -10.91 49.84
CA ILE B 7 -26.25 -12.09 50.43
C ILE B 7 -27.24 -11.71 51.49
N ASP B 8 -28.44 -12.26 51.41
CA ASP B 8 -29.52 -11.96 52.34
C ASP B 8 -29.79 -10.48 52.48
N GLY B 9 -29.98 -9.83 51.35
CA GLY B 9 -30.45 -8.46 51.33
C GLY B 9 -29.46 -7.39 51.69
N ARG B 10 -28.18 -7.79 51.74
CA ARG B 10 -27.07 -7.03 52.29
C ARG B 10 -25.83 -7.07 51.41
N PHE B 11 -25.12 -5.97 51.19
CA PHE B 11 -23.81 -6.07 50.59
C PHE B 11 -22.81 -6.38 51.69
N VAL B 12 -22.02 -7.42 51.50
CA VAL B 12 -21.11 -7.86 52.54
C VAL B 12 -19.83 -8.31 51.87
N ASP B 13 -18.74 -8.28 52.61
CA ASP B 13 -17.46 -8.73 52.12
C ASP B 13 -17.40 -10.23 52.18
N ALA B 14 -16.48 -10.83 51.44
CA ALA B 14 -16.29 -12.27 51.56
C ALA B 14 -15.93 -12.63 52.99
N VAL B 15 -16.35 -13.80 53.44
CA VAL B 15 -16.01 -14.21 54.78
C VAL B 15 -14.50 -14.09 54.96
N ALA B 16 -13.74 -14.61 54.01
CA ALA B 16 -12.28 -14.57 54.16
C ALA B 16 -11.74 -13.24 53.73
N GLY B 17 -12.64 -12.36 53.30
CA GLY B 17 -12.22 -11.04 52.87
C GLY B 17 -11.42 -11.05 51.58
N GLY B 18 -11.45 -12.18 50.87
CA GLY B 18 -10.81 -12.28 49.58
C GLY B 18 -11.27 -11.22 48.59
N THR B 19 -10.41 -10.86 47.66
CA THR B 19 -10.68 -9.72 46.80
C THR B 19 -10.26 -10.00 45.37
N ILE B 20 -10.91 -9.34 44.42
CA ILE B 20 -10.59 -9.53 43.01
C ILE B 20 -10.57 -8.19 42.30
N ASP B 21 -9.54 -7.99 41.48
CA ASP B 21 -9.37 -6.78 40.69
C ASP B 21 -10.26 -6.78 39.48
N VAL B 22 -11.14 -5.80 39.42
CA VAL B 22 -12.02 -5.60 38.28
C VAL B 22 -11.53 -4.40 37.50
N VAL B 23 -11.27 -4.63 36.22
CA VAL B 23 -10.48 -3.77 35.36
C VAL B 23 -11.26 -3.27 34.15
N SER B 24 -10.99 -2.05 33.72
CA SER B 24 -11.52 -1.56 32.46
C SER B 24 -10.71 -2.11 31.30
N PRO B 25 -11.38 -2.72 30.32
CA PRO B 25 -10.71 -3.36 29.19
C PRO B 25 -10.17 -2.32 28.22
N HIS B 26 -10.48 -1.06 28.46
CA HIS B 26 -10.01 -0.02 27.58
C HIS B 26 -8.58 0.37 27.85
N ASP B 27 -8.28 0.61 29.11
CA ASP B 27 -6.97 1.11 29.46
C ASP B 27 -6.37 0.33 30.59
N GLY B 28 -7.10 -0.67 31.06
CA GLY B 28 -6.58 -1.61 32.02
C GLY B 28 -6.58 -1.15 33.45
N SER B 29 -7.02 0.08 33.67
CA SER B 29 -6.99 0.66 34.97
C SER B 29 -8.01 -0.02 35.85
N LEU B 30 -7.82 0.11 37.14
CA LEU B 30 -8.66 -0.54 38.12
C LEU B 30 -9.98 0.19 38.32
N ILE B 31 -11.10 -0.47 38.06
CA ILE B 31 -12.39 0.14 38.29
C ILE B 31 -12.73 0.08 39.79
N THR B 32 -12.53 -1.10 40.39
CA THR B 32 -12.76 -1.30 41.80
C THR B 32 -12.31 -2.69 42.17
N ARG B 33 -12.33 -3.01 43.46
CA ARG B 33 -11.93 -4.31 43.92
C ARG B 33 -13.16 -4.93 44.53
N ILE B 34 -13.49 -6.12 44.07
CA ILE B 34 -14.72 -6.76 44.42
C ILE B 34 -14.48 -7.86 45.39
N ALA B 35 -15.43 -8.09 46.27
CA ALA B 35 -15.37 -9.14 47.27
C ALA B 35 -15.35 -10.49 46.64
N ALA B 36 -14.40 -11.33 47.01
CA ALA B 36 -14.26 -12.58 46.31
C ALA B 36 -14.93 -13.70 47.10
N ALA B 37 -16.14 -14.08 46.69
CA ALA B 37 -16.85 -15.16 47.36
C ALA B 37 -16.07 -16.46 47.23
N GLU B 38 -16.06 -17.27 48.28
CA GLU B 38 -15.52 -18.61 48.23
C GLU B 38 -16.50 -19.55 48.89
N ALA B 39 -16.32 -20.85 48.69
CA ALA B 39 -17.28 -21.83 49.15
C ALA B 39 -18.04 -21.61 50.43
N ALA B 40 -17.37 -21.00 51.39
CA ALA B 40 -17.99 -20.56 52.63
C ALA B 40 -18.97 -19.45 52.42
N ASP B 41 -18.71 -18.63 51.41
CA ASP B 41 -19.55 -17.51 51.13
C ASP B 41 -20.75 -17.98 50.38
N VAL B 42 -20.58 -19.00 49.56
CA VAL B 42 -21.71 -19.51 48.84
C VAL B 42 -22.60 -20.37 49.73
N ASP B 43 -22.05 -20.87 50.82
CA ASP B 43 -22.83 -21.59 51.79
C ASP B 43 -23.85 -20.69 52.43
N LEU B 44 -23.42 -19.46 52.67
CA LEU B 44 -24.26 -18.42 53.25
C LEU B 44 -25.28 -17.90 52.30
N ALA B 45 -24.90 -17.83 51.06
CA ALA B 45 -25.80 -17.44 49.99
C ALA B 45 -26.89 -18.51 49.82
N VAL B 46 -26.47 -19.76 49.69
CA VAL B 46 -27.39 -20.86 49.50
C VAL B 46 -28.32 -20.96 50.70
N ALA B 47 -27.80 -20.65 51.88
CA ALA B 47 -28.59 -20.72 53.10
C ALA B 47 -29.66 -19.62 53.07
N ALA B 48 -29.24 -18.46 52.61
CA ALA B 48 -30.16 -17.34 52.51
C ALA B 48 -31.22 -17.69 51.49
N ALA B 49 -30.84 -18.20 50.37
CA ALA B 49 -31.82 -18.60 49.40
C ALA B 49 -32.78 -19.62 49.96
N LYS B 50 -32.23 -20.68 50.54
CA LYS B 50 -33.02 -21.72 51.18
C LYS B 50 -34.00 -21.18 52.19
N ARG B 51 -33.58 -20.19 52.95
CA ARG B 51 -34.43 -19.56 53.89
C ARG B 51 -35.54 -18.86 53.18
N ALA B 52 -35.22 -18.18 52.09
CA ALA B 52 -36.15 -17.34 51.34
C ALA B 52 -37.15 -18.15 50.54
N PHE B 53 -36.75 -19.37 50.18
CA PHE B 53 -37.51 -20.15 49.20
C PHE B 53 -38.99 -20.38 49.52
N PRO B 54 -39.29 -20.81 50.73
CA PRO B 54 -40.67 -21.16 51.02
C PRO B 54 -41.64 -19.99 50.89
N ALA B 55 -41.34 -18.89 51.54
CA ALA B 55 -42.17 -17.69 51.39
C ALA B 55 -42.22 -17.19 49.96
N TRP B 56 -41.14 -17.40 49.22
CA TRP B 56 -41.05 -16.91 47.86
C TRP B 56 -41.84 -17.78 46.88
N SER B 57 -41.68 -19.09 47.01
CA SER B 57 -42.38 -20.00 46.12
C SER B 57 -43.86 -20.02 46.49
N ALA B 58 -44.15 -19.43 47.63
CA ALA B 58 -45.46 -19.38 48.18
C ALA B 58 -46.11 -18.06 47.88
N LEU B 59 -45.40 -17.22 47.15
CA LEU B 59 -45.86 -15.86 46.92
C LEU B 59 -47.16 -15.72 46.16
N GLY B 60 -47.46 -16.66 45.29
CA GLY B 60 -48.58 -16.46 44.39
C GLY B 60 -47.88 -15.90 43.20
N ALA B 61 -47.98 -16.58 42.09
CA ALA B 61 -47.10 -16.33 40.97
C ALA B 61 -47.20 -14.93 40.41
N ALA B 62 -48.35 -14.30 40.58
CA ALA B 62 -48.57 -12.97 40.05
C ALA B 62 -47.67 -11.97 40.74
N GLU B 63 -47.46 -12.18 42.02
CA GLU B 63 -46.64 -11.31 42.83
C GLU B 63 -45.17 -11.44 42.56
N ARG B 64 -44.72 -12.60 42.11
CA ARG B 64 -43.36 -12.74 41.66
C ARG B 64 -43.23 -12.04 40.34
N GLY B 65 -44.26 -12.15 39.51
CA GLY B 65 -44.31 -11.46 38.25
C GLY B 65 -44.36 -9.95 38.39
N ARG B 66 -45.18 -9.46 39.29
CA ARG B 66 -45.28 -8.04 39.48
C ARG B 66 -43.92 -7.47 39.80
N LEU B 67 -43.15 -8.21 40.54
CA LEU B 67 -41.83 -7.79 40.96
C LEU B 67 -40.88 -7.82 39.78
N LEU B 68 -40.99 -8.86 38.95
CA LEU B 68 -40.14 -8.96 37.78
C LEU B 68 -40.47 -7.85 36.80
N LEU B 69 -41.76 -7.51 36.71
CA LEU B 69 -42.19 -6.41 35.88
C LEU B 69 -41.63 -5.11 36.41
N LYS B 70 -41.73 -4.90 37.72
CA LYS B 70 -41.19 -3.70 38.32
C LYS B 70 -39.70 -3.62 38.12
N LEU B 71 -39.03 -4.76 38.11
CA LEU B 71 -37.60 -4.79 37.87
C LEU B 71 -37.27 -4.31 36.46
N ALA B 72 -38.00 -4.81 35.48
CA ALA B 72 -37.80 -4.38 34.10
C ALA B 72 -37.89 -2.85 34.01
N ASP B 73 -38.96 -2.31 34.59
CA ASP B 73 -39.17 -0.86 34.57
C ASP B 73 -38.00 -0.15 35.21
N ARG B 74 -37.61 -0.60 36.39
CA ARG B 74 -36.48 -0.05 37.12
C ARG B 74 -35.24 -0.05 36.27
N ILE B 75 -34.93 -1.19 35.70
CA ILE B 75 -33.78 -1.31 34.82
C ILE B 75 -33.86 -0.26 33.73
N GLU B 76 -35.03 -0.06 33.16
CA GLU B 76 -35.15 0.93 32.11
C GLU B 76 -34.95 2.35 32.66
N GLU B 77 -35.43 2.62 33.85
CA GLU B 77 -35.14 3.89 34.50
C GLU B 77 -33.65 4.11 34.62
N CYS B 78 -32.96 3.15 35.19
CA CYS B 78 -31.56 3.26 35.47
C CYS B 78 -30.68 2.88 34.28
N SER B 79 -31.26 2.99 33.10
CA SER B 79 -30.65 2.57 31.86
C SER B 79 -29.23 3.02 31.65
N GLU B 80 -28.97 4.29 31.96
CA GLU B 80 -27.68 4.87 31.66
C GLU B 80 -26.69 4.53 32.74
N GLU B 81 -27.18 4.39 33.94
CA GLU B 81 -26.31 3.97 35.00
C GLU B 81 -25.87 2.59 34.64
N LEU B 82 -26.76 1.78 34.11
CA LEU B 82 -26.38 0.42 33.81
C LEU B 82 -25.65 0.36 32.51
N ALA B 83 -26.10 1.09 31.54
CA ALA B 83 -25.38 1.11 30.30
C ALA B 83 -23.94 1.42 30.56
N GLN B 84 -23.68 2.50 31.24
CA GLN B 84 -22.32 2.90 31.44
C GLN B 84 -21.60 1.97 32.35
N LEU B 85 -22.17 1.65 33.49
CA LEU B 85 -21.45 0.83 34.46
C LEU B 85 -20.97 -0.44 33.82
N GLU B 86 -21.81 -0.99 32.98
CA GLU B 86 -21.55 -2.22 32.29
C GLU B 86 -20.50 -2.03 31.23
N SER B 87 -20.67 -1.02 30.41
CA SER B 87 -19.75 -0.78 29.33
C SER B 87 -18.37 -0.65 29.92
N LEU B 88 -18.29 0.05 31.04
CA LEU B 88 -17.03 0.34 31.69
C LEU B 88 -16.30 -0.88 32.20
N ASN B 89 -17.06 -1.91 32.55
CA ASN B 89 -16.47 -3.08 33.15
C ASN B 89 -16.22 -4.19 32.16
N THR B 90 -16.88 -4.13 31.02
CA THR B 90 -16.90 -5.20 30.05
C THR B 90 -16.32 -4.77 28.73
N GLY B 91 -16.47 -3.50 28.42
CA GLY B 91 -15.95 -2.98 27.17
C GLY B 91 -16.97 -2.98 26.07
N HIS B 92 -18.18 -3.37 26.43
CA HIS B 92 -19.26 -3.27 25.49
C HIS B 92 -19.40 -1.80 25.15
N PRO B 93 -19.26 -1.46 23.88
CA PRO B 93 -19.54 -0.11 23.43
C PRO B 93 -20.85 0.40 24.03
N ILE B 94 -20.88 1.63 24.49
CA ILE B 94 -22.07 2.15 25.17
C ILE B 94 -23.33 2.26 24.31
N ARG B 95 -23.09 2.24 23.00
CA ARG B 95 -24.14 2.26 22.02
C ARG B 95 -24.74 0.87 22.01
N ASP B 96 -23.95 -0.09 22.47
CA ASP B 96 -24.40 -1.46 22.56
C ASP B 96 -25.06 -1.64 23.91
N SER B 97 -24.45 -1.10 24.94
CA SER B 97 -25.03 -1.09 26.26
C SER B 97 -26.42 -0.51 26.23
N ARG B 98 -26.54 0.68 25.66
CA ARG B 98 -27.78 1.43 25.67
C ARG B 98 -28.83 0.81 24.77
N GLY B 99 -28.41 0.25 23.64
CA GLY B 99 -29.33 -0.29 22.70
C GLY B 99 -29.53 -1.76 22.68
N LEU B 100 -28.65 -2.48 23.33
CA LEU B 100 -28.82 -3.91 23.42
C LEU B 100 -28.82 -4.43 24.82
N ASP B 101 -27.76 -4.25 25.56
CA ASP B 101 -27.65 -4.93 26.83
C ASP B 101 -28.73 -4.54 27.78
N VAL B 102 -29.08 -3.27 27.82
CA VAL B 102 -30.07 -2.80 28.75
C VAL B 102 -31.48 -3.13 28.29
N PRO B 103 -31.81 -2.75 27.08
CA PRO B 103 -33.14 -3.03 26.56
C PRO B 103 -33.41 -4.51 26.59
N ARG B 104 -32.47 -5.30 26.15
CA ARG B 104 -32.60 -6.75 26.14
C ARG B 104 -32.75 -7.35 27.54
N THR B 105 -32.00 -6.82 28.47
CA THR B 105 -32.11 -7.17 29.84
C THR B 105 -33.50 -6.91 30.38
N ALA B 106 -34.05 -5.75 30.07
CA ALA B 106 -35.37 -5.39 30.54
C ALA B 106 -36.44 -6.09 29.75
N ALA B 107 -36.21 -6.30 28.46
CA ALA B 107 -37.20 -6.98 27.67
C ALA B 107 -37.42 -8.37 28.22
N CYS B 108 -36.36 -8.97 28.75
CA CYS B 108 -36.40 -10.33 29.25
C CYS B 108 -37.02 -10.41 30.64
N PHE B 109 -36.62 -9.54 31.54
CA PHE B 109 -37.26 -9.56 32.83
C PHE B 109 -38.73 -9.34 32.65
N ARG B 110 -39.11 -8.45 31.75
CA ARG B 110 -40.51 -8.18 31.50
C ARG B 110 -41.23 -9.39 31.06
N TYR B 111 -40.62 -10.18 30.18
CA TYR B 111 -41.23 -11.41 29.66
C TYR B 111 -41.56 -12.37 30.74
N PHE B 112 -40.61 -12.59 31.62
CA PHE B 112 -40.77 -13.56 32.69
C PHE B 112 -41.58 -13.03 33.86
N GLY B 113 -41.80 -11.74 33.94
CA GLY B 113 -42.77 -11.23 34.86
C GLY B 113 -44.19 -11.52 34.44
N GLY B 114 -44.41 -11.66 33.17
CA GLY B 114 -45.73 -11.93 32.71
C GLY B 114 -45.82 -13.39 32.43
N MET B 115 -44.78 -14.12 32.74
CA MET B 115 -44.82 -15.55 32.56
C MET B 115 -45.11 -16.24 33.88
N ALA B 116 -44.77 -15.58 34.98
CA ALA B 116 -44.86 -16.17 36.29
C ALA B 116 -46.17 -16.81 36.57
N ASP B 117 -47.23 -16.13 36.26
CA ASP B 117 -48.57 -16.65 36.54
C ASP B 117 -49.23 -17.32 35.33
N LYS B 118 -48.43 -17.70 34.35
CA LYS B 118 -48.92 -18.45 33.21
C LYS B 118 -48.20 -19.77 33.12
N ILE B 119 -47.47 -20.09 34.18
CA ILE B 119 -46.83 -21.37 34.33
C ILE B 119 -47.88 -22.32 34.86
N GLU B 120 -48.33 -23.24 34.02
CA GLU B 120 -49.47 -24.07 34.40
C GLU B 120 -49.15 -25.54 34.49
N GLY B 121 -49.81 -26.22 35.42
CA GLY B 121 -49.70 -27.65 35.54
C GLY B 121 -50.69 -28.26 34.57
N SER B 122 -51.01 -29.53 34.77
CA SER B 122 -51.95 -30.18 33.88
C SER B 122 -52.76 -31.17 34.68
N VAL B 123 -53.89 -31.56 34.12
CA VAL B 123 -54.71 -32.59 34.70
C VAL B 123 -54.72 -33.72 33.71
N ILE B 124 -54.31 -34.91 34.11
CA ILE B 124 -54.12 -36.03 33.20
C ILE B 124 -55.31 -36.93 33.08
N PRO B 125 -55.62 -37.38 31.88
CA PRO B 125 -56.75 -38.24 31.67
C PRO B 125 -56.35 -39.60 32.12
N VAL B 126 -56.90 -40.04 33.25
CA VAL B 126 -56.50 -41.31 33.83
C VAL B 126 -57.72 -42.17 34.07
N ASP B 127 -57.57 -43.23 34.85
CA ASP B 127 -58.66 -44.18 35.04
C ASP B 127 -59.82 -43.58 35.81
N ALA B 128 -61.02 -44.12 35.60
CA ALA B 128 -62.21 -43.58 36.23
C ALA B 128 -62.09 -43.66 37.76
N GLY B 129 -62.56 -42.60 38.42
CA GLY B 129 -62.54 -42.55 39.85
C GLY B 129 -61.36 -41.78 40.41
N PHE B 130 -60.38 -41.53 39.56
CA PHE B 130 -59.18 -40.88 40.00
C PHE B 130 -59.17 -39.49 39.46
N LEU B 131 -58.61 -38.58 40.24
CA LEU B 131 -58.18 -37.31 39.73
C LEU B 131 -56.68 -37.28 39.84
N ASN B 132 -56.07 -36.93 38.73
CA ASN B 132 -54.66 -36.74 38.63
C ASN B 132 -54.29 -35.36 38.17
N TYR B 133 -53.88 -34.53 39.07
CA TYR B 133 -53.36 -33.24 38.68
C TYR B 133 -51.85 -33.20 38.90
N VAL B 134 -51.14 -32.56 37.99
CA VAL B 134 -49.70 -32.45 38.08
C VAL B 134 -49.33 -31.01 38.19
N GLN B 135 -48.83 -30.59 39.33
CA GLN B 135 -48.38 -29.22 39.43
C GLN B 135 -47.02 -29.07 38.79
N ARG B 136 -46.55 -27.84 38.73
CA ARG B 136 -45.31 -27.49 38.09
C ARG B 136 -44.62 -26.67 39.12
N LYS B 137 -43.82 -27.25 39.99
CA LYS B 137 -43.35 -26.47 41.13
C LYS B 137 -41.95 -25.99 40.89
N PRO B 138 -41.56 -24.96 41.61
CA PRO B 138 -40.16 -24.54 41.64
C PRO B 138 -39.34 -25.73 42.05
N ILE B 139 -38.10 -25.74 41.63
CA ILE B 139 -37.19 -26.79 41.99
C ILE B 139 -36.75 -26.59 43.41
N GLY B 140 -36.52 -25.34 43.79
CA GLY B 140 -35.93 -25.00 45.06
C GLY B 140 -34.88 -23.93 44.90
N VAL B 141 -33.70 -24.14 45.46
CA VAL B 141 -32.60 -23.20 45.34
C VAL B 141 -31.80 -23.50 44.10
N VAL B 142 -31.65 -22.50 43.23
CA VAL B 142 -31.03 -22.69 41.94
C VAL B 142 -29.71 -21.93 41.92
N ALA B 143 -28.70 -22.53 41.33
CA ALA B 143 -27.41 -21.88 41.19
C ALA B 143 -27.13 -21.50 39.76
N GLN B 144 -26.77 -20.24 39.54
CA GLN B 144 -26.51 -19.80 38.19
C GLN B 144 -25.13 -19.17 38.06
N ILE B 145 -24.32 -19.74 37.18
CA ILE B 145 -23.02 -19.19 36.87
C ILE B 145 -23.06 -18.57 35.51
N VAL B 146 -22.72 -17.32 35.40
CA VAL B 146 -22.77 -16.65 34.09
C VAL B 146 -21.40 -16.18 33.66
N PRO B 147 -21.17 -16.12 32.35
CA PRO B 147 -19.90 -15.63 31.83
C PRO B 147 -19.87 -14.11 31.78
N TRP B 148 -18.74 -13.59 31.32
CA TRP B 148 -18.48 -12.17 31.32
C TRP B 148 -18.78 -11.49 30.00
N ASN B 149 -19.36 -12.20 29.04
CA ASN B 149 -19.58 -11.57 27.77
C ASN B 149 -20.85 -10.73 27.68
N PHE B 150 -21.82 -11.03 28.54
CA PHE B 150 -23.06 -10.27 28.62
C PHE B 150 -23.52 -10.25 30.05
N PRO B 151 -22.70 -9.77 30.95
CA PRO B 151 -23.05 -9.82 32.36
C PRO B 151 -24.43 -9.31 32.67
N LEU B 152 -24.69 -8.03 32.44
CA LEU B 152 -25.97 -7.46 32.73
C LEU B 152 -27.07 -8.32 32.19
N MET B 153 -27.02 -8.55 30.90
CA MET B 153 -28.09 -9.18 30.16
C MET B 153 -28.41 -10.57 30.63
N PHE B 154 -27.38 -11.39 30.74
CA PHE B 154 -27.51 -12.75 31.26
C PHE B 154 -28.14 -12.82 32.65
N THR B 155 -28.15 -11.71 33.39
CA THR B 155 -28.91 -11.70 34.62
C THR B 155 -30.37 -11.97 34.29
N SER B 156 -30.89 -11.33 33.26
CA SER B 156 -32.29 -11.52 32.94
C SER B 156 -32.52 -12.95 32.43
N TRP B 157 -31.68 -13.37 31.49
CA TRP B 157 -31.78 -14.70 30.89
C TRP B 157 -31.83 -15.84 31.91
N LYS B 158 -30.99 -15.72 32.91
CA LYS B 158 -30.85 -16.74 33.90
C LYS B 158 -31.87 -16.60 34.99
N MET B 159 -31.94 -15.43 35.58
CA MET B 159 -32.79 -15.21 36.71
C MET B 159 -34.25 -15.03 36.35
N GLY B 160 -34.51 -14.50 35.19
CA GLY B 160 -35.88 -14.28 34.74
C GLY B 160 -36.76 -15.50 34.94
N PRO B 161 -36.45 -16.61 34.24
CA PRO B 161 -37.23 -17.84 34.32
C PRO B 161 -37.21 -18.42 35.74
N ALA B 162 -36.04 -18.53 36.35
CA ALA B 162 -35.93 -19.16 37.67
C ALA B 162 -36.80 -18.44 38.70
N LEU B 163 -36.74 -17.14 38.71
CA LEU B 163 -37.47 -16.35 39.62
C LEU B 163 -38.94 -16.42 39.39
N ALA B 164 -39.38 -16.34 38.16
CA ALA B 164 -40.78 -16.45 37.83
C ALA B 164 -41.37 -17.71 38.37
N ALA B 165 -40.65 -18.80 38.19
CA ALA B 165 -41.08 -20.08 38.65
C ALA B 165 -41.09 -20.19 40.16
N GLY B 166 -40.36 -19.36 40.85
CA GLY B 166 -40.43 -19.31 42.28
C GLY B 166 -39.24 -19.87 42.98
N ASN B 167 -38.21 -20.11 42.20
CA ASN B 167 -36.95 -20.58 42.73
C ASN B 167 -36.25 -19.42 43.37
N THR B 168 -35.44 -19.68 44.38
CA THR B 168 -34.57 -18.65 44.92
C THR B 168 -33.21 -18.91 44.31
N ILE B 169 -32.34 -17.94 44.38
CA ILE B 169 -31.14 -18.00 43.58
C ILE B 169 -29.86 -17.59 44.25
N VAL B 170 -28.82 -18.36 44.01
CA VAL B 170 -27.47 -17.90 44.24
C VAL B 170 -26.80 -17.84 42.89
N ILE B 171 -26.55 -16.63 42.44
CA ILE B 171 -25.89 -16.41 41.18
C ILE B 171 -24.44 -15.93 41.32
N LYS B 172 -23.56 -16.55 40.58
CA LYS B 172 -22.15 -16.23 40.59
C LYS B 172 -21.80 -15.71 39.23
N PRO B 173 -21.60 -14.41 39.11
CA PRO B 173 -21.12 -13.82 37.87
C PRO B 173 -19.62 -13.96 37.84
N SER B 174 -18.96 -13.53 36.77
CA SER B 174 -17.53 -13.69 36.70
C SER B 174 -16.83 -12.60 37.47
N GLU B 175 -15.69 -12.95 38.04
CA GLU B 175 -14.84 -12.01 38.73
C GLU B 175 -14.41 -10.93 37.76
N ILE B 176 -14.72 -11.14 36.50
CA ILE B 176 -14.30 -10.22 35.50
C ILE B 176 -15.37 -9.17 35.27
N THR B 177 -16.63 -9.53 35.40
CA THR B 177 -17.69 -8.58 35.11
C THR B 177 -18.88 -8.70 36.07
N PRO B 178 -18.63 -8.41 37.35
CA PRO B 178 -19.63 -8.56 38.40
C PRO B 178 -20.49 -7.32 38.59
N LEU B 179 -19.97 -6.18 38.24
CA LEU B 179 -20.43 -4.94 38.78
C LEU B 179 -21.83 -4.67 38.42
N SER B 180 -22.17 -5.07 37.21
CA SER B 180 -23.46 -4.86 36.63
C SER B 180 -24.51 -5.62 37.42
N THR B 181 -24.16 -6.86 37.72
CA THR B 181 -25.05 -7.82 38.25
C THR B 181 -25.40 -7.47 39.65
N LEU B 182 -24.43 -6.92 40.34
CA LEU B 182 -24.57 -6.43 41.68
C LEU B 182 -25.51 -5.27 41.75
N ARG B 183 -25.44 -4.39 40.78
CA ARG B 183 -26.34 -3.27 40.72
C ARG B 183 -27.74 -3.79 40.52
N ILE B 184 -27.86 -4.91 39.83
CA ILE B 184 -29.16 -5.37 39.47
C ILE B 184 -29.87 -5.95 40.67
N VAL B 185 -29.18 -6.68 41.51
CA VAL B 185 -29.82 -7.15 42.69
C VAL B 185 -30.18 -6.03 43.66
N GLU B 186 -29.47 -4.93 43.64
CA GLU B 186 -29.89 -3.80 44.41
C GLU B 186 -31.12 -3.19 43.84
N LEU B 187 -31.23 -3.17 42.52
CA LEU B 187 -32.47 -2.74 41.86
C LEU B 187 -33.60 -3.65 42.26
N MET B 188 -33.27 -4.92 42.38
CA MET B 188 -34.20 -5.91 42.80
C MET B 188 -34.71 -5.64 44.19
N THR B 189 -33.82 -5.24 45.08
CA THR B 189 -34.23 -5.06 46.43
C THR B 189 -34.90 -3.72 46.53
N GLU B 190 -34.62 -2.86 45.57
CA GLU B 190 -35.21 -1.54 45.55
C GLU B 190 -36.66 -1.63 45.18
N VAL B 191 -36.95 -2.65 44.40
CA VAL B 191 -38.23 -2.88 43.76
C VAL B 191 -39.16 -3.79 44.58
N GLY B 192 -38.61 -4.47 45.59
CA GLY B 192 -39.45 -5.21 46.51
C GLY B 192 -39.14 -6.68 46.64
N PHE B 193 -38.13 -7.17 45.91
CA PHE B 193 -37.71 -8.57 46.06
C PHE B 193 -37.31 -8.84 47.49
N PRO B 194 -37.90 -9.87 48.10
CA PRO B 194 -37.53 -10.26 49.46
C PRO B 194 -36.06 -10.66 49.59
N LYS B 195 -35.46 -10.30 50.71
CA LYS B 195 -34.10 -10.67 51.01
C LYS B 195 -33.94 -12.14 50.75
N GLY B 196 -32.75 -12.54 50.32
CA GLY B 196 -32.38 -13.93 50.16
C GLY B 196 -32.99 -14.61 48.95
N VAL B 197 -33.92 -13.97 48.27
CA VAL B 197 -34.48 -14.56 47.07
C VAL B 197 -33.43 -14.57 45.98
N VAL B 198 -32.62 -13.52 45.95
CA VAL B 198 -31.49 -13.51 45.05
C VAL B 198 -30.22 -13.18 45.80
N ASN B 199 -29.17 -13.95 45.55
CA ASN B 199 -27.91 -13.79 46.22
C ASN B 199 -26.81 -13.81 45.21
N VAL B 200 -26.04 -12.73 45.15
CA VAL B 200 -25.00 -12.58 44.15
C VAL B 200 -23.65 -12.78 44.82
N VAL B 201 -22.81 -13.61 44.21
CA VAL B 201 -21.66 -14.17 44.87
C VAL B 201 -20.49 -14.30 43.89
N PRO B 202 -20.03 -13.16 43.38
CA PRO B 202 -18.91 -13.17 42.42
C PRO B 202 -17.69 -13.80 43.06
N GLY B 203 -16.95 -14.54 42.27
CA GLY B 203 -15.81 -15.28 42.79
C GLY B 203 -15.18 -16.08 41.68
N TYR B 204 -14.03 -16.66 41.90
CA TYR B 204 -13.42 -17.40 40.83
C TYR B 204 -14.29 -18.55 40.60
N GLY B 205 -14.00 -19.31 39.58
CA GLY B 205 -14.76 -20.51 39.29
C GLY B 205 -14.51 -21.66 40.25
N HIS B 206 -13.25 -21.90 40.59
CA HIS B 206 -12.89 -23.08 41.36
C HIS B 206 -13.14 -22.90 42.85
N THR B 207 -13.61 -21.70 43.22
CA THR B 207 -13.99 -21.46 44.59
C THR B 207 -15.49 -21.36 44.65
N ALA B 208 -16.03 -20.21 44.29
CA ALA B 208 -17.48 -20.02 44.34
C ALA B 208 -18.17 -20.97 43.38
N GLY B 209 -17.75 -20.94 42.12
CA GLY B 209 -18.31 -21.80 41.10
C GLY B 209 -18.39 -23.26 41.52
N GLN B 210 -17.28 -23.86 41.90
CA GLN B 210 -17.33 -25.26 42.32
C GLN B 210 -18.20 -25.46 43.54
N ALA B 211 -18.08 -24.60 44.51
CA ALA B 211 -18.86 -24.72 45.72
C ALA B 211 -20.30 -24.63 45.35
N LEU B 212 -20.58 -23.88 44.32
CA LEU B 212 -21.94 -23.74 43.85
C LEU B 212 -22.43 -25.01 43.17
N ALA B 213 -21.60 -25.54 42.29
CA ALA B 213 -21.93 -26.72 41.50
C ALA B 213 -22.01 -27.94 42.37
N GLU B 214 -21.41 -27.89 43.54
CA GLU B 214 -21.37 -29.05 44.40
C GLU B 214 -22.41 -29.02 45.49
N HIS B 215 -22.91 -27.84 45.79
CA HIS B 215 -23.76 -27.67 46.94
C HIS B 215 -24.92 -28.63 47.07
N LEU B 216 -25.01 -29.33 48.20
CA LEU B 216 -26.05 -30.32 48.43
C LEU B 216 -27.47 -29.74 48.48
N ASP B 217 -27.61 -28.46 48.79
CA ASP B 217 -28.94 -27.86 48.88
C ASP B 217 -29.35 -27.15 47.59
N VAL B 218 -28.44 -27.11 46.61
CA VAL B 218 -28.78 -26.54 45.32
C VAL B 218 -29.40 -27.62 44.44
N GLY B 219 -30.60 -27.33 43.93
CA GLY B 219 -31.36 -28.28 43.15
C GLY B 219 -31.13 -28.27 41.67
N LYS B 220 -30.47 -27.24 41.19
CA LYS B 220 -30.17 -27.11 39.79
C LYS B 220 -29.06 -26.13 39.62
N ILE B 221 -28.13 -26.40 38.73
CA ILE B 221 -27.09 -25.45 38.44
C ILE B 221 -27.16 -25.12 36.99
N ALA B 222 -27.28 -23.85 36.67
CA ALA B 222 -27.28 -23.38 35.31
C ALA B 222 -25.92 -22.83 34.99
N PHE B 223 -25.25 -23.37 34.00
CA PHE B 223 -23.91 -22.89 33.71
C PHE B 223 -23.81 -22.52 32.25
N THR B 224 -23.39 -21.29 31.97
CA THR B 224 -22.97 -20.92 30.64
C THR B 224 -21.47 -20.66 30.69
N GLY B 225 -20.72 -21.24 29.78
CA GLY B 225 -19.29 -21.07 29.80
C GLY B 225 -18.61 -22.12 28.95
N SER B 226 -17.32 -22.30 29.15
CA SER B 226 -16.57 -23.19 28.28
C SER B 226 -17.02 -24.65 28.43
N THR B 227 -16.85 -25.43 27.37
CA THR B 227 -17.12 -26.86 27.45
C THR B 227 -16.32 -27.50 28.59
N ALA B 228 -15.03 -27.20 28.68
CA ALA B 228 -14.19 -27.84 29.65
C ALA B 228 -14.73 -27.67 31.07
N THR B 229 -15.04 -26.43 31.43
CA THR B 229 -15.49 -26.14 32.77
C THR B 229 -16.91 -26.67 32.91
N GLY B 230 -17.66 -26.65 31.81
CA GLY B 230 -18.95 -27.31 31.76
C GLY B 230 -18.88 -28.75 32.24
N ARG B 231 -17.95 -29.52 31.71
CA ARG B 231 -17.81 -30.90 32.09
C ARG B 231 -17.58 -31.07 33.58
N ARG B 232 -17.02 -30.03 34.17
CA ARG B 232 -16.62 -29.96 35.55
C ARG B 232 -17.80 -29.68 36.42
N ILE B 233 -18.72 -28.94 35.84
CA ILE B 233 -19.99 -28.62 36.45
C ILE B 233 -20.80 -29.92 36.51
N VAL B 234 -20.70 -30.71 35.46
CA VAL B 234 -21.37 -32.00 35.43
C VAL B 234 -20.78 -32.95 36.49
N GLU B 235 -19.48 -32.97 36.62
CA GLU B 235 -18.88 -33.80 37.63
C GLU B 235 -19.33 -33.36 39.02
N ALA B 236 -19.47 -32.06 39.23
CA ALA B 236 -19.81 -31.53 40.53
C ALA B 236 -21.25 -31.77 40.89
N SER B 237 -22.07 -31.91 39.87
CA SER B 237 -23.50 -32.12 40.09
C SER B 237 -23.78 -33.46 40.74
N LYS B 238 -22.90 -34.44 40.63
CA LYS B 238 -23.26 -35.72 41.22
C LYS B 238 -23.21 -35.70 42.74
N SER B 239 -22.98 -34.53 43.31
CA SER B 239 -22.98 -34.43 44.74
C SER B 239 -24.36 -34.69 45.28
N ASN B 240 -25.37 -34.16 44.62
CA ASN B 240 -26.75 -34.36 45.03
C ASN B 240 -27.66 -34.62 43.85
N LEU B 241 -27.04 -34.80 42.70
CA LEU B 241 -27.79 -35.06 41.47
C LEU B 241 -28.76 -33.92 41.22
N LYS B 242 -28.22 -32.71 41.30
CA LYS B 242 -28.91 -31.49 41.00
C LYS B 242 -29.12 -31.44 39.52
N ARG B 243 -30.16 -30.78 39.05
CA ARG B 243 -30.40 -30.73 37.63
C ARG B 243 -29.41 -29.79 37.00
N ILE B 244 -29.19 -29.96 35.71
CA ILE B 244 -28.17 -29.18 35.04
C ILE B 244 -28.69 -28.52 33.78
N GLN B 245 -28.21 -27.31 33.56
CA GLN B 245 -28.43 -26.53 32.34
C GLN B 245 -27.04 -26.16 31.88
N LEU B 246 -26.75 -26.40 30.62
CA LEU B 246 -25.43 -26.10 30.10
C LEU B 246 -25.47 -25.42 28.75
N GLU B 247 -24.86 -24.25 28.66
CA GLU B 247 -24.68 -23.61 27.37
C GLU B 247 -23.19 -23.45 27.20
N LEU B 248 -22.60 -24.27 26.36
CA LEU B 248 -21.16 -24.45 26.36
C LEU B 248 -20.45 -23.99 25.10
N GLY B 249 -20.99 -22.99 24.43
CA GLY B 249 -20.28 -22.38 23.34
C GLY B 249 -20.83 -22.75 21.97
N GLY B 250 -20.41 -21.97 20.99
CA GLY B 250 -20.85 -22.19 19.63
C GLY B 250 -19.74 -21.90 18.65
N LYS B 251 -19.84 -22.48 17.48
CA LYS B 251 -19.00 -22.11 16.39
C LYS B 251 -20.00 -21.88 15.30
N GLY B 252 -20.67 -20.74 15.37
CA GLY B 252 -21.77 -20.44 14.51
C GLY B 252 -21.49 -20.35 13.04
N ALA B 253 -22.30 -21.08 12.28
CA ALA B 253 -22.26 -21.08 10.84
C ALA B 253 -23.16 -20.02 10.31
N ASN B 254 -22.68 -19.37 9.27
CA ASN B 254 -23.38 -18.32 8.60
C ASN B 254 -23.15 -18.63 7.16
N ILE B 255 -24.06 -19.38 6.58
CA ILE B 255 -23.90 -19.82 5.22
C ILE B 255 -24.46 -18.77 4.29
N VAL B 256 -23.66 -18.31 3.36
CA VAL B 256 -24.16 -17.38 2.35
C VAL B 256 -24.23 -18.01 0.98
N PHE B 257 -25.44 -18.23 0.53
CA PHE B 257 -25.67 -18.79 -0.75
C PHE B 257 -25.67 -17.79 -1.88
N GLU B 258 -25.64 -18.32 -3.08
CA GLU B 258 -25.54 -17.56 -4.30
C GLU B 258 -26.62 -16.51 -4.51
N ASP B 259 -27.84 -16.86 -4.16
CA ASP B 259 -28.94 -15.98 -4.34
C ASP B 259 -29.23 -15.20 -3.11
N ALA B 260 -28.29 -15.12 -2.20
CA ALA B 260 -28.45 -14.23 -1.06
C ALA B 260 -28.34 -12.81 -1.46
N ASN B 261 -29.10 -11.96 -0.80
CA ASN B 261 -28.98 -10.53 -0.96
C ASN B 261 -27.70 -10.16 -0.26
N ILE B 262 -26.63 -10.01 -1.03
CA ILE B 262 -25.30 -9.94 -0.46
C ILE B 262 -25.04 -8.77 0.46
N GLU B 263 -25.75 -7.69 0.22
CA GLU B 263 -25.63 -6.47 1.00
C GLU B 263 -26.20 -6.68 2.39
N ALA B 264 -27.34 -7.37 2.45
CA ALA B 264 -27.98 -7.73 3.71
C ALA B 264 -27.12 -8.74 4.44
N ALA B 265 -26.60 -9.71 3.68
CA ALA B 265 -25.78 -10.76 4.25
C ALA B 265 -24.51 -10.19 4.87
N VAL B 266 -23.91 -9.21 4.20
CA VAL B 266 -22.70 -8.60 4.71
C VAL B 266 -22.96 -7.87 6.02
N ASN B 267 -24.04 -7.10 6.07
CA ASN B 267 -24.42 -6.39 7.29
C ASN B 267 -24.77 -7.36 8.41
N GLY B 268 -25.43 -8.45 8.08
CA GLY B 268 -25.75 -9.47 9.05
C GLY B 268 -24.49 -10.15 9.56
N ALA B 269 -23.63 -10.56 8.63
CA ALA B 269 -22.37 -11.23 8.99
C ALA B 269 -21.52 -10.31 9.86
N ALA B 270 -21.46 -9.04 9.51
CA ALA B 270 -20.68 -8.11 10.30
C ALA B 270 -21.23 -8.02 11.72
N TRP B 271 -22.55 -7.84 11.80
CA TRP B 271 -23.25 -7.87 13.08
C TRP B 271 -23.05 -9.20 13.79
N ALA B 272 -23.13 -10.29 13.03
CA ALA B 272 -23.08 -11.63 13.62
C ALA B 272 -21.79 -11.92 14.37
N ILE B 273 -20.69 -11.34 13.91
CA ILE B 273 -19.40 -11.68 14.47
C ILE B 273 -18.76 -10.51 15.22
N PHE B 274 -19.04 -9.31 14.80
CA PHE B 274 -18.32 -8.20 15.35
C PHE B 274 -19.09 -7.52 16.46
N HIS B 275 -20.39 -7.75 16.55
CA HIS B 275 -21.11 -7.20 17.67
C HIS B 275 -20.55 -7.85 18.92
N ASN B 276 -20.52 -7.09 19.99
CA ASN B 276 -19.87 -7.52 21.22
C ASN B 276 -18.55 -8.15 20.95
N GLN B 277 -17.80 -7.57 20.03
CA GLN B 277 -16.43 -7.97 19.82
C GLN B 277 -16.31 -9.46 19.57
N GLY B 278 -17.39 -10.06 19.12
CA GLY B 278 -17.44 -11.47 18.81
C GLY B 278 -17.55 -12.33 20.05
N GLN B 279 -17.74 -11.71 21.18
CA GLN B 279 -17.86 -12.42 22.43
C GLN B 279 -19.26 -12.84 22.65
N ALA B 280 -19.69 -13.76 21.85
CA ALA B 280 -21.05 -14.27 21.86
C ALA B 280 -20.98 -15.67 21.29
N CYS B 281 -21.56 -16.61 22.01
CA CYS B 281 -21.49 -18.00 21.61
C CYS B 281 -22.26 -18.26 20.31
N ILE B 282 -23.23 -17.39 20.02
CA ILE B 282 -24.01 -17.52 18.81
C ILE B 282 -23.43 -16.65 17.70
N ALA B 283 -22.26 -16.07 17.96
CA ALA B 283 -21.56 -15.31 16.94
C ALA B 283 -21.49 -16.13 15.66
N GLY B 284 -21.63 -15.44 14.52
CA GLY B 284 -21.38 -16.08 13.25
C GLY B 284 -19.89 -16.01 12.98
N SER B 285 -19.16 -16.95 13.53
CA SER B 285 -17.72 -16.98 13.46
C SER B 285 -17.20 -17.93 12.40
N ARG B 286 -18.10 -18.60 11.69
CA ARG B 286 -17.73 -19.42 10.58
C ARG B 286 -18.51 -19.00 9.36
N LEU B 287 -17.89 -18.17 8.54
CA LEU B 287 -18.50 -17.69 7.34
C LEU B 287 -18.32 -18.70 6.25
N ILE B 288 -19.41 -19.11 5.60
CA ILE B 288 -19.39 -20.16 4.61
C ILE B 288 -20.01 -19.58 3.33
N LEU B 289 -19.17 -19.14 2.43
CA LEU B 289 -19.62 -18.40 1.27
C LEU B 289 -19.63 -19.26 0.04
N HIS B 290 -20.70 -19.16 -0.74
CA HIS B 290 -20.79 -19.86 -2.01
C HIS B 290 -19.79 -19.24 -2.95
N LYS B 291 -19.09 -20.09 -3.69
CA LYS B 291 -18.01 -19.63 -4.55
C LYS B 291 -18.41 -18.47 -5.45
N ASP B 292 -19.65 -18.51 -5.92
CA ASP B 292 -20.10 -17.57 -6.92
C ASP B 292 -20.50 -16.20 -6.37
N ILE B 293 -20.35 -16.00 -5.07
CA ILE B 293 -20.59 -14.69 -4.45
C ILE B 293 -19.51 -14.36 -3.43
N ALA B 294 -18.59 -15.29 -3.20
CA ALA B 294 -17.55 -15.09 -2.21
C ALA B 294 -16.75 -13.78 -2.41
N ASP B 295 -16.33 -13.50 -3.62
CA ASP B 295 -15.53 -12.32 -3.85
C ASP B 295 -16.35 -11.04 -3.70
N GLN B 296 -17.54 -11.00 -4.31
CA GLN B 296 -18.42 -9.85 -4.13
C GLN B 296 -18.67 -9.61 -2.65
N PHE B 297 -18.93 -10.69 -1.92
CA PHE B 297 -19.23 -10.59 -0.51
C PHE B 297 -18.03 -10.04 0.22
N LEU B 298 -16.92 -10.75 0.15
CA LEU B 298 -15.76 -10.47 0.96
C LEU B 298 -15.22 -9.11 0.66
N GLU B 299 -15.55 -8.59 -0.51
CA GLU B 299 -15.19 -7.24 -0.83
C GLU B 299 -15.88 -6.30 0.14
N ARG B 300 -17.20 -6.33 0.15
CA ARG B 300 -18.01 -5.40 0.91
C ARG B 300 -17.92 -5.68 2.37
N PHE B 301 -17.51 -6.89 2.70
CA PHE B 301 -17.37 -7.31 4.09
C PHE B 301 -16.01 -6.88 4.64
N ILE B 302 -14.97 -7.13 3.88
CA ILE B 302 -13.65 -6.69 4.32
C ILE B 302 -13.60 -5.18 4.49
N ALA B 303 -14.13 -4.45 3.51
CA ALA B 303 -14.20 -3.00 3.64
C ALA B 303 -14.96 -2.61 4.90
N LEU B 304 -16.06 -3.31 5.18
CA LEU B 304 -16.87 -2.99 6.33
C LEU B 304 -16.04 -3.24 7.60
N ALA B 305 -15.39 -4.39 7.62
CA ALA B 305 -14.62 -4.76 8.79
C ALA B 305 -13.57 -3.71 9.12
N LYS B 306 -12.79 -3.37 8.12
CA LYS B 306 -11.71 -2.43 8.30
C LYS B 306 -12.21 -1.04 8.68
N SER B 307 -13.47 -0.77 8.42
CA SER B 307 -14.03 0.57 8.65
C SER B 307 -14.67 0.65 10.02
N ILE B 308 -14.55 -0.41 10.77
CA ILE B 308 -15.17 -0.46 12.06
C ILE B 308 -14.39 0.32 13.04
N ARG B 309 -15.13 1.17 13.74
CA ARG B 309 -14.60 2.02 14.76
C ARG B 309 -14.33 1.26 16.03
N LEU B 310 -13.09 0.86 16.19
CA LEU B 310 -12.62 0.25 17.40
C LEU B 310 -12.16 1.34 18.31
N GLY B 311 -12.52 1.30 19.56
CA GLY B 311 -12.11 2.33 20.50
C GLY B 311 -12.80 2.39 21.85
N ASP B 312 -12.60 3.48 22.57
CA ASP B 312 -13.13 3.57 23.92
C ASP B 312 -14.58 3.14 23.97
N PRO B 313 -14.90 2.27 24.90
CA PRO B 313 -16.24 1.72 25.05
C PRO B 313 -17.21 2.80 25.41
N MET B 314 -16.67 3.89 25.93
CA MET B 314 -17.48 4.95 26.47
C MET B 314 -17.81 6.04 25.46
N ASP B 315 -17.37 5.82 24.22
CA ASP B 315 -17.64 6.71 23.11
C ASP B 315 -18.86 6.27 22.31
N PRO B 316 -19.95 6.99 22.41
CA PRO B 316 -21.16 6.60 21.71
C PRO B 316 -20.86 6.33 20.25
N GLU B 317 -19.68 6.67 19.80
CA GLU B 317 -19.41 6.45 18.40
C GLU B 317 -18.57 5.22 18.12
N THR B 318 -17.91 4.74 19.16
CA THR B 318 -17.22 3.48 19.11
C THR B 318 -18.16 2.42 18.58
N GLU B 319 -17.70 1.63 17.62
CA GLU B 319 -18.54 0.60 17.04
C GLU B 319 -18.19 -0.79 17.59
N MET B 320 -16.95 -0.95 18.01
CA MET B 320 -16.54 -2.19 18.64
C MET B 320 -15.47 -1.90 19.65
N GLY B 321 -15.57 -2.48 20.83
CA GLY B 321 -14.62 -2.16 21.87
C GLY B 321 -13.57 -3.21 22.08
N PRO B 322 -12.95 -3.21 23.24
CA PRO B 322 -11.93 -4.21 23.55
C PRO B 322 -12.52 -5.54 23.99
N LEU B 323 -11.75 -6.59 23.87
CA LEU B 323 -12.18 -7.83 24.49
C LEU B 323 -12.19 -7.50 25.95
N THR B 324 -12.95 -8.23 26.76
CA THR B 324 -13.15 -7.79 28.13
C THR B 324 -12.03 -8.22 29.10
N SER B 325 -11.23 -9.20 28.71
CA SER B 325 -10.08 -9.58 29.52
C SER B 325 -8.78 -9.65 28.72
N ALA B 326 -7.68 -9.32 29.39
CA ALA B 326 -6.36 -9.41 28.79
C ALA B 326 -6.06 -10.83 28.34
N LEU B 327 -6.42 -11.79 29.18
CA LEU B 327 -6.31 -13.18 28.77
C LEU B 327 -7.09 -13.54 27.51
N ARG B 328 -8.33 -13.08 27.39
CA ARG B 328 -9.08 -13.35 26.19
C ARG B 328 -8.32 -12.76 25.03
N ARG B 329 -7.88 -11.52 25.17
CA ARG B 329 -7.13 -10.87 24.12
C ARG B 329 -5.93 -11.70 23.71
N ASP B 330 -5.22 -12.23 24.68
CA ASP B 330 -4.04 -13.02 24.42
C ASP B 330 -4.39 -14.24 23.63
N ARG B 331 -5.47 -14.86 24.08
CA ARG B 331 -5.95 -16.13 23.57
C ARG B 331 -6.43 -15.95 22.16
N VAL B 332 -7.04 -14.81 21.88
CA VAL B 332 -7.51 -14.49 20.53
C VAL B 332 -6.35 -14.33 19.57
N LEU B 333 -5.35 -13.60 20.00
CA LEU B 333 -4.14 -13.40 19.21
C LEU B 333 -3.44 -14.74 18.92
N SER B 334 -3.33 -15.58 19.95
CA SER B 334 -2.81 -16.92 19.74
C SER B 334 -3.55 -17.61 18.60
N TYR B 335 -4.89 -17.64 18.69
CA TYR B 335 -5.72 -18.24 17.63
C TYR B 335 -5.39 -17.63 16.26
N ILE B 336 -5.25 -16.32 16.20
CA ILE B 336 -4.86 -15.65 14.97
C ILE B 336 -3.55 -16.20 14.46
N ASP B 337 -2.60 -16.27 15.39
CA ASP B 337 -1.28 -16.81 15.17
C ASP B 337 -1.41 -18.22 14.65
N ILE B 338 -2.40 -18.95 15.17
CA ILE B 338 -2.55 -20.35 14.83
C ILE B 338 -3.31 -20.51 13.52
N ALA B 339 -4.19 -19.58 13.22
CA ALA B 339 -4.81 -19.54 11.94
C ALA B 339 -3.78 -19.37 10.84
N ILE B 340 -2.80 -18.51 11.07
CA ILE B 340 -1.68 -18.31 10.16
C ILE B 340 -0.84 -19.56 9.98
N GLU B 341 -0.25 -20.06 11.05
CA GLU B 341 0.59 -21.24 10.96
C GLU B 341 -0.07 -22.37 10.21
N GLN B 342 -1.39 -22.33 10.08
CA GLN B 342 -2.14 -23.36 9.40
C GLN B 342 -2.60 -22.93 8.02
N GLY B 343 -1.95 -21.91 7.50
CA GLY B 343 -2.22 -21.49 6.15
C GLY B 343 -3.39 -20.56 6.06
N GLY B 344 -3.81 -20.01 7.18
CA GLY B 344 -4.91 -19.07 7.19
C GLY B 344 -4.53 -17.71 6.62
N LYS B 345 -5.47 -17.05 5.95
CA LYS B 345 -5.19 -15.77 5.30
C LYS B 345 -5.90 -14.55 5.86
N VAL B 346 -5.26 -13.83 6.74
CA VAL B 346 -5.84 -12.59 7.24
C VAL B 346 -6.23 -11.64 6.10
N LEU B 347 -7.52 -11.45 5.90
CA LEU B 347 -8.04 -10.47 4.95
C LEU B 347 -8.34 -9.13 5.62
N ALA B 348 -8.41 -9.19 6.94
CA ALA B 348 -8.81 -8.09 7.77
C ALA B 348 -8.22 -8.29 9.14
N GLY B 349 -8.06 -7.22 9.90
CA GLY B 349 -7.48 -7.29 11.22
C GLY B 349 -6.30 -8.22 11.26
N GLY B 350 -6.15 -8.97 12.32
CA GLY B 350 -5.03 -9.88 12.38
C GLY B 350 -4.24 -9.67 13.63
N LYS B 351 -4.61 -8.67 14.40
CA LYS B 351 -4.00 -8.46 15.70
C LYS B 351 -4.45 -7.21 16.38
N ALA B 352 -3.77 -6.87 17.47
CA ALA B 352 -4.06 -5.65 18.18
C ALA B 352 -3.96 -4.51 17.20
N PRO B 353 -4.68 -3.43 17.47
CA PRO B 353 -4.66 -2.26 16.59
C PRO B 353 -3.44 -1.38 16.87
N ASP B 354 -3.02 -0.62 15.87
CA ASP B 354 -1.95 0.34 16.04
C ASP B 354 -2.54 1.69 16.40
N ASP B 355 -2.69 1.96 17.69
CA ASP B 355 -3.29 3.21 18.12
C ASP B 355 -2.91 3.49 19.56
N LYS B 356 -1.94 4.39 19.74
CA LYS B 356 -1.45 4.73 21.07
C LYS B 356 -2.62 4.85 22.05
N ALA B 357 -3.81 5.13 21.52
CA ALA B 357 -4.99 5.28 22.38
C ALA B 357 -5.44 3.94 22.96
N LEU B 358 -5.32 2.88 22.17
CA LEU B 358 -5.77 1.56 22.57
C LEU B 358 -4.61 0.66 22.97
N ALA B 359 -3.48 1.25 23.31
CA ALA B 359 -2.28 0.48 23.62
C ALA B 359 -2.33 -0.18 24.99
N ASN B 360 -3.10 0.40 25.89
CA ASN B 360 -3.26 -0.14 27.23
C ASN B 360 -4.53 -0.99 27.35
N GLY B 361 -5.32 -1.02 26.30
CA GLY B 361 -6.52 -1.81 26.30
C GLY B 361 -6.31 -3.18 25.73
N PHE B 362 -7.32 -4.04 25.87
CA PHE B 362 -7.29 -5.38 25.34
C PHE B 362 -8.02 -5.44 24.04
N TYR B 363 -7.66 -4.55 23.15
CA TYR B 363 -8.30 -4.44 21.85
C TYR B 363 -7.73 -5.44 20.84
N VAL B 364 -8.57 -5.89 19.92
CA VAL B 364 -8.12 -6.72 18.81
C VAL B 364 -8.89 -6.25 17.60
N GLU B 365 -8.24 -6.10 16.47
CA GLU B 365 -8.94 -5.64 15.29
C GLU B 365 -9.92 -6.65 14.77
N PRO B 366 -11.06 -6.19 14.30
CA PRO B 366 -11.99 -7.03 13.57
C PRO B 366 -11.19 -7.83 12.58
N THR B 367 -11.17 -9.14 12.77
CA THR B 367 -10.28 -10.01 12.03
C THR B 367 -11.05 -10.98 11.14
N VAL B 368 -10.54 -11.20 9.93
CA VAL B 368 -11.20 -12.06 8.97
C VAL B 368 -10.14 -12.92 8.32
N VAL B 369 -10.31 -14.24 8.39
CA VAL B 369 -9.27 -15.16 7.95
C VAL B 369 -9.81 -16.18 6.95
N GLU B 370 -9.18 -16.26 5.78
CA GLU B 370 -9.55 -17.29 4.81
C GLU B 370 -8.92 -18.58 5.28
N ALA B 371 -9.71 -19.63 5.36
CA ALA B 371 -9.22 -20.88 5.94
C ALA B 371 -9.83 -22.13 5.29
N LYS B 372 -9.63 -23.25 5.95
CA LYS B 372 -10.12 -24.56 5.54
C LYS B 372 -10.99 -25.12 6.67
N PRO B 373 -12.08 -25.80 6.35
CA PRO B 373 -12.99 -26.20 7.40
C PRO B 373 -12.30 -27.10 8.37
N GLN B 374 -11.22 -27.75 8.03
CA GLN B 374 -10.68 -28.60 9.06
C GLN B 374 -9.81 -27.75 9.97
N ASP B 375 -9.40 -26.60 9.50
CA ASP B 375 -8.59 -25.74 10.32
C ASP B 375 -9.06 -25.67 11.74
N ARG B 376 -8.12 -25.39 12.63
CA ARG B 376 -8.26 -25.38 14.08
C ARG B 376 -9.09 -24.23 14.58
N VAL B 377 -8.96 -23.11 13.91
CA VAL B 377 -9.67 -21.92 14.19
C VAL B 377 -11.06 -21.96 13.62
N CYS B 378 -11.42 -23.09 13.04
CA CYS B 378 -12.75 -23.30 12.49
C CYS B 378 -13.52 -24.30 13.32
N GLN B 379 -12.84 -24.97 14.23
CA GLN B 379 -13.49 -25.97 15.03
C GLN B 379 -13.43 -25.53 16.45
N GLU B 380 -12.48 -24.66 16.75
CA GLU B 380 -12.32 -24.14 18.08
C GLU B 380 -13.03 -22.82 18.17
N GLU B 381 -13.67 -22.59 19.32
CA GLU B 381 -14.26 -21.29 19.63
C GLU B 381 -13.24 -20.23 20.05
N VAL B 382 -12.73 -19.49 19.09
CA VAL B 382 -12.06 -18.25 19.40
C VAL B 382 -13.22 -17.45 19.82
N PHE B 383 -13.07 -16.62 20.82
CA PHE B 383 -14.21 -15.92 21.37
C PHE B 383 -14.04 -14.42 21.20
N GLY B 384 -13.77 -14.04 19.97
CA GLY B 384 -13.43 -12.67 19.65
C GLY B 384 -13.92 -12.18 18.32
N PRO B 385 -13.46 -11.00 17.90
CA PRO B 385 -13.92 -10.37 16.67
C PRO B 385 -13.23 -11.08 15.52
N PHE B 386 -13.62 -12.32 15.29
CA PHE B 386 -12.82 -13.18 14.45
C PHE B 386 -13.71 -14.10 13.63
N VAL B 387 -13.71 -13.92 12.32
CA VAL B 387 -14.47 -14.80 11.44
C VAL B 387 -13.55 -15.55 10.49
N THR B 388 -13.79 -16.84 10.33
CA THR B 388 -13.10 -17.59 9.31
C THR B 388 -13.97 -17.59 8.06
N VAL B 389 -13.32 -17.64 6.91
CA VAL B 389 -14.04 -17.69 5.65
C VAL B 389 -13.68 -18.95 4.90
N VAL B 390 -14.71 -19.64 4.43
CA VAL B 390 -14.53 -20.87 3.70
C VAL B 390 -15.53 -20.80 2.57
N ARG B 391 -15.27 -21.52 1.51
CA ARG B 391 -16.17 -21.44 0.41
C ARG B 391 -16.79 -22.78 0.16
N PHE B 392 -17.84 -22.77 -0.65
CA PHE B 392 -18.55 -23.97 -1.00
C PHE B 392 -19.29 -23.79 -2.33
N SER B 393 -19.92 -24.86 -2.81
CA SER B 393 -20.53 -24.86 -4.13
C SER B 393 -21.79 -25.71 -4.21
N SER B 394 -22.18 -26.32 -3.12
CA SER B 394 -23.41 -27.09 -3.12
C SER B 394 -23.99 -27.09 -1.73
N ASP B 395 -25.31 -27.10 -1.65
CA ASP B 395 -26.00 -27.05 -0.37
C ASP B 395 -25.49 -28.13 0.49
N GLU B 396 -25.15 -29.25 -0.12
CA GLU B 396 -24.63 -30.35 0.67
C GLU B 396 -23.23 -30.08 1.23
N GLU B 397 -22.39 -29.36 0.51
CA GLU B 397 -21.09 -28.99 1.04
C GLU B 397 -21.30 -28.04 2.20
N ALA B 398 -22.06 -26.99 1.96
CA ALA B 398 -22.37 -26.01 3.00
C ALA B 398 -22.89 -26.69 4.26
N LEU B 399 -23.86 -27.59 4.10
CA LEU B 399 -24.47 -28.29 5.23
C LEU B 399 -23.43 -29.09 5.96
N ALA B 400 -22.61 -29.76 5.18
CA ALA B 400 -21.55 -30.57 5.70
C ALA B 400 -20.58 -29.76 6.53
N ILE B 401 -20.34 -28.52 6.12
CA ILE B 401 -19.40 -27.66 6.83
C ILE B 401 -20.01 -27.12 8.12
N ALA B 402 -21.25 -26.68 8.06
CA ALA B 402 -21.91 -26.22 9.25
C ALA B 402 -21.80 -27.26 10.33
N ASN B 403 -22.30 -28.45 10.01
CA ASN B 403 -22.52 -29.52 10.98
C ASN B 403 -21.19 -30.05 11.37
N ASN B 404 -20.22 -29.50 10.70
CA ASN B 404 -18.85 -29.93 10.71
C ASN B 404 -18.18 -29.73 12.05
N THR B 405 -18.95 -29.49 13.09
CA THR B 405 -18.40 -29.02 14.34
C THR B 405 -18.91 -29.84 15.51
N GLU B 406 -18.25 -29.69 16.65
CA GLU B 406 -18.64 -30.36 17.88
C GLU B 406 -19.64 -29.47 18.56
N TYR B 407 -19.89 -28.31 17.94
CA TYR B 407 -20.84 -27.36 18.50
C TYR B 407 -22.19 -27.45 17.82
N GLY B 408 -23.19 -26.83 18.42
CA GLY B 408 -24.53 -26.82 17.85
C GLY B 408 -25.42 -25.78 18.50
N LEU B 409 -24.84 -24.64 18.85
CA LEU B 409 -25.58 -23.56 19.49
C LEU B 409 -26.44 -22.79 18.51
N GLY B 410 -25.80 -21.95 17.71
CA GLY B 410 -26.50 -21.16 16.72
C GLY B 410 -26.00 -21.48 15.33
N SER B 411 -26.69 -20.91 14.36
CA SER B 411 -26.41 -21.13 12.96
C SER B 411 -27.25 -20.15 12.17
N GLY B 412 -26.89 -19.95 10.92
CA GLY B 412 -27.64 -19.03 10.10
C GLY B 412 -27.25 -19.16 8.65
N LEU B 413 -28.16 -18.78 7.78
CA LEU B 413 -27.89 -18.87 6.37
C LEU B 413 -28.62 -17.76 5.64
N TRP B 414 -28.21 -17.52 4.40
CA TRP B 414 -28.77 -16.44 3.61
C TRP B 414 -29.13 -16.95 2.23
N THR B 415 -30.41 -16.86 1.93
CA THR B 415 -31.00 -17.11 0.63
C THR B 415 -32.33 -16.47 0.45
N GLN B 416 -32.78 -16.56 -0.78
CA GLN B 416 -34.11 -16.26 -1.07
C GLN B 416 -34.67 -17.47 -1.78
N ASN B 417 -34.21 -18.65 -1.38
CA ASN B 417 -34.79 -19.91 -1.83
C ASN B 417 -35.63 -20.56 -0.75
N LEU B 418 -36.91 -20.72 -1.02
CA LEU B 418 -37.78 -21.26 0.01
C LEU B 418 -37.33 -22.64 0.50
N ALA B 419 -37.26 -23.55 -0.40
CA ALA B 419 -36.88 -24.85 -0.07
C ALA B 419 -35.61 -24.74 0.73
N ARG B 420 -34.54 -24.33 0.10
CA ARG B 420 -33.20 -24.30 0.63
C ARG B 420 -33.15 -23.86 2.01
N ALA B 421 -33.77 -22.73 2.26
CA ALA B 421 -33.87 -22.15 3.59
C ALA B 421 -34.30 -23.19 4.64
N HIS B 422 -35.43 -23.86 4.40
CA HIS B 422 -35.95 -24.79 5.40
C HIS B 422 -35.18 -26.10 5.42
N LYS B 423 -34.84 -26.62 4.27
CA LYS B 423 -34.10 -27.87 4.24
C LYS B 423 -32.85 -27.71 5.08
N MET B 424 -32.14 -26.61 4.87
CA MET B 424 -30.93 -26.33 5.62
C MET B 424 -31.21 -26.22 7.11
N ALA B 425 -32.06 -25.27 7.48
CA ALA B 425 -32.40 -25.06 8.88
C ALA B 425 -32.77 -26.37 9.59
N ASN B 426 -33.51 -27.22 8.91
CA ASN B 426 -33.92 -28.50 9.45
C ASN B 426 -32.75 -29.46 9.59
N ALA B 427 -31.75 -29.29 8.74
CA ALA B 427 -30.64 -30.23 8.64
C ALA B 427 -29.42 -29.82 9.45
N ILE B 428 -29.36 -28.56 9.87
CA ILE B 428 -28.23 -28.11 10.68
C ILE B 428 -28.41 -28.52 12.15
N HIS B 429 -27.46 -29.22 12.73
CA HIS B 429 -27.53 -29.64 14.07
CA HIS B 429 -27.61 -29.66 14.11
C HIS B 429 -27.14 -28.47 14.93
N ALA B 430 -28.09 -27.61 15.21
CA ALA B 430 -27.93 -26.46 16.09
C ALA B 430 -29.25 -26.23 16.80
N GLY B 431 -29.20 -25.62 17.97
CA GLY B 431 -30.40 -25.34 18.74
C GLY B 431 -31.22 -24.25 18.08
N MET B 432 -30.56 -23.33 17.40
CA MET B 432 -31.27 -22.29 16.70
C MET B 432 -30.63 -21.95 15.38
N CYS B 433 -31.46 -21.52 14.46
CA CYS B 433 -30.99 -21.23 13.12
C CYS B 433 -31.68 -20.00 12.59
N TRP B 434 -30.93 -19.01 12.17
CA TRP B 434 -31.54 -17.83 11.60
C TRP B 434 -31.35 -17.80 10.11
N ILE B 435 -32.37 -17.34 9.43
CA ILE B 435 -32.39 -17.23 7.97
C ILE B 435 -32.56 -15.78 7.52
N ASN B 436 -31.59 -15.28 6.78
CA ASN B 436 -31.60 -13.88 6.33
C ASN B 436 -31.61 -12.91 7.50
N CYS B 437 -30.99 -13.34 8.58
CA CYS B 437 -30.84 -12.55 9.78
C CYS B 437 -29.91 -13.37 10.61
N TYR B 438 -29.47 -12.85 11.74
CA TYR B 438 -28.55 -13.61 12.59
C TYR B 438 -28.57 -13.07 14.00
N LYS B 439 -28.33 -13.88 15.01
CA LYS B 439 -28.31 -13.35 16.35
C LYS B 439 -29.64 -12.74 16.80
N ARG B 440 -30.73 -13.16 16.19
CA ARG B 440 -32.07 -12.76 16.58
C ARG B 440 -32.51 -13.51 17.82
N VAL B 441 -32.63 -12.84 18.96
CA VAL B 441 -33.06 -13.50 20.16
C VAL B 441 -34.27 -12.80 20.73
N SER B 442 -35.20 -13.59 21.24
CA SER B 442 -36.44 -13.08 21.83
C SER B 442 -36.70 -13.82 23.15
N PRO B 443 -37.26 -13.11 24.12
CA PRO B 443 -37.46 -13.68 25.46
C PRO B 443 -38.38 -14.90 25.45
N GLY B 444 -39.14 -15.08 24.39
CA GLY B 444 -40.04 -16.21 24.31
C GLY B 444 -39.51 -17.29 23.39
N SER B 445 -38.42 -17.00 22.68
CA SER B 445 -37.86 -17.96 21.74
C SER B 445 -36.73 -18.75 22.38
N PRO B 446 -36.95 -20.05 22.62
CA PRO B 446 -36.00 -20.91 23.33
C PRO B 446 -34.61 -20.78 22.78
N PHE B 447 -33.65 -20.61 23.69
CA PHE B 447 -32.27 -20.38 23.32
C PHE B 447 -31.44 -21.44 24.02
N GLY B 448 -30.69 -22.22 23.27
CA GLY B 448 -29.81 -23.16 23.89
C GLY B 448 -29.15 -24.03 22.86
N GLY B 449 -28.32 -24.94 23.34
CA GLY B 449 -27.54 -25.74 22.45
C GLY B 449 -28.02 -27.15 22.27
N VAL B 450 -27.26 -27.88 21.46
CA VAL B 450 -27.53 -29.25 21.10
C VAL B 450 -26.17 -29.88 21.09
N GLY B 451 -26.09 -31.18 21.13
CA GLY B 451 -24.79 -31.80 21.19
C GLY B 451 -23.94 -31.36 22.35
N GLN B 452 -22.71 -30.94 22.05
CA GLN B 452 -21.73 -30.54 23.05
C GLN B 452 -21.78 -29.07 23.39
N SER B 453 -22.74 -28.38 22.79
CA SER B 453 -23.03 -26.99 23.13
C SER B 453 -23.97 -26.98 24.32
N GLY B 454 -24.43 -28.16 24.69
CA GLY B 454 -25.06 -28.35 25.97
C GLY B 454 -26.48 -28.78 25.84
N TYR B 455 -27.28 -28.41 26.82
CA TYR B 455 -28.68 -28.71 26.82
C TYR B 455 -29.39 -27.79 27.77
N GLY B 456 -30.72 -27.85 27.76
CA GLY B 456 -31.51 -26.88 28.48
C GLY B 456 -31.74 -25.69 27.57
N ARG B 457 -32.68 -24.86 27.95
CA ARG B 457 -33.06 -23.75 27.13
C ARG B 457 -33.21 -22.58 28.03
N GLU B 458 -32.96 -21.38 27.51
CA GLU B 458 -33.27 -20.18 28.17
C GLU B 458 -34.37 -19.60 27.34
N MET B 459 -35.19 -18.77 27.95
CA MET B 459 -36.22 -18.07 27.24
C MET B 459 -37.40 -18.96 27.04
N GLY B 460 -38.59 -18.42 27.07
CA GLY B 460 -39.74 -19.17 26.73
C GLY B 460 -40.34 -20.01 27.81
N PHE B 461 -41.41 -20.71 27.47
CA PHE B 461 -41.91 -21.74 28.35
C PHE B 461 -40.85 -22.78 28.64
N GLU B 462 -39.98 -23.02 27.67
CA GLU B 462 -38.88 -23.96 27.79
C GLU B 462 -37.96 -23.68 28.95
N ALA B 463 -37.61 -22.43 29.15
CA ALA B 463 -36.80 -22.03 30.28
C ALA B 463 -37.55 -22.32 31.57
N ILE B 464 -38.84 -22.00 31.59
CA ILE B 464 -39.68 -22.28 32.75
C ILE B 464 -39.74 -23.77 33.04
N HIS B 465 -39.88 -24.57 31.99
CA HIS B 465 -39.87 -26.01 32.18
C HIS B 465 -38.60 -26.45 32.88
N ASP B 466 -37.47 -25.85 32.51
CA ASP B 466 -36.18 -26.23 33.07
C ASP B 466 -36.00 -25.80 34.51
N TYR B 467 -36.87 -24.95 35.00
CA TYR B 467 -36.80 -24.49 36.36
C TYR B 467 -37.95 -24.89 37.19
N THR B 468 -38.67 -25.91 36.79
CA THR B 468 -39.76 -26.41 37.58
C THR B 468 -39.66 -27.90 37.69
N GLU B 469 -40.54 -28.51 38.48
CA GLU B 469 -40.60 -29.94 38.60
C GLU B 469 -42.01 -30.34 38.35
N ALA B 470 -42.20 -31.52 37.80
CA ALA B 470 -43.49 -32.14 37.81
C ALA B 470 -43.79 -32.74 39.18
N ARG B 471 -44.94 -32.36 39.71
CA ARG B 471 -45.47 -33.00 40.88
C ARG B 471 -46.83 -33.59 40.57
N SER B 472 -46.87 -34.90 40.45
CA SER B 472 -48.06 -35.63 40.14
C SER B 472 -48.81 -36.02 41.39
N VAL B 473 -50.01 -35.46 41.53
CA VAL B 473 -50.85 -35.80 42.67
C VAL B 473 -52.04 -36.66 42.22
N TRP B 474 -52.25 -37.75 42.93
CA TRP B 474 -53.36 -38.64 42.63
C TRP B 474 -54.36 -38.61 43.74
N VAL B 475 -55.60 -38.38 43.36
CA VAL B 475 -56.69 -38.56 44.28
C VAL B 475 -57.56 -39.69 43.81
N ASN B 476 -57.66 -40.73 44.61
CA ASN B 476 -58.68 -41.74 44.41
C ASN B 476 -59.97 -41.15 44.91
N VAL B 477 -60.86 -40.80 44.00
CA VAL B 477 -62.08 -40.19 44.44
C VAL B 477 -63.27 -41.13 44.39
N ASP B 478 -63.63 -41.61 43.22
CA ASP B 478 -64.90 -42.29 43.06
C ASP B 478 -64.87 -43.79 42.97
N ALA B 479 -63.75 -44.34 42.58
CA ALA B 479 -63.72 -45.75 42.36
C ALA B 479 -62.69 -46.40 43.24
N LYS B 480 -62.14 -47.51 42.80
CA LYS B 480 -63.15 -48.55 42.67
C LYS B 480 -62.74 -49.99 43.09
N ILE B 481 -61.47 -50.12 43.41
CA ILE B 481 -60.29 -50.92 43.22
C ILE B 481 -60.48 -52.32 43.72
N ALA B 482 -59.64 -53.22 43.22
CA ALA B 482 -59.64 -54.58 43.69
C ALA B 482 -58.40 -54.83 44.51
N PRO B 483 -58.57 -55.34 45.72
CA PRO B 483 -57.45 -55.69 46.56
C PRO B 483 -56.51 -56.53 45.73
N HIS B 484 -55.21 -56.35 45.88
CA HIS B 484 -54.29 -57.14 45.10
C HIS B 484 -54.23 -58.49 45.73
N PHE B 485 -54.56 -58.55 47.01
CA PHE B 485 -54.48 -59.79 47.76
C PHE B 485 -55.86 -60.18 48.23
N LYS B 486 -56.63 -60.83 47.36
CA LYS B 486 -57.95 -61.27 47.72
C LYS B 486 -57.89 -61.90 49.11
N ARG B 487 -58.72 -61.39 50.02
CA ARG B 487 -58.73 -61.85 51.40
C ARG B 487 -57.53 -62.74 51.69
N MET C 1 11.18 -13.58 -42.01
CA MET C 1 11.57 -14.17 -40.74
C MET C 1 10.64 -15.31 -40.42
N GLN C 2 11.21 -16.46 -40.11
CA GLN C 2 10.42 -17.65 -39.90
C GLN C 2 9.12 -17.39 -39.17
N ASN C 3 8.03 -17.84 -39.78
CA ASN C 3 6.70 -17.58 -39.30
C ASN C 3 5.77 -18.76 -39.52
N GLN C 4 6.36 -19.90 -39.79
CA GLN C 4 5.60 -21.07 -40.06
C GLN C 4 5.78 -22.10 -38.97
N LEU C 5 4.99 -23.16 -39.01
CA LEU C 5 5.17 -24.27 -38.13
C LEU C 5 6.47 -24.89 -38.47
N TYR C 6 7.11 -25.55 -37.53
CA TYR C 6 8.30 -26.29 -37.86
C TYR C 6 8.13 -27.72 -37.41
N ILE C 7 7.90 -28.58 -38.39
CA ILE C 7 7.60 -29.97 -38.17
C ILE C 7 8.41 -30.87 -39.07
N ASP C 8 9.06 -31.84 -38.46
CA ASP C 8 9.88 -32.79 -39.19
C ASP C 8 10.82 -32.09 -40.13
N GLY C 9 11.52 -31.09 -39.60
CA GLY C 9 12.65 -30.48 -40.27
C GLY C 9 12.36 -29.45 -41.33
N ARG C 10 11.11 -29.02 -41.40
CA ARG C 10 10.67 -28.07 -42.41
C ARG C 10 9.75 -27.03 -41.84
N PHE C 11 9.73 -25.85 -42.41
CA PHE C 11 8.73 -24.85 -42.08
C PHE C 11 7.53 -25.07 -42.97
N VAL C 12 6.36 -25.17 -42.37
CA VAL C 12 5.16 -25.49 -43.10
C VAL C 12 4.02 -24.68 -42.52
N ASP C 13 2.99 -24.43 -43.28
CA ASP C 13 1.92 -23.67 -42.74
C ASP C 13 1.05 -24.63 -41.97
N ALA C 14 0.02 -24.14 -41.32
CA ALA C 14 -0.95 -25.00 -40.64
C ALA C 14 -1.75 -25.80 -41.67
N VAL C 15 -2.05 -27.04 -41.38
CA VAL C 15 -2.71 -27.87 -42.37
C VAL C 15 -3.88 -27.12 -42.99
N ALA C 16 -4.53 -26.28 -42.21
CA ALA C 16 -5.71 -25.54 -42.64
C ALA C 16 -5.40 -24.11 -42.96
N GLY C 17 -4.13 -23.74 -42.92
CA GLY C 17 -3.74 -22.41 -43.29
C GLY C 17 -4.20 -21.37 -42.30
N GLY C 18 -4.47 -21.78 -41.09
CA GLY C 18 -4.89 -20.84 -40.07
C GLY C 18 -3.82 -19.81 -39.89
N THR C 19 -4.09 -18.68 -39.26
CA THR C 19 -3.06 -17.67 -39.11
C THR C 19 -3.23 -16.94 -37.79
N ILE C 20 -2.18 -16.28 -37.35
CA ILE C 20 -2.24 -15.45 -36.15
C ILE C 20 -1.37 -14.21 -36.31
N ASP C 21 -1.92 -13.05 -35.98
CA ASP C 21 -1.14 -11.82 -36.13
C ASP C 21 -0.13 -11.71 -35.01
N VAL C 22 1.12 -11.44 -35.33
CA VAL C 22 2.07 -11.25 -34.27
C VAL C 22 2.42 -9.78 -34.24
N VAL C 23 2.02 -9.12 -33.17
CA VAL C 23 2.18 -7.68 -33.11
C VAL C 23 3.29 -7.24 -32.20
N SER C 24 3.77 -6.03 -32.42
CA SER C 24 4.86 -5.49 -31.67
C SER C 24 4.27 -4.62 -30.59
N PRO C 25 4.71 -4.83 -29.36
CA PRO C 25 4.09 -4.13 -28.24
C PRO C 25 4.39 -2.65 -28.27
N HIS C 26 5.39 -2.22 -29.02
CA HIS C 26 5.74 -0.85 -29.01
C HIS C 26 4.54 -0.04 -29.40
N ASP C 27 3.88 -0.47 -30.51
CA ASP C 27 3.04 0.35 -31.33
C ASP C 27 1.84 -0.39 -31.73
N GLY C 28 1.87 -1.69 -31.52
CA GLY C 28 0.76 -2.52 -31.89
C GLY C 28 0.67 -2.82 -33.37
N SER C 29 1.74 -2.54 -34.11
CA SER C 29 1.84 -2.83 -35.55
C SER C 29 2.09 -4.31 -35.84
N LEU C 30 1.87 -4.77 -37.05
CA LEU C 30 1.99 -6.18 -37.31
C LEU C 30 3.43 -6.53 -37.57
N ILE C 31 3.92 -7.58 -36.96
CA ILE C 31 5.28 -7.97 -37.24
C ILE C 31 5.28 -8.89 -38.44
N THR C 32 4.43 -9.90 -38.38
CA THR C 32 4.33 -10.91 -39.38
C THR C 32 3.08 -11.64 -39.02
N ARG C 33 2.65 -12.56 -39.86
CA ARG C 33 1.55 -13.44 -39.52
C ARG C 33 2.12 -14.83 -39.46
N ILE C 34 1.83 -15.56 -38.39
CA ILE C 34 2.40 -16.90 -38.24
C ILE C 34 1.40 -18.00 -38.54
N ALA C 35 1.89 -19.13 -39.04
CA ALA C 35 1.03 -20.28 -39.22
C ALA C 35 0.51 -20.72 -37.87
N ALA C 36 -0.80 -20.88 -37.76
CA ALA C 36 -1.41 -21.28 -36.53
C ALA C 36 -1.66 -22.76 -36.56
N ALA C 37 -0.99 -23.48 -35.67
CA ALA C 37 -1.13 -24.92 -35.60
C ALA C 37 -2.42 -25.28 -34.92
N GLU C 38 -3.02 -26.38 -35.33
CA GLU C 38 -4.24 -26.84 -34.72
C GLU C 38 -4.09 -28.28 -34.39
N ALA C 39 -5.17 -28.92 -34.01
CA ALA C 39 -5.06 -30.29 -33.54
C ALA C 39 -4.42 -31.16 -34.58
N ALA C 40 -4.75 -30.89 -35.83
CA ALA C 40 -4.18 -31.67 -36.93
C ALA C 40 -2.68 -31.45 -37.06
N ASP C 41 -2.28 -30.23 -36.90
CA ASP C 41 -0.91 -29.90 -37.05
C ASP C 41 -0.05 -30.54 -35.98
N VAL C 42 -0.60 -30.80 -34.81
CA VAL C 42 0.20 -31.41 -33.76
C VAL C 42 0.24 -32.92 -33.87
N ASP C 43 -0.66 -33.52 -34.62
CA ASP C 43 -0.59 -34.94 -34.86
C ASP C 43 0.59 -35.16 -35.75
N LEU C 44 0.79 -34.24 -36.67
CA LEU C 44 1.89 -34.31 -37.60
C LEU C 44 3.20 -34.12 -36.90
N ALA C 45 3.18 -33.17 -35.98
CA ALA C 45 4.29 -32.85 -35.13
C ALA C 45 4.57 -34.00 -34.19
N VAL C 46 3.56 -34.49 -33.50
CA VAL C 46 3.80 -35.60 -32.60
C VAL C 46 4.23 -36.87 -33.30
N ALA C 47 3.75 -37.11 -34.50
CA ALA C 47 4.14 -38.31 -35.22
C ALA C 47 5.58 -38.19 -35.66
N ALA C 48 5.99 -36.98 -36.00
CA ALA C 48 7.37 -36.72 -36.37
C ALA C 48 8.30 -36.88 -35.19
N ALA C 49 7.84 -36.51 -34.01
CA ALA C 49 8.61 -36.59 -32.79
C ALA C 49 8.70 -38.02 -32.36
N LYS C 50 7.61 -38.73 -32.56
CA LYS C 50 7.55 -40.15 -32.32
C LYS C 50 8.42 -40.90 -33.30
N ARG C 51 8.39 -40.44 -34.54
CA ARG C 51 9.18 -41.07 -35.57
C ARG C 51 10.62 -40.96 -35.21
N ALA C 52 10.98 -39.82 -34.65
CA ALA C 52 12.34 -39.45 -34.41
C ALA C 52 12.91 -39.93 -33.10
N PHE C 53 12.05 -40.37 -32.18
CA PHE C 53 12.50 -40.67 -30.83
C PHE C 53 13.56 -41.78 -30.74
N PRO C 54 13.41 -42.83 -31.53
CA PRO C 54 14.28 -43.98 -31.39
C PRO C 54 15.73 -43.73 -31.79
N ALA C 55 15.97 -43.13 -32.93
CA ALA C 55 17.33 -42.88 -33.34
C ALA C 55 17.98 -41.82 -32.49
N TRP C 56 17.17 -41.15 -31.69
CA TRP C 56 17.61 -40.01 -30.93
C TRP C 56 17.88 -40.42 -29.52
N SER C 57 16.99 -41.21 -28.97
CA SER C 57 17.16 -41.70 -27.62
C SER C 57 18.20 -42.76 -27.67
N ALA C 58 18.46 -43.27 -28.87
CA ALA C 58 19.51 -44.25 -29.02
C ALA C 58 20.77 -43.62 -29.54
N LEU C 59 20.86 -42.30 -29.47
CA LEU C 59 21.90 -41.57 -30.15
C LEU C 59 23.23 -41.48 -29.46
N GLY C 60 23.27 -41.77 -28.16
CA GLY C 60 24.50 -41.61 -27.42
C GLY C 60 24.49 -40.29 -26.66
N ALA C 61 24.22 -40.38 -25.38
CA ALA C 61 24.06 -39.21 -24.57
C ALA C 61 24.97 -38.11 -25.06
N ALA C 62 26.21 -38.44 -25.38
CA ALA C 62 27.19 -37.45 -25.74
C ALA C 62 26.93 -36.71 -27.05
N GLU C 63 26.21 -37.35 -27.96
CA GLU C 63 25.97 -36.77 -29.25
CA GLU C 63 26.02 -36.80 -29.12
C GLU C 63 24.72 -35.93 -29.16
N ARG C 64 23.96 -36.08 -28.09
CA ARG C 64 22.84 -35.24 -27.89
C ARG C 64 23.38 -34.06 -27.15
N GLY C 65 24.39 -34.30 -26.34
CA GLY C 65 25.10 -33.24 -25.66
C GLY C 65 25.86 -32.32 -26.60
N ARG C 66 26.64 -32.91 -27.49
CA ARG C 66 27.44 -32.16 -28.44
C ARG C 66 26.59 -31.25 -29.30
N LEU C 67 25.36 -31.67 -29.56
CA LEU C 67 24.44 -30.88 -30.35
C LEU C 67 23.91 -29.73 -29.52
N LEU C 68 23.60 -29.99 -28.26
CA LEU C 68 23.10 -28.94 -27.38
C LEU C 68 24.19 -27.90 -27.15
N LEU C 69 25.43 -28.37 -27.05
CA LEU C 69 26.56 -27.48 -26.92
C LEU C 69 26.71 -26.64 -28.18
N LYS C 70 26.63 -27.30 -29.31
CA LYS C 70 26.68 -26.64 -30.61
C LYS C 70 25.60 -25.58 -30.69
N LEU C 71 24.43 -25.88 -30.18
CA LEU C 71 23.31 -24.94 -30.20
C LEU C 71 23.60 -23.71 -29.38
N ALA C 72 24.14 -23.90 -28.18
CA ALA C 72 24.49 -22.77 -27.33
C ALA C 72 25.43 -21.83 -28.08
N ASP C 73 26.47 -22.39 -28.69
CA ASP C 73 27.43 -21.60 -29.44
C ASP C 73 26.74 -20.84 -30.55
N ARG C 74 25.91 -21.53 -31.32
CA ARG C 74 25.16 -20.97 -32.42
C ARG C 74 24.24 -19.84 -31.99
N ILE C 75 23.58 -20.03 -30.87
CA ILE C 75 22.78 -18.98 -30.27
C ILE C 75 23.64 -17.77 -29.96
N GLU C 76 24.80 -17.98 -29.38
CA GLU C 76 25.68 -16.87 -29.11
C GLU C 76 26.06 -16.20 -30.42
N GLU C 77 26.52 -16.97 -31.38
CA GLU C 77 26.90 -16.45 -32.69
C GLU C 77 25.82 -15.61 -33.36
N CYS C 78 24.58 -15.91 -33.01
CA CYS C 78 23.39 -15.32 -33.56
C CYS C 78 22.69 -14.46 -32.59
N SER C 79 23.44 -13.89 -31.70
CA SER C 79 22.94 -13.38 -30.49
C SER C 79 22.30 -12.07 -30.69
N GLU C 80 22.78 -11.30 -31.64
CA GLU C 80 22.20 -10.01 -31.94
C GLU C 80 20.92 -10.14 -32.74
N GLU C 81 20.83 -11.20 -33.54
CA GLU C 81 19.64 -11.38 -34.33
C GLU C 81 18.51 -11.88 -33.49
N LEU C 82 18.84 -12.69 -32.51
CA LEU C 82 17.80 -13.23 -31.68
C LEU C 82 17.31 -12.11 -30.83
N ALA C 83 18.23 -11.46 -30.13
CA ALA C 83 17.90 -10.33 -29.29
C ALA C 83 16.98 -9.38 -30.01
N GLN C 84 17.44 -8.84 -31.11
CA GLN C 84 16.62 -8.00 -31.94
C GLN C 84 15.28 -8.67 -32.13
N LEU C 85 15.30 -9.89 -32.64
CA LEU C 85 14.08 -10.60 -32.92
C LEU C 85 13.24 -10.70 -31.67
N GLU C 86 13.81 -11.07 -30.55
CA GLU C 86 13.03 -11.23 -29.36
C GLU C 86 12.56 -9.97 -28.73
N SER C 87 13.24 -8.87 -28.98
CA SER C 87 12.80 -7.65 -28.35
C SER C 87 11.64 -7.08 -29.09
N LEU C 88 11.76 -7.19 -30.41
CA LEU C 88 10.84 -6.64 -31.36
C LEU C 88 9.50 -7.26 -31.20
N ASN C 89 9.53 -8.50 -30.77
CA ASN C 89 8.34 -9.32 -30.66
C ASN C 89 7.79 -9.35 -29.26
N THR C 90 8.66 -9.13 -28.29
CA THR C 90 8.33 -9.27 -26.88
C THR C 90 8.12 -7.96 -26.20
N GLY C 91 8.89 -6.96 -26.61
CA GLY C 91 8.90 -5.68 -25.94
C GLY C 91 10.03 -5.57 -24.95
N HIS C 92 10.79 -6.65 -24.80
CA HIS C 92 12.00 -6.63 -23.97
C HIS C 92 12.98 -5.61 -24.49
N PRO C 93 13.47 -4.79 -23.60
CA PRO C 93 14.56 -3.93 -23.89
C PRO C 93 15.64 -4.82 -24.36
N ILE C 94 16.23 -4.41 -25.47
CA ILE C 94 17.24 -5.19 -26.15
C ILE C 94 18.50 -5.21 -25.33
N ARG C 95 18.63 -4.25 -24.44
CA ARG C 95 19.70 -4.28 -23.50
C ARG C 95 19.40 -5.45 -22.59
N ASP C 96 18.17 -5.93 -22.68
CA ASP C 96 17.70 -7.02 -21.86
C ASP C 96 17.74 -8.29 -22.66
N SER C 97 17.45 -8.16 -23.95
CA SER C 97 17.59 -9.25 -24.90
C SER C 97 19.05 -9.68 -25.00
N ARG C 98 19.94 -8.73 -25.15
CA ARG C 98 21.34 -9.04 -25.32
C ARG C 98 21.92 -9.58 -24.03
N GLY C 99 21.65 -8.93 -22.92
CA GLY C 99 22.31 -9.29 -21.70
C GLY C 99 21.67 -10.30 -20.83
N LEU C 100 20.40 -10.53 -21.06
CA LEU C 100 19.72 -11.50 -20.27
C LEU C 100 19.20 -12.60 -21.15
N ASP C 101 18.22 -12.31 -21.99
CA ASP C 101 17.60 -13.37 -22.70
C ASP C 101 18.55 -14.25 -23.44
N VAL C 102 19.38 -13.68 -24.28
CA VAL C 102 20.21 -14.51 -25.11
C VAL C 102 21.29 -15.27 -24.36
N PRO C 103 22.04 -14.61 -23.51
CA PRO C 103 23.06 -15.34 -22.74
C PRO C 103 22.45 -16.40 -21.84
N ARG C 104 21.33 -16.11 -21.22
CA ARG C 104 20.66 -17.07 -20.37
C ARG C 104 20.17 -18.26 -21.16
N THR C 105 19.71 -18.02 -22.38
CA THR C 105 19.32 -19.09 -23.28
C THR C 105 20.52 -19.95 -23.65
N ALA C 106 21.62 -19.33 -24.06
CA ALA C 106 22.82 -20.08 -24.40
C ALA C 106 23.31 -20.86 -23.19
N ALA C 107 23.37 -20.18 -22.05
CA ALA C 107 23.93 -20.77 -20.85
C ALA C 107 23.18 -22.03 -20.49
N CYS C 108 21.85 -21.96 -20.56
CA CYS C 108 21.00 -23.08 -20.22
C CYS C 108 21.18 -24.26 -21.17
N PHE C 109 21.17 -23.99 -22.47
CA PHE C 109 21.47 -25.03 -23.43
C PHE C 109 22.84 -25.62 -23.24
N ARG C 110 23.83 -24.81 -22.89
CA ARG C 110 25.16 -25.32 -22.69
C ARG C 110 25.22 -26.17 -21.45
N TYR C 111 24.43 -25.84 -20.46
CA TYR C 111 24.42 -26.61 -19.24
C TYR C 111 23.92 -28.01 -19.55
N PHE C 112 22.86 -28.10 -20.35
CA PHE C 112 22.23 -29.37 -20.57
C PHE C 112 22.95 -30.17 -21.64
N GLY C 113 23.74 -29.53 -22.44
CA GLY C 113 24.61 -30.26 -23.31
C GLY C 113 25.68 -31.02 -22.58
N GLY C 114 26.07 -30.54 -21.43
CA GLY C 114 27.08 -31.21 -20.70
C GLY C 114 26.43 -32.02 -19.63
N MET C 115 25.11 -32.12 -19.70
CA MET C 115 24.34 -32.88 -18.75
C MET C 115 24.02 -34.20 -19.36
N ALA C 116 23.83 -34.17 -20.65
CA ALA C 116 23.30 -35.30 -21.38
C ALA C 116 23.94 -36.59 -21.04
N ASP C 117 25.26 -36.61 -20.97
CA ASP C 117 25.93 -37.86 -20.65
C ASP C 117 26.33 -37.97 -19.21
N LYS C 118 25.68 -37.20 -18.35
CA LYS C 118 25.95 -37.28 -16.93
C LYS C 118 24.69 -37.75 -16.24
N ILE C 119 23.71 -38.09 -17.05
CA ILE C 119 22.45 -38.60 -16.57
C ILE C 119 22.67 -40.07 -16.30
N GLU C 120 22.71 -40.45 -15.03
CA GLU C 120 23.10 -41.81 -14.69
C GLU C 120 22.02 -42.59 -14.00
N GLY C 121 21.99 -43.89 -14.27
CA GLY C 121 21.09 -44.79 -13.58
C GLY C 121 21.77 -45.21 -12.30
N SER C 122 21.29 -46.28 -11.70
CA SER C 122 21.87 -46.74 -10.46
C SER C 122 21.83 -48.25 -10.42
N VAL C 123 22.62 -48.81 -9.52
CA VAL C 123 22.64 -50.23 -9.29
C VAL C 123 22.29 -50.49 -7.86
N ILE C 124 21.28 -51.30 -7.65
CA ILE C 124 20.68 -51.47 -6.34
C ILE C 124 21.17 -52.66 -5.55
N PRO C 125 21.42 -52.45 -4.28
CA PRO C 125 21.78 -53.50 -3.35
C PRO C 125 20.60 -54.38 -3.05
N VAL C 126 20.44 -55.44 -3.83
CA VAL C 126 19.33 -56.37 -3.67
C VAL C 126 19.82 -57.71 -3.12
N ASP C 127 19.02 -58.76 -3.26
CA ASP C 127 19.37 -60.06 -2.68
C ASP C 127 20.53 -60.71 -3.40
N ALA C 128 21.26 -61.54 -2.69
CA ALA C 128 22.43 -62.17 -3.28
C ALA C 128 22.02 -63.09 -4.42
N GLY C 129 22.72 -62.95 -5.54
CA GLY C 129 22.51 -63.72 -6.73
C GLY C 129 21.81 -62.92 -7.79
N PHE C 130 21.40 -61.73 -7.42
CA PHE C 130 20.65 -60.88 -8.31
C PHE C 130 21.45 -59.66 -8.66
N LEU C 131 21.24 -59.18 -9.86
CA LEU C 131 21.73 -57.88 -10.23
C LEU C 131 20.54 -57.03 -10.57
N ASN C 132 20.39 -55.95 -9.85
CA ASN C 132 19.37 -54.96 -10.10
C ASN C 132 19.99 -53.65 -10.58
N TYR C 133 19.81 -53.32 -11.85
CA TYR C 133 20.29 -52.04 -12.33
C TYR C 133 19.12 -51.27 -12.92
N VAL C 134 19.05 -49.99 -12.61
CA VAL C 134 17.92 -49.17 -12.98
C VAL C 134 18.39 -48.11 -13.93
N GLN C 135 17.96 -48.15 -15.17
CA GLN C 135 18.25 -47.03 -16.05
C GLN C 135 17.33 -45.84 -15.78
N ARG C 136 17.77 -44.71 -16.30
CA ARG C 136 16.98 -43.52 -16.40
C ARG C 136 16.76 -43.34 -17.88
N LYS C 137 15.58 -43.59 -18.39
CA LYS C 137 15.43 -43.45 -19.82
C LYS C 137 14.65 -42.21 -20.11
N PRO C 138 14.68 -41.78 -21.35
CA PRO C 138 13.78 -40.69 -21.77
C PRO C 138 12.34 -41.15 -21.62
N ILE C 139 11.43 -40.21 -21.45
CA ILE C 139 10.02 -40.53 -21.37
C ILE C 139 9.52 -40.94 -22.76
N GLY C 140 9.95 -40.17 -23.75
CA GLY C 140 9.55 -40.38 -25.13
C GLY C 140 9.25 -39.08 -25.84
N VAL C 141 8.02 -38.90 -26.26
CA VAL C 141 7.61 -37.67 -26.88
C VAL C 141 7.00 -36.82 -25.83
N VAL C 142 7.53 -35.63 -25.70
CA VAL C 142 7.16 -34.78 -24.62
C VAL C 142 6.58 -33.53 -25.25
N ALA C 143 5.59 -32.95 -24.62
CA ALA C 143 5.01 -31.73 -25.13
C ALA C 143 5.38 -30.61 -24.18
N GLN C 144 5.53 -29.42 -24.74
CA GLN C 144 5.90 -28.27 -23.94
C GLN C 144 5.18 -27.01 -24.39
N ILE C 145 4.36 -26.46 -23.51
CA ILE C 145 3.65 -25.22 -23.80
C ILE C 145 4.29 -24.10 -23.01
N VAL C 146 4.83 -23.12 -23.71
CA VAL C 146 5.48 -22.01 -23.03
C VAL C 146 4.69 -20.71 -23.12
N PRO C 147 4.86 -19.86 -22.12
CA PRO C 147 4.21 -18.55 -22.08
C PRO C 147 4.99 -17.57 -22.90
N TRP C 148 4.65 -16.30 -22.76
CA TRP C 148 5.17 -15.28 -23.63
C TRP C 148 6.09 -14.32 -22.96
N ASN C 149 6.37 -14.49 -21.69
CA ASN C 149 7.26 -13.57 -21.02
C ASN C 149 8.73 -13.79 -21.32
N PHE C 150 9.10 -15.02 -21.57
CA PHE C 150 10.47 -15.36 -21.90
C PHE C 150 10.50 -16.40 -22.99
N PRO C 151 9.87 -16.09 -24.11
CA PRO C 151 9.76 -17.01 -25.20
C PRO C 151 11.08 -17.61 -25.59
N LEU C 152 12.11 -16.78 -25.64
CA LEU C 152 13.37 -17.21 -26.15
C LEU C 152 14.14 -17.98 -25.12
N MET C 153 14.10 -17.51 -23.89
CA MET C 153 14.88 -18.13 -22.85
C MET C 153 14.27 -19.40 -22.36
N PHE C 154 12.93 -19.49 -22.40
CA PHE C 154 12.20 -20.68 -21.98
C PHE C 154 12.28 -21.82 -22.95
N THR C 155 12.91 -21.61 -24.09
CA THR C 155 13.16 -22.72 -24.99
C THR C 155 14.27 -23.55 -24.40
N SER C 156 15.19 -22.87 -23.74
CA SER C 156 16.32 -23.51 -23.11
C SER C 156 15.77 -24.28 -21.95
N TRP C 157 15.06 -23.56 -21.12
CA TRP C 157 14.59 -24.10 -19.87
C TRP C 157 13.83 -25.37 -20.09
N LYS C 158 12.93 -25.35 -21.07
CA LYS C 158 12.08 -26.49 -21.31
C LYS C 158 12.81 -27.48 -22.15
N MET C 159 13.35 -27.02 -23.25
CA MET C 159 13.98 -27.95 -24.16
C MET C 159 15.34 -28.44 -23.73
N GLY C 160 16.05 -27.69 -22.90
CA GLY C 160 17.36 -28.12 -22.47
C GLY C 160 17.38 -29.53 -21.94
N PRO C 161 16.69 -29.72 -20.84
CA PRO C 161 16.62 -30.97 -20.10
C PRO C 161 15.99 -32.10 -20.92
N ALA C 162 14.85 -31.84 -21.54
CA ALA C 162 14.14 -32.88 -22.30
C ALA C 162 15.02 -33.47 -23.40
N LEU C 163 15.72 -32.64 -24.13
CA LEU C 163 16.53 -33.11 -25.21
C LEU C 163 17.76 -33.83 -24.70
N ALA C 164 18.34 -33.34 -23.63
CA ALA C 164 19.50 -33.97 -23.05
C ALA C 164 19.20 -35.41 -22.72
N ALA C 165 18.00 -35.65 -22.22
CA ALA C 165 17.57 -36.94 -21.76
C ALA C 165 17.17 -37.82 -22.90
N GLY C 166 16.94 -37.20 -24.05
CA GLY C 166 16.73 -38.00 -25.23
C GLY C 166 15.30 -38.06 -25.67
N ASN C 167 14.46 -37.21 -25.10
CA ASN C 167 13.08 -37.17 -25.53
C ASN C 167 12.96 -36.41 -26.80
N THR C 168 11.90 -36.63 -27.54
CA THR C 168 11.66 -35.78 -28.67
C THR C 168 10.61 -34.81 -28.24
N ILE C 169 10.55 -33.66 -28.88
CA ILE C 169 9.71 -32.60 -28.38
C ILE C 169 8.78 -32.01 -29.39
N VAL C 170 7.53 -31.82 -28.98
CA VAL C 170 6.62 -30.97 -29.71
C VAL C 170 6.27 -29.79 -28.82
N ILE C 171 6.76 -28.62 -29.17
CA ILE C 171 6.69 -27.46 -28.32
C ILE C 171 5.79 -26.41 -28.94
N LYS C 172 4.95 -25.83 -28.09
CA LYS C 172 3.97 -24.85 -28.45
C LYS C 172 4.19 -23.54 -27.73
N PRO C 173 4.84 -22.61 -28.39
CA PRO C 173 4.98 -21.26 -27.87
C PRO C 173 3.66 -20.52 -27.94
N SER C 174 3.55 -19.33 -27.37
CA SER C 174 2.30 -18.59 -27.48
C SER C 174 2.26 -17.83 -28.77
N GLU C 175 1.06 -17.85 -29.35
CA GLU C 175 0.71 -17.15 -30.55
C GLU C 175 1.30 -15.78 -30.46
N ILE C 176 1.54 -15.37 -29.23
CA ILE C 176 2.03 -14.05 -28.95
C ILE C 176 3.47 -13.92 -29.33
N THR C 177 4.29 -14.76 -28.73
CA THR C 177 5.72 -14.69 -28.92
C THR C 177 6.21 -15.99 -29.50
N PRO C 178 6.13 -16.13 -30.82
CA PRO C 178 6.55 -17.37 -31.46
C PRO C 178 7.90 -17.25 -32.11
N LEU C 179 8.11 -16.10 -32.72
CA LEU C 179 9.13 -15.88 -33.70
C LEU C 179 10.48 -16.36 -33.30
N SER C 180 10.84 -16.09 -32.06
CA SER C 180 12.15 -16.37 -31.56
C SER C 180 12.39 -17.83 -31.24
N THR C 181 11.33 -18.60 -31.16
CA THR C 181 11.42 -20.02 -30.87
C THR C 181 11.62 -20.72 -32.17
N LEU C 182 10.96 -20.18 -33.17
CA LEU C 182 11.05 -20.69 -34.51
C LEU C 182 12.43 -20.53 -35.06
N ARG C 183 13.07 -19.42 -34.75
CA ARG C 183 14.42 -19.24 -35.23
C ARG C 183 15.32 -20.22 -34.52
N ILE C 184 14.95 -20.60 -33.32
CA ILE C 184 15.82 -21.41 -32.55
C ILE C 184 15.83 -22.82 -33.08
N VAL C 185 14.69 -23.35 -33.47
CA VAL C 185 14.69 -24.64 -34.07
C VAL C 185 15.40 -24.67 -35.43
N GLU C 186 15.43 -23.58 -36.15
CA GLU C 186 16.23 -23.51 -37.33
C GLU C 186 17.68 -23.53 -37.00
N LEU C 187 18.05 -22.85 -35.93
CA LEU C 187 19.44 -22.93 -35.43
C LEU C 187 19.76 -24.36 -35.06
N MET C 188 18.76 -25.03 -34.51
CA MET C 188 18.87 -26.43 -34.16
C MET C 188 19.20 -27.29 -35.38
N THR C 189 18.48 -27.17 -36.46
CA THR C 189 18.84 -27.98 -37.58
C THR C 189 20.14 -27.47 -38.18
N GLU C 190 20.41 -26.19 -38.04
CA GLU C 190 21.61 -25.62 -38.61
C GLU C 190 22.78 -26.33 -38.02
N VAL C 191 22.60 -26.78 -36.80
CA VAL C 191 23.70 -27.29 -36.03
C VAL C 191 23.71 -28.80 -35.98
N GLY C 192 22.64 -29.40 -36.48
CA GLY C 192 22.63 -30.82 -36.71
C GLY C 192 21.63 -31.65 -35.97
N PHE C 193 20.68 -31.01 -35.30
CA PHE C 193 19.64 -31.77 -34.66
C PHE C 193 18.88 -32.45 -35.77
N PRO C 194 18.58 -33.72 -35.57
CA PRO C 194 17.90 -34.48 -36.59
C PRO C 194 16.49 -34.00 -36.70
N LYS C 195 15.96 -34.03 -37.92
CA LYS C 195 14.60 -33.63 -38.15
C LYS C 195 13.68 -34.39 -37.22
N GLY C 196 12.69 -33.67 -36.69
CA GLY C 196 11.64 -34.29 -35.93
C GLY C 196 11.93 -34.41 -34.47
N VAL C 197 13.16 -34.16 -34.09
CA VAL C 197 13.54 -34.26 -32.70
C VAL C 197 12.92 -33.15 -31.91
N VAL C 198 12.78 -31.99 -32.55
CA VAL C 198 12.03 -30.89 -32.01
C VAL C 198 11.12 -30.34 -33.07
N ASN C 199 9.88 -30.07 -32.73
CA ASN C 199 8.90 -29.52 -33.65
C ASN C 199 8.18 -28.38 -33.00
N VAL C 200 8.08 -27.26 -33.69
CA VAL C 200 7.50 -26.07 -33.11
C VAL C 200 6.15 -25.78 -33.71
N VAL C 201 5.17 -25.55 -32.85
CA VAL C 201 3.78 -25.61 -33.26
C VAL C 201 2.97 -24.49 -32.58
N PRO C 202 3.30 -23.26 -32.90
CA PRO C 202 2.58 -22.14 -32.31
C PRO C 202 1.12 -22.23 -32.66
N GLY C 203 0.24 -21.85 -31.75
CA GLY C 203 -1.16 -21.96 -32.01
C GLY C 203 -1.87 -21.50 -30.79
N TYR C 204 -3.19 -21.45 -30.83
CA TYR C 204 -3.91 -20.97 -29.67
C TYR C 204 -3.85 -22.02 -28.57
N GLY C 205 -4.10 -21.63 -27.34
CA GLY C 205 -4.09 -22.65 -26.31
C GLY C 205 -5.13 -23.75 -26.49
N HIS C 206 -6.30 -23.38 -26.96
CA HIS C 206 -7.39 -24.32 -27.12
C HIS C 206 -7.28 -25.20 -28.35
N THR C 207 -6.29 -24.98 -29.20
CA THR C 207 -6.15 -25.79 -30.39
C THR C 207 -4.90 -26.64 -30.29
N ALA C 208 -3.75 -25.99 -30.41
CA ALA C 208 -2.47 -26.66 -30.26
C ALA C 208 -2.26 -27.05 -28.81
N GLY C 209 -2.48 -26.15 -27.88
CA GLY C 209 -2.27 -26.53 -26.51
C GLY C 209 -3.00 -27.81 -26.19
N GLN C 210 -4.29 -27.82 -26.52
CA GLN C 210 -5.17 -28.90 -26.13
C GLN C 210 -4.80 -30.21 -26.81
N ALA C 211 -4.48 -30.14 -28.08
CA ALA C 211 -4.10 -31.34 -28.80
C ALA C 211 -2.91 -31.96 -28.14
N LEU C 212 -2.02 -31.13 -27.64
CA LEU C 212 -0.82 -31.58 -27.01
C LEU C 212 -1.10 -32.13 -25.64
N ALA C 213 -1.84 -31.42 -24.80
CA ALA C 213 -2.06 -31.95 -23.49
C ALA C 213 -2.91 -33.16 -23.50
N GLU C 214 -3.61 -33.42 -24.60
CA GLU C 214 -4.42 -34.61 -24.68
C GLU C 214 -3.98 -35.67 -25.69
N HIS C 215 -2.95 -35.41 -26.46
CA HIS C 215 -2.46 -36.38 -27.41
C HIS C 215 -2.01 -37.64 -26.73
N LEU C 216 -2.42 -38.78 -27.25
CA LEU C 216 -2.16 -40.06 -26.63
C LEU C 216 -0.72 -40.53 -26.71
N ASP C 217 0.04 -39.97 -27.63
CA ASP C 217 1.42 -40.37 -27.80
C ASP C 217 2.36 -39.44 -27.05
N VAL C 218 1.83 -38.45 -26.36
CA VAL C 218 2.68 -37.59 -25.57
C VAL C 218 2.79 -38.13 -24.16
N GLY C 219 4.02 -38.34 -23.71
CA GLY C 219 4.28 -38.96 -22.42
C GLY C 219 4.41 -38.01 -21.25
N LYS C 220 4.57 -36.75 -21.56
CA LYS C 220 4.69 -35.72 -20.57
C LYS C 220 4.16 -34.47 -21.20
N ILE C 221 3.66 -33.59 -20.36
CA ILE C 221 3.23 -32.31 -20.81
C ILE C 221 3.91 -31.35 -19.87
N ALA C 222 4.72 -30.47 -20.41
CA ALA C 222 5.32 -29.44 -19.61
C ALA C 222 4.56 -28.14 -19.88
N PHE C 223 4.16 -27.48 -18.82
CA PHE C 223 3.34 -26.30 -18.96
C PHE C 223 3.70 -25.23 -17.99
N THR C 224 3.98 -24.05 -18.50
CA THR C 224 4.13 -22.88 -17.69
C THR C 224 2.99 -21.96 -18.05
N GLY C 225 2.22 -21.53 -17.07
CA GLY C 225 1.07 -20.72 -17.38
C GLY C 225 0.13 -20.41 -16.25
N SER C 226 -1.06 -19.96 -16.60
CA SER C 226 -2.01 -19.46 -15.65
C SER C 226 -2.52 -20.62 -14.84
N THR C 227 -2.63 -20.49 -13.53
CA THR C 227 -3.26 -21.58 -12.80
C THR C 227 -4.45 -22.19 -13.52
N ALA C 228 -5.42 -21.37 -13.91
CA ALA C 228 -6.61 -21.84 -14.62
C ALA C 228 -6.36 -22.77 -15.81
N THR C 229 -5.42 -22.44 -16.68
CA THR C 229 -5.17 -23.28 -17.83
C THR C 229 -4.44 -24.52 -17.39
N GLY C 230 -3.79 -24.43 -16.25
CA GLY C 230 -3.00 -25.51 -15.69
C GLY C 230 -3.84 -26.60 -15.08
N ARG C 231 -5.00 -26.24 -14.57
CA ARG C 231 -5.95 -27.23 -14.14
C ARG C 231 -6.42 -27.88 -15.41
N ARG C 232 -6.50 -27.14 -16.49
CA ARG C 232 -7.04 -27.70 -17.72
C ARG C 232 -6.03 -28.59 -18.39
N ILE C 233 -4.75 -28.36 -18.09
CA ILE C 233 -3.68 -29.19 -18.60
C ILE C 233 -3.68 -30.44 -17.79
N VAL C 234 -4.04 -30.30 -16.54
CA VAL C 234 -4.20 -31.47 -15.69
C VAL C 234 -5.42 -32.30 -16.12
N GLU C 235 -6.54 -31.68 -16.40
CA GLU C 235 -7.67 -32.50 -16.79
C GLU C 235 -7.39 -33.15 -18.12
N ALA C 236 -6.65 -32.47 -18.98
CA ALA C 236 -6.39 -33.09 -20.28
C ALA C 236 -5.45 -34.28 -20.19
N SER C 237 -4.56 -34.30 -19.20
CA SER C 237 -3.66 -35.42 -19.01
C SER C 237 -4.38 -36.74 -18.74
N LYS C 238 -5.54 -36.67 -18.13
CA LYS C 238 -6.38 -37.84 -17.94
C LYS C 238 -6.25 -38.77 -19.12
N SER C 239 -6.14 -38.21 -20.32
CA SER C 239 -6.25 -38.99 -21.54
C SER C 239 -5.39 -40.22 -21.55
N ASN C 240 -4.10 -40.08 -21.31
CA ASN C 240 -3.24 -41.24 -21.26
C ASN C 240 -2.34 -41.21 -20.05
N LEU C 241 -2.67 -40.36 -19.10
CA LEU C 241 -1.93 -40.27 -17.87
C LEU C 241 -0.50 -39.99 -18.18
N LYS C 242 -0.28 -39.01 -19.02
CA LYS C 242 1.04 -38.52 -19.28
C LYS C 242 1.49 -37.78 -18.04
N ARG C 243 2.79 -37.70 -17.82
CA ARG C 243 3.30 -37.02 -16.66
C ARG C 243 3.19 -35.51 -16.86
N ILE C 244 3.18 -34.75 -15.78
CA ILE C 244 2.94 -33.33 -15.85
C ILE C 244 3.95 -32.53 -15.09
N GLN C 245 4.28 -31.39 -15.68
CA GLN C 245 5.07 -30.36 -15.08
C GLN C 245 4.26 -29.08 -15.19
N LEU C 246 3.86 -28.51 -14.08
CA LEU C 246 3.19 -27.22 -14.11
C LEU C 246 4.00 -26.21 -13.36
N GLU C 247 4.25 -25.06 -13.99
CA GLU C 247 4.67 -23.85 -13.29
C GLU C 247 3.58 -22.86 -13.50
N LEU C 248 2.96 -22.44 -12.41
CA LEU C 248 1.68 -21.73 -12.55
C LEU C 248 1.63 -20.36 -11.90
N GLY C 249 2.77 -19.68 -11.82
CA GLY C 249 2.75 -18.30 -11.38
C GLY C 249 3.29 -18.11 -9.98
N GLY C 250 3.59 -16.86 -9.67
CA GLY C 250 4.11 -16.51 -8.39
C GLY C 250 3.57 -15.17 -7.91
N LYS C 251 3.61 -14.94 -6.63
CA LYS C 251 3.35 -13.62 -6.10
C LYS C 251 4.50 -13.40 -5.15
N GLY C 252 5.64 -13.16 -5.74
CA GLY C 252 6.92 -13.11 -5.06
C GLY C 252 7.06 -12.13 -3.92
N ALA C 253 7.19 -12.69 -2.71
CA ALA C 253 7.48 -11.87 -1.56
C ALA C 253 8.91 -11.36 -1.67
N ASN C 254 9.06 -10.05 -1.45
CA ASN C 254 10.37 -9.43 -1.36
C ASN C 254 10.41 -8.71 -0.02
N ILE C 255 10.95 -9.35 0.99
CA ILE C 255 10.95 -8.74 2.30
C ILE C 255 12.22 -7.96 2.55
N VAL C 256 12.07 -6.78 3.12
CA VAL C 256 13.20 -5.98 3.53
C VAL C 256 13.14 -5.67 5.01
N PHE C 257 14.13 -6.15 5.74
CA PHE C 257 14.18 -5.99 7.18
C PHE C 257 14.96 -4.78 7.61
N GLU C 258 14.90 -4.53 8.91
CA GLU C 258 15.53 -3.39 9.57
C GLU C 258 17.01 -3.19 9.31
N ASP C 259 17.75 -4.27 9.16
CA ASP C 259 19.16 -4.25 9.00
C ASP C 259 19.54 -4.59 7.61
N ALA C 260 18.64 -4.49 6.66
CA ALA C 260 19.02 -4.65 5.27
C ALA C 260 19.80 -3.48 4.79
N ASN C 261 20.68 -3.74 3.86
CA ASN C 261 21.36 -2.71 3.13
C ASN C 261 20.40 -2.18 2.12
N ILE C 262 19.93 -0.99 2.36
CA ILE C 262 18.76 -0.50 1.71
C ILE C 262 19.05 0.01 0.34
N GLU C 263 20.30 0.37 0.06
CA GLU C 263 20.69 0.70 -1.30
C GLU C 263 20.64 -0.55 -2.15
N ALA C 264 21.13 -1.63 -1.60
CA ALA C 264 21.18 -2.90 -2.31
C ALA C 264 19.76 -3.44 -2.48
N ALA C 265 18.98 -3.34 -1.41
CA ALA C 265 17.62 -3.85 -1.42
C ALA C 265 16.78 -3.11 -2.45
N VAL C 266 16.99 -1.81 -2.53
CA VAL C 266 16.29 -0.96 -3.48
C VAL C 266 16.57 -1.38 -4.90
N ASN C 267 17.84 -1.53 -5.23
CA ASN C 267 18.28 -1.99 -6.53
C ASN C 267 17.73 -3.37 -6.85
N GLY C 268 17.80 -4.27 -5.88
CA GLY C 268 17.28 -5.62 -6.05
C GLY C 268 15.78 -5.61 -6.29
N ALA C 269 15.06 -4.87 -5.46
CA ALA C 269 13.61 -4.78 -5.58
C ALA C 269 13.22 -4.19 -6.93
N ALA C 270 13.96 -3.17 -7.37
CA ALA C 270 13.66 -2.59 -8.66
C ALA C 270 13.86 -3.61 -9.77
N TRP C 271 14.99 -4.29 -9.73
CA TRP C 271 15.30 -5.27 -10.71
C TRP C 271 14.29 -6.38 -10.59
N ALA C 272 13.90 -6.69 -9.38
CA ALA C 272 13.07 -7.86 -9.12
C ALA C 272 11.67 -7.71 -9.62
N ILE C 273 11.22 -6.48 -9.81
CA ILE C 273 9.85 -6.28 -10.22
C ILE C 273 9.70 -5.56 -11.51
N PHE C 274 10.71 -4.79 -11.88
CA PHE C 274 10.65 -3.99 -13.09
C PHE C 274 11.43 -4.57 -14.25
N HIS C 275 12.38 -5.43 -13.96
CA HIS C 275 13.03 -6.13 -15.05
C HIS C 275 11.94 -6.89 -15.76
N ASN C 276 12.05 -6.98 -17.08
CA ASN C 276 11.06 -7.67 -17.91
C ASN C 276 9.66 -7.19 -17.68
N GLN C 277 9.53 -5.92 -17.37
CA GLN C 277 8.23 -5.28 -17.26
C GLN C 277 7.37 -5.98 -16.26
N GLY C 278 8.01 -6.72 -15.38
CA GLY C 278 7.32 -7.41 -14.31
C GLY C 278 6.68 -8.69 -14.77
N GLN C 279 6.91 -9.03 -16.02
CA GLN C 279 6.36 -10.23 -16.58
C GLN C 279 7.28 -11.38 -16.31
N ALA C 280 7.31 -11.80 -15.07
CA ALA C 280 8.13 -12.89 -14.57
C ALA C 280 7.43 -13.41 -13.34
N CYS C 281 7.23 -14.72 -13.31
CA CYS C 281 6.50 -15.33 -12.21
C CYS C 281 7.26 -15.22 -10.89
N ILE C 282 8.58 -15.06 -10.99
CA ILE C 282 9.39 -14.93 -9.81
C ILE C 282 9.64 -13.47 -9.48
N ALA C 283 8.96 -12.56 -10.16
CA ALA C 283 9.10 -11.13 -9.88
C ALA C 283 8.80 -10.77 -8.46
N GLY C 284 9.55 -9.86 -7.88
CA GLY C 284 9.30 -9.41 -6.53
C GLY C 284 8.21 -8.37 -6.55
N SER C 285 6.98 -8.85 -6.61
CA SER C 285 5.79 -8.04 -6.82
C SER C 285 5.12 -7.68 -5.52
N ARG C 286 5.67 -8.15 -4.42
CA ARG C 286 5.15 -7.78 -3.13
C ARG C 286 6.21 -7.27 -2.21
N LEU C 287 6.52 -5.99 -2.28
CA LEU C 287 7.48 -5.42 -1.36
C LEU C 287 6.92 -5.46 0.02
N ILE C 288 7.73 -5.88 0.97
CA ILE C 288 7.28 -6.06 2.32
C ILE C 288 8.37 -5.46 3.18
N LEU C 289 8.16 -4.22 3.61
CA LEU C 289 9.20 -3.45 4.25
C LEU C 289 8.97 -3.23 5.71
N HIS C 290 10.03 -3.44 6.47
CA HIS C 290 9.98 -3.25 7.89
C HIS C 290 9.71 -1.82 8.23
N LYS C 291 8.73 -1.57 9.07
CA LYS C 291 8.27 -0.23 9.32
C LYS C 291 9.39 0.78 9.62
N ASP C 292 10.51 0.32 10.14
CA ASP C 292 11.58 1.23 10.52
C ASP C 292 12.55 1.54 9.41
N ILE C 293 12.28 1.10 8.20
CA ILE C 293 13.13 1.48 7.07
C ILE C 293 12.28 1.73 5.86
N ALA C 294 10.99 1.54 6.01
CA ALA C 294 10.07 1.68 4.91
C ALA C 294 10.22 3.00 4.22
N ASP C 295 10.21 4.08 4.99
CA ASP C 295 10.23 5.41 4.40
C ASP C 295 11.55 5.68 3.71
N GLN C 296 12.64 5.25 4.30
CA GLN C 296 13.94 5.41 3.67
C GLN C 296 14.06 4.56 2.42
N PHE C 297 13.50 3.37 2.47
CA PHE C 297 13.59 2.49 1.34
C PHE C 297 12.75 3.10 0.26
N LEU C 298 11.55 3.50 0.63
CA LEU C 298 10.61 4.02 -0.35
C LEU C 298 11.05 5.34 -0.93
N GLU C 299 11.93 6.04 -0.26
CA GLU C 299 12.39 7.30 -0.80
C GLU C 299 13.22 7.07 -2.03
N ARG C 300 14.08 6.06 -1.97
CA ARG C 300 14.99 5.76 -3.04
C ARG C 300 14.33 4.91 -4.08
N PHE C 301 13.41 4.06 -3.66
CA PHE C 301 12.78 3.15 -4.58
C PHE C 301 11.84 3.86 -5.52
N ILE C 302 11.00 4.71 -4.96
CA ILE C 302 10.04 5.40 -5.81
C ILE C 302 10.79 6.32 -6.74
N ALA C 303 11.79 6.98 -6.22
CA ALA C 303 12.70 7.74 -7.03
C ALA C 303 13.12 6.87 -8.19
N LEU C 304 13.77 5.76 -7.87
CA LEU C 304 14.24 4.80 -8.85
C LEU C 304 13.19 4.45 -9.88
N ALA C 305 11.99 4.18 -9.42
CA ALA C 305 10.91 3.74 -10.28
C ALA C 305 10.56 4.81 -11.31
N LYS C 306 10.51 6.03 -10.78
CA LYS C 306 10.05 7.20 -11.48
C LYS C 306 11.05 7.63 -12.52
N SER C 307 12.24 7.08 -12.40
CA SER C 307 13.37 7.47 -13.23
C SER C 307 13.65 6.43 -14.29
N ILE C 308 12.86 5.37 -14.30
CA ILE C 308 13.09 4.31 -15.23
C ILE C 308 12.67 4.81 -16.58
N ARG C 309 13.47 4.47 -17.57
CA ARG C 309 13.28 4.92 -18.92
C ARG C 309 12.48 3.91 -19.68
N LEU C 310 11.18 4.11 -19.69
CA LEU C 310 10.20 3.35 -20.41
C LEU C 310 10.24 3.79 -21.83
N GLY C 311 10.24 2.89 -22.77
CA GLY C 311 10.27 3.25 -24.18
C GLY C 311 10.57 2.18 -25.20
N ASP C 312 10.91 2.60 -26.42
CA ASP C 312 11.18 1.71 -27.53
C ASP C 312 12.14 0.59 -27.16
N PRO C 313 11.66 -0.63 -27.25
CA PRO C 313 12.45 -1.76 -26.86
C PRO C 313 13.72 -1.90 -27.63
N MET C 314 13.79 -1.22 -28.76
CA MET C 314 14.90 -1.34 -29.67
C MET C 314 15.95 -0.31 -29.33
N ASP C 315 15.69 0.51 -28.34
CA ASP C 315 16.70 1.47 -27.94
C ASP C 315 17.58 0.86 -26.88
N PRO C 316 18.89 0.88 -27.09
CA PRO C 316 19.80 0.32 -26.11
C PRO C 316 19.82 1.16 -24.87
N GLU C 317 18.91 2.14 -24.85
CA GLU C 317 18.77 3.09 -23.75
C GLU C 317 17.51 2.80 -22.96
N THR C 318 16.67 1.90 -23.45
CA THR C 318 15.40 1.71 -22.84
C THR C 318 15.66 0.81 -21.69
N GLU C 319 15.12 1.16 -20.54
CA GLU C 319 15.34 0.33 -19.39
C GLU C 319 14.14 -0.54 -19.16
N MET C 320 12.98 -0.02 -19.56
CA MET C 320 11.73 -0.77 -19.51
C MET C 320 11.09 -0.69 -20.85
N GLY C 321 10.06 -1.47 -21.07
CA GLY C 321 9.43 -1.52 -22.37
C GLY C 321 7.97 -1.75 -22.19
N PRO C 322 7.30 -2.15 -23.25
CA PRO C 322 5.86 -2.31 -23.05
C PRO C 322 5.58 -3.71 -22.52
N LEU C 323 4.37 -3.92 -22.02
CA LEU C 323 3.91 -5.26 -21.73
C LEU C 323 3.79 -5.88 -23.09
N THR C 324 3.56 -7.19 -23.14
CA THR C 324 3.73 -7.90 -24.38
C THR C 324 2.46 -8.00 -25.16
N SER C 325 1.35 -7.97 -24.48
CA SER C 325 0.09 -7.99 -25.19
C SER C 325 -0.74 -6.84 -24.69
N ALA C 326 -1.65 -6.38 -25.53
CA ALA C 326 -2.51 -5.28 -25.18
C ALA C 326 -3.46 -5.78 -24.13
N LEU C 327 -3.85 -7.03 -24.20
CA LEU C 327 -4.74 -7.56 -23.20
C LEU C 327 -4.15 -7.45 -21.82
N ARG C 328 -2.89 -7.83 -21.69
CA ARG C 328 -2.21 -7.81 -20.40
C ARG C 328 -2.10 -6.42 -19.89
N ARG C 329 -1.93 -5.45 -20.77
CA ARG C 329 -1.92 -4.08 -20.29
C ARG C 329 -3.22 -3.78 -19.58
N ASP C 330 -4.31 -3.82 -20.33
CA ASP C 330 -5.62 -3.67 -19.74
C ASP C 330 -5.65 -4.35 -18.41
N ARG C 331 -5.42 -5.65 -18.41
CA ARG C 331 -5.39 -6.42 -17.21
C ARG C 331 -4.54 -5.77 -16.14
N VAL C 332 -3.41 -5.18 -16.53
CA VAL C 332 -2.54 -4.58 -15.55
C VAL C 332 -3.05 -3.24 -15.13
N LEU C 333 -3.95 -2.69 -15.90
CA LEU C 333 -4.52 -1.40 -15.55
C LEU C 333 -5.79 -1.65 -14.80
N SER C 334 -6.49 -2.70 -15.11
CA SER C 334 -7.61 -3.02 -14.27
C SER C 334 -7.11 -3.29 -12.89
N TYR C 335 -6.12 -4.15 -12.74
CA TYR C 335 -5.56 -4.42 -11.42
C TYR C 335 -5.20 -3.13 -10.68
N ILE C 336 -4.57 -2.19 -11.40
CA ILE C 336 -4.26 -0.90 -10.84
C ILE C 336 -5.52 -0.21 -10.32
N ASP C 337 -6.52 -0.19 -11.17
CA ASP C 337 -7.79 0.38 -10.80
C ASP C 337 -8.33 -0.34 -9.60
N ILE C 338 -8.12 -1.63 -9.49
CA ILE C 338 -8.70 -2.36 -8.39
C ILE C 338 -7.86 -2.23 -7.15
N ALA C 339 -6.58 -1.94 -7.31
CA ALA C 339 -5.74 -1.67 -6.15
C ALA C 339 -6.07 -0.32 -5.58
N ILE C 340 -6.73 0.48 -6.38
CA ILE C 340 -7.01 1.85 -6.01
C ILE C 340 -8.31 1.91 -5.26
N GLU C 341 -9.34 1.28 -5.81
CA GLU C 341 -10.62 1.20 -5.14
C GLU C 341 -10.52 0.39 -3.86
N GLN C 342 -9.48 -0.42 -3.73
CA GLN C 342 -9.30 -1.21 -2.52
C GLN C 342 -8.58 -0.40 -1.47
N GLY C 343 -8.50 0.89 -1.71
CA GLY C 343 -7.81 1.78 -0.78
C GLY C 343 -6.32 1.90 -1.04
N GLY C 344 -5.83 1.20 -2.06
CA GLY C 344 -4.44 1.31 -2.44
C GLY C 344 -4.04 2.74 -2.74
N LYS C 345 -2.78 3.06 -2.50
CA LYS C 345 -2.29 4.41 -2.63
C LYS C 345 -1.07 4.50 -3.55
N VAL C 346 -1.27 4.71 -4.85
CA VAL C 346 -0.18 4.82 -5.81
C VAL C 346 0.97 5.76 -5.44
N LEU C 347 2.18 5.21 -5.37
CA LEU C 347 3.37 5.98 -5.08
C LEU C 347 4.16 6.32 -6.34
N ALA C 348 4.02 5.52 -7.37
CA ALA C 348 4.61 5.82 -8.65
C ALA C 348 3.63 5.35 -9.70
N GLY C 349 3.92 5.56 -10.97
CA GLY C 349 3.10 4.97 -12.01
C GLY C 349 1.62 5.08 -11.76
N GLY C 350 0.88 4.03 -12.06
CA GLY C 350 -0.53 4.08 -11.79
C GLY C 350 -1.25 3.96 -13.08
N LYS C 351 -0.57 4.31 -14.14
CA LYS C 351 -1.19 4.23 -15.43
C LYS C 351 -0.18 4.30 -16.52
N ALA C 352 -0.70 4.18 -17.73
CA ALA C 352 0.05 4.10 -18.94
C ALA C 352 0.67 5.41 -19.10
N PRO C 353 1.89 5.38 -19.62
CA PRO C 353 2.73 6.55 -19.69
C PRO C 353 2.01 7.61 -20.48
N ASP C 354 2.67 8.69 -20.83
CA ASP C 354 2.02 9.82 -21.46
C ASP C 354 2.68 10.15 -22.80
N ASP C 355 3.94 9.80 -22.94
CA ASP C 355 4.61 10.09 -24.19
C ASP C 355 3.84 9.70 -25.44
N LYS C 356 3.97 10.48 -26.50
CA LYS C 356 3.18 10.27 -27.71
C LYS C 356 3.82 9.17 -28.53
N ALA C 357 5.07 8.87 -28.24
CA ALA C 357 5.77 7.85 -28.96
C ALA C 357 5.34 6.51 -28.43
N LEU C 358 4.51 6.50 -27.39
CA LEU C 358 4.31 5.27 -26.66
C LEU C 358 2.84 4.91 -26.62
N ALA C 359 2.06 5.73 -27.30
CA ALA C 359 0.62 5.73 -27.21
C ALA C 359 -0.02 4.61 -28.00
N ASN C 360 0.73 4.00 -28.87
CA ASN C 360 0.20 2.88 -29.62
C ASN C 360 0.65 1.59 -28.99
N GLY C 361 1.75 1.66 -28.26
CA GLY C 361 2.35 0.52 -27.63
C GLY C 361 1.63 0.14 -26.36
N PHE C 362 1.94 -1.04 -25.85
CA PHE C 362 1.27 -1.54 -24.67
C PHE C 362 2.06 -1.23 -23.44
N TYR C 363 2.34 0.04 -23.23
CA TYR C 363 3.19 0.47 -22.12
C TYR C 363 2.39 0.69 -20.83
N VAL C 364 3.02 0.43 -19.70
CA VAL C 364 2.45 0.77 -18.41
C VAL C 364 3.58 1.28 -17.56
N GLU C 365 3.35 2.32 -16.79
CA GLU C 365 4.42 2.87 -15.98
C GLU C 365 4.71 2.02 -14.78
N PRO C 366 5.98 2.01 -14.40
CA PRO C 366 6.45 1.29 -13.23
C PRO C 366 5.70 1.72 -12.00
N THR C 367 4.61 1.02 -11.71
CA THR C 367 3.72 1.38 -10.64
C THR C 367 4.17 0.85 -9.29
N VAL C 368 3.76 1.52 -8.22
CA VAL C 368 4.13 1.12 -6.88
C VAL C 368 2.97 1.48 -5.96
N VAL C 369 2.32 0.48 -5.38
CA VAL C 369 1.07 0.72 -4.67
C VAL C 369 1.15 0.32 -3.21
N GLU C 370 0.94 1.27 -2.31
CA GLU C 370 0.95 0.92 -0.91
C GLU C 370 -0.39 0.31 -0.64
N ALA C 371 -0.42 -0.72 0.19
CA ALA C 371 -1.64 -1.46 0.41
C ALA C 371 -1.58 -2.29 1.66
N LYS C 372 -2.53 -3.20 1.78
CA LYS C 372 -2.59 -4.10 2.90
C LYS C 372 -2.61 -5.52 2.35
N PRO C 373 -1.87 -6.39 3.01
CA PRO C 373 -1.57 -7.74 2.55
C PRO C 373 -2.82 -8.41 2.08
N GLN C 374 -3.94 -7.82 2.46
CA GLN C 374 -5.23 -8.38 2.25
C GLN C 374 -5.68 -8.09 0.84
N ASP C 375 -5.41 -6.88 0.39
CA ASP C 375 -5.86 -6.47 -0.92
C ASP C 375 -5.64 -7.56 -1.91
N ARG C 376 -6.49 -7.52 -2.94
CA ARG C 376 -6.53 -8.43 -4.08
C ARG C 376 -5.18 -8.46 -4.71
N VAL C 377 -4.80 -7.28 -5.15
CA VAL C 377 -3.63 -7.09 -5.93
C VAL C 377 -2.40 -7.60 -5.21
N CYS C 378 -2.59 -7.98 -3.95
CA CYS C 378 -1.50 -8.40 -3.11
C CYS C 378 -1.60 -9.89 -2.98
N GLN C 379 -2.53 -10.45 -3.72
CA GLN C 379 -2.90 -11.83 -3.51
C GLN C 379 -2.87 -12.57 -4.82
N GLU C 380 -3.14 -11.80 -5.87
CA GLU C 380 -3.11 -12.28 -7.24
C GLU C 380 -1.98 -11.66 -8.05
N GLU C 381 -1.44 -12.48 -8.94
CA GLU C 381 -0.37 -12.10 -9.82
C GLU C 381 -0.85 -11.12 -10.87
N VAL C 382 -0.43 -9.89 -10.69
CA VAL C 382 -0.55 -8.87 -11.70
C VAL C 382 0.70 -9.16 -12.46
N PHE C 383 0.61 -9.36 -13.76
CA PHE C 383 1.82 -9.71 -14.49
C PHE C 383 2.49 -8.47 -15.05
N GLY C 384 2.66 -7.45 -14.25
CA GLY C 384 3.23 -6.23 -14.78
C GLY C 384 4.16 -5.55 -13.82
N PRO C 385 4.85 -4.51 -14.30
CA PRO C 385 5.74 -3.74 -13.46
C PRO C 385 4.94 -3.10 -12.39
N PHE C 386 4.43 -3.90 -11.47
CA PHE C 386 3.54 -3.42 -10.44
C PHE C 386 3.84 -4.11 -9.13
N VAL C 387 4.40 -3.36 -8.19
CA VAL C 387 4.72 -3.88 -6.88
C VAL C 387 3.79 -3.32 -5.83
N THR C 388 3.51 -4.11 -4.82
CA THR C 388 2.76 -3.62 -3.70
C THR C 388 3.65 -3.52 -2.47
N VAL C 389 3.57 -2.39 -1.79
CA VAL C 389 4.27 -2.20 -0.52
C VAL C 389 3.37 -2.36 0.68
N VAL C 390 3.76 -3.23 1.57
CA VAL C 390 3.11 -3.51 2.83
C VAL C 390 4.19 -3.42 3.87
N ARG C 391 3.84 -3.08 5.09
CA ARG C 391 4.87 -2.88 6.09
C ARG C 391 4.67 -3.75 7.31
N PHE C 392 5.78 -4.12 7.95
CA PHE C 392 5.75 -5.03 9.08
C PHE C 392 6.56 -4.57 10.28
N SER C 393 6.47 -5.36 11.34
CA SER C 393 7.08 -5.05 12.62
C SER C 393 7.82 -6.26 13.21
N SER C 394 7.47 -7.47 12.83
CA SER C 394 8.20 -8.59 13.37
C SER C 394 8.49 -9.63 12.33
N ASP C 395 9.64 -10.25 12.44
CA ASP C 395 9.99 -11.33 11.57
C ASP C 395 8.75 -12.11 11.27
N GLU C 396 7.94 -12.28 12.29
CA GLU C 396 6.76 -13.11 12.22
C GLU C 396 5.65 -12.51 11.37
N GLU C 397 5.45 -11.22 11.49
CA GLU C 397 4.51 -10.55 10.62
C GLU C 397 4.93 -10.73 9.14
N ALA C 398 6.22 -10.63 8.88
CA ALA C 398 6.78 -10.77 7.54
C ALA C 398 6.57 -12.17 6.98
N LEU C 399 6.90 -13.18 7.78
CA LEU C 399 6.69 -14.56 7.36
C LEU C 399 5.22 -14.76 7.02
N ALA C 400 4.37 -14.25 7.88
CA ALA C 400 2.94 -14.32 7.72
C ALA C 400 2.50 -13.75 6.41
N ILE C 401 3.08 -12.63 6.04
CA ILE C 401 2.64 -11.94 4.86
C ILE C 401 3.16 -12.71 3.67
N ALA C 402 4.42 -13.07 3.73
CA ALA C 402 5.08 -13.81 2.67
C ALA C 402 4.30 -15.06 2.31
N ASN C 403 3.74 -15.70 3.33
CA ASN C 403 3.09 -16.99 3.22
C ASN C 403 1.59 -16.91 3.05
N ASN C 404 1.08 -15.71 3.27
CA ASN C 404 -0.28 -15.34 2.97
C ASN C 404 -0.51 -15.26 1.48
N THR C 405 -0.41 -16.38 0.79
CA THR C 405 -0.78 -16.42 -0.60
C THR C 405 -0.98 -17.84 -1.01
N GLU C 406 -1.58 -18.03 -2.17
CA GLU C 406 -1.80 -19.34 -2.72
C GLU C 406 -0.61 -19.75 -3.55
N TYR C 407 0.30 -18.82 -3.76
CA TYR C 407 1.46 -19.05 -4.60
C TYR C 407 2.66 -19.52 -3.80
N GLY C 408 3.64 -20.08 -4.50
CA GLY C 408 4.78 -20.61 -3.78
C GLY C 408 6.08 -20.60 -4.54
N LEU C 409 6.14 -19.85 -5.62
CA LEU C 409 7.17 -20.00 -6.62
C LEU C 409 8.49 -19.40 -6.17
N GLY C 410 8.50 -18.10 -5.97
CA GLY C 410 9.72 -17.42 -5.60
C GLY C 410 9.56 -16.55 -4.39
N SER C 411 10.67 -16.21 -3.77
CA SER C 411 10.65 -15.41 -2.59
C SER C 411 11.99 -14.76 -2.45
N GLY C 412 12.08 -13.81 -1.55
CA GLY C 412 13.37 -13.21 -1.28
C GLY C 412 13.28 -12.30 -0.08
N LEU C 413 14.42 -12.11 0.56
CA LEU C 413 14.47 -11.30 1.75
C LEU C 413 15.82 -10.67 1.85
N TRP C 414 15.92 -9.61 2.65
CA TRP C 414 17.15 -8.85 2.80
C TRP C 414 17.50 -8.55 4.24
N THR C 415 18.53 -9.17 4.77
CA THR C 415 19.03 -8.87 6.10
C THR C 415 20.50 -9.08 6.16
N GLN C 416 21.02 -8.98 7.35
CA GLN C 416 22.40 -9.25 7.61
C GLN C 416 22.46 -10.20 8.76
N ASN C 417 21.30 -10.50 9.31
CA ASN C 417 21.24 -11.44 10.41
C ASN C 417 21.35 -12.87 9.89
N LEU C 418 22.34 -13.61 10.38
CA LEU C 418 22.55 -14.95 9.88
C LEU C 418 21.30 -15.74 10.13
N ALA C 419 20.92 -15.80 11.38
CA ALA C 419 19.81 -16.57 11.75
C ALA C 419 18.68 -16.22 10.82
N ARG C 420 18.11 -15.04 11.02
CA ARG C 420 16.91 -14.58 10.33
C ARG C 420 16.87 -14.96 8.87
N ALA C 421 17.96 -14.75 8.18
CA ALA C 421 18.09 -15.17 6.78
C ALA C 421 17.65 -16.62 6.58
N HIS C 422 18.23 -17.55 7.32
CA HIS C 422 17.93 -18.96 7.12
C HIS C 422 16.59 -19.35 7.71
N LYS C 423 16.28 -18.82 8.88
CA LYS C 423 15.02 -19.09 9.56
C LYS C 423 13.82 -18.73 8.70
N MET C 424 13.97 -17.69 7.90
CA MET C 424 12.91 -17.29 7.01
C MET C 424 12.92 -18.08 5.71
N ALA C 425 14.07 -18.19 5.07
CA ALA C 425 14.17 -19.00 3.86
C ALA C 425 13.61 -20.42 4.07
N ASN C 426 13.83 -20.96 5.24
CA ASN C 426 13.39 -22.29 5.59
C ASN C 426 11.89 -22.33 5.78
N ALA C 427 11.36 -21.21 6.22
CA ALA C 427 9.97 -21.12 6.64
C ALA C 427 9.03 -20.60 5.56
N ILE C 428 9.59 -20.01 4.51
CA ILE C 428 8.75 -19.54 3.40
C ILE C 428 8.35 -20.69 2.48
N HIS C 429 7.08 -20.78 2.15
CA HIS C 429 6.66 -21.78 1.20
C HIS C 429 6.78 -21.31 -0.23
N ALA C 430 7.97 -21.47 -0.79
CA ALA C 430 8.23 -21.17 -2.17
C ALA C 430 9.21 -22.21 -2.57
N GLY C 431 9.40 -22.40 -3.86
CA GLY C 431 10.35 -23.38 -4.33
C GLY C 431 11.73 -22.79 -4.31
N MET C 432 11.80 -21.48 -4.39
CA MET C 432 13.07 -20.81 -4.27
C MET C 432 13.01 -19.63 -3.34
N CYS C 433 14.14 -19.27 -2.75
CA CYS C 433 14.23 -18.11 -1.89
C CYS C 433 15.60 -17.46 -1.96
N TRP C 434 15.65 -16.26 -2.51
CA TRP C 434 16.88 -15.54 -2.63
C TRP C 434 17.06 -14.61 -1.45
N ILE C 435 18.28 -14.51 -0.97
CA ILE C 435 18.58 -13.61 0.12
C ILE C 435 19.63 -12.58 -0.26
N ASN C 436 19.32 -11.31 -0.02
CA ASN C 436 20.18 -10.21 -0.43
C ASN C 436 20.48 -10.24 -1.92
N CYS C 437 19.51 -10.74 -2.66
CA CYS C 437 19.57 -10.81 -4.11
C CYS C 437 18.18 -11.24 -4.48
N TYR C 438 17.88 -11.27 -5.77
CA TYR C 438 16.54 -11.69 -6.18
C TYR C 438 16.54 -12.13 -7.63
N LYS C 439 15.63 -13.00 -8.01
CA LYS C 439 15.51 -13.46 -9.38
C LYS C 439 16.82 -13.97 -9.91
N ARG C 440 17.53 -14.68 -9.07
CA ARG C 440 18.80 -15.29 -9.40
C ARG C 440 18.58 -16.68 -9.88
N VAL C 441 18.91 -16.95 -11.12
CA VAL C 441 18.64 -18.26 -11.66
C VAL C 441 19.88 -18.82 -12.32
N SER C 442 20.06 -20.12 -12.15
CA SER C 442 21.16 -20.85 -12.75
C SER C 442 20.61 -22.11 -13.36
N PRO C 443 21.25 -22.60 -14.40
CA PRO C 443 20.79 -23.79 -15.12
C PRO C 443 20.85 -25.05 -14.29
N GLY C 444 21.66 -25.03 -13.25
CA GLY C 444 21.78 -26.19 -12.40
C GLY C 444 20.92 -26.05 -11.17
N SER C 445 20.41 -24.87 -10.91
CA SER C 445 19.56 -24.64 -9.73
C SER C 445 18.09 -24.92 -9.96
N PRO C 446 17.55 -25.95 -9.34
CA PRO C 446 16.16 -26.32 -9.53
C PRO C 446 15.20 -25.17 -9.38
N PHE C 447 14.51 -24.86 -10.47
CA PHE C 447 13.55 -23.79 -10.51
C PHE C 447 12.15 -24.35 -10.65
N GLY C 448 11.29 -24.05 -9.72
CA GLY C 448 9.93 -24.48 -9.84
C GLY C 448 9.14 -24.09 -8.64
N GLY C 449 7.87 -24.44 -8.65
CA GLY C 449 6.97 -24.02 -7.60
C GLY C 449 6.64 -25.08 -6.58
N VAL C 450 5.80 -24.65 -5.65
CA VAL C 450 5.36 -25.44 -4.52
C VAL C 450 3.88 -25.13 -4.45
N GLY C 451 3.09 -25.95 -3.77
CA GLY C 451 1.67 -25.70 -3.70
C GLY C 451 0.95 -25.50 -5.02
N GLN C 452 0.31 -24.36 -5.18
CA GLN C 452 -0.48 -24.04 -6.36
C GLN C 452 0.30 -23.32 -7.43
N SER C 453 1.57 -23.11 -7.18
CA SER C 453 2.39 -22.51 -8.19
C SER C 453 2.95 -23.62 -9.05
N GLY C 454 2.68 -24.86 -8.63
CA GLY C 454 2.94 -26.03 -9.45
C GLY C 454 3.74 -27.15 -8.83
N TYR C 455 4.21 -28.06 -9.68
CA TYR C 455 5.18 -29.07 -9.29
C TYR C 455 6.12 -29.30 -10.44
N GLY C 456 7.27 -29.88 -10.16
CA GLY C 456 8.25 -30.12 -11.19
C GLY C 456 9.31 -29.07 -11.16
N ARG C 457 10.47 -29.37 -11.69
CA ARG C 457 11.55 -28.43 -11.63
C ARG C 457 12.20 -28.29 -12.96
N GLU C 458 12.62 -27.09 -13.28
CA GLU C 458 13.43 -26.92 -14.43
C GLU C 458 14.78 -26.69 -13.85
N MET C 459 15.79 -26.89 -14.66
CA MET C 459 17.17 -26.73 -14.22
C MET C 459 17.71 -27.93 -13.44
N GLY C 460 19.01 -28.07 -13.45
CA GLY C 460 19.63 -29.10 -12.66
C GLY C 460 19.17 -30.50 -12.95
N PHE C 461 19.79 -31.45 -12.27
CA PHE C 461 19.46 -32.85 -12.42
C PHE C 461 18.00 -33.02 -12.16
N GLU C 462 17.43 -32.19 -11.32
CA GLU C 462 15.99 -32.29 -11.11
C GLU C 462 15.21 -32.25 -12.41
N ALA C 463 15.52 -31.26 -13.26
CA ALA C 463 14.84 -31.16 -14.55
C ALA C 463 15.01 -32.47 -15.30
N ILE C 464 16.22 -33.01 -15.29
CA ILE C 464 16.48 -34.27 -15.96
C ILE C 464 15.71 -35.42 -15.32
N HIS C 465 15.58 -35.42 -14.01
CA HIS C 465 14.74 -36.41 -13.36
C HIS C 465 13.32 -36.34 -13.90
N ASP C 466 12.83 -35.14 -14.13
CA ASP C 466 11.46 -34.91 -14.59
C ASP C 466 11.22 -35.37 -16.02
N TYR C 467 12.30 -35.59 -16.74
CA TYR C 467 12.21 -35.99 -18.11
C TYR C 467 12.73 -37.33 -18.38
N THR C 468 12.86 -38.15 -17.37
CA THR C 468 13.29 -39.51 -17.57
C THR C 468 12.37 -40.45 -16.83
N GLU C 469 12.59 -41.75 -16.94
CA GLU C 469 11.80 -42.69 -16.19
C GLU C 469 12.74 -43.70 -15.63
N ALA C 470 12.39 -44.30 -14.51
CA ALA C 470 13.23 -45.33 -13.95
C ALA C 470 12.85 -46.66 -14.56
N ARG C 471 13.82 -47.33 -15.17
CA ARG C 471 13.55 -48.61 -15.78
C ARG C 471 14.45 -49.66 -15.17
N SER C 472 13.97 -50.29 -14.10
CA SER C 472 14.73 -51.26 -13.34
C SER C 472 14.80 -52.59 -13.99
N VAL C 473 16.00 -53.11 -14.19
CA VAL C 473 16.10 -54.45 -14.72
C VAL C 473 16.70 -55.39 -13.70
N TRP C 474 16.09 -56.56 -13.51
CA TRP C 474 16.63 -57.59 -12.61
C TRP C 474 17.30 -58.72 -13.37
N VAL C 475 18.49 -59.12 -12.96
CA VAL C 475 19.09 -60.29 -13.57
C VAL C 475 19.29 -61.33 -12.51
N ASN C 476 18.79 -62.52 -12.74
CA ASN C 476 18.99 -63.59 -11.80
C ASN C 476 20.26 -64.28 -12.14
N VAL C 477 21.36 -63.88 -11.52
CA VAL C 477 22.62 -64.53 -11.75
C VAL C 477 23.05 -65.85 -11.09
N ASP C 478 23.39 -65.84 -9.81
CA ASP C 478 23.49 -67.05 -9.02
C ASP C 478 22.50 -67.12 -7.85
N ALA C 479 21.21 -66.97 -8.14
CA ALA C 479 20.21 -66.92 -7.08
C ALA C 479 19.55 -68.26 -6.79
N LYS C 480 19.47 -68.59 -5.50
CA LYS C 480 18.82 -69.81 -5.05
C LYS C 480 17.34 -69.57 -4.95
N ILE C 481 16.55 -70.14 -5.83
CA ILE C 481 15.14 -69.85 -5.73
C ILE C 481 14.27 -71.07 -5.56
N ALA C 482 13.95 -71.36 -4.32
CA ALA C 482 12.98 -72.40 -4.07
C ALA C 482 11.70 -72.02 -4.77
N PRO C 483 11.16 -72.94 -5.53
CA PRO C 483 9.83 -72.79 -6.10
C PRO C 483 8.84 -72.39 -5.05
N HIS C 484 7.89 -71.55 -5.41
CA HIS C 484 6.93 -71.03 -4.47
C HIS C 484 6.03 -72.14 -3.99
N PHE C 485 5.67 -72.94 -4.96
CA PHE C 485 4.97 -74.19 -4.88
C PHE C 485 5.99 -75.29 -4.91
N LYS C 486 6.48 -75.68 -3.74
CA LYS C 486 7.42 -76.78 -3.67
C LYS C 486 6.90 -77.89 -4.56
N ARG C 487 7.75 -78.33 -5.50
CA ARG C 487 7.37 -79.34 -6.48
C ARG C 487 5.86 -79.55 -6.52
N MET D 1 2.15 63.41 -21.52
CA MET D 1 2.28 62.20 -20.75
C MET D 1 2.75 62.44 -19.36
N GLN D 2 2.01 61.88 -18.44
CA GLN D 2 2.15 62.15 -17.05
C GLN D 2 3.09 61.18 -16.42
N ASN D 3 3.99 61.66 -15.60
CA ASN D 3 5.07 60.86 -15.12
C ASN D 3 5.45 61.11 -13.70
N GLN D 4 4.53 61.68 -12.95
CA GLN D 4 4.85 61.95 -11.58
C GLN D 4 3.98 61.15 -10.66
N LEU D 5 4.20 61.35 -9.38
CA LEU D 5 3.27 60.84 -8.40
C LEU D 5 2.04 61.69 -8.49
N TYR D 6 0.91 61.15 -8.09
CA TYR D 6 -0.31 61.94 -8.00
C TYR D 6 -0.80 61.85 -6.58
N ILE D 7 -0.66 62.92 -5.84
CA ILE D 7 -1.06 62.90 -4.46
C ILE D 7 -1.94 64.08 -4.26
N ASP D 8 -2.98 63.94 -3.46
CA ASP D 8 -3.89 65.04 -3.13
C ASP D 8 -4.22 65.99 -4.24
N GLY D 9 -4.46 65.47 -5.42
CA GLY D 9 -4.99 66.20 -6.56
C GLY D 9 -3.99 66.88 -7.46
N ARG D 10 -2.72 66.54 -7.30
CA ARG D 10 -1.62 67.21 -7.99
C ARG D 10 -0.55 66.22 -8.42
N PHE D 11 0.01 66.36 -9.61
CA PHE D 11 1.10 65.53 -10.03
C PHE D 11 2.35 66.10 -9.41
N VAL D 12 2.99 65.32 -8.56
CA VAL D 12 4.06 65.77 -7.71
C VAL D 12 5.26 64.87 -7.96
N ASP D 13 6.43 65.31 -7.55
CA ASP D 13 7.63 64.56 -7.79
C ASP D 13 7.87 63.80 -6.52
N ALA D 14 8.73 62.80 -6.57
CA ALA D 14 9.03 62.04 -5.39
C ALA D 14 9.82 62.89 -4.41
N VAL D 15 9.56 62.73 -3.12
CA VAL D 15 10.19 63.56 -2.12
C VAL D 15 11.70 63.64 -2.25
N ALA D 16 12.34 62.51 -2.48
CA ALA D 16 13.76 62.52 -2.69
C ALA D 16 14.03 62.68 -4.16
N GLY D 17 12.99 62.95 -4.94
CA GLY D 17 13.23 63.17 -6.35
C GLY D 17 13.73 61.92 -7.07
N GLY D 18 13.59 60.76 -6.43
CA GLY D 18 13.94 59.51 -7.05
C GLY D 18 13.19 59.21 -8.34
N THR D 19 13.80 58.51 -9.29
CA THR D 19 13.11 58.27 -10.57
C THR D 19 13.38 56.93 -11.25
N ILE D 20 12.42 56.48 -12.03
CA ILE D 20 12.43 55.15 -12.60
C ILE D 20 12.26 55.19 -14.12
N ASP D 21 13.19 54.58 -14.84
CA ASP D 21 13.07 54.59 -16.30
C ASP D 21 11.89 53.73 -16.72
N VAL D 22 11.04 54.28 -17.58
CA VAL D 22 9.92 53.53 -18.12
C VAL D 22 10.13 53.26 -19.61
N VAL D 23 10.24 52.00 -19.99
CA VAL D 23 10.66 51.71 -21.35
C VAL D 23 9.60 51.05 -22.21
N SER D 24 9.85 51.00 -23.51
CA SER D 24 8.97 50.33 -24.41
C SER D 24 9.50 48.94 -24.58
N PRO D 25 8.65 47.94 -24.40
CA PRO D 25 9.08 46.55 -24.49
C PRO D 25 9.34 46.15 -25.92
N HIS D 26 9.01 47.00 -26.86
CA HIS D 26 9.27 46.72 -28.26
C HIS D 26 10.69 46.92 -28.71
N ASP D 27 11.29 47.96 -28.21
CA ASP D 27 12.64 48.28 -28.63
C ASP D 27 13.51 48.77 -27.46
N GLY D 28 12.98 48.68 -26.25
CA GLY D 28 13.78 48.98 -25.07
C GLY D 28 14.06 50.46 -24.89
N SER D 29 13.60 51.27 -25.84
CA SER D 29 13.75 52.73 -25.77
C SER D 29 12.98 53.35 -24.60
N LEU D 30 13.48 54.48 -24.12
CA LEU D 30 12.90 55.15 -22.97
C LEU D 30 11.64 55.92 -23.36
N ILE D 31 10.53 55.65 -22.68
CA ILE D 31 9.30 56.37 -22.92
C ILE D 31 9.26 57.65 -22.11
N THR D 32 9.64 57.54 -20.85
CA THR D 32 9.73 58.68 -19.96
C THR D 32 10.40 58.23 -18.71
N ARG D 33 10.55 59.11 -17.75
CA ARG D 33 10.99 58.72 -16.43
C ARG D 33 9.89 59.15 -15.51
N ILE D 34 9.62 58.34 -14.50
CA ILE D 34 8.58 58.65 -13.55
C ILE D 34 9.15 58.90 -12.17
N ALA D 35 8.39 59.63 -11.37
CA ALA D 35 8.77 59.85 -10.01
C ALA D 35 8.75 58.53 -9.27
N ALA D 36 9.87 58.20 -8.64
CA ALA D 36 9.93 56.99 -7.86
C ALA D 36 9.53 57.34 -6.48
N ALA D 37 8.37 56.87 -6.06
CA ALA D 37 7.86 57.11 -4.74
C ALA D 37 8.57 56.27 -3.73
N GLU D 38 8.84 56.83 -2.58
CA GLU D 38 9.41 56.07 -1.51
C GLU D 38 8.59 56.29 -0.27
N ALA D 39 9.00 55.67 0.82
CA ALA D 39 8.29 55.75 2.08
C ALA D 39 7.65 57.11 2.31
N ALA D 40 8.44 58.15 2.11
CA ALA D 40 8.03 59.52 2.36
C ALA D 40 6.83 59.87 1.57
N ASP D 41 6.83 59.49 0.31
CA ASP D 41 5.78 59.90 -0.59
C ASP D 41 4.57 59.12 -0.27
N VAL D 42 4.79 57.90 0.19
CA VAL D 42 3.71 57.05 0.57
C VAL D 42 3.04 57.58 1.81
N ASP D 43 3.82 58.12 2.74
CA ASP D 43 3.27 58.69 3.95
C ASP D 43 2.40 59.89 3.61
N LEU D 44 2.66 60.50 2.47
CA LEU D 44 1.96 61.67 2.04
C LEU D 44 0.71 61.27 1.33
N ALA D 45 0.79 60.13 0.64
CA ALA D 45 -0.33 59.66 -0.12
C ALA D 45 -1.39 59.17 0.82
N VAL D 46 -0.96 58.52 1.89
CA VAL D 46 -1.89 57.99 2.87
C VAL D 46 -2.45 59.10 3.72
N ALA D 47 -1.69 60.18 3.88
CA ALA D 47 -2.19 61.32 4.63
C ALA D 47 -3.29 62.01 3.82
N ALA D 48 -3.04 62.13 2.53
CA ALA D 48 -4.01 62.75 1.65
C ALA D 48 -5.26 61.90 1.63
N ALA D 49 -5.11 60.62 1.48
CA ALA D 49 -6.26 59.76 1.52
C ALA D 49 -7.03 59.89 2.83
N LYS D 50 -6.33 59.72 3.93
CA LYS D 50 -6.90 59.88 5.26
C LYS D 50 -7.61 61.23 5.46
N ARG D 51 -7.11 62.30 4.86
CA ARG D 51 -7.77 63.56 4.88
C ARG D 51 -9.04 63.48 4.11
N ALA D 52 -9.00 62.84 2.95
CA ALA D 52 -10.11 62.78 2.01
C ALA D 52 -11.21 61.85 2.48
N PHE D 53 -10.87 60.89 3.30
CA PHE D 53 -11.76 59.79 3.63
C PHE D 53 -13.10 60.17 4.23
N PRO D 54 -13.12 61.06 5.20
CA PRO D 54 -14.39 61.36 5.86
C PRO D 54 -15.43 62.00 4.92
N ALA D 55 -15.05 63.05 4.23
CA ALA D 55 -15.95 63.65 3.24
C ALA D 55 -16.33 62.69 2.13
N TRP D 56 -15.44 61.77 1.81
CA TRP D 56 -15.67 60.85 0.72
C TRP D 56 -16.62 59.71 1.13
N SER D 57 -16.36 59.14 2.30
CA SER D 57 -17.20 58.05 2.78
C SER D 57 -18.56 58.62 3.20
N ALA D 58 -18.63 59.93 3.27
CA ALA D 58 -19.77 60.64 3.68
C ALA D 58 -20.52 61.14 2.50
N LEU D 59 -20.01 60.87 1.33
CA LEU D 59 -20.56 61.43 0.11
C LEU D 59 -21.97 60.96 -0.12
N GLY D 60 -22.21 59.69 0.13
CA GLY D 60 -23.47 59.07 -0.24
C GLY D 60 -23.19 58.23 -1.45
N ALA D 61 -23.46 56.95 -1.38
CA ALA D 61 -23.06 56.05 -2.44
C ALA D 61 -23.47 56.46 -3.84
N ALA D 62 -24.54 57.22 -3.98
CA ALA D 62 -25.04 57.55 -5.30
C ALA D 62 -24.08 58.48 -5.98
N GLU D 63 -23.44 59.30 -5.18
CA GLU D 63 -22.50 60.29 -5.67
C GLU D 63 -21.13 59.74 -5.91
N ARG D 64 -20.71 58.73 -5.19
CA ARG D 64 -19.48 58.08 -5.56
C ARG D 64 -19.81 57.31 -6.81
N GLY D 65 -20.98 56.68 -6.81
CA GLY D 65 -21.37 55.94 -8.00
C GLY D 65 -21.38 56.78 -9.27
N ARG D 66 -22.00 57.94 -9.20
CA ARG D 66 -22.09 58.83 -10.35
C ARG D 66 -20.72 59.21 -10.87
N LEU D 67 -19.76 59.29 -9.98
CA LEU D 67 -18.40 59.63 -10.34
C LEU D 67 -17.73 58.44 -11.02
N LEU D 68 -17.96 57.26 -10.50
CA LEU D 68 -17.38 56.11 -11.10
C LEU D 68 -18.00 55.87 -12.47
N LEU D 69 -19.27 56.15 -12.60
CA LEU D 69 -19.94 55.98 -13.85
C LEU D 69 -19.42 56.96 -14.86
N LYS D 70 -18.87 58.08 -14.42
CA LYS D 70 -18.38 59.10 -15.33
C LYS D 70 -16.99 58.76 -15.77
N LEU D 71 -16.18 58.34 -14.83
CA LEU D 71 -14.84 57.93 -15.12
C LEU D 71 -14.90 56.92 -16.22
N ALA D 72 -15.95 56.14 -16.24
CA ALA D 72 -16.06 55.07 -17.21
C ALA D 72 -16.45 55.61 -18.55
N ASP D 73 -17.30 56.62 -18.57
CA ASP D 73 -17.62 57.32 -19.80
C ASP D 73 -16.37 57.98 -20.30
N ARG D 74 -15.66 58.62 -19.37
CA ARG D 74 -14.43 59.32 -19.67
C ARG D 74 -13.44 58.35 -20.30
N ILE D 75 -13.16 57.26 -19.60
CA ILE D 75 -12.24 56.24 -20.09
C ILE D 75 -12.60 55.86 -21.51
N GLU D 76 -13.87 55.68 -21.80
CA GLU D 76 -14.31 55.32 -23.14
C GLU D 76 -14.05 56.43 -24.12
N GLU D 77 -14.24 57.66 -23.67
CA GLU D 77 -14.03 58.86 -24.47
C GLU D 77 -12.56 59.02 -24.83
N CYS D 78 -11.71 58.52 -23.96
CA CYS D 78 -10.28 58.59 -24.12
C CYS D 78 -9.75 57.25 -24.53
N SER D 79 -10.51 56.49 -25.29
CA SER D 79 -10.09 55.15 -25.64
C SER D 79 -8.75 55.12 -26.34
N GLU D 80 -8.68 55.77 -27.50
CA GLU D 80 -7.49 55.70 -28.33
C GLU D 80 -6.28 56.08 -27.54
N GLU D 81 -6.45 57.08 -26.70
CA GLU D 81 -5.38 57.62 -25.92
C GLU D 81 -4.83 56.61 -24.94
N LEU D 82 -5.71 55.99 -24.18
CA LEU D 82 -5.33 55.00 -23.20
C LEU D 82 -4.91 53.74 -23.86
N ALA D 83 -5.60 53.35 -24.90
CA ALA D 83 -5.18 52.19 -25.60
C ALA D 83 -3.73 52.32 -25.97
N GLN D 84 -3.38 53.39 -26.65
CA GLN D 84 -2.04 53.55 -27.16
C GLN D 84 -1.03 53.76 -26.06
N LEU D 85 -1.44 54.41 -25.00
CA LEU D 85 -0.56 54.69 -23.91
C LEU D 85 -0.28 53.41 -23.16
N GLU D 86 -1.26 52.54 -23.12
CA GLU D 86 -1.13 51.26 -22.46
C GLU D 86 -0.35 50.27 -23.31
N SER D 87 -0.47 50.39 -24.61
CA SER D 87 0.18 49.47 -25.50
C SER D 87 1.65 49.76 -25.53
N LEU D 88 1.98 51.03 -25.57
CA LEU D 88 3.35 51.48 -25.62
C LEU D 88 4.11 51.06 -24.39
N ASN D 89 3.52 51.29 -23.23
CA ASN D 89 4.17 51.01 -22.01
C ASN D 89 4.26 49.54 -21.71
N THR D 90 3.30 48.79 -22.22
CA THR D 90 3.14 47.40 -21.84
C THR D 90 3.46 46.38 -22.93
N GLY D 91 3.37 46.80 -24.18
CA GLY D 91 3.65 45.91 -25.26
C GLY D 91 2.40 45.17 -25.65
N HIS D 92 1.29 45.56 -25.05
CA HIS D 92 0.04 44.95 -25.38
C HIS D 92 -0.31 45.34 -26.78
N PRO D 93 -0.63 44.36 -27.60
CA PRO D 93 -1.14 44.67 -28.89
C PRO D 93 -2.29 45.58 -28.65
N ILE D 94 -2.35 46.55 -29.56
CA ILE D 94 -3.31 47.63 -29.62
C ILE D 94 -4.69 47.15 -30.02
N ARG D 95 -4.76 46.05 -30.76
CA ARG D 95 -6.04 45.47 -31.01
C ARG D 95 -6.54 44.98 -29.66
N ASP D 96 -5.60 44.76 -28.76
CA ASP D 96 -5.87 44.30 -27.42
C ASP D 96 -6.19 45.45 -26.50
N SER D 97 -5.34 46.45 -26.50
CA SER D 97 -5.59 47.64 -25.70
C SER D 97 -6.94 48.24 -26.00
N ARG D 98 -7.35 48.16 -27.26
CA ARG D 98 -8.59 48.80 -27.69
C ARG D 98 -9.77 47.88 -27.42
N GLY D 99 -9.56 46.60 -27.57
CA GLY D 99 -10.65 45.69 -27.41
C GLY D 99 -10.77 44.98 -26.11
N LEU D 100 -9.69 44.93 -25.37
CA LEU D 100 -9.73 44.33 -24.08
C LEU D 100 -9.44 45.31 -23.02
N ASP D 101 -8.24 45.83 -22.99
CA ASP D 101 -7.87 46.66 -21.87
C ASP D 101 -8.82 47.78 -21.53
N VAL D 102 -9.23 48.53 -22.54
CA VAL D 102 -9.99 49.74 -22.28
C VAL D 102 -11.42 49.43 -21.89
N PRO D 103 -12.13 48.70 -22.73
CA PRO D 103 -13.52 48.38 -22.45
C PRO D 103 -13.63 47.70 -21.11
N ARG D 104 -12.77 46.73 -20.89
CA ARG D 104 -12.75 46.00 -19.65
C ARG D 104 -12.60 46.93 -18.47
N THR D 105 -11.69 47.88 -18.59
CA THR D 105 -11.49 48.91 -17.58
C THR D 105 -12.76 49.74 -17.41
N ALA D 106 -13.33 50.22 -18.51
CA ALA D 106 -14.55 51.00 -18.42
C ALA D 106 -15.65 50.16 -17.82
N ALA D 107 -15.80 48.94 -18.31
CA ALA D 107 -16.89 48.07 -17.90
C ALA D 107 -16.86 47.87 -16.39
N CYS D 108 -15.67 47.61 -15.86
CA CYS D 108 -15.48 47.38 -14.45
C CYS D 108 -15.82 48.62 -13.61
N PHE D 109 -15.30 49.76 -13.99
CA PHE D 109 -15.66 51.00 -13.33
C PHE D 109 -17.14 51.27 -13.41
N ARG D 110 -17.72 51.02 -14.56
CA ARG D 110 -19.15 51.18 -14.74
C ARG D 110 -19.88 50.33 -13.74
N TYR D 111 -19.47 49.07 -13.59
CA TYR D 111 -20.15 48.10 -12.76
C TYR D 111 -20.18 48.62 -11.34
N PHE D 112 -19.06 49.16 -10.88
CA PHE D 112 -18.93 49.54 -9.49
C PHE D 112 -19.55 50.90 -9.24
N GLY D 113 -19.73 51.69 -10.26
CA GLY D 113 -20.50 52.89 -10.12
C GLY D 113 -21.96 52.62 -9.85
N GLY D 114 -22.45 51.52 -10.30
CA GLY D 114 -23.82 51.21 -10.08
C GLY D 114 -23.91 50.26 -8.94
N MET D 115 -22.80 50.04 -8.26
CA MET D 115 -22.76 49.15 -7.11
C MET D 115 -22.73 49.97 -5.85
N ALA D 116 -22.22 51.16 -5.99
CA ALA D 116 -21.98 52.00 -4.84
C ALA D 116 -23.16 52.15 -3.94
N ASP D 117 -24.32 52.28 -4.54
CA ASP D 117 -25.54 52.45 -3.77
C ASP D 117 -26.36 51.18 -3.64
N LYS D 118 -25.79 50.05 -4.03
CA LYS D 118 -26.43 48.79 -3.83
C LYS D 118 -25.73 48.04 -2.72
N ILE D 119 -24.80 48.69 -2.06
CA ILE D 119 -24.06 48.07 -1.00
C ILE D 119 -24.80 48.27 0.28
N GLU D 120 -25.52 47.25 0.70
CA GLU D 120 -26.43 47.37 1.82
C GLU D 120 -26.03 46.55 3.03
N GLY D 121 -26.44 47.03 4.19
CA GLY D 121 -26.27 46.30 5.41
C GLY D 121 -27.47 45.41 5.65
N SER D 122 -27.71 45.11 6.91
CA SER D 122 -28.74 44.21 7.26
C SER D 122 -29.36 44.63 8.55
N VAL D 123 -30.46 44.01 8.90
CA VAL D 123 -31.12 44.28 10.16
C VAL D 123 -31.43 42.93 10.71
N ILE D 124 -30.90 42.63 11.88
CA ILE D 124 -30.93 41.27 12.40
C ILE D 124 -32.10 40.95 13.31
N PRO D 125 -32.65 39.74 13.18
CA PRO D 125 -33.69 39.29 14.07
C PRO D 125 -33.11 39.00 15.42
N VAL D 126 -33.18 39.93 16.35
CA VAL D 126 -32.62 39.68 17.65
C VAL D 126 -33.71 39.61 18.69
N ASP D 127 -33.31 39.38 19.92
CA ASP D 127 -34.23 39.34 21.02
C ASP D 127 -35.19 40.50 20.93
N ALA D 128 -36.38 40.30 21.44
CA ALA D 128 -37.45 41.24 21.25
C ALA D 128 -37.09 42.48 22.03
N GLY D 129 -37.49 43.64 21.53
CA GLY D 129 -37.24 44.88 22.23
C GLY D 129 -35.97 45.51 21.77
N PHE D 130 -35.17 44.76 21.05
CA PHE D 130 -33.96 45.32 20.52
C PHE D 130 -34.07 45.56 19.03
N LEU D 131 -33.34 46.57 18.59
CA LEU D 131 -33.12 46.78 17.20
C LEU D 131 -31.65 46.55 16.94
N ASN D 132 -31.36 45.74 15.95
CA ASN D 132 -29.99 45.54 15.53
C ASN D 132 -29.83 45.75 14.05
N TYR D 133 -29.30 46.88 13.67
CA TYR D 133 -29.02 47.09 12.27
C TYR D 133 -27.53 47.09 12.07
N VAL D 134 -27.10 46.55 10.95
CA VAL D 134 -25.71 46.34 10.71
C VAL D 134 -25.30 47.02 9.45
N GLN D 135 -24.43 47.99 9.59
CA GLN D 135 -23.95 48.70 8.43
C GLN D 135 -22.73 48.04 7.86
N ARG D 136 -22.58 48.17 6.55
CA ARG D 136 -21.37 47.81 5.86
C ARG D 136 -20.70 49.13 5.55
N LYS D 137 -19.72 49.53 6.33
CA LYS D 137 -19.00 50.78 6.06
C LYS D 137 -17.69 50.55 5.37
N PRO D 138 -17.14 51.61 4.79
CA PRO D 138 -15.81 51.53 4.19
C PRO D 138 -14.80 51.18 5.26
N ILE D 139 -13.70 50.55 4.91
CA ILE D 139 -12.69 50.25 5.89
C ILE D 139 -12.00 51.55 6.24
N GLY D 140 -11.71 52.33 5.21
CA GLY D 140 -10.99 53.56 5.38
C GLY D 140 -9.98 53.72 4.28
N VAL D 141 -8.73 53.83 4.64
CA VAL D 141 -7.68 53.91 3.65
C VAL D 141 -7.16 52.55 3.30
N VAL D 142 -7.13 52.30 2.00
CA VAL D 142 -6.80 51.03 1.43
C VAL D 142 -5.55 51.19 0.59
N ALA D 143 -4.61 50.28 0.74
CA ALA D 143 -3.40 50.29 -0.07
C ALA D 143 -3.51 49.22 -1.12
N GLN D 144 -3.33 49.59 -2.39
CA GLN D 144 -3.41 48.63 -3.47
C GLN D 144 -2.12 48.58 -4.25
N ILE D 145 -1.55 47.39 -4.34
CA ILE D 145 -0.34 47.18 -5.09
C ILE D 145 -0.69 46.38 -6.30
N VAL D 146 -0.42 46.93 -7.45
CA VAL D 146 -0.83 46.32 -8.70
C VAL D 146 0.37 45.90 -9.50
N PRO D 147 0.15 44.91 -10.36
CA PRO D 147 1.22 44.39 -11.19
C PRO D 147 1.23 45.04 -12.55
N TRP D 148 2.13 44.60 -13.40
CA TRP D 148 2.36 45.26 -14.65
C TRP D 148 1.77 44.53 -15.82
N ASN D 149 1.02 43.48 -15.58
CA ASN D 149 0.44 42.74 -16.67
C ASN D 149 -0.84 43.33 -17.24
N PHE D 150 -1.58 44.05 -16.41
CA PHE D 150 -2.80 44.74 -16.87
C PHE D 150 -2.90 46.05 -16.14
N PRO D 151 -1.86 46.87 -16.24
CA PRO D 151 -1.84 48.11 -15.47
C PRO D 151 -3.19 48.80 -15.53
N LEU D 152 -3.65 49.07 -16.74
CA LEU D 152 -4.79 49.91 -16.96
C LEU D 152 -6.02 49.33 -16.37
N MET D 153 -6.31 48.10 -16.74
CA MET D 153 -7.54 47.47 -16.35
C MET D 153 -7.57 46.99 -14.93
N PHE D 154 -6.43 47.00 -14.26
CA PHE D 154 -6.35 46.57 -12.88
C PHE D 154 -6.60 47.75 -12.01
N THR D 155 -6.57 48.92 -12.61
CA THR D 155 -7.03 50.11 -11.92
C THR D 155 -8.51 49.95 -11.63
N SER D 156 -9.28 49.47 -12.59
CA SER D 156 -10.71 49.34 -12.35
C SER D 156 -10.98 48.22 -11.33
N TRP D 157 -10.33 47.08 -11.53
CA TRP D 157 -10.51 45.93 -10.66
C TRP D 157 -10.28 46.25 -9.18
N LYS D 158 -9.23 46.97 -8.93
CA LYS D 158 -8.81 47.31 -7.59
C LYS D 158 -9.61 48.47 -7.06
N MET D 159 -9.58 49.60 -7.74
CA MET D 159 -10.21 50.80 -7.23
C MET D 159 -11.70 50.78 -7.36
N GLY D 160 -12.22 50.14 -8.38
CA GLY D 160 -13.67 50.10 -8.57
C GLY D 160 -14.43 49.82 -7.29
N PRO D 161 -14.23 48.62 -6.71
CA PRO D 161 -14.89 48.21 -5.48
C PRO D 161 -14.55 49.13 -4.30
N ALA D 162 -13.26 49.39 -4.09
CA ALA D 162 -12.84 50.20 -2.95
C ALA D 162 -13.49 51.57 -2.94
N LEU D 163 -13.52 52.19 -4.11
CA LEU D 163 -14.11 53.49 -4.27
C LEU D 163 -15.59 53.46 -4.05
N ALA D 164 -16.25 52.46 -4.62
CA ALA D 164 -17.68 52.26 -4.39
C ALA D 164 -18.01 52.21 -2.92
N ALA D 165 -17.38 51.32 -2.18
CA ALA D 165 -17.67 51.19 -0.76
C ALA D 165 -17.36 52.48 -0.04
N GLY D 166 -16.60 53.34 -0.67
CA GLY D 166 -16.31 54.64 -0.12
C GLY D 166 -14.98 54.74 0.56
N ASN D 167 -14.05 53.92 0.14
CA ASN D 167 -12.70 53.97 0.67
C ASN D 167 -11.87 54.97 -0.11
N THR D 168 -10.83 55.51 0.51
CA THR D 168 -9.86 56.30 -0.23
C THR D 168 -8.71 55.38 -0.50
N ILE D 169 -7.93 55.67 -1.52
CA ILE D 169 -7.00 54.71 -2.04
C ILE D 169 -5.63 55.26 -2.29
N VAL D 170 -4.62 54.65 -1.70
CA VAL D 170 -3.28 54.88 -2.16
C VAL D 170 -2.89 53.70 -3.00
N ILE D 171 -2.77 53.92 -4.28
CA ILE D 171 -2.41 52.85 -5.19
C ILE D 171 -0.98 52.96 -5.75
N LYS D 172 -0.25 51.86 -5.70
CA LYS D 172 1.05 51.80 -6.31
C LYS D 172 1.07 50.82 -7.47
N PRO D 173 1.15 51.32 -8.70
CA PRO D 173 1.39 50.47 -9.85
C PRO D 173 2.83 50.13 -9.89
N SER D 174 3.26 49.35 -10.84
CA SER D 174 4.63 48.98 -10.90
C SER D 174 5.40 50.04 -11.57
N GLU D 175 6.67 50.17 -11.25
CA GLU D 175 7.52 51.12 -11.88
C GLU D 175 7.54 50.84 -13.32
N ILE D 176 7.15 49.64 -13.67
CA ILE D 176 7.28 49.17 -15.00
C ILE D 176 6.18 49.69 -15.85
N THR D 177 5.00 49.78 -15.30
CA THR D 177 3.84 50.18 -16.10
C THR D 177 2.91 51.13 -15.36
N PRO D 178 3.41 52.32 -15.05
CA PRO D 178 2.67 53.24 -14.22
C PRO D 178 2.04 54.36 -15.02
N LEU D 179 1.96 54.23 -16.33
CA LEU D 179 1.64 55.39 -17.13
C LEU D 179 0.18 55.54 -17.43
N SER D 180 -0.50 54.40 -17.51
CA SER D 180 -1.91 54.41 -17.75
C SER D 180 -2.56 54.75 -16.47
N THR D 181 -1.96 54.35 -15.37
CA THR D 181 -2.66 54.47 -14.14
C THR D 181 -2.71 55.90 -13.73
N LEU D 182 -1.62 56.59 -14.03
CA LEU D 182 -1.49 58.00 -13.79
C LEU D 182 -2.46 58.79 -14.62
N ARG D 183 -2.71 58.33 -15.82
CA ARG D 183 -3.72 58.94 -16.66
C ARG D 183 -5.10 58.72 -16.05
N ILE D 184 -5.34 57.50 -15.60
CA ILE D 184 -6.63 57.16 -15.06
C ILE D 184 -6.98 58.00 -13.84
N VAL D 185 -5.98 58.52 -13.15
CA VAL D 185 -6.26 59.26 -11.94
C VAL D 185 -6.53 60.71 -12.25
N GLU D 186 -6.10 61.13 -13.41
CA GLU D 186 -6.29 62.49 -13.85
C GLU D 186 -7.63 62.51 -14.48
N LEU D 187 -7.96 61.47 -15.22
CA LEU D 187 -9.33 61.32 -15.72
C LEU D 187 -10.29 61.40 -14.56
N MET D 188 -9.89 60.85 -13.43
CA MET D 188 -10.68 60.88 -12.21
C MET D 188 -10.90 62.30 -11.72
N THR D 189 -9.85 63.10 -11.73
CA THR D 189 -9.96 64.50 -11.35
C THR D 189 -10.80 65.22 -12.38
N GLU D 190 -10.55 64.92 -13.65
CA GLU D 190 -11.28 65.55 -14.75
C GLU D 190 -12.78 65.38 -14.54
N VAL D 191 -13.14 64.28 -13.90
CA VAL D 191 -14.51 63.85 -13.81
C VAL D 191 -15.19 64.25 -12.50
N GLY D 192 -14.41 64.67 -11.51
CA GLY D 192 -14.98 65.23 -10.30
C GLY D 192 -14.58 64.55 -9.01
N PHE D 193 -13.73 63.53 -9.09
CA PHE D 193 -13.22 62.90 -7.87
C PHE D 193 -12.51 63.91 -7.01
N PRO D 194 -12.89 64.01 -5.75
CA PRO D 194 -12.20 64.91 -4.81
C PRO D 194 -10.73 64.58 -4.63
N LYS D 195 -9.93 65.62 -4.45
CA LYS D 195 -8.52 65.46 -4.16
C LYS D 195 -8.29 64.51 -3.02
N GLY D 196 -7.25 63.71 -3.15
CA GLY D 196 -6.87 62.82 -2.07
C GLY D 196 -7.69 61.55 -1.97
N VAL D 197 -8.78 61.45 -2.72
CA VAL D 197 -9.55 60.23 -2.68
C VAL D 197 -8.78 59.12 -3.34
N VAL D 198 -8.06 59.48 -4.39
CA VAL D 198 -7.15 58.52 -5.00
C VAL D 198 -5.75 59.12 -5.14
N ASN D 199 -4.76 58.34 -4.73
CA ASN D 199 -3.38 58.78 -4.75
C ASN D 199 -2.53 57.72 -5.38
N VAL D 200 -1.85 58.08 -6.47
CA VAL D 200 -1.07 57.12 -7.22
C VAL D 200 0.40 57.37 -6.92
N VAL D 201 1.12 56.30 -6.64
CA VAL D 201 2.42 56.39 -6.00
C VAL D 201 3.35 55.28 -6.53
N PRO D 202 3.63 55.34 -7.83
CA PRO D 202 4.50 54.34 -8.45
C PRO D 202 5.87 54.37 -7.80
N GLY D 203 6.45 53.19 -7.64
CA GLY D 203 7.71 53.08 -6.92
C GLY D 203 8.12 51.63 -6.84
N TYR D 204 9.31 51.32 -6.42
CA TYR D 204 9.71 49.95 -6.36
C TYR D 204 8.86 49.34 -5.35
N GLY D 205 8.96 48.03 -5.22
CA GLY D 205 8.21 47.32 -4.20
C GLY D 205 8.73 47.53 -2.79
N HIS D 206 10.04 47.48 -2.63
CA HIS D 206 10.70 47.50 -1.35
C HIS D 206 10.81 48.87 -0.71
N THR D 207 10.34 49.88 -1.41
CA THR D 207 10.26 51.21 -0.82
C THR D 207 8.81 51.59 -0.64
N ALA D 208 8.11 51.80 -1.74
CA ALA D 208 6.72 52.21 -1.72
C ALA D 208 5.77 51.07 -1.43
N GLY D 209 6.06 49.90 -1.96
CA GLY D 209 5.25 48.74 -1.69
C GLY D 209 5.39 48.37 -0.24
N GLN D 210 6.62 48.47 0.26
CA GLN D 210 6.91 48.11 1.63
C GLN D 210 6.35 49.07 2.67
N ALA D 211 6.33 50.33 2.32
CA ALA D 211 5.83 51.42 3.16
C ALA D 211 4.33 51.37 3.22
N LEU D 212 3.69 51.01 2.12
CA LEU D 212 2.25 50.87 2.10
C LEU D 212 1.81 49.76 2.99
N ALA D 213 2.23 48.56 2.63
CA ALA D 213 1.79 47.38 3.33
C ALA D 213 2.12 47.48 4.79
N GLU D 214 3.07 48.31 5.16
CA GLU D 214 3.43 48.35 6.57
C GLU D 214 2.94 49.60 7.25
N HIS D 215 2.10 50.33 6.55
CA HIS D 215 1.59 51.57 7.05
C HIS D 215 0.55 51.36 8.12
N LEU D 216 0.61 52.18 9.16
CA LEU D 216 -0.26 52.06 10.29
C LEU D 216 -1.62 52.70 10.09
N ASP D 217 -1.77 53.49 9.03
CA ASP D 217 -3.02 54.20 8.81
C ASP D 217 -3.77 53.60 7.67
N VAL D 218 -3.18 52.58 7.07
CA VAL D 218 -3.80 51.80 6.03
C VAL D 218 -4.59 50.68 6.66
N GLY D 219 -5.86 50.57 6.30
CA GLY D 219 -6.73 49.56 6.88
C GLY D 219 -6.82 48.26 6.14
N LYS D 220 -6.34 48.22 4.92
CA LYS D 220 -6.31 47.01 4.17
C LYS D 220 -5.29 47.24 3.09
N ILE D 221 -4.65 46.17 2.66
CA ILE D 221 -3.75 46.24 1.55
C ILE D 221 -4.15 45.16 0.57
N ALA D 222 -4.40 45.54 -0.66
CA ALA D 222 -4.72 44.62 -1.71
C ALA D 222 -3.49 44.40 -2.55
N PHE D 223 -3.02 43.17 -2.65
CA PHE D 223 -1.82 42.93 -3.42
C PHE D 223 -2.06 41.86 -4.44
N THR D 224 -1.77 42.16 -5.69
CA THR D 224 -1.67 41.14 -6.72
C THR D 224 -0.22 41.07 -7.13
N GLY D 225 0.33 39.86 -7.20
CA GLY D 225 1.73 39.72 -7.54
C GLY D 225 2.25 38.37 -7.14
N SER D 226 3.56 38.23 -7.08
CA SER D 226 4.14 36.92 -6.84
C SER D 226 3.80 36.40 -5.44
N THR D 227 3.82 35.09 -5.26
CA THR D 227 3.53 34.49 -3.98
C THR D 227 4.55 34.88 -2.95
N ALA D 228 5.80 35.02 -3.38
CA ALA D 228 6.89 35.37 -2.50
C ALA D 228 6.72 36.74 -1.91
N THR D 229 6.49 37.74 -2.77
CA THR D 229 6.32 39.10 -2.31
C THR D 229 5.01 39.19 -1.58
N GLY D 230 4.03 38.39 -2.00
CA GLY D 230 2.80 38.25 -1.26
C GLY D 230 3.03 37.92 0.21
N ARG D 231 3.87 36.93 0.46
CA ARG D 231 4.19 36.48 1.81
C ARG D 231 4.78 37.58 2.64
N ARG D 232 5.44 38.52 1.99
CA ARG D 232 6.01 39.67 2.65
C ARG D 232 4.95 40.72 2.94
N ILE D 233 3.97 40.82 2.07
CA ILE D 233 2.85 41.74 2.28
C ILE D 233 2.13 41.36 3.56
N VAL D 234 2.12 40.07 3.83
CA VAL D 234 1.46 39.55 5.01
C VAL D 234 2.34 39.78 6.20
N GLU D 235 3.65 39.63 6.03
CA GLU D 235 4.57 39.95 7.11
C GLU D 235 4.35 41.38 7.52
N ALA D 236 4.21 42.25 6.53
CA ALA D 236 4.15 43.69 6.79
C ALA D 236 2.83 44.10 7.43
N SER D 237 1.77 43.41 7.05
CA SER D 237 0.45 43.72 7.56
C SER D 237 0.38 43.66 9.08
N LYS D 238 1.28 42.93 9.71
CA LYS D 238 1.22 42.79 11.15
C LYS D 238 1.54 44.08 11.90
N SER D 239 1.99 45.10 11.19
CA SER D 239 2.13 46.42 11.77
C SER D 239 0.86 46.87 12.48
N ASN D 240 -0.25 46.98 11.78
CA ASN D 240 -1.45 47.48 12.41
C ASN D 240 -2.54 46.46 12.34
N LEU D 241 -2.23 45.36 11.67
CA LEU D 241 -3.16 44.27 11.50
C LEU D 241 -4.23 44.65 10.51
N LYS D 242 -3.85 45.35 9.47
CA LYS D 242 -4.78 45.70 8.41
C LYS D 242 -5.28 44.45 7.74
N ARG D 243 -6.37 44.56 7.00
CA ARG D 243 -6.86 43.40 6.31
C ARG D 243 -6.19 43.23 4.97
N ILE D 244 -6.17 42.02 4.47
CA ILE D 244 -5.36 41.67 3.32
C ILE D 244 -6.19 41.01 2.22
N GLN D 245 -5.80 41.27 1.00
CA GLN D 245 -6.37 40.63 -0.16
C GLN D 245 -5.21 40.29 -1.04
N LEU D 246 -5.05 39.01 -1.38
CA LEU D 246 -3.91 38.56 -2.16
C LEU D 246 -4.37 37.74 -3.36
N GLU D 247 -3.96 38.17 -4.55
CA GLU D 247 -3.99 37.33 -5.72
C GLU D 247 -2.52 37.03 -6.06
N LEU D 248 -2.11 35.77 -5.90
CA LEU D 248 -0.68 35.44 -5.97
C LEU D 248 -0.30 34.47 -7.06
N GLY D 249 -1.02 34.50 -8.17
CA GLY D 249 -0.60 33.73 -9.32
C GLY D 249 -1.43 32.49 -9.58
N GLY D 250 -1.32 31.98 -10.79
CA GLY D 250 -2.01 30.78 -11.15
C GLY D 250 -1.08 29.93 -11.97
N LYS D 251 -1.45 28.68 -12.14
CA LYS D 251 -0.73 27.80 -13.02
C LYS D 251 -1.86 27.04 -13.64
N GLY D 252 -2.61 27.75 -14.45
CA GLY D 252 -3.92 27.33 -14.89
C GLY D 252 -4.05 26.09 -15.73
N ALA D 253 -4.88 25.20 -15.25
CA ALA D 253 -5.17 23.98 -15.96
C ALA D 253 -6.16 24.28 -17.08
N ASN D 254 -5.84 23.78 -18.27
CA ASN D 254 -6.74 23.85 -19.41
C ASN D 254 -6.91 22.41 -19.90
N ILE D 255 -7.96 21.76 -19.42
CA ILE D 255 -8.17 20.36 -19.71
C ILE D 255 -8.98 20.20 -20.96
N VAL D 256 -8.52 19.31 -21.84
CA VAL D 256 -9.28 19.01 -23.05
C VAL D 256 -9.62 17.53 -23.13
N PHE D 257 -10.88 17.24 -22.98
CA PHE D 257 -11.37 15.92 -23.06
C PHE D 257 -11.66 15.45 -24.46
N GLU D 258 -11.97 14.18 -24.54
CA GLU D 258 -12.21 13.48 -25.77
C GLU D 258 -13.44 13.93 -26.50
N ASP D 259 -14.40 14.51 -25.81
CA ASP D 259 -15.61 14.92 -26.47
C ASP D 259 -15.63 16.40 -26.65
N ALA D 260 -14.50 17.03 -26.42
CA ALA D 260 -14.40 18.43 -26.65
C ALA D 260 -14.46 18.72 -28.14
N ASN D 261 -14.98 19.88 -28.48
CA ASN D 261 -14.92 20.38 -29.81
C ASN D 261 -13.56 21.02 -29.87
N ILE D 262 -12.63 20.33 -30.53
CA ILE D 262 -11.25 20.74 -30.54
C ILE D 262 -11.06 22.10 -31.17
N GLU D 263 -11.61 22.30 -32.34
CA GLU D 263 -11.54 23.60 -32.98
C GLU D 263 -11.76 24.71 -31.97
N ALA D 264 -12.83 24.60 -31.19
CA ALA D 264 -13.16 25.59 -30.19
C ALA D 264 -12.11 25.57 -29.08
N ALA D 265 -11.73 24.35 -28.69
CA ALA D 265 -10.75 24.18 -27.63
C ALA D 265 -9.41 24.77 -28.03
N VAL D 266 -9.04 24.67 -29.29
CA VAL D 266 -7.79 25.25 -29.72
C VAL D 266 -7.89 26.74 -29.81
N ASN D 267 -9.07 27.27 -30.06
CA ASN D 267 -9.18 28.70 -30.21
C ASN D 267 -9.19 29.32 -28.85
N GLY D 268 -9.67 28.57 -27.89
CA GLY D 268 -9.79 29.05 -26.53
C GLY D 268 -8.52 28.93 -25.76
N ALA D 269 -7.74 27.91 -26.07
CA ALA D 269 -6.46 27.69 -25.44
C ALA D 269 -5.46 28.66 -26.01
N ALA D 270 -5.50 28.88 -27.31
CA ALA D 270 -4.60 29.82 -27.91
C ALA D 270 -4.82 31.16 -27.22
N TRP D 271 -6.07 31.51 -27.06
CA TRP D 271 -6.48 32.70 -26.33
C TRP D 271 -6.07 32.61 -24.87
N ALA D 272 -6.25 31.44 -24.28
CA ALA D 272 -6.01 31.26 -22.84
C ALA D 272 -4.58 31.55 -22.43
N ILE D 273 -3.63 31.32 -23.32
CA ILE D 273 -2.24 31.44 -22.94
C ILE D 273 -1.42 32.43 -23.76
N PHE D 274 -1.91 32.77 -24.95
CA PHE D 274 -1.17 33.68 -25.81
C PHE D 274 -1.72 35.08 -25.88
N HIS D 275 -2.88 35.34 -25.33
CA HIS D 275 -3.30 36.72 -25.24
C HIS D 275 -2.57 37.32 -24.07
N ASN D 276 -2.25 38.59 -24.18
CA ASN D 276 -1.45 39.30 -23.20
C ASN D 276 -0.07 38.68 -23.01
N GLN D 277 0.32 37.82 -23.92
CA GLN D 277 1.64 37.21 -23.90
C GLN D 277 1.78 36.21 -22.78
N GLY D 278 0.65 35.77 -22.26
CA GLY D 278 0.62 34.80 -21.19
C GLY D 278 0.84 35.43 -19.84
N GLN D 279 0.85 36.75 -19.83
CA GLN D 279 1.08 37.49 -18.63
C GLN D 279 -0.23 37.71 -17.92
N ALA D 280 -0.91 36.61 -17.66
CA ALA D 280 -2.17 36.61 -16.96
C ALA D 280 -2.10 35.46 -16.01
N CYS D 281 -2.43 35.69 -14.75
CA CYS D 281 -2.38 34.64 -13.76
C CYS D 281 -3.41 33.54 -14.04
N ILE D 282 -4.45 33.90 -14.79
CA ILE D 282 -5.47 32.94 -15.12
C ILE D 282 -5.20 32.32 -16.50
N ALA D 283 -4.04 32.62 -17.05
CA ALA D 283 -3.61 32.02 -18.30
C ALA D 283 -3.79 30.51 -18.21
N GLY D 284 -4.21 29.91 -19.32
CA GLY D 284 -4.22 28.46 -19.42
C GLY D 284 -2.83 28.01 -19.84
N SER D 285 -1.94 27.92 -18.85
CA SER D 285 -0.53 27.65 -19.10
C SER D 285 -0.21 26.16 -19.04
N ARG D 286 -1.20 25.38 -18.66
CA ARG D 286 -1.03 23.95 -18.59
C ARG D 286 -2.12 23.30 -19.39
N LEU D 287 -1.81 22.92 -20.62
CA LEU D 287 -2.71 22.10 -21.43
C LEU D 287 -2.66 20.66 -20.96
N ILE D 288 -3.85 20.11 -20.72
CA ILE D 288 -3.99 18.74 -20.29
C ILE D 288 -4.91 18.05 -21.29
N LEU D 289 -4.30 17.35 -22.24
CA LEU D 289 -5.05 16.81 -23.36
C LEU D 289 -5.28 15.34 -23.20
N HIS D 290 -6.51 14.90 -23.49
CA HIS D 290 -6.83 13.49 -23.47
C HIS D 290 -6.10 12.82 -24.61
N LYS D 291 -5.51 11.67 -24.32
CA LYS D 291 -4.73 10.90 -25.28
C LYS D 291 -5.35 10.81 -26.64
N ASP D 292 -6.64 10.62 -26.73
CA ASP D 292 -7.23 10.33 -28.03
C ASP D 292 -7.50 11.55 -28.90
N ILE D 293 -7.27 12.73 -28.34
CA ILE D 293 -7.42 13.94 -29.15
C ILE D 293 -6.17 14.80 -29.11
N ALA D 294 -5.18 14.43 -28.32
CA ALA D 294 -4.01 15.28 -28.17
C ALA D 294 -3.32 15.60 -29.49
N ASP D 295 -3.14 14.62 -30.34
CA ASP D 295 -2.48 14.86 -31.60
C ASP D 295 -3.29 15.76 -32.48
N GLN D 296 -4.56 15.42 -32.65
CA GLN D 296 -5.46 16.23 -33.43
C GLN D 296 -5.49 17.66 -32.90
N PHE D 297 -5.46 17.77 -31.59
CA PHE D 297 -5.42 19.05 -30.95
C PHE D 297 -4.15 19.79 -31.26
N LEU D 298 -3.02 19.16 -31.01
CA LEU D 298 -1.74 19.84 -31.18
C LEU D 298 -1.41 20.25 -32.62
N GLU D 299 -1.93 19.48 -33.56
CA GLU D 299 -1.76 19.86 -34.92
C GLU D 299 -2.28 21.24 -35.13
N ARG D 300 -3.55 21.42 -34.83
CA ARG D 300 -4.24 22.66 -35.02
C ARG D 300 -3.57 23.73 -34.20
N PHE D 301 -3.24 23.38 -32.97
CA PHE D 301 -2.80 24.35 -32.00
C PHE D 301 -1.41 24.87 -32.26
N ILE D 302 -0.51 23.98 -32.62
CA ILE D 302 0.86 24.37 -32.87
C ILE D 302 0.94 25.14 -34.17
N ALA D 303 0.00 24.87 -35.06
CA ALA D 303 -0.04 25.55 -36.34
C ALA D 303 -0.53 26.92 -36.07
N LEU D 304 -1.45 27.02 -35.13
CA LEU D 304 -2.00 28.30 -34.72
C LEU D 304 -0.91 29.12 -34.04
N ALA D 305 -0.20 28.47 -33.13
CA ALA D 305 0.83 29.13 -32.37
C ALA D 305 1.87 29.76 -33.28
N LYS D 306 2.42 28.95 -34.17
CA LYS D 306 3.46 29.42 -35.06
C LYS D 306 2.97 30.53 -35.96
N SER D 307 1.67 30.61 -36.19
CA SER D 307 1.12 31.56 -37.14
C SER D 307 0.78 32.88 -36.47
N ILE D 308 1.12 32.97 -35.20
CA ILE D 308 0.80 34.14 -34.45
C ILE D 308 1.75 35.24 -34.79
N ARG D 309 1.15 36.40 -35.07
CA ARG D 309 1.87 37.58 -35.46
C ARG D 309 2.46 38.33 -34.30
N LEU D 310 3.68 37.97 -33.96
CA LEU D 310 4.44 38.62 -32.93
C LEU D 310 5.03 39.86 -33.51
N GLY D 311 4.97 40.96 -32.82
CA GLY D 311 5.51 42.21 -33.33
C GLY D 311 5.14 43.51 -32.63
N ASP D 312 5.34 44.62 -33.31
CA ASP D 312 5.09 45.95 -32.76
C ASP D 312 3.65 46.16 -32.27
N PRO D 313 3.50 46.47 -30.99
CA PRO D 313 2.18 46.60 -30.38
C PRO D 313 1.37 47.68 -31.02
N MET D 314 2.02 48.70 -31.53
CA MET D 314 1.33 49.83 -32.08
C MET D 314 0.73 49.40 -33.37
N ASP D 315 1.09 48.21 -33.80
CA ASP D 315 0.61 47.66 -35.06
C ASP D 315 -0.69 46.87 -34.96
N PRO D 316 -1.69 47.28 -35.70
CA PRO D 316 -3.01 46.66 -35.59
C PRO D 316 -3.08 45.29 -36.17
N GLU D 317 -2.16 44.95 -37.06
CA GLU D 317 -2.19 43.62 -37.62
C GLU D 317 -1.46 42.68 -36.70
N THR D 318 -1.02 43.21 -35.57
CA THR D 318 -0.26 42.45 -34.60
C THR D 318 -1.12 41.73 -33.57
N GLU D 319 -0.74 40.52 -33.20
CA GLU D 319 -1.56 39.71 -32.33
C GLU D 319 -0.94 39.40 -30.99
N MET D 320 0.37 39.49 -30.94
CA MET D 320 1.10 39.28 -29.71
C MET D 320 2.25 40.23 -29.66
N GLY D 321 2.48 40.81 -28.51
CA GLY D 321 3.58 41.75 -28.37
C GLY D 321 4.73 41.14 -27.61
N PRO D 322 5.60 42.00 -27.14
CA PRO D 322 6.72 41.61 -26.34
C PRO D 322 6.26 41.44 -24.93
N LEU D 323 7.00 40.71 -24.12
CA LEU D 323 6.74 40.67 -22.71
C LEU D 323 6.97 42.08 -22.22
N THR D 324 6.59 42.38 -20.99
CA THR D 324 6.67 43.74 -20.51
C THR D 324 8.06 44.16 -20.08
N SER D 325 8.74 43.34 -19.31
CA SER D 325 10.11 43.68 -18.98
C SER D 325 11.10 42.72 -19.60
N ALA D 326 12.33 43.19 -19.76
CA ALA D 326 13.41 42.38 -20.23
C ALA D 326 13.62 41.30 -19.20
N LEU D 327 13.51 41.66 -17.94
CA LEU D 327 13.69 40.70 -16.90
C LEU D 327 12.78 39.53 -17.18
N ARG D 328 11.49 39.81 -17.30
CA ARG D 328 10.46 38.81 -17.59
C ARG D 328 10.84 38.00 -18.78
N ARG D 329 11.50 38.61 -19.75
CA ARG D 329 11.87 37.84 -20.91
C ARG D 329 13.03 36.94 -20.60
N ASP D 330 13.87 37.31 -19.62
CA ASP D 330 15.03 36.55 -19.32
C ASP D 330 14.63 35.36 -18.54
N ARG D 331 13.59 35.55 -17.75
CA ARG D 331 13.11 34.54 -16.84
C ARG D 331 12.29 33.52 -17.56
N VAL D 332 11.59 33.93 -18.61
CA VAL D 332 10.85 33.02 -19.50
C VAL D 332 11.75 32.11 -20.32
N LEU D 333 12.82 32.68 -20.87
CA LEU D 333 13.80 31.89 -21.57
C LEU D 333 14.48 30.93 -20.60
N SER D 334 14.82 31.36 -19.41
CA SER D 334 15.34 30.43 -18.41
C SER D 334 14.40 29.25 -18.25
N TYR D 335 13.12 29.53 -17.97
CA TYR D 335 12.12 28.47 -17.84
C TYR D 335 12.10 27.55 -19.05
N ILE D 336 12.16 28.14 -20.24
CA ILE D 336 12.23 27.36 -21.47
C ILE D 336 13.42 26.42 -21.44
N ASP D 337 14.57 26.98 -21.11
CA ASP D 337 15.76 26.21 -20.98
C ASP D 337 15.57 25.12 -19.96
N ILE D 338 14.83 25.40 -18.91
CA ILE D 338 14.71 24.41 -17.87
C ILE D 338 13.65 23.39 -18.21
N ALA D 339 12.70 23.79 -19.00
CA ALA D 339 11.80 22.83 -19.55
C ALA D 339 12.55 21.80 -20.38
N ILE D 340 13.41 22.25 -21.25
CA ILE D 340 14.21 21.42 -22.12
C ILE D 340 15.13 20.48 -21.36
N GLU D 341 15.92 21.02 -20.46
CA GLU D 341 16.90 20.24 -19.80
C GLU D 341 16.21 19.17 -19.01
N GLN D 342 14.95 19.44 -18.71
CA GLN D 342 14.20 18.57 -17.85
C GLN D 342 13.46 17.62 -18.73
N GLY D 343 13.71 17.69 -20.03
CA GLY D 343 13.22 16.69 -20.94
C GLY D 343 12.13 17.08 -21.90
N GLY D 344 11.33 18.06 -21.51
CA GLY D 344 10.24 18.48 -22.35
C GLY D 344 10.69 18.73 -23.77
N LYS D 345 9.80 18.49 -24.72
CA LYS D 345 10.07 18.83 -26.09
C LYS D 345 9.28 20.05 -26.48
N VAL D 346 9.99 21.05 -26.98
CA VAL D 346 9.36 22.19 -27.57
C VAL D 346 8.72 21.96 -28.92
N LEU D 347 7.43 22.17 -29.01
CA LEU D 347 6.67 21.93 -30.24
C LEU D 347 6.46 23.21 -31.03
N ALA D 348 6.71 24.34 -30.39
CA ALA D 348 6.57 25.64 -31.06
C ALA D 348 7.33 26.70 -30.28
N GLY D 349 7.71 27.76 -30.96
CA GLY D 349 8.49 28.81 -30.31
C GLY D 349 9.79 28.32 -29.74
N GLY D 350 10.05 28.67 -28.49
CA GLY D 350 11.25 28.23 -27.83
C GLY D 350 12.19 29.36 -27.53
N LYS D 351 11.92 30.53 -28.09
CA LYS D 351 12.77 31.66 -27.83
C LYS D 351 12.32 32.97 -28.41
N ALA D 352 13.23 33.92 -28.41
CA ALA D 352 13.00 35.23 -28.95
C ALA D 352 13.08 35.19 -30.46
N PRO D 353 12.33 36.04 -31.12
CA PRO D 353 12.30 36.08 -32.58
C PRO D 353 13.60 36.50 -33.23
N ASP D 354 13.73 36.09 -34.47
CA ASP D 354 14.92 36.32 -35.28
C ASP D 354 14.86 37.55 -36.14
N ASP D 355 13.96 38.45 -35.83
CA ASP D 355 13.64 39.52 -36.76
C ASP D 355 14.79 40.51 -36.82
N LYS D 356 15.38 40.83 -35.68
CA LYS D 356 16.27 41.98 -35.54
C LYS D 356 15.66 43.37 -35.65
N ALA D 357 14.40 43.43 -36.03
CA ALA D 357 13.58 44.61 -35.89
C ALA D 357 12.63 44.29 -34.77
N LEU D 358 13.07 43.43 -33.85
CA LEU D 358 12.28 43.01 -32.71
C LEU D 358 13.37 42.89 -31.65
N ALA D 359 14.55 42.64 -32.17
CA ALA D 359 15.80 42.29 -31.47
C ALA D 359 15.81 43.10 -30.17
N ASN D 360 15.48 44.38 -30.27
CA ASN D 360 15.65 45.30 -29.15
C ASN D 360 14.56 45.14 -28.10
N GLY D 361 13.46 44.52 -28.49
CA GLY D 361 12.34 44.30 -27.61
C GLY D 361 12.44 42.99 -26.85
N PHE D 362 11.56 42.83 -25.87
CA PHE D 362 11.61 41.67 -25.00
C PHE D 362 10.65 40.63 -25.51
N TYR D 363 10.77 40.30 -26.78
CA TYR D 363 9.86 39.35 -27.40
C TYR D 363 10.24 37.90 -27.09
N VAL D 364 9.24 37.03 -27.01
CA VAL D 364 9.48 35.60 -26.89
C VAL D 364 8.43 34.93 -27.76
N GLU D 365 8.83 33.96 -28.55
CA GLU D 365 7.87 33.29 -29.43
C GLU D 365 6.85 32.48 -28.67
N PRO D 366 5.61 32.49 -29.14
CA PRO D 366 4.58 31.63 -28.57
C PRO D 366 5.17 30.26 -28.43
N THR D 367 5.29 29.77 -27.21
CA THR D 367 6.03 28.56 -26.93
C THR D 367 5.12 27.45 -26.40
N VAL D 368 5.37 26.23 -26.85
CA VAL D 368 4.56 25.09 -26.46
C VAL D 368 5.49 23.93 -26.19
N VAL D 369 5.43 23.39 -25.00
CA VAL D 369 6.36 22.38 -24.57
C VAL D 369 5.65 21.17 -24.05
N GLU D 370 5.94 20.01 -24.63
CA GLU D 370 5.42 18.76 -24.11
C GLU D 370 6.25 18.41 -22.90
N ALA D 371 5.57 18.00 -21.85
CA ALA D 371 6.24 17.79 -20.56
C ALA D 371 5.55 16.73 -19.70
N LYS D 372 5.96 16.71 -18.44
CA LYS D 372 5.42 15.82 -17.43
C LYS D 372 4.83 16.67 -16.35
N PRO D 373 3.78 16.20 -15.68
CA PRO D 373 3.15 17.03 -14.69
C PRO D 373 4.08 17.31 -13.56
N GLN D 374 5.14 16.51 -13.45
CA GLN D 374 6.14 16.67 -12.40
C GLN D 374 7.09 17.80 -12.73
N ASP D 375 7.08 18.20 -13.98
CA ASP D 375 8.09 19.12 -14.47
C ASP D 375 8.01 20.43 -13.71
N ARG D 376 9.12 21.15 -13.71
CA ARG D 376 9.27 22.39 -12.99
C ARG D 376 8.38 23.43 -13.63
N VAL D 377 8.35 23.38 -14.94
CA VAL D 377 7.67 24.35 -15.77
C VAL D 377 6.19 24.08 -15.76
N CYS D 378 5.81 22.98 -15.14
CA CYS D 378 4.43 22.57 -15.06
C CYS D 378 3.86 22.86 -13.70
N GLN D 379 4.71 23.41 -12.85
CA GLN D 379 4.44 23.62 -11.44
C GLN D 379 4.73 25.05 -11.06
N GLU D 380 5.71 25.64 -11.73
CA GLU D 380 6.12 27.01 -11.46
C GLU D 380 5.42 27.90 -12.45
N GLU D 381 5.17 29.13 -12.07
CA GLU D 381 4.51 30.02 -12.99
C GLU D 381 5.49 30.72 -13.89
N VAL D 382 5.49 30.31 -15.15
CA VAL D 382 6.20 31.01 -16.18
C VAL D 382 5.21 32.03 -16.64
N PHE D 383 5.55 33.30 -16.57
CA PHE D 383 4.55 34.33 -16.77
C PHE D 383 4.62 34.84 -18.19
N GLY D 384 4.58 33.92 -19.14
CA GLY D 384 4.78 34.26 -20.53
C GLY D 384 3.97 33.45 -21.52
N PRO D 385 4.28 33.61 -22.80
CA PRO D 385 3.53 32.95 -23.86
C PRO D 385 3.97 31.50 -23.90
N PHE D 386 3.61 30.75 -22.88
CA PHE D 386 4.24 29.48 -22.66
C PHE D 386 3.25 28.47 -22.11
N VAL D 387 2.92 27.47 -22.93
CA VAL D 387 2.06 26.37 -22.52
C VAL D 387 2.85 25.09 -22.43
N THR D 388 2.51 24.29 -21.44
CA THR D 388 3.05 22.96 -21.32
C THR D 388 1.96 22.04 -21.82
N VAL D 389 2.34 20.92 -22.39
CA VAL D 389 1.36 19.93 -22.79
C VAL D 389 1.60 18.64 -22.03
N VAL D 390 0.51 18.06 -21.53
CA VAL D 390 0.57 16.80 -20.84
C VAL D 390 -0.65 16.03 -21.28
N ARG D 391 -0.58 14.72 -21.28
CA ARG D 391 -1.70 13.92 -21.75
C ARG D 391 -2.27 13.17 -20.59
N PHE D 392 -3.49 12.70 -20.74
CA PHE D 392 -4.13 11.93 -19.69
C PHE D 392 -5.10 10.98 -20.33
N SER D 393 -5.70 10.13 -19.51
CA SER D 393 -6.60 9.13 -20.06
C SER D 393 -7.84 8.90 -19.23
N SER D 394 -7.95 9.55 -18.09
CA SER D 394 -9.08 9.34 -17.25
C SER D 394 -9.42 10.61 -16.52
N ASP D 395 -10.69 10.96 -16.45
CA ASP D 395 -11.11 12.16 -15.77
C ASP D 395 -10.34 12.28 -14.50
N GLU D 396 -10.15 11.17 -13.82
CA GLU D 396 -9.55 11.21 -12.50
C GLU D 396 -8.13 11.68 -12.59
N GLU D 397 -7.49 11.31 -13.67
CA GLU D 397 -6.12 11.66 -13.89
C GLU D 397 -6.04 13.13 -14.25
N ALA D 398 -6.90 13.58 -15.15
CA ALA D 398 -6.99 14.99 -15.52
C ALA D 398 -7.13 15.84 -14.30
N LEU D 399 -8.08 15.48 -13.45
CA LEU D 399 -8.28 16.09 -12.16
C LEU D 399 -7.03 16.08 -11.33
N ALA D 400 -6.39 14.93 -11.22
CA ALA D 400 -5.20 14.82 -10.41
C ALA D 400 -4.17 15.79 -10.90
N ILE D 401 -3.91 15.81 -12.20
CA ILE D 401 -3.02 16.79 -12.76
C ILE D 401 -3.49 18.20 -12.39
N ALA D 402 -4.66 18.59 -12.88
CA ALA D 402 -5.20 19.92 -12.65
C ALA D 402 -4.92 20.38 -11.23
N ASN D 403 -5.03 19.49 -10.28
CA ASN D 403 -4.96 19.84 -8.88
C ASN D 403 -3.60 19.62 -8.29
N ASN D 404 -2.72 19.04 -9.07
CA ASN D 404 -1.39 18.79 -8.59
C ASN D 404 -0.51 19.98 -8.81
N THR D 405 -0.95 21.11 -8.28
CA THR D 405 -0.11 22.28 -8.11
C THR D 405 -0.45 22.97 -6.80
N GLU D 406 0.27 24.05 -6.56
CA GLU D 406 0.08 24.89 -5.40
C GLU D 406 -0.77 26.10 -5.72
N TYR D 407 -1.11 26.27 -6.99
CA TYR D 407 -1.95 27.40 -7.36
C TYR D 407 -3.41 27.02 -7.29
N GLY D 408 -4.28 28.00 -7.19
CA GLY D 408 -5.71 27.75 -7.15
C GLY D 408 -6.54 28.83 -7.78
N LEU D 409 -5.98 29.49 -8.78
CA LEU D 409 -6.56 30.67 -9.33
C LEU D 409 -7.66 30.45 -10.34
N GLY D 410 -7.24 30.09 -11.54
CA GLY D 410 -8.18 29.76 -12.59
C GLY D 410 -7.99 28.33 -13.04
N SER D 411 -8.91 27.91 -13.90
CA SER D 411 -8.93 26.56 -14.41
C SER D 411 -9.98 26.51 -15.51
N GLY D 412 -9.91 25.48 -16.34
CA GLY D 412 -10.87 25.37 -17.41
C GLY D 412 -10.80 24.01 -18.04
N LEU D 413 -11.92 23.56 -18.56
CA LEU D 413 -11.98 22.24 -19.12
C LEU D 413 -12.87 22.28 -20.31
N TRP D 414 -12.76 21.28 -21.16
CA TRP D 414 -13.62 21.20 -22.31
C TRP D 414 -14.18 19.82 -22.49
N THR D 415 -15.50 19.70 -22.41
CA THR D 415 -16.23 18.52 -22.87
C THR D 415 -17.61 18.93 -23.29
N GLN D 416 -18.37 17.99 -23.83
CA GLN D 416 -19.76 18.19 -24.11
C GLN D 416 -20.56 17.35 -23.16
N ASN D 417 -19.88 16.74 -22.21
CA ASN D 417 -20.50 15.89 -21.20
C ASN D 417 -20.97 16.68 -20.01
N LEU D 418 -22.25 16.64 -19.74
CA LEU D 418 -22.84 17.44 -18.69
C LEU D 418 -22.26 17.07 -17.36
N ALA D 419 -22.35 15.80 -17.02
CA ALA D 419 -21.83 15.38 -15.79
C ALA D 419 -20.39 15.70 -15.52
N ARG D 420 -19.52 15.29 -16.43
CA ARG D 420 -18.10 15.60 -16.31
C ARG D 420 -17.79 17.06 -16.15
N ALA D 421 -18.39 17.89 -16.99
CA ALA D 421 -18.24 19.34 -16.85
C ALA D 421 -18.37 19.78 -15.39
N HIS D 422 -19.48 19.44 -14.75
CA HIS D 422 -19.72 19.91 -13.39
C HIS D 422 -18.91 19.15 -12.36
N LYS D 423 -18.81 17.84 -12.48
CA LYS D 423 -18.02 17.08 -11.53
C LYS D 423 -16.60 17.61 -11.48
N MET D 424 -16.02 17.92 -12.62
CA MET D 424 -14.68 18.46 -12.66
C MET D 424 -14.62 19.86 -12.08
N ALA D 425 -15.45 20.77 -12.57
CA ALA D 425 -15.48 22.14 -12.04
C ALA D 425 -15.62 22.16 -10.51
N ASN D 426 -16.42 21.26 -9.95
CA ASN D 426 -16.62 21.20 -8.51
C ASN D 426 -15.42 20.62 -7.81
N ALA D 427 -14.68 19.81 -8.53
CA ALA D 427 -13.57 19.08 -7.94
C ALA D 427 -12.22 19.77 -8.10
N ILE D 428 -12.13 20.74 -8.99
CA ILE D 428 -10.87 21.46 -9.18
C ILE D 428 -10.70 22.53 -8.09
N HIS D 429 -9.60 22.48 -7.36
CA HIS D 429 -9.33 23.46 -6.33
C HIS D 429 -8.83 24.76 -6.95
N ALA D 430 -9.76 25.54 -7.48
CA ALA D 430 -9.47 26.83 -8.08
C ALA D 430 -10.61 27.77 -7.74
N GLY D 431 -10.33 29.07 -7.71
CA GLY D 431 -11.33 30.06 -7.41
C GLY D 431 -12.34 30.18 -8.55
N MET D 432 -11.89 29.94 -9.76
CA MET D 432 -12.81 30.02 -10.88
C MET D 432 -12.50 28.90 -11.84
N CYS D 433 -13.48 28.50 -12.62
CA CYS D 433 -13.30 27.38 -13.52
C CYS D 433 -14.14 27.61 -14.74
N TRP D 434 -13.53 27.54 -15.91
CA TRP D 434 -14.24 27.81 -17.14
C TRP D 434 -14.45 26.58 -17.94
N ILE D 435 -15.64 26.43 -18.49
CA ILE D 435 -15.96 25.24 -19.26
C ILE D 435 -16.32 25.65 -20.68
N ASN D 436 -15.64 25.07 -21.63
CA ASN D 436 -15.81 25.38 -23.05
C ASN D 436 -15.61 26.87 -23.34
N CYS D 437 -14.74 27.47 -22.55
CA CYS D 437 -14.37 28.86 -22.70
C CYS D 437 -13.24 29.00 -21.73
N TYR D 438 -12.58 30.15 -21.71
CA TYR D 438 -11.47 30.34 -20.78
C TYR D 438 -11.20 31.81 -20.58
N LYS D 439 -10.64 32.18 -19.44
CA LYS D 439 -10.28 33.57 -19.14
C LYS D 439 -11.45 34.50 -19.34
N ARG D 440 -12.67 34.03 -19.06
CA ARG D 440 -13.82 34.90 -19.18
C ARG D 440 -14.03 35.51 -17.83
N VAL D 441 -14.07 36.83 -17.81
CA VAL D 441 -14.15 37.58 -16.59
C VAL D 441 -15.22 38.64 -16.72
N SER D 442 -15.99 38.81 -15.66
CA SER D 442 -17.05 39.80 -15.64
C SER D 442 -16.95 40.59 -14.36
N PRO D 443 -17.42 41.81 -14.37
CA PRO D 443 -17.24 42.70 -13.22
C PRO D 443 -18.09 42.28 -12.02
N GLY D 444 -19.09 41.46 -12.22
CA GLY D 444 -19.89 41.01 -11.11
C GLY D 444 -19.58 39.61 -10.64
N SER D 445 -18.80 38.89 -11.43
CA SER D 445 -18.43 37.52 -11.08
C SER D 445 -17.12 37.49 -10.32
N PRO D 446 -17.14 36.96 -9.11
CA PRO D 446 -15.99 37.03 -8.22
C PRO D 446 -14.73 36.44 -8.82
N PHE D 447 -13.64 37.18 -8.67
CA PHE D 447 -12.38 36.74 -9.26
C PHE D 447 -11.37 36.67 -8.13
N GLY D 448 -10.77 35.52 -7.93
CA GLY D 448 -9.73 35.44 -6.94
C GLY D 448 -9.28 34.03 -6.78
N GLY D 449 -8.31 33.83 -5.89
CA GLY D 449 -7.71 32.54 -5.74
C GLY D 449 -8.16 31.77 -4.52
N VAL D 450 -7.52 30.62 -4.39
CA VAL D 450 -7.82 29.68 -3.35
C VAL D 450 -6.44 29.15 -3.00
N GLY D 451 -6.30 28.58 -1.80
CA GLY D 451 -5.00 28.09 -1.38
C GLY D 451 -3.90 29.15 -1.46
N GLN D 452 -2.81 28.83 -2.11
CA GLN D 452 -1.69 29.75 -2.13
C GLN D 452 -1.75 30.73 -3.26
N SER D 453 -2.85 30.75 -3.98
CA SER D 453 -3.05 31.78 -4.97
C SER D 453 -3.83 32.88 -4.32
N GLY D 454 -4.06 32.72 -3.04
CA GLY D 454 -4.39 33.83 -2.18
C GLY D 454 -5.78 33.74 -1.64
N TYR D 455 -6.35 34.90 -1.38
CA TYR D 455 -7.71 34.99 -0.91
C TYR D 455 -8.23 36.38 -1.14
N GLY D 456 -9.53 36.56 -0.91
CA GLY D 456 -10.20 37.78 -1.28
C GLY D 456 -10.66 37.64 -2.71
N ARG D 457 -11.57 38.49 -3.11
CA ARG D 457 -12.05 38.41 -4.45
C ARG D 457 -12.23 39.81 -4.98
N GLU D 458 -12.07 39.93 -6.28
CA GLU D 458 -12.34 41.17 -6.91
C GLU D 458 -13.55 40.91 -7.76
N MET D 459 -14.31 41.96 -8.02
CA MET D 459 -15.52 41.79 -8.78
C MET D 459 -16.66 41.49 -7.85
N GLY D 460 -17.85 41.82 -8.30
CA GLY D 460 -19.07 41.49 -7.61
C GLY D 460 -19.29 42.15 -6.28
N PHE D 461 -20.22 41.59 -5.55
CA PHE D 461 -20.53 42.04 -4.24
C PHE D 461 -19.45 41.53 -3.32
N GLU D 462 -18.78 40.47 -3.72
CA GLU D 462 -17.69 39.95 -2.91
C GLU D 462 -16.56 40.95 -2.79
N ALA D 463 -16.19 41.59 -3.89
CA ALA D 463 -15.18 42.62 -3.83
C ALA D 463 -15.61 43.70 -2.85
N ILE D 464 -16.85 44.11 -2.95
CA ILE D 464 -17.37 45.10 -2.03
C ILE D 464 -17.27 44.61 -0.61
N HIS D 465 -17.61 43.35 -0.39
CA HIS D 465 -17.53 42.81 0.96
C HIS D 465 -16.14 42.98 1.49
N ASP D 466 -15.16 42.76 0.62
CA ASP D 466 -13.76 42.82 0.95
C ASP D 466 -13.29 44.19 1.32
N TYR D 467 -14.06 45.20 0.96
CA TYR D 467 -13.71 46.57 1.19
C TYR D 467 -14.63 47.28 2.10
N THR D 468 -15.38 46.53 2.89
CA THR D 468 -16.29 47.12 3.85
C THR D 468 -16.09 46.43 5.17
N GLU D 469 -16.65 47.01 6.22
CA GLU D 469 -16.60 46.43 7.54
C GLU D 469 -18.03 46.26 7.99
N ALA D 470 -18.31 45.23 8.78
CA ALA D 470 -19.53 45.14 9.51
C ALA D 470 -19.49 46.06 10.73
N ARG D 471 -20.49 46.92 10.82
CA ARG D 471 -20.69 47.72 12.00
C ARG D 471 -22.08 47.48 12.51
N SER D 472 -22.15 46.75 13.60
CA SER D 472 -23.40 46.35 14.17
C SER D 472 -23.83 47.27 15.28
N VAL D 473 -25.05 47.77 15.16
CA VAL D 473 -25.56 48.74 16.09
C VAL D 473 -26.73 48.17 16.83
N TRP D 474 -26.66 48.20 18.15
CA TRP D 474 -27.76 47.69 18.94
C TRP D 474 -28.49 48.82 19.59
N VAL D 475 -29.78 48.90 19.34
CA VAL D 475 -30.61 49.85 20.06
C VAL D 475 -31.53 49.12 20.99
N ASN D 476 -31.48 49.44 22.28
CA ASN D 476 -32.47 48.92 23.20
C ASN D 476 -33.69 49.84 23.25
N VAL D 477 -34.77 49.47 22.58
CA VAL D 477 -35.92 50.34 22.50
C VAL D 477 -37.03 49.97 23.46
N ASP D 478 -37.54 48.75 23.36
CA ASP D 478 -38.72 48.35 24.13
C ASP D 478 -38.43 47.48 25.35
N ALA D 479 -37.37 46.69 25.29
CA ALA D 479 -37.06 45.72 26.33
C ALA D 479 -36.39 46.35 27.53
N LYS D 480 -36.55 45.71 28.67
CA LYS D 480 -35.90 46.16 29.90
C LYS D 480 -35.37 44.97 30.69
N ILE D 481 -34.43 44.21 30.15
CA ILE D 481 -33.98 43.06 30.92
C ILE D 481 -33.46 43.47 32.28
N ALA D 482 -33.45 42.52 33.20
CA ALA D 482 -33.43 42.75 34.61
C ALA D 482 -32.00 43.18 34.78
N PRO D 483 -31.69 43.72 35.95
CA PRO D 483 -30.38 43.76 36.58
C PRO D 483 -29.79 42.38 36.65
N HIS D 484 -28.56 42.24 36.19
CA HIS D 484 -27.91 40.95 36.28
C HIS D 484 -27.75 40.70 37.75
N PHE D 485 -27.02 41.58 38.41
CA PHE D 485 -27.00 41.60 39.87
C PHE D 485 -28.33 42.13 40.38
N LYS D 486 -29.23 41.22 40.72
CA LYS D 486 -30.43 41.57 41.42
C LYS D 486 -30.03 42.14 42.76
N ARG D 487 -30.18 43.45 42.92
CA ARG D 487 -29.68 44.11 44.10
C ARG D 487 -28.73 43.19 44.86
N MET E 1 32.13 60.61 -2.79
CA MET E 1 32.43 59.46 -3.63
C MET E 1 31.93 59.60 -5.06
N GLN E 2 32.61 58.89 -5.95
CA GLN E 2 32.36 58.94 -7.38
C GLN E 2 31.19 58.07 -7.76
N ASN E 3 30.53 58.41 -8.85
CA ASN E 3 29.27 57.83 -9.17
C ASN E 3 28.92 57.79 -10.62
N GLN E 4 29.84 58.22 -11.47
CA GLN E 4 29.53 58.45 -12.86
C GLN E 4 30.22 57.40 -13.69
N LEU E 5 29.89 57.37 -14.97
CA LEU E 5 30.62 56.52 -15.86
C LEU E 5 32.00 57.09 -15.82
N TYR E 6 32.96 56.28 -16.19
CA TYR E 6 34.34 56.71 -16.38
C TYR E 6 34.74 56.32 -17.77
N ILE E 7 34.87 57.31 -18.63
CA ILE E 7 35.18 57.08 -20.02
C ILE E 7 36.30 58.02 -20.49
N ASP E 8 37.35 57.45 -21.06
CA ASP E 8 38.49 58.24 -21.54
C ASP E 8 39.07 59.20 -20.50
N GLY E 9 39.33 58.70 -19.31
CA GLY E 9 39.99 59.47 -18.27
C GLY E 9 39.14 60.46 -17.51
N ARG E 10 37.82 60.40 -17.71
CA ARG E 10 36.91 61.36 -17.11
C ARG E 10 35.74 60.68 -16.43
N PHE E 11 35.20 61.30 -15.39
CA PHE E 11 33.90 60.89 -14.91
C PHE E 11 32.85 61.73 -15.62
N VAL E 12 31.93 61.03 -16.25
CA VAL E 12 31.06 61.62 -17.20
C VAL E 12 29.70 61.11 -16.88
N ASP E 13 28.69 61.97 -16.93
CA ASP E 13 27.34 61.51 -16.69
C ASP E 13 26.98 60.61 -17.83
N ALA E 14 25.73 60.16 -17.85
CA ALA E 14 25.28 59.24 -18.87
C ALA E 14 24.74 60.03 -20.02
N VAL E 15 25.03 59.58 -21.22
CA VAL E 15 24.57 60.32 -22.35
C VAL E 15 23.16 60.83 -22.20
N ALA E 16 22.27 59.90 -21.95
CA ALA E 16 20.88 60.20 -21.69
C ALA E 16 20.56 60.49 -20.23
N GLY E 17 21.57 60.86 -19.46
CA GLY E 17 21.33 61.30 -18.10
C GLY E 17 20.60 60.27 -17.28
N GLY E 18 20.84 59.02 -17.60
CA GLY E 18 20.28 57.92 -16.87
C GLY E 18 20.86 57.88 -15.49
N THR E 19 20.08 57.36 -14.57
CA THR E 19 20.50 57.27 -13.20
C THR E 19 19.94 56.01 -12.64
N ILE E 20 20.67 55.46 -11.70
CA ILE E 20 20.32 54.25 -10.97
C ILE E 20 20.59 54.43 -9.48
N ASP E 21 19.62 54.06 -8.65
CA ASP E 21 19.79 54.22 -7.21
C ASP E 21 20.72 53.14 -6.67
N VAL E 22 21.71 53.57 -5.90
CA VAL E 22 22.62 52.62 -5.25
C VAL E 22 22.39 52.62 -3.75
N VAL E 23 22.03 51.47 -3.22
CA VAL E 23 21.45 51.45 -1.90
C VAL E 23 22.35 50.77 -0.87
N SER E 24 22.04 50.91 0.40
CA SER E 24 22.75 50.21 1.43
C SER E 24 21.97 48.98 1.81
N PRO E 25 22.62 47.83 1.84
CA PRO E 25 21.95 46.55 2.03
C PRO E 25 21.56 46.38 3.47
N HIS E 26 22.10 47.26 4.28
CA HIS E 26 21.82 47.24 5.71
C HIS E 26 20.53 47.86 6.11
N ASP E 27 20.20 48.95 5.47
CA ASP E 27 18.98 49.66 5.84
C ASP E 27 18.23 50.20 4.63
N GLY E 28 18.67 49.83 3.45
CA GLY E 28 17.95 50.17 2.23
C GLY E 28 18.04 51.63 1.85
N SER E 29 18.73 52.41 2.69
CA SER E 29 18.97 53.83 2.43
C SER E 29 19.83 54.09 1.18
N LEU E 30 19.62 55.24 0.56
CA LEU E 30 20.32 55.58 -0.66
C LEU E 30 21.75 56.03 -0.38
N ILE E 31 22.74 55.39 -0.98
CA ILE E 31 24.11 55.83 -0.81
C ILE E 31 24.47 56.95 -1.79
N THR E 32 23.92 56.88 -2.99
CA THR E 32 24.15 57.84 -4.04
C THR E 32 23.37 57.35 -5.26
N ARG E 33 23.36 58.15 -6.30
CA ARG E 33 22.77 57.77 -7.56
C ARG E 33 23.91 57.71 -8.51
N ILE E 34 23.85 56.73 -9.38
CA ILE E 34 24.92 56.50 -10.29
C ILE E 34 24.46 56.69 -11.70
N ALA E 35 25.33 57.18 -12.55
CA ALA E 35 25.05 57.38 -13.96
C ALA E 35 24.76 56.10 -14.66
N ALA E 36 23.66 56.03 -15.38
CA ALA E 36 23.28 54.76 -15.95
C ALA E 36 23.69 54.68 -17.41
N ALA E 37 24.81 54.00 -17.68
CA ALA E 37 25.27 53.83 -19.04
C ALA E 37 24.24 53.08 -19.87
N GLU E 38 24.03 53.45 -21.10
CA GLU E 38 23.22 52.60 -21.93
C GLU E 38 24.04 52.26 -23.13
N ALA E 39 23.41 51.77 -24.17
CA ALA E 39 24.09 51.43 -25.41
C ALA E 39 25.00 52.52 -25.92
N ALA E 40 24.55 53.76 -25.84
CA ALA E 40 25.25 54.90 -26.40
C ALA E 40 26.55 55.18 -25.70
N ASP E 41 26.47 55.17 -24.39
CA ASP E 41 27.59 55.25 -23.47
C ASP E 41 28.66 54.18 -23.72
N VAL E 42 28.20 52.94 -23.85
CA VAL E 42 29.01 51.77 -24.07
C VAL E 42 29.75 51.89 -25.37
N ASP E 43 29.21 52.70 -26.25
CA ASP E 43 29.82 52.94 -27.53
C ASP E 43 30.96 53.86 -27.30
N LEU E 44 30.68 54.93 -26.60
CA LEU E 44 31.69 55.93 -26.34
C LEU E 44 32.87 55.33 -25.61
N ALA E 45 32.57 54.43 -24.69
CA ALA E 45 33.54 53.68 -23.92
C ALA E 45 34.39 52.81 -24.85
N VAL E 46 33.73 52.03 -25.69
CA VAL E 46 34.41 51.15 -26.61
C VAL E 46 35.29 51.95 -27.55
N ALA E 47 34.83 53.15 -27.91
CA ALA E 47 35.58 54.01 -28.81
C ALA E 47 36.85 54.49 -28.10
N ALA E 48 36.68 54.84 -26.84
CA ALA E 48 37.80 55.29 -26.04
C ALA E 48 38.79 54.16 -25.91
N ALA E 49 38.32 52.98 -25.59
CA ALA E 49 39.21 51.86 -25.51
C ALA E 49 39.95 51.62 -26.82
N LYS E 50 39.18 51.53 -27.89
CA LYS E 50 39.72 51.38 -29.23
C LYS E 50 40.79 52.40 -29.55
N ARG E 51 40.58 53.63 -29.16
CA ARG E 51 41.56 54.66 -29.35
C ARG E 51 42.81 54.31 -28.58
N ALA E 52 42.60 53.92 -27.33
CA ALA E 52 43.69 53.68 -26.39
C ALA E 52 44.50 52.45 -26.73
N PHE E 53 43.88 51.51 -27.42
CA PHE E 53 44.47 50.18 -27.59
C PHE E 53 45.87 50.14 -28.22
N PRO E 54 46.06 50.85 -29.32
CA PRO E 54 47.34 50.72 -30.01
C PRO E 54 48.54 51.19 -29.17
N ALA E 55 48.46 52.38 -28.61
CA ALA E 55 49.51 52.84 -27.72
C ALA E 55 49.68 51.97 -26.49
N TRP E 56 48.60 51.36 -26.03
CA TRP E 56 48.62 50.57 -24.81
C TRP E 56 49.18 49.19 -25.08
N SER E 57 48.90 48.64 -26.25
CA SER E 57 49.33 47.30 -26.60
C SER E 57 50.75 47.28 -27.13
N ALA E 58 51.33 48.45 -27.33
CA ALA E 58 52.70 48.57 -27.78
C ALA E 58 53.46 49.27 -26.70
N LEU E 59 52.93 49.15 -25.50
CA LEU E 59 53.46 49.84 -24.37
C LEU E 59 54.69 49.13 -23.90
N GLY E 60 54.80 47.87 -24.24
CA GLY E 60 55.95 47.07 -23.81
C GLY E 60 55.62 46.49 -22.45
N ALA E 61 55.42 45.17 -22.44
CA ALA E 61 54.80 44.51 -21.30
C ALA E 61 55.21 45.02 -19.92
N ALA E 62 56.50 45.22 -19.70
CA ALA E 62 56.96 45.65 -18.39
C ALA E 62 56.24 46.91 -17.88
N GLU E 63 55.91 47.79 -18.81
CA GLU E 63 55.27 49.06 -18.52
C GLU E 63 53.83 48.89 -18.09
N ARG E 64 53.16 47.96 -18.72
CA ARG E 64 51.82 47.64 -18.34
C ARG E 64 51.90 47.00 -17.00
N GLY E 65 52.90 46.15 -16.81
CA GLY E 65 53.12 45.50 -15.54
C GLY E 65 53.39 46.45 -14.40
N ARG E 66 54.26 47.42 -14.63
CA ARG E 66 54.64 48.41 -13.62
C ARG E 66 53.46 49.20 -13.15
N LEU E 67 52.50 49.39 -14.03
CA LEU E 67 51.32 50.15 -13.72
C LEU E 67 50.37 49.32 -12.88
N LEU E 68 50.31 48.04 -13.17
CA LEU E 68 49.42 47.15 -12.47
C LEU E 68 49.98 46.88 -11.10
N LEU E 69 51.30 46.94 -11.01
CA LEU E 69 51.98 46.81 -9.75
C LEU E 69 51.80 48.08 -8.97
N LYS E 70 51.77 49.19 -9.65
CA LYS E 70 51.53 50.44 -8.97
C LYS E 70 50.09 50.53 -8.50
N LEU E 71 49.19 49.83 -9.17
CA LEU E 71 47.79 49.78 -8.80
C LEU E 71 47.57 48.95 -7.54
N ALA E 72 48.19 47.79 -7.50
CA ALA E 72 48.10 46.94 -6.31
C ALA E 72 48.50 47.73 -5.07
N ASP E 73 49.61 48.41 -5.21
CA ASP E 73 50.18 49.27 -4.20
C ASP E 73 49.22 50.34 -3.76
N ARG E 74 48.53 50.95 -4.71
CA ARG E 74 47.58 51.99 -4.40
C ARG E 74 46.41 51.41 -3.68
N ILE E 75 45.88 50.35 -4.23
CA ILE E 75 44.75 49.69 -3.59
C ILE E 75 45.06 49.38 -2.15
N GLU E 76 46.28 48.96 -1.86
CA GLU E 76 46.61 48.66 -0.48
C GLU E 76 46.69 49.93 0.36
N GLU E 77 47.28 50.98 -0.20
CA GLU E 77 47.33 52.27 0.47
C GLU E 77 45.93 52.81 0.79
N CYS E 78 45.00 52.50 -0.08
CA CYS E 78 43.62 52.97 -0.04
C CYS E 78 42.68 51.95 0.44
N SER E 79 43.17 51.09 1.28
CA SER E 79 42.56 49.84 1.54
C SER E 79 41.43 49.99 2.45
N GLU E 80 41.51 50.92 3.36
CA GLU E 80 40.43 51.15 4.27
C GLU E 80 39.32 51.89 3.63
N GLU E 81 39.66 52.78 2.75
CA GLU E 81 38.68 53.48 2.03
C GLU E 81 37.87 52.55 1.20
N LEU E 82 38.55 51.71 0.45
CA LEU E 82 37.89 50.72 -0.39
C LEU E 82 37.19 49.71 0.44
N ALA E 83 37.79 49.29 1.52
CA ALA E 83 37.09 48.38 2.38
C ALA E 83 35.74 48.92 2.73
N GLN E 84 35.70 50.12 3.23
CA GLN E 84 34.44 50.66 3.65
C GLN E 84 33.54 50.96 2.52
N LEU E 85 34.07 51.55 1.48
CA LEU E 85 33.24 51.77 0.32
C LEU E 85 32.60 50.48 -0.12
N GLU E 86 33.34 49.41 -0.21
CA GLU E 86 32.76 48.17 -0.69
C GLU E 86 31.83 47.50 0.28
N SER E 87 31.96 47.76 1.56
CA SER E 87 31.09 47.09 2.48
C SER E 87 29.77 47.76 2.50
N LEU E 88 29.80 49.07 2.39
CA LEU E 88 28.63 49.91 2.43
C LEU E 88 27.76 49.66 1.25
N ASN E 89 28.38 49.48 0.12
CA ASN E 89 27.64 49.21 -1.06
C ASN E 89 27.18 47.80 -1.15
N THR E 90 27.94 46.88 -0.61
CA THR E 90 27.69 45.47 -0.91
C THR E 90 27.04 44.73 0.24
N GLY E 91 27.36 45.13 1.46
CA GLY E 91 26.86 44.44 2.64
C GLY E 91 27.89 43.51 3.21
N HIS E 92 29.04 43.42 2.56
CA HIS E 92 30.17 42.66 3.09
C HIS E 92 30.61 43.21 4.43
N PRO E 93 30.74 42.32 5.38
CA PRO E 93 31.35 42.66 6.62
C PRO E 93 32.69 43.20 6.26
N ILE E 94 33.01 44.27 6.93
CA ILE E 94 34.15 45.07 6.64
C ILE E 94 35.37 44.30 7.06
N ARG E 95 35.20 43.36 7.95
CA ARG E 95 36.29 42.49 8.29
C ARG E 95 36.55 41.68 7.06
N ASP E 96 35.51 41.44 6.29
CA ASP E 96 35.62 40.67 5.08
C ASP E 96 36.26 41.50 3.99
N SER E 97 35.98 42.79 3.99
CA SER E 97 36.54 43.67 2.98
C SER E 97 37.94 44.16 3.30
N ARG E 98 38.24 44.28 4.59
CA ARG E 98 39.57 44.64 5.04
C ARG E 98 40.55 43.48 4.93
N GLY E 99 40.14 42.32 5.39
CA GLY E 99 40.98 41.16 5.32
C GLY E 99 40.86 40.32 4.07
N LEU E 100 39.79 40.49 3.32
CA LEU E 100 39.66 39.66 2.15
C LEU E 100 39.48 40.48 0.90
N ASP E 101 38.31 41.03 0.73
CA ASP E 101 38.01 41.82 -0.45
C ASP E 101 39.21 42.56 -0.97
N VAL E 102 39.87 43.28 -0.10
CA VAL E 102 40.90 44.22 -0.53
C VAL E 102 42.23 43.57 -0.82
N PRO E 103 42.68 42.69 0.06
CA PRO E 103 43.97 42.04 -0.15
C PRO E 103 43.92 41.07 -1.29
N ARG E 104 42.74 40.65 -1.69
CA ARG E 104 42.61 39.72 -2.78
C ARG E 104 42.61 40.48 -4.06
N THR E 105 42.02 41.67 -3.99
CA THR E 105 42.00 42.59 -5.09
C THR E 105 43.41 43.09 -5.36
N ALA E 106 44.13 43.42 -4.31
CA ALA E 106 45.45 43.98 -4.46
C ALA E 106 46.44 42.91 -4.84
N ALA E 107 46.15 41.67 -4.50
CA ALA E 107 47.09 40.61 -4.75
C ALA E 107 46.92 40.15 -6.17
N CYS E 108 45.73 40.29 -6.69
CA CYS E 108 45.42 39.80 -8.01
C CYS E 108 45.80 40.82 -9.04
N PHE E 109 45.98 42.06 -8.65
CA PHE E 109 46.51 43.04 -9.56
C PHE E 109 48.02 42.95 -9.53
N ARG E 110 48.58 42.58 -8.40
CA ARG E 110 50.00 42.38 -8.28
C ARG E 110 50.45 41.17 -9.06
N TYR E 111 49.65 40.13 -9.08
CA TYR E 111 50.06 38.92 -9.76
C TYR E 111 50.20 39.18 -11.23
N PHE E 112 49.17 39.80 -11.79
CA PHE E 112 49.06 40.03 -13.21
C PHE E 112 49.88 41.22 -13.65
N GLY E 113 50.37 41.97 -12.69
CA GLY E 113 51.31 43.02 -12.97
C GLY E 113 52.68 42.45 -13.21
N GLY E 114 52.97 41.31 -12.61
CA GLY E 114 54.22 40.63 -12.78
C GLY E 114 54.15 39.60 -13.88
N MET E 115 53.02 39.62 -14.56
CA MET E 115 52.70 38.71 -15.63
C MET E 115 52.86 39.32 -17.00
N ALA E 116 52.73 40.63 -17.07
CA ALA E 116 52.74 41.31 -18.35
C ALA E 116 53.91 40.92 -19.22
N ASP E 117 55.10 40.86 -18.67
CA ASP E 117 56.27 40.54 -19.45
C ASP E 117 56.69 39.09 -19.33
N LYS E 118 55.78 38.25 -18.84
CA LYS E 118 56.04 36.84 -18.76
C LYS E 118 55.13 36.13 -19.73
N ILE E 119 54.37 36.91 -20.47
CA ILE E 119 53.48 36.38 -21.48
C ILE E 119 54.31 36.14 -22.72
N GLU E 120 54.57 34.89 -23.04
CA GLU E 120 55.52 34.59 -24.10
C GLU E 120 54.90 33.86 -25.27
N GLY E 121 55.39 34.17 -26.45
CA GLY E 121 54.95 33.52 -27.67
C GLY E 121 55.80 32.29 -27.86
N SER E 122 55.88 31.83 -29.08
CA SER E 122 56.59 30.61 -29.25
C SER E 122 57.19 30.53 -30.62
N VAL E 123 58.13 29.63 -30.76
CA VAL E 123 58.77 29.37 -32.01
C VAL E 123 58.62 27.90 -32.27
N ILE E 124 58.10 27.58 -33.44
CA ILE E 124 57.66 26.24 -33.75
C ILE E 124 58.70 25.51 -34.55
N PRO E 125 58.85 24.22 -34.34
CA PRO E 125 59.77 23.49 -35.21
C PRO E 125 59.09 23.27 -36.56
N VAL E 126 59.52 24.00 -37.58
CA VAL E 126 58.91 23.91 -38.89
C VAL E 126 59.92 23.41 -39.88
N ASP E 127 59.57 23.41 -41.15
CA ASP E 127 60.45 22.87 -42.15
C ASP E 127 61.82 23.49 -42.14
N ALA E 128 62.68 22.96 -42.98
CA ALA E 128 64.02 23.43 -43.08
C ALA E 128 63.99 24.68 -43.90
N GLY E 129 64.54 25.76 -43.39
CA GLY E 129 64.51 26.97 -44.18
C GLY E 129 63.51 27.99 -43.68
N PHE E 130 62.61 27.62 -42.80
CA PHE E 130 61.67 28.59 -42.30
C PHE E 130 61.94 28.95 -40.88
N LEU E 131 61.58 30.18 -40.54
CA LEU E 131 61.49 30.62 -39.19
C LEU E 131 60.02 30.72 -38.95
N ASN E 132 59.54 30.08 -37.93
CA ASN E 132 58.14 30.25 -37.58
C ASN E 132 58.03 30.65 -36.13
N TYR E 133 57.64 31.89 -35.89
CA TYR E 133 57.48 32.38 -34.54
C TYR E 133 56.03 32.74 -34.32
N VAL E 134 55.58 32.61 -33.09
CA VAL E 134 54.19 32.87 -32.81
C VAL E 134 54.06 33.84 -31.67
N GLN E 135 53.46 34.98 -31.94
CA GLN E 135 53.24 35.92 -30.84
C GLN E 135 51.90 35.65 -30.22
N ARG E 136 51.82 35.87 -28.92
CA ARG E 136 50.55 35.95 -28.25
C ARG E 136 50.32 37.42 -28.17
N LYS E 137 49.31 37.92 -28.84
CA LYS E 137 49.03 39.34 -28.78
C LYS E 137 47.75 39.57 -28.05
N PRO E 138 47.51 40.77 -27.57
CA PRO E 138 46.23 41.04 -26.96
C PRO E 138 45.14 40.90 -27.98
N ILE E 139 43.95 40.54 -27.52
CA ILE E 139 42.83 40.42 -28.41
C ILE E 139 42.43 41.78 -28.93
N GLY E 140 42.42 42.75 -28.04
CA GLY E 140 42.10 44.09 -28.44
C GLY E 140 41.25 44.80 -27.44
N VAL E 141 40.03 45.09 -27.81
CA VAL E 141 39.15 45.76 -26.89
C VAL E 141 38.28 44.72 -26.30
N VAL E 142 38.32 44.64 -24.99
CA VAL E 142 37.68 43.55 -24.27
C VAL E 142 36.54 44.11 -23.43
N ALA E 143 35.39 43.46 -23.47
CA ALA E 143 34.25 43.88 -22.66
C ALA E 143 34.13 42.93 -21.48
N GLN E 144 33.88 43.48 -20.30
CA GLN E 144 33.73 42.67 -19.13
C GLN E 144 32.54 43.08 -18.33
N ILE E 145 31.68 42.12 -18.03
CA ILE E 145 30.52 42.33 -17.21
C ILE E 145 30.72 41.56 -15.91
N VAL E 146 30.68 42.25 -14.77
CA VAL E 146 30.89 41.56 -13.49
C VAL E 146 29.66 41.63 -12.62
N PRO E 147 29.45 40.62 -11.78
CA PRO E 147 28.32 40.63 -10.87
C PRO E 147 28.59 41.46 -9.63
N TRP E 148 27.61 41.48 -8.74
CA TRP E 148 27.64 42.33 -7.57
C TRP E 148 28.12 41.63 -6.32
N ASN E 149 28.53 40.36 -6.43
CA ASN E 149 28.94 39.64 -5.24
C ASN E 149 30.35 39.96 -4.76
N PHE E 150 31.22 40.35 -5.67
CA PHE E 150 32.59 40.74 -5.30
C PHE E 150 33.01 41.89 -6.20
N PRO E 151 32.22 42.95 -6.21
CA PRO E 151 32.49 44.04 -7.13
C PRO E 151 33.98 44.36 -7.17
N LEU E 152 34.56 44.58 -6.00
CA LEU E 152 35.93 45.01 -5.89
C LEU E 152 36.91 43.96 -6.38
N MET E 153 36.84 42.79 -5.79
CA MET E 153 37.74 41.69 -6.09
C MET E 153 37.70 41.38 -7.57
N PHE E 154 36.51 41.33 -8.15
CA PHE E 154 36.35 40.97 -9.54
C PHE E 154 36.94 42.00 -10.51
N THR E 155 37.17 43.23 -10.06
CA THR E 155 37.90 44.14 -10.91
C THR E 155 39.27 43.56 -11.18
N SER E 156 39.94 43.09 -10.14
CA SER E 156 41.29 42.55 -10.27
C SER E 156 41.27 41.31 -11.10
N TRP E 157 40.44 40.38 -10.69
CA TRP E 157 40.31 39.14 -11.39
C TRP E 157 40.16 39.30 -12.89
N LYS E 158 39.35 40.27 -13.28
CA LYS E 158 38.89 40.42 -14.64
C LYS E 158 39.80 41.28 -15.47
N MET E 159 40.18 42.41 -14.90
CA MET E 159 40.99 43.39 -15.59
C MET E 159 42.44 43.03 -15.50
N GLY E 160 42.81 42.37 -14.41
CA GLY E 160 44.20 41.98 -14.22
C GLY E 160 44.82 41.34 -15.45
N PRO E 161 44.29 40.18 -15.87
CA PRO E 161 44.80 39.46 -17.03
C PRO E 161 44.66 40.28 -18.32
N ALA E 162 43.48 40.83 -18.56
CA ALA E 162 43.24 41.57 -19.80
C ALA E 162 44.22 42.72 -19.99
N LEU E 163 44.42 43.48 -18.95
CA LEU E 163 45.30 44.59 -18.98
C LEU E 163 46.71 44.19 -19.15
N ALA E 164 47.16 43.22 -18.39
CA ALA E 164 48.52 42.72 -18.47
C ALA E 164 48.86 42.23 -19.87
N ALA E 165 47.91 41.59 -20.52
CA ALA E 165 48.14 41.08 -21.84
C ALA E 165 48.08 42.18 -22.88
N GLY E 166 47.67 43.36 -22.46
CA GLY E 166 47.65 44.53 -23.31
C GLY E 166 46.35 44.85 -24.00
N ASN E 167 45.24 44.42 -23.43
CA ASN E 167 43.93 44.73 -23.97
C ASN E 167 43.41 46.00 -23.35
N THR E 168 42.58 46.75 -24.05
CA THR E 168 41.90 47.81 -23.38
C THR E 168 40.55 47.26 -23.06
N ILE E 169 39.94 47.85 -22.07
CA ILE E 169 38.81 47.30 -21.42
C ILE E 169 37.70 48.28 -21.32
N VAL E 170 36.51 47.79 -21.59
CA VAL E 170 35.24 48.41 -21.25
C VAL E 170 34.58 47.50 -20.25
N ILE E 171 34.54 47.92 -19.01
CA ILE E 171 34.01 47.07 -17.97
C ILE E 171 32.70 47.59 -17.40
N LYS E 172 31.75 46.68 -17.26
CA LYS E 172 30.47 47.02 -16.67
C LYS E 172 30.18 46.24 -15.39
N PRO E 173 30.38 46.87 -14.23
CA PRO E 173 29.89 46.30 -12.98
C PRO E 173 28.38 46.49 -12.92
N SER E 174 27.77 45.97 -11.87
CA SER E 174 26.35 46.09 -11.75
C SER E 174 25.94 47.49 -11.30
N GLU E 175 24.66 47.78 -11.45
CA GLU E 175 24.08 49.01 -11.02
C GLU E 175 23.98 48.92 -9.54
N ILE E 176 24.26 47.74 -9.01
CA ILE E 176 24.01 47.49 -7.62
C ILE E 176 25.24 47.77 -6.81
N THR E 177 26.40 47.51 -7.40
CA THR E 177 27.65 47.63 -6.70
C THR E 177 28.75 48.23 -7.55
N PRO E 178 28.52 49.45 -8.02
CA PRO E 178 29.43 50.13 -8.92
C PRO E 178 30.52 50.91 -8.26
N LEU E 179 30.36 51.23 -6.98
CA LEU E 179 31.12 52.27 -6.32
C LEU E 179 32.57 51.96 -6.16
N SER E 180 32.86 50.68 -6.05
CA SER E 180 34.20 50.23 -5.83
C SER E 180 34.99 50.16 -7.11
N THR E 181 34.27 49.96 -8.21
CA THR E 181 34.91 49.83 -9.50
C THR E 181 35.22 51.18 -10.07
N LEU E 182 34.47 52.17 -9.62
CA LEU E 182 34.68 53.51 -10.11
C LEU E 182 35.88 54.07 -9.43
N ARG E 183 35.99 53.81 -8.14
CA ARG E 183 37.11 54.30 -7.40
C ARG E 183 38.34 53.60 -7.86
N ILE E 184 38.21 52.39 -8.39
CA ILE E 184 39.39 51.68 -8.76
C ILE E 184 39.95 52.24 -10.04
N VAL E 185 39.14 52.58 -11.00
CA VAL E 185 39.64 53.20 -12.17
C VAL E 185 40.22 54.60 -11.90
N GLU E 186 39.71 55.25 -10.89
CA GLU E 186 40.28 56.49 -10.48
C GLU E 186 41.68 56.19 -10.02
N LEU E 187 41.82 55.23 -9.12
CA LEU E 187 43.11 54.81 -8.63
C LEU E 187 44.04 54.40 -9.75
N MET E 188 43.45 53.95 -10.83
CA MET E 188 44.19 53.59 -12.01
C MET E 188 44.78 54.79 -12.70
N THR E 189 44.03 55.88 -12.79
CA THR E 189 44.54 57.10 -13.37
C THR E 189 45.52 57.73 -12.44
N GLU E 190 45.23 57.72 -11.15
CA GLU E 190 46.15 58.26 -10.15
C GLU E 190 47.50 57.59 -10.29
N VAL E 191 47.53 56.38 -10.82
CA VAL E 191 48.75 55.59 -10.84
C VAL E 191 49.45 55.63 -12.19
N GLY E 192 48.77 56.11 -13.23
CA GLY E 192 49.43 56.35 -14.50
C GLY E 192 48.82 55.64 -15.69
N PHE E 193 47.75 54.88 -15.48
CA PHE E 193 47.06 54.25 -16.60
C PHE E 193 46.59 55.30 -17.59
N PRO E 194 46.95 55.14 -18.86
CA PRO E 194 46.49 56.05 -19.91
C PRO E 194 44.98 56.10 -20.05
N LYS E 195 44.47 57.28 -20.36
CA LYS E 195 43.07 57.48 -20.63
C LYS E 195 42.55 56.47 -21.64
N GLY E 196 41.33 55.99 -21.40
CA GLY E 196 40.71 55.10 -22.35
C GLY E 196 41.17 53.65 -22.29
N VAL E 197 42.22 53.37 -21.53
CA VAL E 197 42.65 52.00 -21.40
C VAL E 197 41.63 51.22 -20.60
N VAL E 198 41.05 51.85 -19.60
CA VAL E 198 39.94 51.24 -18.89
C VAL E 198 38.77 52.22 -18.84
N ASN E 199 37.60 51.69 -19.12
CA ASN E 199 36.38 52.48 -19.17
C ASN E 199 35.31 51.76 -18.41
N VAL E 200 34.79 52.42 -17.38
CA VAL E 200 33.80 51.81 -16.51
C VAL E 200 32.44 52.40 -16.84
N VAL E 201 31.49 51.49 -16.98
CA VAL E 201 30.22 51.75 -17.60
C VAL E 201 29.11 51.01 -16.86
N PRO E 202 28.89 51.36 -15.60
CA PRO E 202 27.83 50.77 -14.81
C PRO E 202 26.48 51.08 -15.41
N GLY E 203 25.59 50.12 -15.35
CA GLY E 203 24.30 50.27 -15.92
C GLY E 203 23.58 48.96 -15.78
N TYR E 204 22.42 48.86 -16.38
CA TYR E 204 21.66 47.65 -16.28
C TYR E 204 22.24 46.67 -17.27
N GLY E 205 21.71 45.46 -17.31
CA GLY E 205 22.21 44.45 -18.22
C GLY E 205 21.73 44.61 -19.65
N HIS E 206 20.43 44.83 -19.76
CA HIS E 206 19.71 44.89 -21.02
C HIS E 206 20.06 46.14 -21.78
N THR E 207 20.77 47.03 -21.12
CA THR E 207 21.17 48.27 -21.73
C THR E 207 22.65 48.22 -22.09
N ALA E 208 23.47 48.55 -21.12
CA ALA E 208 24.93 48.54 -21.24
C ALA E 208 25.42 47.13 -21.55
N GLY E 209 25.02 46.18 -20.71
CA GLY E 209 25.41 44.79 -20.91
C GLY E 209 25.20 44.29 -22.33
N GLN E 210 23.94 44.31 -22.73
CA GLN E 210 23.53 43.72 -23.97
C GLN E 210 24.23 44.41 -25.10
N ALA E 211 24.64 45.64 -24.84
CA ALA E 211 25.28 46.45 -25.85
C ALA E 211 26.73 46.13 -25.89
N LEU E 212 27.30 45.83 -24.74
CA LEU E 212 28.69 45.49 -24.65
C LEU E 212 28.89 44.18 -25.35
N ALA E 213 27.94 43.28 -25.15
CA ALA E 213 28.02 41.93 -25.66
C ALA E 213 27.68 41.78 -27.12
N GLU E 214 27.19 42.84 -27.73
CA GLU E 214 27.01 42.80 -29.16
C GLU E 214 27.93 43.74 -29.91
N HIS E 215 28.64 44.61 -29.23
CA HIS E 215 29.46 45.54 -29.95
C HIS E 215 30.29 44.83 -30.98
N LEU E 216 30.41 45.43 -32.16
CA LEU E 216 31.14 44.81 -33.25
C LEU E 216 32.63 45.05 -33.14
N ASP E 217 33.01 45.92 -32.22
CA ASP E 217 34.39 46.31 -32.10
C ASP E 217 35.03 45.68 -30.89
N VAL E 218 34.21 45.09 -30.07
CA VAL E 218 34.66 44.33 -28.92
C VAL E 218 35.07 42.94 -29.36
N GLY E 219 36.29 42.55 -29.04
CA GLY E 219 36.86 41.29 -29.47
C GLY E 219 36.64 40.11 -28.56
N LYS E 220 36.22 40.36 -27.35
CA LYS E 220 35.97 39.27 -26.45
C LYS E 220 35.02 39.74 -25.41
N ILE E 221 34.27 38.83 -24.82
CA ILE E 221 33.42 39.24 -23.72
C ILE E 221 33.59 38.28 -22.60
N ALA E 222 33.98 38.80 -21.46
CA ALA E 222 34.15 38.02 -20.26
C ALA E 222 32.96 38.32 -19.43
N PHE E 223 32.17 37.30 -19.15
CA PHE E 223 30.97 37.52 -18.39
C PHE E 223 30.86 36.59 -17.18
N THR E 224 30.53 37.13 -16.03
CA THR E 224 30.25 36.33 -14.86
C THR E 224 28.84 36.66 -14.38
N GLY E 225 28.00 35.65 -14.25
CA GLY E 225 26.62 35.92 -13.89
C GLY E 225 25.76 34.72 -14.12
N SER E 226 24.45 34.86 -14.09
CA SER E 226 23.62 33.67 -14.11
C SER E 226 23.85 32.93 -15.40
N THR E 227 23.53 31.65 -15.43
CA THR E 227 23.65 30.89 -16.65
C THR E 227 22.78 31.57 -17.66
N ALA E 228 21.54 31.83 -17.26
CA ALA E 228 20.55 32.43 -18.12
C ALA E 228 21.05 33.61 -18.91
N THR E 229 21.43 34.67 -18.21
CA THR E 229 21.90 35.86 -18.89
C THR E 229 23.13 35.52 -19.70
N GLY E 230 23.88 34.55 -19.22
CA GLY E 230 25.01 33.99 -19.93
C GLY E 230 24.65 33.55 -21.35
N ARG E 231 23.61 32.73 -21.42
CA ARG E 231 23.14 32.13 -22.64
C ARG E 231 22.81 33.19 -23.65
N ARG E 232 22.42 34.36 -23.18
CA ARG E 232 22.12 35.48 -24.04
C ARG E 232 23.36 36.25 -24.28
N ILE E 233 24.34 36.09 -23.41
CA ILE E 233 25.65 36.67 -23.66
C ILE E 233 26.26 35.94 -24.85
N VAL E 234 26.03 34.63 -24.90
CA VAL E 234 26.40 33.81 -26.03
C VAL E 234 25.54 34.15 -27.24
N GLU E 235 24.23 34.28 -27.06
CA GLU E 235 23.36 34.61 -28.18
C GLU E 235 23.92 35.80 -28.93
N ALA E 236 24.47 36.74 -28.20
CA ALA E 236 24.77 38.05 -28.75
C ALA E 236 26.13 38.13 -29.40
N SER E 237 27.07 37.39 -28.87
CA SER E 237 28.42 37.39 -29.36
C SER E 237 28.44 37.09 -30.85
N LYS E 238 27.33 36.56 -31.34
CA LYS E 238 27.28 36.08 -32.70
C LYS E 238 27.22 37.21 -33.71
N SER E 239 27.33 38.43 -33.23
CA SER E 239 27.36 39.57 -34.11
C SER E 239 28.72 39.70 -34.76
N ASN E 240 29.78 39.77 -33.97
CA ASN E 240 31.08 39.84 -34.61
C ASN E 240 31.93 38.64 -34.29
N LEU E 241 31.30 37.67 -33.64
CA LEU E 241 31.95 36.45 -33.28
C LEU E 241 33.14 36.74 -32.42
N LYS E 242 32.90 37.45 -31.34
CA LYS E 242 33.93 37.75 -30.40
C LYS E 242 34.12 36.54 -29.53
N ARG E 243 35.28 36.43 -28.92
CA ARG E 243 35.58 35.37 -27.99
C ARG E 243 34.80 35.61 -26.73
N ILE E 244 34.46 34.53 -26.09
CA ILE E 244 33.62 34.55 -24.91
C ILE E 244 34.28 33.84 -23.74
N GLN E 245 34.06 34.39 -22.55
CA GLN E 245 34.44 33.76 -21.30
C GLN E 245 33.18 33.82 -20.44
N LEU E 246 32.78 32.69 -19.89
CA LEU E 246 31.58 32.65 -19.07
C LEU E 246 31.87 31.90 -17.77
N GLU E 247 31.62 32.58 -16.65
CA GLU E 247 31.46 31.91 -15.39
C GLU E 247 29.98 32.05 -14.99
N LEU E 248 29.25 30.93 -14.99
CA LEU E 248 27.79 30.99 -14.89
C LEU E 248 27.22 30.31 -13.67
N GLY E 249 27.95 30.29 -12.57
CA GLY E 249 27.38 29.82 -11.33
C GLY E 249 27.87 28.45 -10.92
N GLY E 250 27.63 28.14 -9.65
CA GLY E 250 28.02 26.87 -9.11
C GLY E 250 27.00 26.35 -8.12
N LYS E 251 26.96 25.04 -8.00
CA LYS E 251 26.13 24.38 -7.04
C LYS E 251 27.11 23.49 -6.34
N GLY E 252 27.89 24.09 -5.47
CA GLY E 252 29.07 23.50 -4.91
C GLY E 252 28.91 22.32 -3.99
N ALA E 253 29.60 21.24 -4.33
CA ALA E 253 29.60 20.06 -3.51
C ALA E 253 30.63 20.21 -2.43
N ASN E 254 30.22 19.97 -1.20
CA ASN E 254 31.10 20.03 -0.06
C ASN E 254 30.99 18.74 0.71
N ILE E 255 31.73 17.73 0.27
CA ILE E 255 31.58 16.39 0.74
C ILE E 255 32.36 16.18 2.01
N VAL E 256 31.71 15.56 3.00
CA VAL E 256 32.41 15.22 4.24
C VAL E 256 32.36 13.73 4.52
N PHE E 257 33.47 13.06 4.34
CA PHE E 257 33.55 11.62 4.48
C PHE E 257 33.74 11.20 5.93
N GLU E 258 33.72 9.91 6.20
CA GLU E 258 33.79 9.44 7.57
C GLU E 258 35.07 9.78 8.31
N ASP E 259 36.20 9.78 7.62
CA ASP E 259 37.45 10.04 8.30
C ASP E 259 37.88 11.48 8.26
N ALA E 260 36.94 12.37 7.99
CA ALA E 260 37.27 13.78 7.99
C ALA E 260 37.47 14.29 9.37
N ASN E 261 38.32 15.28 9.50
CA ASN E 261 38.43 16.04 10.72
C ASN E 261 37.32 17.06 10.73
N ILE E 262 36.20 16.64 11.30
CA ILE E 262 34.93 17.32 11.20
C ILE E 262 34.93 18.68 11.85
N GLU E 263 35.86 18.94 12.74
CA GLU E 263 35.97 20.25 13.32
C GLU E 263 36.55 21.18 12.30
N ALA E 264 37.55 20.69 11.58
CA ALA E 264 38.09 21.43 10.44
C ALA E 264 37.03 21.54 9.37
N ALA E 265 36.36 20.45 9.06
CA ALA E 265 35.42 20.46 7.95
C ALA E 265 34.27 21.39 8.20
N VAL E 266 33.89 21.55 9.45
CA VAL E 266 32.80 22.41 9.83
C VAL E 266 33.20 23.87 9.71
N ASN E 267 34.40 24.17 10.14
CA ASN E 267 34.88 25.52 10.03
C ASN E 267 34.98 25.84 8.56
N GLY E 268 35.23 24.82 7.75
CA GLY E 268 35.37 25.01 6.33
C GLY E 268 34.04 25.15 5.65
N ALA E 269 33.12 24.30 6.02
CA ALA E 269 31.78 24.37 5.49
C ALA E 269 31.11 25.67 5.92
N ALA E 270 31.39 26.12 7.13
CA ALA E 270 30.80 27.38 7.54
C ALA E 270 31.36 28.52 6.69
N TRP E 271 32.66 28.52 6.48
CA TRP E 271 33.30 29.50 5.62
C TRP E 271 32.91 29.34 4.18
N ALA E 272 32.67 28.11 3.77
CA ALA E 272 32.43 27.79 2.38
C ALA E 272 31.07 28.21 1.91
N ILE E 273 30.20 28.56 2.84
CA ILE E 273 28.82 28.86 2.50
C ILE E 273 28.25 30.10 3.14
N PHE E 274 28.79 30.50 4.27
CA PHE E 274 28.26 31.67 4.96
C PHE E 274 29.10 32.90 4.77
N HIS E 275 30.35 32.73 4.37
CA HIS E 275 31.16 33.88 4.03
C HIS E 275 30.56 34.55 2.82
N ASN E 276 30.73 35.86 2.75
CA ASN E 276 30.09 36.67 1.76
C ASN E 276 28.60 36.37 1.63
N GLN E 277 28.03 35.87 2.71
CA GLN E 277 26.61 35.66 2.81
C GLN E 277 26.14 34.75 1.71
N GLY E 278 27.03 33.86 1.29
CA GLY E 278 26.72 32.84 0.33
C GLY E 278 26.76 33.29 -1.11
N GLN E 279 27.04 34.57 -1.30
CA GLN E 279 27.02 35.15 -2.61
C GLN E 279 28.31 34.89 -3.32
N ALA E 280 28.57 33.62 -3.52
CA ALA E 280 29.81 33.19 -4.16
C ALA E 280 29.46 31.93 -4.93
N CYS E 281 29.82 31.91 -6.19
CA CYS E 281 29.46 30.78 -7.00
C CYS E 281 30.27 29.57 -6.62
N ILE E 282 31.35 29.78 -5.91
CA ILE E 282 32.15 28.65 -5.50
C ILE E 282 31.81 28.23 -4.08
N ALA E 283 30.78 28.85 -3.53
CA ALA E 283 30.27 28.53 -2.20
C ALA E 283 29.92 27.07 -2.07
N GLY E 284 30.21 26.50 -0.91
CA GLY E 284 29.85 25.12 -0.62
C GLY E 284 28.40 25.10 -0.15
N SER E 285 27.49 25.13 -1.11
CA SER E 285 26.06 25.26 -0.83
C SER E 285 25.37 23.92 -0.70
N ARG E 286 26.10 22.84 -0.98
CA ARG E 286 25.52 21.52 -0.87
C ARG E 286 26.36 20.61 -0.01
N LEU E 287 26.12 20.60 1.30
CA LEU E 287 26.81 19.70 2.21
C LEU E 287 26.38 18.26 1.94
N ILE E 288 27.37 17.40 1.78
CA ILE E 288 27.14 15.99 1.53
C ILE E 288 27.89 15.22 2.62
N LEU E 289 27.15 14.83 3.64
CA LEU E 289 27.77 14.26 4.83
C LEU E 289 27.60 12.77 4.87
N HIS E 290 28.65 12.06 5.24
CA HIS E 290 28.51 10.64 5.43
C HIS E 290 27.60 10.43 6.60
N LYS E 291 26.87 9.34 6.58
CA LYS E 291 25.89 9.08 7.61
C LYS E 291 26.52 8.89 8.98
N ASP E 292 27.74 8.40 9.01
CA ASP E 292 28.38 8.08 10.27
C ASP E 292 29.04 9.26 10.94
N ILE E 293 28.98 10.41 10.29
CA ILE E 293 29.54 11.65 10.80
C ILE E 293 28.59 12.81 10.64
N ALA E 294 27.42 12.53 10.09
CA ALA E 294 26.44 13.57 9.84
C ALA E 294 25.92 14.24 11.13
N ASP E 295 25.58 13.46 12.13
CA ASP E 295 25.05 14.05 13.32
C ASP E 295 26.16 14.72 14.12
N GLN E 296 27.36 14.16 14.09
CA GLN E 296 28.46 14.78 14.81
C GLN E 296 28.77 16.13 14.24
N PHE E 297 28.62 16.23 12.92
CA PHE E 297 28.94 17.41 12.13
C PHE E 297 27.85 18.46 12.21
N LEU E 298 26.66 18.10 11.77
CA LEU E 298 25.52 18.98 11.82
C LEU E 298 25.36 19.54 13.20
N GLU E 299 25.62 18.71 14.19
CA GLU E 299 25.48 19.13 15.56
C GLU E 299 26.28 20.38 15.80
N ARG E 300 27.44 20.50 15.19
CA ARG E 300 28.22 21.69 15.45
C ARG E 300 28.17 22.69 14.33
N PHE E 301 27.81 22.25 13.15
CA PHE E 301 27.63 23.17 12.06
C PHE E 301 26.43 23.99 12.39
N ILE E 302 25.41 23.36 12.93
CA ILE E 302 24.22 24.10 13.23
C ILE E 302 24.50 25.05 14.38
N ALA E 303 25.22 24.56 15.37
CA ALA E 303 25.64 25.41 16.46
C ALA E 303 26.36 26.62 15.92
N LEU E 304 27.40 26.39 15.14
CA LEU E 304 28.19 27.45 14.56
C LEU E 304 27.28 28.39 13.82
N ALA E 305 26.58 27.90 12.83
CA ALA E 305 25.68 28.71 12.05
C ALA E 305 24.90 29.78 12.79
N LYS E 306 24.13 29.37 13.79
CA LYS E 306 23.34 30.28 14.58
C LYS E 306 24.16 31.20 15.44
N SER E 307 25.42 30.87 15.66
CA SER E 307 26.26 31.70 16.49
C SER E 307 26.80 32.83 15.65
N ILE E 308 26.51 32.79 14.36
CA ILE E 308 27.01 33.78 13.44
C ILE E 308 26.36 35.12 13.71
N ARG E 309 27.21 36.13 13.75
CA ARG E 309 26.85 37.49 14.07
C ARG E 309 26.42 38.26 12.85
N LEU E 310 25.14 38.14 12.52
CA LEU E 310 24.55 38.82 11.41
C LEU E 310 24.31 40.24 11.82
N GLY E 311 24.64 41.20 10.99
CA GLY E 311 24.44 42.60 11.33
C GLY E 311 25.11 43.65 10.47
N ASP E 312 25.19 44.88 10.96
CA ASP E 312 25.66 46.03 10.19
C ASP E 312 27.04 45.91 9.57
N PRO E 313 27.07 45.70 8.27
CA PRO E 313 28.31 45.54 7.51
C PRO E 313 29.46 46.33 8.06
N MET E 314 29.18 47.45 8.68
CA MET E 314 30.21 48.38 9.05
C MET E 314 30.81 48.05 10.39
N ASP E 315 30.27 47.05 11.04
CA ASP E 315 30.84 46.56 12.25
C ASP E 315 31.85 45.46 11.93
N PRO E 316 33.06 45.77 12.36
CA PRO E 316 34.20 44.87 12.45
C PRO E 316 33.84 43.67 13.29
N GLU E 317 32.69 43.74 13.93
CA GLU E 317 32.21 42.64 14.75
C GLU E 317 31.22 41.80 14.01
N THR E 318 30.82 42.25 12.84
CA THR E 318 29.87 41.52 12.08
C THR E 318 30.59 40.39 11.38
N GLU E 319 29.94 39.24 11.31
CA GLU E 319 30.50 38.09 10.65
C GLU E 319 29.76 37.77 9.36
N MET E 320 28.48 38.10 9.30
CA MET E 320 27.73 38.03 8.07
C MET E 320 26.94 39.30 7.94
N GLY E 321 26.86 39.85 6.74
CA GLY E 321 26.04 41.01 6.48
C GLY E 321 24.75 40.64 5.80
N PRO E 322 24.07 41.62 5.18
CA PRO E 322 22.85 41.34 4.44
C PRO E 322 23.21 40.83 3.05
N LEU E 323 22.23 40.26 2.34
CA LEU E 323 22.41 40.00 0.93
C LEU E 323 22.46 41.37 0.33
N THR E 324 23.06 41.53 -0.85
CA THR E 324 23.33 42.87 -1.34
C THR E 324 22.13 43.53 -2.05
N SER E 325 21.17 42.73 -2.47
CA SER E 325 19.95 43.32 -3.05
C SER E 325 18.67 42.77 -2.42
N ALA E 326 17.65 43.62 -2.35
CA ALA E 326 16.35 43.23 -1.84
C ALA E 326 15.77 42.08 -2.67
N LEU E 327 15.91 42.17 -3.98
CA LEU E 327 15.53 41.06 -4.83
C LEU E 327 16.23 39.75 -4.51
N ARG E 328 17.55 39.77 -4.30
CA ARG E 328 18.25 38.58 -3.93
C ARG E 328 17.69 38.04 -2.63
N ARG E 329 17.42 38.93 -1.69
CA ARG E 329 16.77 38.52 -0.48
C ARG E 329 15.49 37.78 -0.75
N ASP E 330 14.68 38.33 -1.63
CA ASP E 330 13.34 37.86 -1.83
C ASP E 330 13.39 36.51 -2.44
N ARG E 331 14.42 36.28 -3.22
CA ARG E 331 14.53 35.04 -3.91
C ARG E 331 15.03 34.00 -3.03
N VAL E 332 15.96 34.35 -2.17
CA VAL E 332 16.49 33.39 -1.27
C VAL E 332 15.40 32.91 -0.36
N LEU E 333 14.61 33.84 0.15
CA LEU E 333 13.54 33.51 1.06
C LEU E 333 12.50 32.69 0.35
N SER E 334 12.33 32.97 -0.93
CA SER E 334 11.49 32.16 -1.76
C SER E 334 12.05 30.76 -1.80
N TYR E 335 13.34 30.64 -2.03
CA TYR E 335 13.97 29.33 -2.17
C TYR E 335 13.87 28.50 -0.91
N ILE E 336 13.97 29.18 0.21
CA ILE E 336 13.75 28.61 1.52
C ILE E 336 12.34 28.01 1.61
N ASP E 337 11.38 28.81 1.21
CA ASP E 337 10.02 28.36 1.19
C ASP E 337 9.89 27.15 0.32
N ILE E 338 10.64 27.08 -0.76
CA ILE E 338 10.46 25.97 -1.65
C ILE E 338 11.24 24.77 -1.19
N ALA E 339 12.29 25.00 -0.46
CA ALA E 339 12.92 23.92 0.22
C ALA E 339 11.96 23.23 1.18
N ILE E 340 11.29 24.00 1.98
CA ILE E 340 10.32 23.53 2.95
C ILE E 340 9.17 22.76 2.31
N GLU E 341 8.57 23.42 1.32
CA GLU E 341 7.43 22.98 0.56
C GLU E 341 7.74 21.67 -0.08
N GLN E 342 9.02 21.30 -0.10
CA GLN E 342 9.45 20.08 -0.80
C GLN E 342 9.92 19.00 0.14
N GLY E 343 9.65 19.25 1.41
CA GLY E 343 9.95 18.34 2.50
C GLY E 343 11.23 18.67 3.25
N GLY E 344 11.92 19.72 2.81
CA GLY E 344 13.12 20.18 3.48
C GLY E 344 12.85 20.46 4.96
N LYS E 345 13.85 20.17 5.77
CA LYS E 345 13.85 20.48 7.16
C LYS E 345 14.89 21.56 7.33
N VAL E 346 14.45 22.69 7.81
CA VAL E 346 15.38 23.70 8.26
C VAL E 346 15.98 23.49 9.63
N LEU E 347 17.28 23.36 9.70
CA LEU E 347 17.99 23.09 10.94
C LEU E 347 18.55 24.37 11.56
N ALA E 348 18.59 25.44 10.78
CA ALA E 348 19.07 26.72 11.26
C ALA E 348 18.59 27.83 10.35
N GLY E 349 18.51 29.04 10.89
CA GLY E 349 18.02 30.17 10.13
C GLY E 349 16.73 29.85 9.40
N GLY E 350 16.73 30.01 8.09
CA GLY E 350 15.55 29.74 7.29
C GLY E 350 14.58 30.90 7.30
N LYS E 351 15.10 32.12 7.40
CA LYS E 351 14.26 33.30 7.47
C LYS E 351 15.10 34.54 7.69
N ALA E 352 14.49 35.69 7.48
CA ALA E 352 15.15 36.95 7.77
C ALA E 352 15.10 37.18 9.27
N PRO E 353 15.96 38.06 9.77
CA PRO E 353 15.98 38.34 11.21
C PRO E 353 14.81 39.21 11.65
N ASP E 354 14.53 39.22 12.95
CA ASP E 354 13.45 40.04 13.47
C ASP E 354 13.94 41.29 14.12
N ASP E 355 14.71 42.12 13.43
CA ASP E 355 15.29 43.22 14.15
C ASP E 355 14.99 44.58 13.53
N LYS E 356 14.75 45.59 14.37
CA LYS E 356 14.43 46.90 13.86
C LYS E 356 15.66 47.52 13.27
N ALA E 357 16.81 46.94 13.57
CA ALA E 357 18.04 47.40 12.96
C ALA E 357 18.08 46.87 11.56
N LEU E 358 17.83 45.56 11.42
CA LEU E 358 17.98 44.92 10.14
C LEU E 358 16.72 44.99 9.31
N ALA E 359 15.59 45.23 9.95
CA ALA E 359 14.29 45.24 9.30
C ALA E 359 14.30 45.92 7.95
N ASN E 360 15.10 46.97 7.82
CA ASN E 360 15.14 47.71 6.59
C ASN E 360 16.31 47.33 5.73
N GLY E 361 16.98 46.24 6.08
CA GLY E 361 18.06 45.71 5.28
C GLY E 361 17.65 44.43 4.61
N PHE E 362 18.53 43.80 3.85
CA PHE E 362 18.15 42.59 3.14
C PHE E 362 18.83 41.42 3.77
N TYR E 363 18.66 41.31 5.09
CA TYR E 363 19.32 40.23 5.83
C TYR E 363 18.57 38.90 5.71
N VAL E 364 19.31 37.80 5.74
CA VAL E 364 18.71 36.49 5.81
C VAL E 364 19.57 35.68 6.76
N GLU E 365 18.95 34.95 7.67
CA GLU E 365 19.74 34.18 8.62
C GLU E 365 20.53 33.08 7.95
N PRO E 366 21.70 32.78 8.47
CA PRO E 366 22.46 31.65 8.00
C PRO E 366 21.58 30.41 8.05
N THR E 367 21.30 29.82 6.88
CA THR E 367 20.27 28.83 6.74
C THR E 367 20.72 27.45 6.30
N VAL E 368 20.47 26.46 7.14
CA VAL E 368 20.75 25.06 6.80
C VAL E 368 19.47 24.30 6.59
N VAL E 369 19.42 23.47 5.57
CA VAL E 369 18.22 22.70 5.27
C VAL E 369 18.54 21.24 4.94
N GLU E 370 17.94 20.31 5.67
CA GLU E 370 18.09 18.90 5.36
C GLU E 370 17.20 18.60 4.18
N ALA E 371 17.77 17.97 3.15
CA ALA E 371 17.03 17.78 1.91
C ALA E 371 17.39 16.48 1.18
N LYS E 372 16.90 16.35 -0.05
CA LYS E 372 17.20 15.23 -0.93
C LYS E 372 17.89 15.75 -2.19
N PRO E 373 18.83 14.99 -2.73
CA PRO E 373 19.63 15.49 -3.82
C PRO E 373 18.77 15.85 -4.98
N GLN E 374 17.54 15.35 -5.08
CA GLN E 374 16.73 15.84 -6.18
C GLN E 374 15.60 16.68 -5.65
N ASP E 375 16.00 17.79 -5.06
CA ASP E 375 15.11 18.82 -4.56
C ASP E 375 15.59 20.05 -5.29
N ARG E 376 14.69 20.95 -5.62
CA ARG E 376 15.05 22.13 -6.38
C ARG E 376 16.23 22.87 -5.77
N VAL E 377 16.20 22.98 -4.47
CA VAL E 377 17.14 23.78 -3.75
C VAL E 377 18.49 23.10 -3.71
N CYS E 378 18.56 21.90 -4.26
CA CYS E 378 19.78 21.12 -4.22
C CYS E 378 20.36 21.06 -5.60
N GLN E 379 19.69 21.71 -6.53
CA GLN E 379 20.03 21.57 -7.91
C GLN E 379 20.27 22.92 -8.50
N GLU E 380 19.51 23.88 -7.97
CA GLU E 380 19.54 25.27 -8.43
C GLU E 380 20.38 26.07 -7.50
N GLU E 381 21.01 27.10 -8.02
CA GLU E 381 21.86 27.92 -7.22
C GLU E 381 21.09 28.99 -6.49
N VAL E 382 20.87 28.78 -5.19
CA VAL E 382 20.41 29.80 -4.24
C VAL E 382 21.65 30.61 -4.00
N PHE E 383 21.56 31.93 -4.11
CA PHE E 383 22.80 32.67 -4.04
C PHE E 383 22.92 33.37 -2.71
N GLY E 384 22.75 32.59 -1.64
CA GLY E 384 22.69 33.17 -0.31
C GLY E 384 23.29 32.30 0.78
N PRO E 385 23.08 32.69 2.04
CA PRO E 385 23.66 32.01 3.17
C PRO E 385 22.86 30.73 3.41
N PHE E 386 22.91 29.83 2.46
CA PHE E 386 21.95 28.78 2.48
C PHE E 386 22.50 27.43 2.08
N VAL E 387 22.64 26.53 3.04
CA VAL E 387 23.20 25.22 2.75
C VAL E 387 22.18 24.10 2.78
N THR E 388 22.35 23.12 1.90
CA THR E 388 21.52 21.96 1.84
C THR E 388 22.33 20.82 2.40
N VAL E 389 21.70 19.98 3.20
CA VAL E 389 22.41 18.85 3.78
C VAL E 389 21.80 17.56 3.29
N VAL E 390 22.66 16.67 2.83
CA VAL E 390 22.26 15.39 2.31
C VAL E 390 23.25 14.40 2.86
N ARG E 391 22.86 13.15 2.95
CA ARG E 391 23.74 12.13 3.47
C ARG E 391 23.96 11.08 2.43
N PHE E 392 24.97 10.27 2.65
CA PHE E 392 25.29 9.22 1.72
C PHE E 392 26.09 8.20 2.47
N SER E 393 26.37 7.06 1.82
CA SER E 393 27.00 5.95 2.49
C SER E 393 28.36 5.65 1.89
N SER E 394 28.37 5.56 0.57
CA SER E 394 29.54 5.12 -0.13
C SER E 394 30.28 6.30 -0.72
N ASP E 395 31.41 6.04 -1.35
CA ASP E 395 32.16 7.09 -2.00
C ASP E 395 31.49 7.35 -3.31
N GLU E 396 30.80 6.33 -3.79
CA GLU E 396 30.22 6.40 -5.11
C GLU E 396 28.90 7.12 -5.05
N GLU E 397 28.25 7.03 -3.90
CA GLU E 397 27.05 7.80 -3.65
C GLU E 397 27.40 9.29 -3.62
N ALA E 398 28.40 9.64 -2.81
CA ALA E 398 28.89 11.01 -2.70
C ALA E 398 29.26 11.56 -4.05
N LEU E 399 30.03 10.80 -4.83
CA LEU E 399 30.39 11.24 -6.17
C LEU E 399 29.13 11.51 -6.97
N ALA E 400 28.22 10.54 -6.97
CA ALA E 400 26.99 10.65 -7.73
C ALA E 400 26.27 11.95 -7.39
N ILE E 401 26.15 12.23 -6.10
CA ILE E 401 25.47 13.43 -5.65
C ILE E 401 26.22 14.68 -6.10
N ALA E 402 27.51 14.72 -5.80
CA ALA E 402 28.36 15.82 -6.19
C ALA E 402 28.17 16.16 -7.67
N ASN E 403 27.98 15.14 -8.49
CA ASN E 403 27.93 15.32 -9.93
C ASN E 403 26.51 15.40 -10.47
N ASN E 404 25.56 15.04 -9.63
CA ASN E 404 24.15 15.15 -9.95
C ASN E 404 23.84 16.64 -9.94
N THR E 405 24.31 17.36 -10.95
CA THR E 405 23.93 18.76 -11.18
C THR E 405 24.45 19.25 -12.51
N GLU E 406 23.94 20.39 -12.96
CA GLU E 406 24.30 20.93 -14.26
C GLU E 406 25.49 21.86 -14.14
N TYR E 407 25.85 22.18 -12.91
CA TYR E 407 26.98 23.05 -12.65
C TYR E 407 28.27 22.25 -12.54
N GLY E 408 29.40 22.95 -12.57
CA GLY E 408 30.71 22.34 -12.49
C GLY E 408 31.75 23.39 -12.22
N LEU E 409 31.44 24.31 -11.31
CA LEU E 409 32.34 25.39 -10.96
C LEU E 409 33.36 24.98 -9.92
N GLY E 410 32.91 24.90 -8.66
CA GLY E 410 33.76 24.46 -7.58
C GLY E 410 33.29 23.16 -6.97
N SER E 411 34.05 22.67 -6.01
CA SER E 411 33.74 21.44 -5.32
C SER E 411 34.78 21.25 -4.23
N GLY E 412 34.48 20.40 -3.28
CA GLY E 412 35.41 20.18 -2.19
C GLY E 412 35.01 18.97 -1.39
N LEU E 413 35.99 18.38 -0.73
CA LEU E 413 35.71 17.21 0.06
C LEU E 413 36.66 17.17 1.26
N TRP E 414 36.32 16.36 2.24
CA TRP E 414 37.10 16.28 3.44
C TRP E 414 37.36 14.82 3.80
N THR E 415 38.63 14.48 3.83
CA THR E 415 39.17 13.22 4.28
C THR E 415 40.60 13.29 4.67
N GLN E 416 41.05 12.19 5.24
CA GLN E 416 42.45 11.91 5.39
C GLN E 416 42.89 10.71 4.58
N ASN E 417 42.01 10.15 3.78
CA ASN E 417 42.40 9.05 2.92
C ASN E 417 43.00 9.56 1.63
N LEU E 418 44.24 9.16 1.38
CA LEU E 418 44.98 9.59 0.19
C LEU E 418 44.25 9.24 -1.11
N ALA E 419 44.01 7.99 -1.29
CA ALA E 419 43.35 7.57 -2.45
C ALA E 419 42.13 8.42 -2.62
N ARG E 420 41.17 8.25 -1.73
CA ARG E 420 39.87 8.85 -1.80
C ARG E 420 39.89 10.24 -2.24
N ALA E 421 40.72 11.01 -1.60
CA ALA E 421 40.94 12.41 -1.93
C ALA E 421 41.14 12.62 -3.43
N HIS E 422 42.11 11.96 -4.04
CA HIS E 422 42.42 12.15 -5.46
C HIS E 422 41.46 11.50 -6.43
N LYS E 423 40.96 10.33 -6.08
CA LYS E 423 39.99 9.66 -6.88
C LYS E 423 38.78 10.55 -7.04
N MET E 424 38.30 11.11 -5.94
CA MET E 424 37.13 11.99 -5.97
C MET E 424 37.43 13.25 -6.78
N ALA E 425 38.50 13.94 -6.42
CA ALA E 425 38.97 15.06 -7.19
C ALA E 425 39.00 14.80 -8.70
N ASN E 426 39.55 13.67 -9.13
CA ASN E 426 39.64 13.40 -10.56
C ASN E 426 38.31 12.94 -11.14
N ALA E 427 37.31 12.78 -10.27
CA ALA E 427 36.07 12.16 -10.65
C ALA E 427 34.95 13.14 -10.72
N ILE E 428 35.13 14.24 -10.01
CA ILE E 428 34.14 15.31 -9.95
C ILE E 428 34.26 16.21 -11.15
N HIS E 429 33.14 16.44 -11.80
CA HIS E 429 33.14 17.37 -12.91
C HIS E 429 32.92 18.78 -12.38
N ALA E 430 34.03 19.39 -11.98
CA ALA E 430 34.06 20.71 -11.45
C ALA E 430 35.32 21.28 -12.00
N GLY E 431 35.39 22.59 -12.10
CA GLY E 431 36.59 23.24 -12.59
C GLY E 431 37.67 23.26 -11.55
N MET E 432 37.28 23.34 -10.30
CA MET E 432 38.24 23.35 -9.21
C MET E 432 37.73 22.66 -7.97
N CYS E 433 38.59 21.87 -7.37
CA CYS E 433 38.20 20.99 -6.28
C CYS E 433 39.14 21.19 -5.10
N TRP E 434 38.57 21.49 -3.95
CA TRP E 434 39.35 21.68 -2.74
C TRP E 434 39.25 20.50 -1.80
N ILE E 435 40.39 20.08 -1.27
CA ILE E 435 40.44 18.95 -0.34
C ILE E 435 40.91 19.41 1.05
N ASN E 436 40.06 19.19 2.05
CA ASN E 436 40.36 19.63 3.42
C ASN E 436 40.55 21.14 3.50
N CYS E 437 39.84 21.84 2.64
CA CYS E 437 39.85 23.28 2.59
C CYS E 437 38.77 23.59 1.60
N TYR E 438 38.43 24.86 1.44
CA TYR E 438 37.38 25.21 0.50
C TYR E 438 37.49 26.67 0.10
N LYS E 439 37.02 27.01 -1.09
CA LYS E 439 37.01 28.39 -1.55
C LYS E 439 38.39 29.03 -1.54
N ARG E 440 39.38 28.20 -1.83
CA ARG E 440 40.78 28.61 -1.91
C ARG E 440 41.11 29.22 -3.26
N VAL E 441 41.43 30.50 -3.29
CA VAL E 441 41.67 31.16 -4.57
C VAL E 441 43.05 31.79 -4.63
N SER E 442 43.81 31.50 -5.67
CA SER E 442 45.11 32.13 -5.82
C SER E 442 45.20 32.76 -7.22
N PRO E 443 45.88 33.89 -7.32
CA PRO E 443 45.96 34.60 -8.59
C PRO E 443 46.60 33.78 -9.72
N GLY E 444 47.38 32.77 -9.39
CA GLY E 444 47.99 31.94 -10.42
C GLY E 444 47.22 30.67 -10.64
N SER E 445 46.21 30.44 -9.83
CA SER E 445 45.43 29.23 -9.93
C SER E 445 44.16 29.44 -10.75
N PRO E 446 44.12 28.85 -11.93
CA PRO E 446 42.99 28.98 -12.81
C PRO E 446 41.68 28.76 -12.08
N PHE E 447 40.73 29.66 -12.32
CA PHE E 447 39.45 29.67 -11.67
C PHE E 447 38.34 29.76 -12.68
N GLY E 448 37.61 28.70 -12.93
CA GLY E 448 36.56 28.77 -13.89
C GLY E 448 35.75 27.52 -13.87
N GLY E 449 34.75 27.46 -14.73
CA GLY E 449 33.81 26.37 -14.71
C GLY E 449 34.01 25.35 -15.82
N VAL E 450 33.10 24.41 -15.80
CA VAL E 450 33.12 23.29 -16.71
C VAL E 450 31.63 23.09 -16.99
N GLY E 451 31.31 22.44 -18.10
CA GLY E 451 29.92 22.25 -18.46
C GLY E 451 29.14 23.56 -18.52
N GLN E 452 28.02 23.60 -17.78
CA GLN E 452 27.12 24.75 -17.85
C GLN E 452 27.42 25.80 -16.80
N SER E 453 28.58 25.67 -16.20
CA SER E 453 29.13 26.70 -15.34
C SER E 453 30.06 27.58 -16.18
N GLY E 454 30.26 27.14 -17.41
CA GLY E 454 30.84 28.00 -18.42
C GLY E 454 32.14 27.49 -18.93
N TYR E 455 32.98 28.41 -19.34
CA TYR E 455 34.28 28.07 -19.84
C TYR E 455 35.25 29.22 -19.71
N GLY E 456 36.51 28.97 -19.99
CA GLY E 456 37.50 30.00 -19.85
C GLY E 456 37.91 30.00 -18.41
N ARG E 457 39.11 30.47 -18.13
CA ARG E 457 39.59 30.48 -16.78
C ARG E 457 40.05 31.87 -16.45
N GLU E 458 39.99 32.20 -15.17
CA GLU E 458 40.56 33.42 -14.68
C GLU E 458 41.78 32.99 -13.91
N MET E 459 42.63 33.92 -13.53
CA MET E 459 43.85 33.62 -12.81
C MET E 459 44.80 32.84 -13.65
N GLY E 460 46.08 33.09 -13.49
CA GLY E 460 47.06 32.25 -14.08
C GLY E 460 47.46 32.58 -15.48
N PHE E 461 48.38 31.80 -16.01
CA PHE E 461 48.66 31.86 -17.44
C PHE E 461 47.40 31.60 -18.25
N GLU E 462 46.51 30.76 -17.75
CA GLU E 462 45.26 30.47 -18.44
C GLU E 462 44.47 31.74 -18.73
N ALA E 463 44.29 32.59 -17.72
CA ALA E 463 43.57 33.82 -17.92
C ALA E 463 44.23 34.62 -19.03
N ILE E 464 45.56 34.67 -19.00
CA ILE E 464 46.32 35.36 -20.05
C ILE E 464 46.06 34.73 -21.42
N HIS E 465 46.05 33.41 -21.47
CA HIS E 465 45.75 32.74 -22.72
C HIS E 465 44.41 33.20 -23.26
N ASP E 466 43.44 33.36 -22.37
CA ASP E 466 42.08 33.75 -22.78
C ASP E 466 41.98 35.18 -23.25
N TYR E 467 43.00 35.97 -23.01
CA TYR E 467 43.01 37.34 -23.43
C TYR E 467 44.05 37.66 -24.42
N THR E 468 44.55 36.68 -25.11
CA THR E 468 45.51 36.92 -26.16
C THR E 468 45.11 36.15 -27.40
N GLU E 469 45.83 36.34 -28.48
CA GLU E 469 45.61 35.62 -29.71
C GLU E 469 46.90 35.03 -30.12
N ALA E 470 46.85 33.89 -30.76
CA ALA E 470 48.00 33.39 -31.47
C ALA E 470 48.15 34.13 -32.80
N ARG E 471 49.31 34.74 -33.00
CA ARG E 471 49.64 35.31 -34.28
C ARG E 471 50.84 34.60 -34.82
N SER E 472 50.62 33.70 -35.76
CA SER E 472 51.70 32.89 -36.29
C SER E 472 52.29 33.47 -37.55
N VAL E 473 53.59 33.67 -37.55
CA VAL E 473 54.26 34.28 -38.67
C VAL E 473 55.30 33.35 -39.22
N TRP E 474 55.21 33.07 -40.51
CA TRP E 474 56.20 32.25 -41.15
C TRP E 474 57.14 33.14 -41.92
N VAL E 475 58.43 32.90 -41.79
CA VAL E 475 59.42 33.62 -42.55
C VAL E 475 60.18 32.61 -43.35
N ASN E 476 60.17 32.81 -44.66
CA ASN E 476 61.00 32.07 -45.58
C ASN E 476 62.35 32.75 -45.70
N VAL E 477 63.39 32.06 -45.25
CA VAL E 477 64.72 32.61 -45.26
C VAL E 477 65.61 31.87 -46.24
N ASP E 478 65.52 30.55 -46.26
CA ASP E 478 66.52 29.72 -46.90
C ASP E 478 65.85 28.56 -47.60
N ALA E 479 64.55 28.43 -47.41
CA ALA E 479 63.84 27.33 -48.01
C ALA E 479 63.58 27.68 -49.42
N LYS E 480 63.68 26.70 -50.29
CA LYS E 480 63.08 26.87 -51.58
C LYS E 480 62.29 25.64 -51.92
N ILE E 481 61.17 25.87 -52.58
CA ILE E 481 60.24 24.83 -52.86
C ILE E 481 59.78 24.95 -54.27
N ALA E 482 59.79 23.80 -54.92
CA ALA E 482 59.30 23.61 -56.25
C ALA E 482 58.02 24.39 -56.48
N PRO E 483 58.01 25.24 -57.49
CA PRO E 483 56.76 25.81 -57.94
C PRO E 483 55.72 24.74 -57.95
N HIS E 484 54.48 25.05 -57.65
CA HIS E 484 53.45 24.04 -57.72
C HIS E 484 53.09 23.83 -59.18
N PHE E 485 53.49 24.76 -60.02
CA PHE E 485 53.25 24.65 -61.44
C PHE E 485 54.55 24.91 -62.17
N MET F 1 -35.44 -69.21 23.75
CA MET F 1 -35.30 -67.90 24.39
C MET F 1 -34.01 -67.23 23.97
N GLN F 2 -34.17 -66.09 23.31
CA GLN F 2 -33.09 -65.29 22.77
C GLN F 2 -32.14 -64.82 23.84
N ASN F 3 -30.85 -65.02 23.59
CA ASN F 3 -29.84 -64.81 24.60
C ASN F 3 -28.64 -64.09 24.10
N GLN F 4 -28.81 -63.41 23.00
CA GLN F 4 -27.68 -62.71 22.43
C GLN F 4 -27.92 -61.21 22.40
N LEU F 5 -26.89 -60.45 22.10
CA LEU F 5 -27.07 -59.04 21.87
C LEU F 5 -27.95 -58.93 20.66
N TYR F 6 -28.65 -57.81 20.55
CA TYR F 6 -29.41 -57.54 19.34
C TYR F 6 -28.92 -56.23 18.79
N ILE F 7 -28.20 -56.30 17.67
CA ILE F 7 -27.60 -55.13 17.08
C ILE F 7 -27.86 -55.10 15.57
N ASP F 8 -28.39 -53.98 15.10
CA ASP F 8 -28.64 -53.80 13.68
C ASP F 8 -29.39 -54.99 13.14
N GLY F 9 -30.48 -55.35 13.82
CA GLY F 9 -31.47 -56.27 13.31
C GLY F 9 -31.15 -57.75 13.41
N ARG F 10 -30.09 -58.06 14.10
CA ARG F 10 -29.57 -59.38 14.08
C ARG F 10 -29.12 -59.67 15.47
N PHE F 11 -29.42 -60.84 16.00
CA PHE F 11 -28.87 -61.21 17.27
C PHE F 11 -27.45 -61.58 16.97
N VAL F 12 -26.57 -61.43 17.95
CA VAL F 12 -25.15 -61.69 17.77
C VAL F 12 -24.53 -61.85 19.13
N ASP F 13 -23.41 -62.54 19.19
CA ASP F 13 -22.69 -62.71 20.44
C ASP F 13 -21.82 -61.50 20.68
N ALA F 14 -21.41 -61.32 21.92
CA ALA F 14 -20.50 -60.22 22.21
C ALA F 14 -19.23 -60.35 21.37
N VAL F 15 -18.67 -59.23 20.98
CA VAL F 15 -17.42 -59.26 20.23
C VAL F 15 -16.44 -60.16 20.94
N ALA F 16 -16.28 -59.96 22.24
CA ALA F 16 -15.29 -60.75 22.98
C ALA F 16 -15.86 -62.07 23.38
N GLY F 17 -17.11 -62.29 23.02
CA GLY F 17 -17.77 -63.55 23.35
C GLY F 17 -18.04 -63.70 24.84
N GLY F 18 -17.91 -62.61 25.60
CA GLY F 18 -18.23 -62.63 27.01
C GLY F 18 -19.66 -62.89 27.44
N THR F 19 -19.82 -63.68 28.48
CA THR F 19 -21.08 -64.36 28.78
C THR F 19 -21.52 -64.09 30.20
N ILE F 20 -22.81 -63.95 30.39
CA ILE F 20 -23.31 -63.66 31.72
C ILE F 20 -24.31 -64.73 32.10
N ASP F 21 -24.33 -65.09 33.36
CA ASP F 21 -25.16 -66.18 33.81
C ASP F 21 -26.50 -65.67 34.30
N VAL F 22 -27.54 -66.26 33.77
CA VAL F 22 -28.89 -65.81 34.01
C VAL F 22 -29.63 -66.88 34.75
N VAL F 23 -30.25 -66.51 35.85
CA VAL F 23 -30.71 -67.44 36.85
C VAL F 23 -32.19 -67.30 37.10
N SER F 24 -32.80 -68.42 37.47
CA SER F 24 -34.09 -68.40 38.09
C SER F 24 -33.83 -68.01 39.52
N PRO F 25 -34.68 -67.16 40.07
CA PRO F 25 -34.55 -66.78 41.47
C PRO F 25 -35.39 -67.72 42.30
N HIS F 26 -36.21 -68.53 41.68
CA HIS F 26 -36.92 -69.51 42.47
C HIS F 26 -35.88 -70.46 43.04
N ASP F 27 -35.09 -71.03 42.14
CA ASP F 27 -34.15 -72.10 42.47
C ASP F 27 -32.65 -71.82 42.32
N GLY F 28 -32.28 -70.75 41.64
CA GLY F 28 -30.86 -70.47 41.46
C GLY F 28 -30.32 -71.18 40.25
N SER F 29 -31.23 -71.87 39.58
CA SER F 29 -30.96 -72.66 38.39
C SER F 29 -30.67 -71.81 37.17
N LEU F 30 -29.79 -72.24 36.29
CA LEU F 30 -29.41 -71.39 35.15
C LEU F 30 -30.44 -71.41 34.03
N ILE F 31 -30.97 -70.26 33.67
CA ILE F 31 -32.03 -70.21 32.68
C ILE F 31 -31.46 -70.30 31.27
N THR F 32 -30.31 -69.65 31.12
CA THR F 32 -29.54 -69.60 29.89
C THR F 32 -28.31 -68.77 30.18
N ARG F 33 -27.41 -68.69 29.22
CA ARG F 33 -26.31 -67.76 29.34
C ARG F 33 -26.49 -66.76 28.24
N ILE F 34 -26.26 -65.52 28.57
CA ILE F 34 -26.51 -64.42 27.70
C ILE F 34 -25.24 -63.77 27.28
N ALA F 35 -25.20 -63.27 26.07
CA ALA F 35 -24.04 -62.58 25.53
C ALA F 35 -23.73 -61.33 26.29
N ALA F 36 -22.50 -61.17 26.71
CA ALA F 36 -22.19 -60.05 27.58
C ALA F 36 -21.59 -58.91 26.79
N ALA F 37 -22.41 -57.91 26.46
CA ALA F 37 -21.92 -56.75 25.72
C ALA F 37 -20.85 -56.03 26.53
N GLU F 38 -19.81 -55.59 25.85
CA GLU F 38 -18.80 -54.73 26.46
C GLU F 38 -18.67 -53.47 25.60
N ALA F 39 -17.67 -52.65 25.91
CA ALA F 39 -17.51 -51.40 25.19
C ALA F 39 -17.61 -51.58 23.68
N ALA F 40 -16.90 -52.58 23.15
CA ALA F 40 -16.86 -52.78 21.70
C ALA F 40 -18.24 -53.07 21.13
N ASP F 41 -19.03 -53.78 21.91
CA ASP F 41 -20.41 -54.07 21.54
C ASP F 41 -21.30 -52.83 21.51
N VAL F 42 -21.19 -51.99 22.51
CA VAL F 42 -21.95 -50.78 22.49
C VAL F 42 -21.53 -49.84 21.40
N ASP F 43 -20.28 -49.89 21.00
CA ASP F 43 -19.86 -49.04 19.92
C ASP F 43 -20.56 -49.44 18.64
N LEU F 44 -20.76 -50.73 18.44
CA LEU F 44 -21.37 -51.18 17.20
C LEU F 44 -22.86 -50.89 17.20
N ALA F 45 -23.49 -51.08 18.34
CA ALA F 45 -24.89 -50.77 18.48
C ALA F 45 -25.11 -49.30 18.24
N VAL F 46 -24.36 -48.48 18.96
CA VAL F 46 -24.48 -47.04 18.85
C VAL F 46 -24.24 -46.65 17.41
N ALA F 47 -23.38 -47.39 16.74
CA ALA F 47 -23.13 -47.15 15.33
C ALA F 47 -24.36 -47.54 14.52
N ALA F 48 -24.96 -48.65 14.90
CA ALA F 48 -26.16 -49.12 14.23
C ALA F 48 -27.25 -48.11 14.46
N ALA F 49 -27.43 -47.67 15.68
CA ALA F 49 -28.42 -46.67 15.93
C ALA F 49 -28.18 -45.41 15.10
N LYS F 50 -26.97 -44.89 15.16
CA LYS F 50 -26.66 -43.70 14.40
C LYS F 50 -26.97 -43.91 12.94
N ARG F 51 -26.61 -45.02 12.37
CA ARG F 51 -26.94 -45.20 10.97
C ARG F 51 -28.44 -45.21 10.77
N ALA F 52 -29.17 -45.79 11.72
CA ALA F 52 -30.63 -45.89 11.60
C ALA F 52 -31.32 -44.57 11.79
N PHE F 53 -30.75 -43.67 12.60
CA PHE F 53 -31.46 -42.46 13.00
C PHE F 53 -32.11 -41.63 11.88
N PRO F 54 -31.34 -41.21 10.90
CA PRO F 54 -31.86 -40.33 9.86
C PRO F 54 -33.14 -40.82 9.20
N ALA F 55 -33.12 -42.01 8.64
CA ALA F 55 -34.31 -42.55 8.04
C ALA F 55 -35.39 -42.68 9.09
N TRP F 56 -35.00 -42.94 10.33
CA TRP F 56 -36.01 -43.18 11.36
C TRP F 56 -36.64 -41.87 11.83
N SER F 57 -35.81 -40.87 12.07
CA SER F 57 -36.33 -39.58 12.52
C SER F 57 -37.03 -38.90 11.36
N ALA F 58 -36.79 -39.37 10.14
CA ALA F 58 -37.33 -38.72 8.98
C ALA F 58 -38.66 -39.31 8.63
N LEU F 59 -39.04 -40.33 9.39
CA LEU F 59 -40.13 -41.22 9.02
C LEU F 59 -41.49 -40.56 8.78
N GLY F 60 -41.99 -39.87 9.79
CA GLY F 60 -43.34 -39.33 9.72
C GLY F 60 -43.97 -39.91 10.97
N ALA F 61 -44.18 -39.05 11.95
CA ALA F 61 -44.63 -39.46 13.26
C ALA F 61 -45.71 -40.54 13.22
N ALA F 62 -46.52 -40.59 12.17
CA ALA F 62 -47.63 -41.52 12.17
C ALA F 62 -47.10 -42.92 12.01
N GLU F 63 -46.00 -43.02 11.29
CA GLU F 63 -45.42 -44.28 10.97
C GLU F 63 -44.49 -44.80 12.03
N ARG F 64 -43.93 -43.93 12.85
CA ARG F 64 -43.23 -44.39 14.02
C ARG F 64 -44.29 -44.76 15.02
N GLY F 65 -45.39 -44.05 15.01
CA GLY F 65 -46.54 -44.35 15.85
C GLY F 65 -47.20 -45.67 15.50
N ARG F 66 -47.53 -45.87 14.24
CA ARG F 66 -48.13 -47.11 13.80
C ARG F 66 -47.32 -48.30 14.26
N LEU F 67 -46.01 -48.20 14.17
CA LEU F 67 -45.15 -49.26 14.59
C LEU F 67 -45.35 -49.51 16.07
N LEU F 68 -45.27 -48.46 16.86
CA LEU F 68 -45.38 -48.60 18.30
C LEU F 68 -46.74 -49.19 18.67
N LEU F 69 -47.76 -48.77 17.95
CA LEU F 69 -49.10 -49.27 18.14
C LEU F 69 -49.17 -50.74 17.73
N LYS F 70 -48.46 -51.12 16.68
CA LYS F 70 -48.37 -52.51 16.31
C LYS F 70 -47.60 -53.27 17.37
N LEU F 71 -46.52 -52.70 17.85
CA LEU F 71 -45.78 -53.31 18.92
C LEU F 71 -46.70 -53.71 20.06
N ALA F 72 -47.48 -52.78 20.57
CA ALA F 72 -48.39 -52.99 21.69
C ALA F 72 -49.25 -54.22 21.43
N ASP F 73 -49.87 -54.28 20.26
CA ASP F 73 -50.73 -55.40 19.94
C ASP F 73 -49.95 -56.69 19.91
N ARG F 74 -48.80 -56.67 19.29
CA ARG F 74 -47.93 -57.83 19.30
C ARG F 74 -47.78 -58.28 20.72
N ILE F 75 -47.19 -57.42 21.53
CA ILE F 75 -46.96 -57.70 22.94
C ILE F 75 -48.16 -58.27 23.66
N GLU F 76 -49.35 -57.94 23.21
CA GLU F 76 -50.52 -58.51 23.83
C GLU F 76 -50.85 -59.85 23.23
N GLU F 77 -50.55 -60.04 21.96
CA GLU F 77 -50.66 -61.32 21.31
C GLU F 77 -49.80 -62.33 22.03
N CYS F 78 -48.61 -61.88 22.36
CA CYS F 78 -47.53 -62.68 22.88
C CYS F 78 -47.42 -62.59 24.35
N SER F 79 -48.53 -62.40 24.99
CA SER F 79 -48.59 -61.91 26.30
C SER F 79 -48.32 -62.97 27.27
N GLU F 80 -48.76 -64.17 26.94
CA GLU F 80 -48.52 -65.34 27.75
C GLU F 80 -47.04 -65.62 27.77
N GLU F 81 -46.48 -65.73 26.57
CA GLU F 81 -45.07 -66.01 26.40
C GLU F 81 -44.24 -65.05 27.23
N LEU F 82 -44.52 -63.77 27.03
CA LEU F 82 -43.85 -62.69 27.70
C LEU F 82 -44.04 -62.77 29.18
N ALA F 83 -45.27 -63.06 29.60
CA ALA F 83 -45.56 -63.23 30.98
C ALA F 83 -44.65 -64.26 31.56
N GLN F 84 -44.65 -65.43 30.97
CA GLN F 84 -43.89 -66.55 31.50
C GLN F 84 -42.41 -66.29 31.45
N LEU F 85 -41.93 -65.74 30.35
CA LEU F 85 -40.52 -65.44 30.24
C LEU F 85 -40.11 -64.46 31.30
N GLU F 86 -40.95 -63.46 31.53
CA GLU F 86 -40.60 -62.41 32.46
C GLU F 86 -40.54 -62.89 33.90
N SER F 87 -41.47 -63.75 34.28
CA SER F 87 -41.50 -64.24 35.64
C SER F 87 -40.36 -65.18 35.90
N LEU F 88 -40.13 -66.05 34.95
CA LEU F 88 -39.08 -67.04 35.03
C LEU F 88 -37.76 -66.34 35.24
N ASN F 89 -37.55 -65.23 34.56
CA ASN F 89 -36.32 -64.47 34.68
C ASN F 89 -36.25 -63.58 35.92
N THR F 90 -37.37 -63.02 36.33
CA THR F 90 -37.41 -61.95 37.31
C THR F 90 -37.87 -62.36 38.69
N GLY F 91 -38.78 -63.33 38.73
CA GLY F 91 -39.35 -63.77 39.98
C GLY F 91 -40.75 -63.27 40.17
N HIS F 92 -41.22 -62.49 39.21
CA HIS F 92 -42.51 -61.86 39.33
C HIS F 92 -43.54 -62.92 39.20
N PRO F 93 -44.44 -63.01 40.16
CA PRO F 93 -45.49 -64.01 40.06
C PRO F 93 -46.19 -63.92 38.73
N ILE F 94 -46.47 -65.06 38.12
CA ILE F 94 -47.05 -65.04 36.78
C ILE F 94 -48.43 -64.44 36.75
N ARG F 95 -48.96 -64.09 37.92
CA ARG F 95 -50.24 -63.42 38.00
C ARG F 95 -50.05 -61.92 37.87
N ASP F 96 -48.86 -61.48 38.21
CA ASP F 96 -48.48 -60.10 38.08
C ASP F 96 -47.95 -59.87 36.67
N SER F 97 -47.17 -60.80 36.17
CA SER F 97 -46.69 -60.71 34.81
C SER F 97 -47.81 -60.65 33.81
N ARG F 98 -48.87 -61.39 34.07
CA ARG F 98 -49.99 -61.42 33.16
C ARG F 98 -50.82 -60.20 33.33
N GLY F 99 -51.00 -59.80 34.58
CA GLY F 99 -51.88 -58.72 34.87
C GLY F 99 -51.28 -57.37 35.05
N LEU F 100 -49.99 -57.29 35.24
CA LEU F 100 -49.38 -55.99 35.35
C LEU F 100 -48.31 -55.81 34.30
N ASP F 101 -47.28 -56.65 34.39
CA ASP F 101 -46.07 -56.50 33.59
C ASP F 101 -46.31 -56.45 32.10
N VAL F 102 -47.17 -57.32 31.59
CA VAL F 102 -47.48 -57.35 30.16
C VAL F 102 -48.46 -56.26 29.73
N PRO F 103 -49.60 -56.15 30.41
CA PRO F 103 -50.56 -55.11 30.02
C PRO F 103 -49.99 -53.70 30.17
N ARG F 104 -49.25 -53.45 31.24
CA ARG F 104 -48.62 -52.14 31.43
C ARG F 104 -47.55 -51.84 30.39
N THR F 105 -46.94 -52.87 29.88
CA THR F 105 -46.00 -52.71 28.80
C THR F 105 -46.77 -52.33 27.56
N ALA F 106 -47.76 -53.11 27.19
CA ALA F 106 -48.52 -52.83 26.00
C ALA F 106 -49.17 -51.49 26.09
N ALA F 107 -49.72 -51.17 27.24
CA ALA F 107 -50.43 -49.92 27.41
C ALA F 107 -49.49 -48.75 27.15
N CYS F 108 -48.28 -48.81 27.66
CA CYS F 108 -47.34 -47.73 27.54
C CYS F 108 -46.81 -47.57 26.13
N PHE F 109 -46.65 -48.67 25.43
CA PHE F 109 -46.22 -48.61 24.06
C PHE F 109 -47.35 -48.17 23.15
N ARG F 110 -48.58 -48.44 23.57
CA ARG F 110 -49.73 -47.99 22.82
C ARG F 110 -50.02 -46.52 23.06
N TYR F 111 -49.57 -46.01 24.19
CA TYR F 111 -49.74 -44.60 24.49
C TYR F 111 -48.82 -43.77 23.64
N PHE F 112 -47.57 -44.23 23.49
CA PHE F 112 -46.57 -43.48 22.76
C PHE F 112 -46.64 -43.71 21.28
N GLY F 113 -47.33 -44.75 20.87
CA GLY F 113 -47.61 -44.89 19.46
C GLY F 113 -48.63 -43.85 19.09
N GLY F 114 -49.48 -43.51 20.05
CA GLY F 114 -50.51 -42.53 19.82
C GLY F 114 -50.02 -41.13 20.05
N MET F 115 -48.79 -41.00 20.53
CA MET F 115 -48.14 -39.72 20.74
C MET F 115 -46.95 -39.31 19.89
N ALA F 116 -46.49 -40.22 19.05
CA ALA F 116 -45.71 -39.98 17.88
C ALA F 116 -46.05 -38.92 16.88
N ASP F 117 -47.33 -38.77 16.56
CA ASP F 117 -47.75 -37.65 15.73
C ASP F 117 -48.51 -36.55 16.45
N LYS F 118 -48.33 -36.50 17.77
CA LYS F 118 -48.98 -35.52 18.63
C LYS F 118 -47.93 -34.60 19.18
N ILE F 119 -46.69 -34.85 18.79
CA ILE F 119 -45.57 -34.12 19.33
C ILE F 119 -45.42 -32.87 18.49
N GLU F 120 -45.66 -31.73 19.10
CA GLU F 120 -45.74 -30.52 18.29
C GLU F 120 -44.76 -29.45 18.69
N GLY F 121 -44.28 -28.72 17.69
CA GLY F 121 -43.43 -27.58 17.94
C GLY F 121 -44.32 -26.39 18.22
N SER F 122 -43.77 -25.19 18.13
CA SER F 122 -44.56 -24.01 18.39
C SER F 122 -44.11 -22.91 17.47
N VAL F 123 -44.93 -21.89 17.35
CA VAL F 123 -44.60 -20.72 16.59
C VAL F 123 -44.52 -19.56 17.58
N ILE F 124 -43.37 -18.91 17.66
CA ILE F 124 -43.17 -17.86 18.64
C ILE F 124 -43.61 -16.51 18.12
N PRO F 125 -44.14 -15.72 19.05
CA PRO F 125 -44.64 -14.38 18.79
C PRO F 125 -43.48 -13.45 18.86
N VAL F 126 -42.88 -13.14 17.72
CA VAL F 126 -41.66 -12.34 17.69
C VAL F 126 -41.85 -11.10 16.85
N ASP F 127 -40.89 -10.18 16.91
CA ASP F 127 -41.05 -8.91 16.26
C ASP F 127 -41.45 -9.01 14.83
N ALA F 128 -42.08 -7.95 14.34
CA ALA F 128 -42.74 -7.92 13.06
C ALA F 128 -41.83 -8.26 11.90
N GLY F 129 -42.36 -8.94 10.90
CA GLY F 129 -41.52 -9.27 9.78
C GLY F 129 -40.83 -10.60 9.91
N PHE F 130 -40.74 -11.12 11.12
CA PHE F 130 -40.05 -12.36 11.37
C PHE F 130 -41.06 -13.47 11.54
N LEU F 131 -40.68 -14.68 11.12
CA LEU F 131 -41.40 -15.89 11.41
C LEU F 131 -40.49 -16.76 12.22
N ASN F 132 -40.90 -17.11 13.42
CA ASN F 132 -40.10 -17.95 14.27
C ASN F 132 -40.84 -19.20 14.67
N TYR F 133 -40.52 -20.28 14.00
CA TYR F 133 -41.07 -21.55 14.38
C TYR F 133 -40.01 -22.38 15.09
N VAL F 134 -40.45 -23.12 16.09
CA VAL F 134 -39.57 -23.90 16.94
C VAL F 134 -39.96 -25.35 16.87
N GLN F 135 -39.08 -26.17 16.32
CA GLN F 135 -39.37 -27.57 16.18
C GLN F 135 -38.97 -28.33 17.42
N ARG F 136 -39.61 -29.45 17.64
CA ARG F 136 -39.25 -30.39 18.66
C ARG F 136 -38.58 -31.52 17.91
N LYS F 137 -37.28 -31.60 17.86
CA LYS F 137 -36.74 -32.61 17.02
C LYS F 137 -36.24 -33.60 18.01
N PRO F 138 -35.93 -34.80 17.57
CA PRO F 138 -35.37 -35.81 18.46
C PRO F 138 -33.89 -35.61 18.65
N ILE F 139 -33.41 -35.86 19.84
CA ILE F 139 -31.99 -35.84 20.15
C ILE F 139 -31.13 -36.58 19.12
N GLY F 140 -31.54 -37.80 18.78
CA GLY F 140 -30.79 -38.60 17.86
C GLY F 140 -30.60 -40.01 18.33
N VAL F 141 -29.50 -40.28 19.00
CA VAL F 141 -29.25 -41.61 19.49
C VAL F 141 -29.21 -41.55 20.98
N VAL F 142 -30.04 -42.36 21.60
CA VAL F 142 -30.32 -42.29 23.02
C VAL F 142 -29.88 -43.60 23.67
N ALA F 143 -29.20 -43.50 24.80
CA ALA F 143 -28.78 -44.69 25.54
C ALA F 143 -29.70 -44.85 26.74
N GLN F 144 -30.08 -46.09 27.01
CA GLN F 144 -30.99 -46.36 28.09
C GLN F 144 -30.55 -47.57 28.91
N ILE F 145 -30.33 -47.33 30.19
CA ILE F 145 -29.96 -48.39 31.10
C ILE F 145 -31.14 -48.66 32.02
N VAL F 146 -31.65 -49.88 32.05
CA VAL F 146 -32.80 -50.18 32.91
C VAL F 146 -32.43 -51.21 33.97
N PRO F 147 -33.10 -51.13 35.11
CA PRO F 147 -32.85 -52.10 36.18
C PRO F 147 -33.61 -53.39 35.95
N TRP F 148 -33.47 -54.30 36.90
CA TRP F 148 -34.00 -55.63 36.78
C TRP F 148 -35.34 -55.82 37.48
N ASN F 149 -35.90 -54.75 38.01
CA ASN F 149 -37.12 -54.87 38.76
C ASN F 149 -38.34 -55.03 37.86
N PHE F 150 -38.37 -54.32 36.73
CA PHE F 150 -39.49 -54.44 35.80
C PHE F 150 -38.83 -54.33 34.46
N PRO F 151 -37.94 -55.25 34.17
CA PRO F 151 -37.37 -55.40 32.85
C PRO F 151 -38.37 -55.16 31.74
N LEU F 152 -39.38 -55.99 31.67
CA LEU F 152 -40.26 -55.99 30.54
C LEU F 152 -40.97 -54.68 30.42
N MET F 153 -41.49 -54.19 31.53
CA MET F 153 -42.32 -53.02 31.51
C MET F 153 -41.51 -51.78 31.25
N PHE F 154 -40.32 -51.71 31.82
CA PHE F 154 -39.42 -50.60 31.59
C PHE F 154 -38.96 -50.48 30.14
N THR F 155 -39.14 -51.53 29.36
CA THR F 155 -38.89 -51.44 27.95
C THR F 155 -39.80 -50.39 27.40
N SER F 156 -41.07 -50.46 27.75
CA SER F 156 -42.04 -49.52 27.21
C SER F 156 -41.78 -48.11 27.75
N TRP F 157 -41.59 -48.00 29.05
CA TRP F 157 -41.36 -46.74 29.70
C TRP F 157 -40.23 -45.95 29.09
N LYS F 158 -39.13 -46.58 28.79
CA LYS F 158 -38.02 -45.84 28.25
C LYS F 158 -38.13 -45.75 26.76
N MET F 159 -38.26 -46.86 26.08
CA MET F 159 -38.28 -46.85 24.63
C MET F 159 -39.51 -46.22 24.01
N GLY F 160 -40.61 -46.24 24.74
CA GLY F 160 -41.83 -45.60 24.29
C GLY F 160 -41.69 -44.14 23.90
N PRO F 161 -41.17 -43.32 24.79
CA PRO F 161 -40.99 -41.91 24.47
C PRO F 161 -39.92 -41.75 23.42
N ALA F 162 -38.75 -42.29 23.68
CA ALA F 162 -37.62 -42.14 22.81
C ALA F 162 -37.94 -42.45 21.36
N LEU F 163 -38.63 -43.55 21.17
CA LEU F 163 -38.97 -44.06 19.85
C LEU F 163 -40.04 -43.27 19.12
N ALA F 164 -41.01 -42.76 19.86
CA ALA F 164 -42.06 -41.96 19.28
C ALA F 164 -41.50 -40.67 18.77
N ALA F 165 -40.56 -40.09 19.52
CA ALA F 165 -39.92 -38.86 19.16
C ALA F 165 -38.97 -39.02 17.99
N GLY F 166 -38.52 -40.22 17.73
CA GLY F 166 -37.74 -40.48 16.55
C GLY F 166 -36.29 -40.72 16.82
N ASN F 167 -35.98 -40.90 18.08
CA ASN F 167 -34.66 -41.27 18.49
C ASN F 167 -34.44 -42.69 18.08
N THR F 168 -33.18 -43.04 18.03
CA THR F 168 -32.79 -44.40 17.92
C THR F 168 -32.11 -44.71 19.22
N ILE F 169 -32.24 -45.96 19.61
CA ILE F 169 -32.03 -46.40 20.94
C ILE F 169 -30.99 -47.47 20.95
N VAL F 170 -30.15 -47.42 21.96
CA VAL F 170 -29.24 -48.48 22.28
C VAL F 170 -29.52 -48.71 23.74
N ILE F 171 -30.07 -49.85 24.07
CA ILE F 171 -30.54 -50.05 25.43
C ILE F 171 -29.83 -51.21 26.10
N LYS F 172 -29.45 -51.03 27.34
CA LYS F 172 -28.89 -52.14 28.06
C LYS F 172 -29.71 -52.46 29.29
N PRO F 173 -30.34 -53.61 29.29
CA PRO F 173 -31.01 -54.15 30.46
C PRO F 173 -29.97 -54.72 31.36
N SER F 174 -30.38 -55.16 32.54
CA SER F 174 -29.41 -55.67 33.47
C SER F 174 -28.99 -57.02 32.99
N GLU F 175 -27.79 -57.38 33.38
CA GLU F 175 -27.28 -58.69 33.10
C GLU F 175 -28.21 -59.67 33.74
N ILE F 176 -28.92 -59.21 34.76
CA ILE F 176 -29.80 -60.07 35.53
C ILE F 176 -31.04 -60.49 34.77
N THR F 177 -31.70 -59.50 34.23
CA THR F 177 -33.00 -59.66 33.63
C THR F 177 -33.02 -59.07 32.24
N PRO F 178 -32.54 -59.83 31.28
CA PRO F 178 -32.31 -59.32 29.94
C PRO F 178 -33.11 -60.00 28.87
N LEU F 179 -33.70 -61.13 29.18
CA LEU F 179 -34.27 -61.95 28.14
C LEU F 179 -35.56 -61.36 27.68
N SER F 180 -36.31 -60.83 28.63
CA SER F 180 -37.60 -60.22 28.39
C SER F 180 -37.54 -59.07 27.41
N THR F 181 -36.41 -58.41 27.39
CA THR F 181 -36.17 -57.23 26.64
C THR F 181 -35.73 -57.61 25.27
N LEU F 182 -34.94 -58.66 25.17
CA LEU F 182 -34.46 -59.16 23.90
C LEU F 182 -35.61 -59.75 23.10
N ARG F 183 -36.50 -60.45 23.78
CA ARG F 183 -37.69 -60.94 23.17
C ARG F 183 -38.46 -59.77 22.57
N ILE F 184 -38.37 -58.64 23.25
CA ILE F 184 -39.16 -57.48 22.94
C ILE F 184 -38.71 -56.72 21.68
N VAL F 185 -37.41 -56.69 21.42
CA VAL F 185 -36.89 -56.05 20.22
C VAL F 185 -37.15 -56.92 18.99
N GLU F 186 -37.19 -58.23 19.20
CA GLU F 186 -37.57 -59.19 18.19
C GLU F 186 -38.97 -58.92 17.73
N LEU F 187 -39.88 -58.78 18.67
CA LEU F 187 -41.27 -58.43 18.37
C LEU F 187 -41.29 -57.12 17.66
N MET F 188 -40.29 -56.30 17.96
CA MET F 188 -40.10 -55.03 17.30
C MET F 188 -39.75 -55.19 15.82
N THR F 189 -38.89 -56.15 15.52
CA THR F 189 -38.52 -56.45 14.16
C THR F 189 -39.68 -57.07 13.47
N GLU F 190 -40.33 -58.02 14.15
CA GLU F 190 -41.45 -58.74 13.58
C GLU F 190 -42.43 -57.74 13.01
N VAL F 191 -42.67 -56.72 13.80
CA VAL F 191 -43.70 -55.73 13.55
C VAL F 191 -43.31 -54.69 12.52
N GLY F 192 -42.02 -54.53 12.22
CA GLY F 192 -41.63 -53.64 11.14
C GLY F 192 -40.62 -52.58 11.51
N PHE F 193 -40.23 -52.52 12.77
CA PHE F 193 -39.23 -51.57 13.16
C PHE F 193 -38.01 -51.79 12.35
N PRO F 194 -37.49 -50.72 11.76
CA PRO F 194 -36.26 -50.79 10.99
C PRO F 194 -35.05 -51.19 11.81
N LYS F 195 -34.15 -51.92 11.16
CA LYS F 195 -32.91 -52.40 11.78
C LYS F 195 -32.11 -51.26 12.36
N GLY F 196 -31.47 -51.49 13.50
CA GLY F 196 -30.66 -50.46 14.11
C GLY F 196 -31.41 -49.37 14.84
N VAL F 197 -32.73 -49.33 14.69
CA VAL F 197 -33.50 -48.34 15.41
C VAL F 197 -33.48 -48.67 16.89
N VAL F 198 -33.51 -49.95 17.20
CA VAL F 198 -33.34 -50.37 18.57
C VAL F 198 -32.26 -51.43 18.67
N ASN F 199 -31.36 -51.26 19.64
CA ASN F 199 -30.25 -52.15 19.82
C ASN F 199 -30.15 -52.51 21.28
N VAL F 200 -30.29 -53.79 21.56
CA VAL F 200 -30.22 -54.26 22.92
C VAL F 200 -28.85 -54.83 23.12
N VAL F 201 -28.29 -54.58 24.29
CA VAL F 201 -26.90 -54.87 24.54
C VAL F 201 -26.69 -55.08 26.00
N PRO F 202 -27.11 -56.24 26.47
CA PRO F 202 -27.05 -56.60 27.88
C PRO F 202 -25.61 -56.70 28.31
N GLY F 203 -25.31 -56.34 29.54
CA GLY F 203 -23.92 -56.37 29.94
C GLY F 203 -23.79 -55.82 31.33
N TYR F 204 -22.60 -55.96 31.90
CA TYR F 204 -22.32 -55.45 33.22
C TYR F 204 -22.36 -53.96 33.19
N GLY F 205 -22.68 -53.30 34.28
CA GLY F 205 -22.68 -51.85 34.24
C GLY F 205 -21.33 -51.32 33.81
N HIS F 206 -20.28 -51.83 34.43
CA HIS F 206 -18.96 -51.26 34.28
C HIS F 206 -18.38 -51.43 32.91
N THR F 207 -19.15 -52.02 32.01
CA THR F 207 -18.67 -52.38 30.70
C THR F 207 -19.50 -51.74 29.62
N ALA F 208 -20.71 -52.23 29.46
CA ALA F 208 -21.59 -51.72 28.45
C ALA F 208 -22.26 -50.47 28.96
N GLY F 209 -22.53 -50.45 30.25
CA GLY F 209 -23.11 -49.27 30.87
C GLY F 209 -22.18 -48.08 30.80
N GLN F 210 -20.93 -48.24 31.16
CA GLN F 210 -20.04 -47.09 31.14
C GLN F 210 -19.62 -46.71 29.73
N ALA F 211 -19.65 -47.66 28.83
CA ALA F 211 -19.38 -47.36 27.44
C ALA F 211 -20.54 -46.59 26.91
N LEU F 212 -21.73 -46.89 27.37
CA LEU F 212 -22.90 -46.28 26.80
C LEU F 212 -23.01 -44.85 27.31
N ALA F 213 -22.81 -44.71 28.61
CA ALA F 213 -22.92 -43.41 29.22
C ALA F 213 -21.85 -42.47 28.74
N GLU F 214 -20.67 -42.99 28.42
CA GLU F 214 -19.59 -42.12 27.97
C GLU F 214 -19.54 -41.95 26.49
N HIS F 215 -20.34 -42.70 25.76
CA HIS F 215 -20.29 -42.64 24.31
C HIS F 215 -20.44 -41.22 23.76
N LEU F 216 -19.51 -40.81 22.93
CA LEU F 216 -19.49 -39.47 22.39
C LEU F 216 -20.55 -39.23 21.37
N ASP F 217 -21.24 -40.27 20.96
CA ASP F 217 -22.25 -40.11 19.92
C ASP F 217 -23.63 -40.31 20.44
N VAL F 218 -23.72 -40.63 21.71
CA VAL F 218 -25.02 -40.73 22.34
C VAL F 218 -25.36 -39.37 22.90
N GLY F 219 -26.58 -38.97 22.60
CA GLY F 219 -27.11 -37.68 22.95
C GLY F 219 -27.74 -37.60 24.31
N LYS F 220 -28.64 -38.53 24.63
CA LYS F 220 -29.17 -38.59 25.97
C LYS F 220 -28.79 -39.91 26.56
N ILE F 221 -28.84 -39.97 27.88
CA ILE F 221 -28.58 -41.20 28.60
C ILE F 221 -29.63 -41.30 29.68
N ALA F 222 -30.59 -42.19 29.50
CA ALA F 222 -31.64 -42.34 30.47
C ALA F 222 -31.25 -43.47 31.39
N PHE F 223 -31.28 -43.23 32.67
CA PHE F 223 -30.84 -44.26 33.58
C PHE F 223 -31.69 -44.37 34.81
N THR F 224 -32.15 -45.58 35.07
CA THR F 224 -32.87 -45.88 36.29
C THR F 224 -32.04 -46.86 37.06
N GLY F 225 -31.72 -46.53 38.31
CA GLY F 225 -30.88 -47.41 39.11
C GLY F 225 -30.59 -46.85 40.47
N SER F 226 -29.42 -47.21 40.97
CA SER F 226 -28.92 -46.78 42.24
C SER F 226 -28.35 -45.39 42.12
N THR F 227 -28.29 -44.68 43.23
CA THR F 227 -27.76 -43.34 43.27
C THR F 227 -26.29 -43.40 42.99
N ALA F 228 -25.63 -44.35 43.63
CA ALA F 228 -24.19 -44.44 43.59
C ALA F 228 -23.76 -44.72 42.19
N THR F 229 -24.60 -45.38 41.41
CA THR F 229 -24.25 -45.58 40.00
C THR F 229 -24.89 -44.52 39.12
N GLY F 230 -25.95 -43.91 39.61
CA GLY F 230 -26.47 -42.69 39.01
C GLY F 230 -25.43 -41.58 38.94
N ARG F 231 -24.72 -41.42 40.06
CA ARG F 231 -23.69 -40.41 40.26
C ARG F 231 -22.55 -40.55 39.26
N ARG F 232 -22.41 -41.77 38.77
CA ARG F 232 -21.36 -42.24 37.88
C ARG F 232 -21.80 -42.14 36.46
N ILE F 233 -23.10 -42.15 36.25
CA ILE F 233 -23.66 -42.00 34.95
C ILE F 233 -23.48 -40.56 34.58
N VAL F 234 -23.66 -39.70 35.57
CA VAL F 234 -23.42 -38.28 35.41
C VAL F 234 -21.96 -38.11 35.08
N GLU F 235 -21.08 -38.48 35.99
CA GLU F 235 -19.64 -38.40 35.78
C GLU F 235 -19.26 -38.73 34.36
N ALA F 236 -19.98 -39.62 33.73
CA ALA F 236 -19.57 -40.11 32.42
C ALA F 236 -20.27 -39.37 31.32
N SER F 237 -21.29 -38.62 31.70
CA SER F 237 -22.00 -37.74 30.81
C SER F 237 -21.09 -36.67 30.27
N LYS F 238 -20.11 -36.27 31.06
CA LYS F 238 -19.30 -35.12 30.69
C LYS F 238 -18.63 -35.34 29.35
N SER F 239 -18.32 -36.58 29.06
CA SER F 239 -17.72 -36.94 27.79
C SER F 239 -18.17 -36.08 26.63
N ASN F 240 -19.47 -35.87 26.49
CA ASN F 240 -19.93 -35.09 25.37
C ASN F 240 -21.06 -34.19 25.78
N LEU F 241 -21.35 -34.21 27.07
CA LEU F 241 -22.41 -33.37 27.60
C LEU F 241 -23.73 -33.80 27.00
N LYS F 242 -23.96 -35.10 27.12
CA LYS F 242 -25.17 -35.73 26.68
C LYS F 242 -26.19 -35.45 27.73
N ARG F 243 -27.44 -35.30 27.34
CA ARG F 243 -28.48 -35.02 28.30
C ARG F 243 -28.63 -36.19 29.22
N ILE F 244 -29.20 -35.97 30.39
CA ILE F 244 -29.35 -37.04 31.37
C ILE F 244 -30.75 -37.11 31.96
N GLN F 245 -31.22 -38.35 32.10
CA GLN F 245 -32.46 -38.71 32.77
C GLN F 245 -32.09 -39.62 33.93
N LEU F 246 -32.47 -39.30 35.15
CA LEU F 246 -32.11 -40.14 36.28
C LEU F 246 -33.26 -40.48 37.22
N GLU F 247 -33.65 -41.74 37.30
CA GLU F 247 -34.54 -42.17 38.35
C GLU F 247 -33.74 -43.00 39.33
N LEU F 248 -33.50 -42.47 40.51
CA LEU F 248 -32.52 -43.03 41.41
C LEU F 248 -33.04 -43.56 42.71
N GLY F 249 -34.27 -44.03 42.73
CA GLY F 249 -34.77 -44.71 43.90
C GLY F 249 -35.75 -43.88 44.71
N GLY F 250 -36.42 -44.54 45.62
CA GLY F 250 -37.37 -43.84 46.45
C GLY F 250 -37.56 -44.59 47.73
N LYS F 251 -37.96 -43.87 48.75
CA LYS F 251 -38.34 -44.49 50.00
C LYS F 251 -39.73 -44.00 50.27
N GLY F 252 -40.65 -44.44 49.43
CA GLY F 252 -42.03 -44.01 49.48
C GLY F 252 -42.74 -43.99 50.80
N ALA F 253 -43.05 -42.78 51.26
CA ALA F 253 -43.90 -42.57 52.41
C ALA F 253 -45.31 -43.04 52.08
N ASN F 254 -45.89 -43.76 53.02
CA ASN F 254 -47.27 -44.18 52.96
C ASN F 254 -47.92 -43.79 54.23
N ILE F 255 -48.57 -42.64 54.20
CA ILE F 255 -49.12 -42.07 55.39
C ILE F 255 -50.54 -42.50 55.60
N VAL F 256 -50.85 -42.95 56.80
CA VAL F 256 -52.21 -43.38 57.07
C VAL F 256 -52.78 -42.56 58.19
N PHE F 257 -53.82 -41.80 57.88
CA PHE F 257 -54.36 -40.87 58.86
C PHE F 257 -55.51 -41.48 59.63
N GLU F 258 -55.90 -40.79 60.69
CA GLU F 258 -56.96 -41.24 61.59
C GLU F 258 -58.29 -41.53 60.93
N ASP F 259 -58.59 -40.72 59.92
CA ASP F 259 -59.85 -40.74 59.21
C ASP F 259 -59.77 -41.56 57.94
N ALA F 260 -58.67 -42.26 57.78
CA ALA F 260 -58.54 -43.15 56.66
C ALA F 260 -59.46 -44.33 56.78
N ASN F 261 -59.84 -44.87 55.63
CA ASN F 261 -60.52 -46.13 55.54
C ASN F 261 -59.46 -47.18 55.62
N ILE F 262 -59.45 -47.87 56.74
CA ILE F 262 -58.33 -48.66 57.12
C ILE F 262 -58.31 -49.98 56.44
N GLU F 263 -59.45 -50.47 55.97
CA GLU F 263 -59.43 -51.68 55.13
C GLU F 263 -58.88 -51.37 53.76
N ALA F 264 -59.14 -50.18 53.27
CA ALA F 264 -58.61 -49.77 51.97
C ALA F 264 -57.12 -49.47 52.10
N ALA F 265 -56.79 -48.81 53.20
CA ALA F 265 -55.42 -48.41 53.54
C ALA F 265 -54.48 -49.57 53.69
N VAL F 266 -54.99 -50.67 54.20
CA VAL F 266 -54.20 -51.86 54.41
C VAL F 266 -54.02 -52.63 53.11
N ASN F 267 -55.04 -52.64 52.28
CA ASN F 267 -54.96 -53.26 50.95
C ASN F 267 -54.04 -52.53 50.04
N GLY F 268 -54.04 -51.21 50.19
CA GLY F 268 -53.16 -50.36 49.44
C GLY F 268 -51.73 -50.51 49.91
N ALA F 269 -51.54 -50.44 51.23
CA ALA F 269 -50.20 -50.56 51.80
C ALA F 269 -49.59 -51.92 51.46
N ALA F 270 -50.40 -52.96 51.52
CA ALA F 270 -49.90 -54.29 51.19
C ALA F 270 -49.45 -54.33 49.73
N TRP F 271 -50.31 -53.83 48.85
CA TRP F 271 -49.99 -53.68 47.44
C TRP F 271 -48.78 -52.78 47.25
N ALA F 272 -48.73 -51.69 48.02
CA ALA F 272 -47.69 -50.68 47.84
C ALA F 272 -46.28 -51.21 48.06
N ILE F 273 -46.16 -52.18 48.96
CA ILE F 273 -44.83 -52.64 49.34
C ILE F 273 -44.56 -54.08 48.92
N PHE F 274 -45.60 -54.88 48.85
CA PHE F 274 -45.36 -56.29 48.64
C PHE F 274 -45.52 -56.67 47.18
N HIS F 275 -46.18 -55.83 46.39
CA HIS F 275 -46.24 -56.13 44.99
C HIS F 275 -44.82 -56.08 44.46
N ASN F 276 -44.52 -56.97 43.53
CA ASN F 276 -43.18 -57.06 42.99
C ASN F 276 -42.18 -57.15 44.10
N GLN F 277 -42.52 -57.89 45.12
CA GLN F 277 -41.59 -58.18 46.20
C GLN F 277 -40.95 -56.96 46.76
N GLY F 278 -41.61 -55.84 46.59
CA GLY F 278 -41.12 -54.56 47.06
C GLY F 278 -40.02 -54.00 46.19
N GLN F 279 -39.75 -54.67 45.08
CA GLN F 279 -38.74 -54.22 44.15
C GLN F 279 -39.36 -53.16 43.28
N ALA F 280 -39.73 -52.07 43.93
CA ALA F 280 -40.30 -50.93 43.25
C ALA F 280 -39.76 -49.73 43.96
N CYS F 281 -39.36 -48.74 43.19
CA CYS F 281 -38.81 -47.54 43.75
C CYS F 281 -39.91 -46.74 44.38
N ILE F 282 -41.09 -46.83 43.78
CA ILE F 282 -42.27 -46.18 44.28
C ILE F 282 -43.05 -47.10 45.20
N ALA F 283 -42.36 -48.06 45.81
CA ALA F 283 -42.97 -48.91 46.80
C ALA F 283 -43.09 -48.13 48.08
N GLY F 284 -44.23 -48.28 48.75
CA GLY F 284 -44.43 -47.65 50.03
C GLY F 284 -43.67 -48.38 51.08
N SER F 285 -42.38 -48.10 51.20
CA SER F 285 -41.52 -48.82 52.11
C SER F 285 -41.50 -48.17 53.47
N ARG F 286 -42.30 -47.13 53.63
CA ARG F 286 -42.39 -46.42 54.89
C ARG F 286 -43.83 -46.22 55.24
N LEU F 287 -44.32 -47.06 56.15
CA LEU F 287 -45.65 -46.93 56.71
C LEU F 287 -45.64 -45.89 57.80
N ILE F 288 -46.40 -44.82 57.62
CA ILE F 288 -46.48 -43.80 58.64
C ILE F 288 -47.90 -43.81 59.14
N LEU F 289 -48.17 -44.40 60.31
CA LEU F 289 -49.55 -44.58 60.74
C LEU F 289 -49.90 -43.76 61.97
N HIS F 290 -51.05 -43.09 61.91
CA HIS F 290 -51.49 -42.24 62.99
C HIS F 290 -51.75 -43.02 64.25
N LYS F 291 -51.26 -42.54 65.38
CA LYS F 291 -51.31 -43.30 66.60
C LYS F 291 -52.68 -43.87 66.88
N ASP F 292 -53.74 -43.17 66.53
CA ASP F 292 -55.09 -43.62 66.89
C ASP F 292 -55.61 -44.77 66.01
N ILE F 293 -54.93 -45.07 64.92
CA ILE F 293 -55.34 -46.18 64.08
C ILE F 293 -54.23 -47.21 63.91
N ALA F 294 -53.03 -46.91 64.37
CA ALA F 294 -51.92 -47.80 64.10
C ALA F 294 -52.16 -49.24 64.51
N ASP F 295 -52.89 -49.44 65.59
CA ASP F 295 -53.05 -50.80 66.13
C ASP F 295 -54.12 -51.55 65.39
N GLN F 296 -55.17 -50.84 65.03
CA GLN F 296 -56.22 -51.41 64.20
C GLN F 296 -55.68 -51.73 62.84
N PHE F 297 -54.83 -50.86 62.33
CA PHE F 297 -54.22 -51.04 61.03
C PHE F 297 -53.31 -52.24 61.07
N LEU F 298 -52.36 -52.26 62.00
CA LEU F 298 -51.31 -53.28 62.04
C LEU F 298 -51.83 -54.69 62.23
N GLU F 299 -52.97 -54.77 62.90
CA GLU F 299 -53.70 -56.00 63.07
C GLU F 299 -54.04 -56.58 61.72
N ARG F 300 -54.71 -55.81 60.90
CA ARG F 300 -55.19 -56.24 59.60
C ARG F 300 -54.02 -56.47 58.70
N PHE F 301 -53.04 -55.58 58.76
CA PHE F 301 -51.86 -55.65 57.88
C PHE F 301 -51.01 -56.86 58.17
N ILE F 302 -50.50 -56.96 59.39
CA ILE F 302 -49.68 -58.10 59.76
C ILE F 302 -50.37 -59.37 59.35
N ALA F 303 -51.64 -59.48 59.69
CA ALA F 303 -52.34 -60.70 59.27
C ALA F 303 -52.25 -60.87 57.77
N LEU F 304 -52.43 -59.77 57.04
CA LEU F 304 -52.42 -59.83 55.58
C LEU F 304 -51.02 -60.26 55.12
N ALA F 305 -50.02 -59.63 55.71
CA ALA F 305 -48.66 -59.91 55.32
C ALA F 305 -48.32 -61.37 55.49
N LYS F 306 -48.59 -61.88 56.68
CA LYS F 306 -48.29 -63.25 57.00
C LYS F 306 -49.08 -64.25 56.18
N SER F 307 -50.14 -63.80 55.53
CA SER F 307 -51.02 -64.68 54.77
C SER F 307 -50.65 -64.68 53.30
N ILE F 308 -49.62 -63.93 52.97
CA ILE F 308 -49.24 -63.78 51.59
C ILE F 308 -48.47 -64.99 51.11
N ARG F 309 -48.97 -65.54 50.02
CA ARG F 309 -48.46 -66.75 49.43
C ARG F 309 -47.18 -66.54 48.66
N LEU F 310 -46.09 -66.73 49.38
CA LEU F 310 -44.74 -66.69 48.86
C LEU F 310 -44.40 -68.01 48.21
N GLY F 311 -43.94 -67.98 46.98
CA GLY F 311 -43.64 -69.22 46.28
C GLY F 311 -43.29 -69.16 44.80
N ASP F 312 -43.24 -70.33 44.18
CA ASP F 312 -42.91 -70.48 42.79
C ASP F 312 -43.63 -69.40 42.06
N PRO F 313 -42.91 -68.67 41.24
CA PRO F 313 -43.46 -67.55 40.52
C PRO F 313 -44.32 -67.99 39.37
N MET F 314 -44.18 -69.27 39.02
CA MET F 314 -44.85 -69.88 37.90
C MET F 314 -46.20 -70.34 38.31
N ASP F 315 -46.47 -70.22 39.60
CA ASP F 315 -47.74 -70.63 40.19
C ASP F 315 -48.43 -69.31 39.99
N PRO F 316 -49.52 -69.32 39.26
CA PRO F 316 -50.45 -68.21 39.16
C PRO F 316 -51.17 -68.00 40.48
N GLU F 317 -50.93 -68.86 41.44
CA GLU F 317 -51.57 -68.65 42.70
C GLU F 317 -50.60 -67.94 43.60
N THR F 318 -49.32 -68.10 43.34
CA THR F 318 -48.35 -67.39 44.14
C THR F 318 -48.65 -65.92 44.09
N GLU F 319 -48.47 -65.25 45.22
CA GLU F 319 -48.79 -63.84 45.34
C GLU F 319 -47.56 -62.97 45.43
N MET F 320 -46.44 -63.58 45.80
CA MET F 320 -45.17 -62.89 45.95
C MET F 320 -44.07 -63.88 45.72
N GLY F 321 -43.19 -63.56 44.79
CA GLY F 321 -42.13 -64.45 44.40
C GLY F 321 -40.86 -64.17 45.17
N PRO F 322 -39.72 -64.65 44.66
CA PRO F 322 -38.43 -64.36 45.28
C PRO F 322 -37.95 -62.99 44.85
N LEU F 323 -36.95 -62.43 45.54
CA LEU F 323 -36.23 -61.28 45.04
C LEU F 323 -35.52 -61.81 43.83
N THR F 324 -35.17 -60.96 42.87
CA THR F 324 -34.71 -61.48 41.60
C THR F 324 -33.21 -61.85 41.58
N SER F 325 -32.45 -61.35 42.55
CA SER F 325 -31.05 -61.75 42.66
C SER F 325 -30.67 -62.20 44.06
N ALA F 326 -29.74 -63.16 44.13
CA ALA F 326 -29.22 -63.65 45.39
C ALA F 326 -28.60 -62.52 46.19
N LEU F 327 -27.95 -61.56 45.53
CA LEU F 327 -27.39 -60.42 46.26
C LEU F 327 -28.29 -59.43 47.03
N ARG F 328 -29.19 -58.77 46.32
CA ARG F 328 -30.27 -57.98 46.92
C ARG F 328 -30.75 -58.70 48.14
N ARG F 329 -31.25 -59.90 47.93
CA ARG F 329 -31.73 -60.69 49.04
C ARG F 329 -30.76 -60.56 50.17
N ASP F 330 -29.51 -60.92 49.96
CA ASP F 330 -28.56 -60.87 51.06
C ASP F 330 -28.56 -59.51 51.76
N ARG F 331 -28.76 -58.45 51.01
CA ARG F 331 -28.72 -57.13 51.61
C ARG F 331 -30.02 -56.82 52.31
N VAL F 332 -31.12 -57.32 51.78
CA VAL F 332 -32.40 -57.13 52.40
C VAL F 332 -32.38 -57.79 53.76
N LEU F 333 -31.75 -58.94 53.83
CA LEU F 333 -31.59 -59.64 55.08
C LEU F 333 -30.71 -58.87 56.01
N SER F 334 -29.66 -58.31 55.44
CA SER F 334 -28.77 -57.41 56.16
C SER F 334 -29.53 -56.21 56.64
N TYR F 335 -30.29 -55.61 55.74
CA TYR F 335 -31.17 -54.52 56.14
C TYR F 335 -32.09 -54.92 57.28
N ILE F 336 -32.68 -56.10 57.22
CA ILE F 336 -33.59 -56.48 58.28
C ILE F 336 -32.80 -56.64 59.57
N ASP F 337 -31.59 -57.16 59.44
CA ASP F 337 -30.71 -57.29 60.59
C ASP F 337 -30.48 -55.99 61.33
N ILE F 338 -29.97 -54.97 60.65
CA ILE F 338 -29.64 -53.72 61.36
C ILE F 338 -30.86 -52.93 61.80
N ALA F 339 -31.99 -53.20 61.16
CA ALA F 339 -33.24 -52.69 61.65
C ALA F 339 -33.47 -53.35 63.00
N ILE F 340 -33.17 -54.63 63.11
CA ILE F 340 -33.32 -55.29 64.39
C ILE F 340 -32.43 -54.62 65.40
N GLU F 341 -31.14 -54.56 65.11
CA GLU F 341 -30.16 -53.94 66.00
C GLU F 341 -30.57 -52.54 66.41
N GLN F 342 -31.06 -51.77 65.45
CA GLN F 342 -31.43 -50.39 65.70
C GLN F 342 -32.75 -50.23 66.46
N GLY F 343 -33.10 -51.21 67.28
CA GLY F 343 -34.30 -51.13 68.10
C GLY F 343 -35.53 -51.71 67.45
N GLY F 344 -35.59 -51.66 66.14
CA GLY F 344 -36.76 -52.17 65.45
C GLY F 344 -37.28 -53.56 65.71
N LYS F 345 -38.61 -53.66 65.77
CA LYS F 345 -39.38 -54.75 66.34
C LYS F 345 -40.10 -55.40 65.20
N VAL F 346 -39.92 -56.70 65.03
CA VAL F 346 -40.53 -57.36 63.91
C VAL F 346 -41.97 -57.73 64.13
N LEU F 347 -42.79 -57.50 63.12
CA LEU F 347 -44.19 -57.77 63.26
C LEU F 347 -44.55 -58.89 62.32
N ALA F 348 -43.85 -58.97 61.21
CA ALA F 348 -43.99 -60.10 60.31
C ALA F 348 -42.65 -60.44 59.64
N GLY F 349 -42.58 -61.57 58.94
CA GLY F 349 -41.37 -61.85 58.23
C GLY F 349 -40.12 -61.71 59.07
N GLY F 350 -39.06 -61.16 58.53
CA GLY F 350 -37.88 -60.99 59.31
C GLY F 350 -36.79 -61.78 58.70
N LYS F 351 -37.16 -62.77 57.92
CA LYS F 351 -36.20 -63.70 57.41
C LYS F 351 -36.73 -64.33 56.14
N ALA F 352 -35.91 -65.20 55.59
CA ALA F 352 -36.19 -65.99 54.44
C ALA F 352 -37.08 -67.06 54.93
N PRO F 353 -37.88 -67.58 54.03
CA PRO F 353 -38.91 -68.54 54.43
C PRO F 353 -38.27 -69.80 55.00
N ASP F 354 -38.80 -70.28 56.11
CA ASP F 354 -38.36 -71.51 56.74
C ASP F 354 -39.01 -72.57 55.89
N ASP F 355 -38.76 -72.57 54.59
CA ASP F 355 -39.11 -73.66 53.72
C ASP F 355 -37.85 -74.22 53.11
N LYS F 356 -38.04 -75.09 52.13
CA LYS F 356 -36.94 -75.69 51.41
C LYS F 356 -37.47 -75.93 50.05
N ALA F 357 -38.74 -75.64 49.89
CA ALA F 357 -39.39 -75.69 48.60
C ALA F 357 -38.97 -74.42 47.96
N LEU F 358 -38.38 -73.57 48.80
CA LEU F 358 -38.01 -72.22 48.44
C LEU F 358 -36.63 -71.94 49.02
N ALA F 359 -35.85 -72.99 49.25
CA ALA F 359 -34.56 -72.77 49.88
C ALA F 359 -33.48 -72.43 48.88
N ASN F 360 -33.67 -72.80 47.64
CA ASN F 360 -32.67 -72.49 46.64
C ASN F 360 -32.92 -71.12 46.07
N GLY F 361 -34.17 -70.70 46.11
CA GLY F 361 -34.52 -69.41 45.57
C GLY F 361 -34.18 -68.28 46.51
N PHE F 362 -34.29 -67.04 46.07
CA PHE F 362 -33.91 -65.92 46.92
C PHE F 362 -35.05 -65.30 47.73
N TYR F 363 -35.99 -66.12 48.12
CA TYR F 363 -37.18 -65.63 48.77
C TYR F 363 -36.84 -64.94 50.06
N VAL F 364 -37.64 -63.92 50.38
CA VAL F 364 -37.61 -63.25 51.66
C VAL F 364 -39.03 -63.02 52.09
N GLU F 365 -39.30 -63.23 53.37
CA GLU F 365 -40.64 -63.10 53.90
C GLU F 365 -41.09 -61.66 53.89
N PRO F 366 -42.37 -61.43 53.61
CA PRO F 366 -42.90 -60.08 53.67
C PRO F 366 -42.63 -59.54 55.05
N THR F 367 -41.66 -58.66 55.15
CA THR F 367 -41.25 -58.18 56.45
C THR F 367 -41.80 -56.84 56.80
N VAL F 368 -42.19 -56.71 58.05
CA VAL F 368 -42.74 -55.48 58.58
C VAL F 368 -42.04 -55.17 59.88
N VAL F 369 -41.40 -54.02 59.98
CA VAL F 369 -40.62 -53.69 61.15
C VAL F 369 -41.00 -52.36 61.75
N GLU F 370 -41.21 -52.32 63.06
CA GLU F 370 -41.61 -51.11 63.75
C GLU F 370 -40.37 -50.36 64.18
N ALA F 371 -40.23 -49.15 63.64
CA ALA F 371 -38.97 -48.44 63.68
C ALA F 371 -39.10 -46.99 64.09
N LYS F 372 -38.03 -46.23 64.00
CA LYS F 372 -38.13 -44.81 64.20
C LYS F 372 -37.71 -44.23 62.88
N PRO F 373 -38.25 -43.07 62.55
CA PRO F 373 -37.91 -42.43 61.27
C PRO F 373 -36.39 -42.32 61.14
N GLN F 374 -35.74 -42.05 62.26
CA GLN F 374 -34.34 -41.70 62.23
C GLN F 374 -33.43 -42.90 61.99
N ASP F 375 -33.98 -44.10 62.07
CA ASP F 375 -33.18 -45.31 61.92
C ASP F 375 -32.86 -45.62 60.47
N ARG F 376 -31.72 -46.27 60.24
CA ARG F 376 -31.28 -46.56 58.87
C ARG F 376 -32.26 -47.15 57.87
N VAL F 377 -32.85 -48.28 58.24
CA VAL F 377 -33.90 -48.94 57.49
C VAL F 377 -34.98 -47.95 57.08
N CYS F 378 -34.96 -46.79 57.73
CA CYS F 378 -36.01 -45.82 57.57
C CYS F 378 -35.62 -44.69 56.64
N GLN F 379 -34.44 -44.77 56.05
CA GLN F 379 -34.02 -43.66 55.22
C GLN F 379 -33.04 -44.11 54.16
N GLU F 380 -32.91 -45.43 54.06
CA GLU F 380 -32.16 -46.00 52.97
C GLU F 380 -33.06 -46.99 52.31
N GLU F 381 -33.02 -47.07 50.99
CA GLU F 381 -33.99 -47.86 50.26
C GLU F 381 -33.64 -49.34 50.19
N VAL F 382 -34.22 -50.11 51.10
CA VAL F 382 -34.23 -51.54 51.00
C VAL F 382 -35.02 -51.81 49.76
N PHE F 383 -34.54 -52.66 48.87
CA PHE F 383 -35.31 -52.94 47.68
C PHE F 383 -36.03 -54.26 47.78
N GLY F 384 -36.84 -54.44 48.81
CA GLY F 384 -37.49 -55.72 49.00
C GLY F 384 -38.85 -55.65 49.66
N PRO F 385 -39.37 -56.81 50.01
CA PRO F 385 -40.66 -56.90 50.68
C PRO F 385 -40.50 -56.47 52.11
N PHE F 386 -40.10 -55.24 52.29
CA PHE F 386 -39.79 -54.78 53.61
C PHE F 386 -40.59 -53.53 53.78
N VAL F 387 -40.91 -53.21 55.02
CA VAL F 387 -41.76 -52.08 55.29
C VAL F 387 -41.61 -51.75 56.73
N THR F 388 -41.12 -50.56 57.02
CA THR F 388 -41.00 -50.14 58.39
C THR F 388 -42.21 -49.33 58.72
N VAL F 389 -42.53 -49.33 59.99
CA VAL F 389 -43.71 -48.70 60.57
C VAL F 389 -43.30 -47.69 61.60
N VAL F 390 -43.92 -46.53 61.52
CA VAL F 390 -43.70 -45.44 62.43
C VAL F 390 -45.04 -44.85 62.74
N ARG F 391 -45.20 -44.32 63.94
CA ARG F 391 -46.44 -43.66 64.30
C ARG F 391 -46.26 -42.16 64.53
N PHE F 392 -47.36 -41.44 64.29
CA PHE F 392 -47.44 -40.00 64.38
C PHE F 392 -48.77 -39.51 64.94
N SER F 393 -48.80 -38.27 65.38
CA SER F 393 -50.01 -37.68 65.94
C SER F 393 -50.40 -36.33 65.34
N SER F 394 -49.52 -35.69 64.57
CA SER F 394 -49.92 -34.51 63.80
C SER F 394 -49.73 -34.68 62.30
N ASP F 395 -50.50 -33.91 61.56
CA ASP F 395 -50.29 -33.73 60.16
C ASP F 395 -48.87 -33.28 59.92
N GLU F 396 -48.39 -32.38 60.76
CA GLU F 396 -47.06 -31.85 60.61
C GLU F 396 -46.00 -32.89 60.89
N GLU F 397 -46.25 -33.74 61.87
CA GLU F 397 -45.37 -34.83 62.22
C GLU F 397 -45.21 -35.80 61.06
N ALA F 398 -46.33 -36.16 60.48
CA ALA F 398 -46.38 -37.00 59.29
C ALA F 398 -45.63 -36.38 58.13
N LEU F 399 -45.91 -35.11 57.86
CA LEU F 399 -45.20 -34.40 56.80
C LEU F 399 -43.70 -34.48 57.06
N ALA F 400 -43.30 -34.10 58.27
CA ALA F 400 -41.90 -34.10 58.64
C ALA F 400 -41.26 -35.42 58.32
N ILE F 401 -41.88 -36.50 58.76
CA ILE F 401 -41.38 -37.84 58.51
C ILE F 401 -41.30 -38.10 57.03
N ALA F 402 -42.41 -37.96 56.35
CA ALA F 402 -42.49 -38.18 54.92
C ALA F 402 -41.31 -37.52 54.20
N ASN F 403 -40.88 -36.40 54.72
CA ASN F 403 -39.86 -35.64 54.04
C ASN F 403 -38.47 -35.80 54.62
N ASN F 404 -38.35 -36.24 55.85
CA ASN F 404 -37.03 -36.45 56.37
C ASN F 404 -36.44 -37.63 55.67
N THR F 405 -36.05 -37.42 54.42
CA THR F 405 -35.38 -38.41 53.64
C THR F 405 -34.80 -37.74 52.41
N GLU F 406 -33.76 -38.32 51.82
CA GLU F 406 -33.13 -37.65 50.70
C GLU F 406 -33.85 -37.97 49.41
N TYR F 407 -34.74 -38.96 49.47
CA TYR F 407 -35.47 -39.40 48.29
C TYR F 407 -36.60 -38.44 47.95
N GLY F 408 -37.25 -38.67 46.82
CA GLY F 408 -38.35 -37.84 46.40
C GLY F 408 -39.03 -38.39 45.16
N LEU F 409 -39.23 -39.70 45.14
CA LEU F 409 -39.82 -40.36 43.99
C LEU F 409 -41.33 -40.43 44.09
N GLY F 410 -41.82 -41.29 44.97
CA GLY F 410 -43.24 -41.45 45.19
C GLY F 410 -43.60 -41.17 46.63
N SER F 411 -44.89 -41.15 46.87
CA SER F 411 -45.43 -40.85 48.17
C SER F 411 -46.93 -41.11 48.11
N GLY F 412 -47.54 -41.25 49.27
CA GLY F 412 -48.96 -41.51 49.30
C GLY F 412 -49.51 -41.33 50.69
N LEU F 413 -50.80 -41.07 50.76
CA LEU F 413 -51.44 -40.87 52.03
C LEU F 413 -52.90 -41.25 51.97
N TRP F 414 -53.49 -41.48 53.14
CA TRP F 414 -54.84 -41.98 53.22
C TRP F 414 -55.64 -41.18 54.19
N THR F 415 -56.61 -40.45 53.67
CA THR F 415 -57.54 -39.68 54.48
C THR F 415 -58.83 -39.49 53.74
N GLN F 416 -59.79 -38.91 54.42
CA GLN F 416 -61.03 -38.60 53.80
C GLN F 416 -61.20 -37.12 53.89
N ASN F 417 -60.23 -36.47 54.50
CA ASN F 417 -60.28 -35.04 54.60
C ASN F 417 -59.83 -34.43 53.31
N LEU F 418 -60.52 -33.41 52.87
CA LEU F 418 -60.16 -32.73 51.64
C LEU F 418 -58.90 -31.94 51.80
N ALA F 419 -58.96 -30.92 52.63
CA ALA F 419 -57.85 -30.00 52.78
C ALA F 419 -56.56 -30.72 53.08
N ARG F 420 -56.62 -31.65 54.01
CA ARG F 420 -55.44 -32.40 54.39
C ARG F 420 -54.82 -33.18 53.27
N ALA F 421 -55.65 -33.91 52.52
CA ALA F 421 -55.20 -34.58 51.31
C ALA F 421 -54.34 -33.67 50.43
N HIS F 422 -54.85 -32.50 50.07
CA HIS F 422 -54.13 -31.63 49.17
C HIS F 422 -52.97 -30.91 49.84
N LYS F 423 -53.20 -30.39 51.03
CA LYS F 423 -52.11 -29.74 51.73
C LYS F 423 -50.90 -30.66 51.84
N MET F 424 -51.15 -31.91 52.16
CA MET F 424 -50.13 -32.91 52.29
C MET F 424 -49.54 -33.20 50.93
N ALA F 425 -50.40 -33.53 49.98
CA ALA F 425 -49.97 -33.84 48.63
C ALA F 425 -49.04 -32.79 48.07
N ASN F 426 -49.27 -31.54 48.41
CA ASN F 426 -48.49 -30.48 47.83
C ASN F 426 -47.24 -30.16 48.62
N ALA F 427 -47.24 -30.51 49.87
CA ALA F 427 -46.14 -30.27 50.79
C ALA F 427 -45.09 -31.36 50.79
N ILE F 428 -45.40 -32.50 50.21
CA ILE F 428 -44.47 -33.63 50.17
C ILE F 428 -43.47 -33.48 49.05
N HIS F 429 -42.20 -33.55 49.39
CA HIS F 429 -41.18 -33.40 48.36
C HIS F 429 -41.04 -34.71 47.61
N ALA F 430 -41.95 -34.90 46.66
CA ALA F 430 -41.97 -36.08 45.84
C ALA F 430 -42.50 -35.67 44.50
N GLY F 431 -42.25 -36.50 43.50
CA GLY F 431 -42.64 -36.17 42.15
C GLY F 431 -43.93 -36.83 41.79
N MET F 432 -44.38 -37.74 42.64
CA MET F 432 -45.70 -38.33 42.55
C MET F 432 -46.25 -38.46 43.95
N CYS F 433 -47.55 -38.27 44.07
CA CYS F 433 -48.26 -38.47 45.33
C CYS F 433 -49.60 -39.10 45.05
N TRP F 434 -49.89 -40.18 45.76
CA TRP F 434 -51.14 -40.88 45.61
C TRP F 434 -51.93 -40.76 46.88
N ILE F 435 -53.19 -40.43 46.70
CA ILE F 435 -54.12 -40.26 47.82
C ILE F 435 -55.22 -41.32 47.79
N ASN F 436 -55.27 -42.15 48.81
CA ASN F 436 -56.25 -43.22 48.83
C ASN F 436 -56.09 -44.12 47.61
N CYS F 437 -54.84 -44.41 47.32
CA CYS F 437 -54.43 -45.37 46.32
C CYS F 437 -52.94 -45.28 46.37
N TYR F 438 -52.22 -46.16 45.71
CA TYR F 438 -50.78 -46.11 45.76
C TYR F 438 -50.15 -46.81 44.58
N LYS F 439 -48.99 -46.39 44.13
CA LYS F 439 -48.33 -47.05 43.01
C LYS F 439 -49.15 -47.02 41.73
N ARG F 440 -49.96 -45.97 41.61
CA ARG F 440 -50.79 -45.77 40.44
C ARG F 440 -49.98 -45.11 39.35
N VAL F 441 -49.92 -45.75 38.21
CA VAL F 441 -49.12 -45.28 37.10
C VAL F 441 -49.93 -45.36 35.83
N SER F 442 -49.79 -44.34 35.00
CA SER F 442 -50.49 -44.28 33.73
C SER F 442 -49.50 -43.68 32.77
N PRO F 443 -49.54 -44.10 31.52
CA PRO F 443 -48.53 -43.70 30.55
C PRO F 443 -48.56 -42.23 30.28
N GLY F 444 -49.64 -41.55 30.65
CA GLY F 444 -49.77 -40.14 30.48
C GLY F 444 -49.40 -39.34 31.69
N SER F 445 -49.53 -39.94 32.87
CA SER F 445 -49.12 -39.26 34.09
C SER F 445 -47.61 -39.29 34.19
N PRO F 446 -47.00 -38.13 34.42
CA PRO F 446 -45.55 -38.07 34.43
C PRO F 446 -45.00 -38.87 35.59
N PHE F 447 -43.90 -39.58 35.39
CA PHE F 447 -43.37 -40.41 36.45
C PHE F 447 -41.91 -40.11 36.62
N GLY F 448 -41.53 -39.68 37.79
CA GLY F 448 -40.14 -39.38 38.02
C GLY F 448 -39.87 -38.88 39.40
N GLY F 449 -38.64 -38.46 39.62
CA GLY F 449 -38.25 -38.08 40.96
C GLY F 449 -37.95 -36.62 41.18
N VAL F 450 -37.45 -36.36 42.36
CA VAL F 450 -37.15 -35.04 42.81
C VAL F 450 -35.96 -35.19 43.72
N GLY F 451 -35.17 -34.14 43.84
CA GLY F 451 -33.97 -34.21 44.63
C GLY F 451 -33.08 -35.34 44.19
N GLN F 452 -32.66 -36.13 45.16
CA GLN F 452 -31.72 -37.21 44.91
C GLN F 452 -32.36 -38.36 44.19
N SER F 453 -33.64 -38.27 43.93
CA SER F 453 -34.31 -39.33 43.23
C SER F 453 -34.15 -39.13 41.76
N GLY F 454 -33.34 -38.14 41.39
CA GLY F 454 -33.06 -37.88 40.00
C GLY F 454 -33.88 -36.77 39.40
N TYR F 455 -34.06 -36.84 38.10
CA TYR F 455 -34.82 -35.83 37.38
C TYR F 455 -35.22 -36.36 36.04
N GLY F 456 -35.99 -35.60 35.29
CA GLY F 456 -36.56 -36.14 34.08
C GLY F 456 -37.82 -36.88 34.43
N ARG F 457 -38.68 -37.11 33.46
CA ARG F 457 -39.94 -37.78 33.70
C ARG F 457 -40.22 -38.76 32.58
N GLU F 458 -40.76 -39.89 32.99
CA GLU F 458 -41.27 -40.88 32.08
C GLU F 458 -42.76 -40.73 31.97
N MET F 459 -43.30 -41.04 30.82
CA MET F 459 -44.72 -41.02 30.66
C MET F 459 -45.11 -39.63 30.31
N GLY F 460 -46.07 -39.49 29.41
CA GLY F 460 -46.61 -38.21 29.13
C GLY F 460 -45.93 -37.39 28.09
N PHE F 461 -46.45 -36.19 27.92
CA PHE F 461 -45.86 -35.23 27.04
C PHE F 461 -44.50 -34.87 27.58
N GLU F 462 -44.38 -34.87 28.89
CA GLU F 462 -43.08 -34.73 29.49
C GLU F 462 -41.86 -35.56 29.24
N ALA F 463 -42.01 -36.87 29.25
CA ALA F 463 -41.17 -37.86 28.59
C ALA F 463 -40.77 -37.35 27.23
N ILE F 464 -41.74 -37.11 26.38
CA ILE F 464 -41.48 -36.64 25.03
C ILE F 464 -40.65 -35.38 24.99
N HIS F 465 -40.85 -34.52 25.96
CA HIS F 465 -40.03 -33.34 26.06
C HIS F 465 -38.61 -33.76 26.37
N ASP F 466 -38.45 -34.70 27.29
CA ASP F 466 -37.14 -35.17 27.69
C ASP F 466 -36.44 -35.98 26.63
N TYR F 467 -37.05 -36.12 25.47
CA TYR F 467 -36.45 -36.89 24.40
C TYR F 467 -36.40 -36.13 23.09
N THR F 468 -36.61 -34.83 23.16
CA THR F 468 -36.58 -34.01 21.98
C THR F 468 -35.69 -32.82 22.24
N GLU F 469 -35.44 -32.04 21.22
CA GLU F 469 -34.66 -30.83 21.35
C GLU F 469 -35.55 -29.72 20.90
N ALA F 470 -35.23 -28.51 21.29
CA ALA F 470 -35.86 -27.36 20.68
C ALA F 470 -34.98 -26.85 19.54
N ARG F 471 -35.50 -26.84 18.34
CA ARG F 471 -34.76 -26.29 17.25
C ARG F 471 -35.49 -25.04 16.76
N SER F 472 -35.00 -23.87 17.12
CA SER F 472 -35.63 -22.62 16.76
C SER F 472 -35.17 -22.19 15.40
N VAL F 473 -36.11 -21.95 14.52
CA VAL F 473 -35.78 -21.42 13.22
C VAL F 473 -36.35 -20.01 13.09
N TRP F 474 -35.54 -19.09 12.57
CA TRP F 474 -36.01 -17.75 12.29
C TRP F 474 -35.96 -17.53 10.80
N VAL F 475 -37.07 -17.05 10.25
CA VAL F 475 -37.12 -16.66 8.87
C VAL F 475 -37.40 -15.19 8.86
N ASN F 476 -36.50 -14.40 8.29
CA ASN F 476 -36.77 -12.98 8.12
C ASN F 476 -37.57 -12.82 6.85
N VAL F 477 -38.83 -12.45 6.95
CA VAL F 477 -39.62 -12.32 5.76
C VAL F 477 -39.75 -10.88 5.29
N ASP F 478 -39.76 -9.96 6.24
CA ASP F 478 -40.31 -8.64 6.04
C ASP F 478 -39.66 -7.66 6.98
N ALA F 479 -38.60 -8.11 7.64
CA ALA F 479 -37.94 -7.30 8.65
C ALA F 479 -37.15 -6.18 8.02
N LYS F 480 -37.60 -4.97 8.24
CA LYS F 480 -36.79 -3.84 7.90
C LYS F 480 -35.99 -3.59 9.15
N ILE F 481 -34.70 -3.92 9.10
CA ILE F 481 -33.85 -3.71 10.26
C ILE F 481 -32.53 -3.01 9.93
N ALA F 482 -32.27 -1.94 10.67
CA ALA F 482 -31.17 -1.05 10.39
C ALA F 482 -29.87 -1.74 10.63
N PRO F 483 -28.95 -1.49 9.73
CA PRO F 483 -27.58 -1.97 9.86
C PRO F 483 -27.03 -1.54 11.18
N HIS F 484 -26.35 -2.42 11.89
CA HIS F 484 -25.87 -2.12 13.23
C HIS F 484 -24.75 -1.12 13.11
N PHE F 485 -24.20 -1.12 11.93
CA PHE F 485 -23.10 -0.26 11.54
C PHE F 485 -23.60 0.63 10.42
N LYS F 486 -24.20 1.76 10.77
CA LYS F 486 -24.74 2.67 9.78
C LYS F 486 -23.67 3.05 8.76
N ARG F 487 -24.01 2.94 7.48
CA ARG F 487 -23.06 3.21 6.42
C ARG F 487 -21.64 3.20 6.95
N MET G 1 -14.58 12.89 33.83
CA MET G 1 -13.96 14.10 33.31
C MET G 1 -12.86 13.80 32.31
N GLN G 2 -13.00 14.34 31.12
CA GLN G 2 -11.99 14.11 30.10
C GLN G 2 -10.88 15.11 30.25
N ASN G 3 -9.67 14.73 29.85
CA ASN G 3 -8.55 15.64 29.96
C ASN G 3 -7.47 15.32 28.95
N GLN G 4 -7.87 14.63 27.89
CA GLN G 4 -6.96 14.22 26.83
C GLN G 4 -7.27 14.94 25.55
N LEU G 5 -6.43 14.76 24.54
CA LEU G 5 -6.66 15.43 23.29
C LEU G 5 -7.81 14.67 22.67
N TYR G 6 -8.29 15.11 21.53
CA TYR G 6 -9.35 14.40 20.87
C TYR G 6 -8.99 14.44 19.42
N ILE G 7 -8.63 13.28 18.90
CA ILE G 7 -8.24 13.23 17.53
C ILE G 7 -8.84 12.07 16.84
N ASP G 8 -9.48 12.36 15.73
CA ASP G 8 -10.09 11.37 14.87
C ASP G 8 -11.00 10.50 15.62
N GLY G 9 -11.84 11.14 16.43
CA GLY G 9 -12.85 10.47 17.21
C GLY G 9 -12.45 9.77 18.46
N ARG G 10 -11.32 10.11 19.05
CA ARG G 10 -10.97 9.40 20.27
C ARG G 10 -10.16 10.20 21.24
N PHE G 11 -10.25 9.88 22.52
CA PHE G 11 -9.45 10.61 23.47
C PHE G 11 -8.10 9.94 23.55
N VAL G 12 -7.03 10.72 23.38
CA VAL G 12 -5.69 10.15 23.33
C VAL G 12 -4.77 11.11 24.04
N ASP G 13 -3.66 10.65 24.54
CA ASP G 13 -2.77 11.54 25.20
C ASP G 13 -1.96 12.20 24.15
N ALA G 14 -1.10 13.14 24.51
CA ALA G 14 -0.17 13.75 23.58
C ALA G 14 0.87 12.74 23.11
N VAL G 15 1.32 12.86 21.88
CA VAL G 15 2.33 11.95 21.40
C VAL G 15 3.48 11.93 22.40
N ALA G 16 3.95 13.11 22.81
CA ALA G 16 5.09 13.14 23.71
C ALA G 16 4.64 12.94 25.13
N GLY G 17 3.35 12.76 25.34
CA GLY G 17 2.84 12.55 26.68
C GLY G 17 3.06 13.76 27.56
N GLY G 18 2.83 14.93 26.98
CA GLY G 18 2.98 16.17 27.69
C GLY G 18 1.70 16.36 28.45
N THR G 19 1.76 17.14 29.51
CA THR G 19 0.59 17.38 30.31
C THR G 19 0.56 18.79 30.79
N ILE G 20 -0.60 19.25 31.20
CA ILE G 20 -0.76 20.61 31.70
C ILE G 20 -1.69 20.59 32.90
N ASP G 21 -1.29 21.22 34.01
CA ASP G 21 -2.17 21.21 35.18
C ASP G 21 -3.33 22.14 35.00
N VAL G 22 -4.52 21.64 35.22
CA VAL G 22 -5.73 22.43 35.10
C VAL G 22 -6.32 22.70 36.49
N VAL G 23 -6.28 23.98 36.86
CA VAL G 23 -6.65 24.45 38.17
C VAL G 23 -7.97 25.15 38.36
N SER G 24 -8.44 25.11 39.59
CA SER G 24 -9.68 25.75 39.92
C SER G 24 -9.24 27.07 40.47
N PRO G 25 -9.69 28.14 39.85
CA PRO G 25 -9.31 29.47 40.27
C PRO G 25 -9.81 29.82 41.65
N HIS G 26 -10.79 29.09 42.19
CA HIS G 26 -11.29 29.37 43.53
C HIS G 26 -10.32 29.11 44.63
N ASP G 27 -9.52 28.08 44.47
CA ASP G 27 -8.56 27.71 45.48
C ASP G 27 -7.26 27.09 45.06
N GLY G 28 -6.82 27.34 43.86
CA GLY G 28 -5.70 26.64 43.24
C GLY G 28 -5.71 25.13 43.18
N SER G 29 -6.80 24.52 43.60
CA SER G 29 -7.03 23.10 43.44
C SER G 29 -6.64 22.64 42.06
N LEU G 30 -6.13 21.42 41.97
CA LEU G 30 -5.78 20.86 40.69
C LEU G 30 -6.96 20.01 40.32
N ILE G 31 -7.67 20.41 39.28
CA ILE G 31 -8.86 19.71 38.82
C ILE G 31 -8.46 18.38 38.20
N THR G 32 -7.55 18.45 37.25
CA THR G 32 -7.01 17.29 36.57
C THR G 32 -5.83 17.74 35.75
N ARG G 33 -5.22 16.84 35.01
CA ARG G 33 -4.05 17.20 34.22
C ARG G 33 -4.44 16.95 32.81
N ILE G 34 -4.06 17.85 31.92
CA ILE G 34 -4.44 17.70 30.52
C ILE G 34 -3.32 17.32 29.58
N ALA G 35 -3.67 16.54 28.58
CA ALA G 35 -2.73 16.08 27.57
C ALA G 35 -2.22 17.25 26.77
N ALA G 36 -1.04 17.72 27.06
CA ALA G 36 -0.54 18.85 26.29
C ALA G 36 -0.24 18.49 24.86
N ALA G 37 -0.97 19.06 23.92
CA ALA G 37 -0.75 18.79 22.52
C ALA G 37 0.44 19.58 22.06
N GLU G 38 1.22 19.01 21.17
CA GLU G 38 2.40 19.68 20.63
C GLU G 38 2.30 19.60 19.12
N ALA G 39 3.30 20.11 18.41
CA ALA G 39 3.26 20.08 16.96
C ALA G 39 2.82 18.74 16.41
N ALA G 40 3.40 17.65 16.93
CA ALA G 40 3.11 16.32 16.41
C ALA G 40 1.64 15.97 16.55
N ASP G 41 1.06 16.45 17.63
CA ASP G 41 -0.32 16.21 17.91
C ASP G 41 -1.27 16.96 17.00
N VAL G 42 -0.85 18.09 16.46
CA VAL G 42 -1.75 18.83 15.61
C VAL G 42 -1.61 18.34 14.21
N ASP G 43 -0.48 17.70 13.97
CA ASP G 43 -0.20 17.16 12.67
C ASP G 43 -1.14 16.03 12.48
N LEU G 44 -1.38 15.31 13.56
CA LEU G 44 -2.28 14.20 13.52
C LEU G 44 -3.70 14.69 13.43
N ALA G 45 -4.00 15.72 14.20
CA ALA G 45 -5.32 16.32 14.23
C ALA G 45 -5.68 16.86 12.87
N VAL G 46 -4.81 17.68 12.35
CA VAL G 46 -5.02 18.25 11.04
C VAL G 46 -5.19 17.16 10.01
N ALA G 47 -4.48 16.05 10.20
CA ALA G 47 -4.56 14.92 9.28
C ALA G 47 -5.94 14.29 9.38
N ALA G 48 -6.42 14.17 10.61
CA ALA G 48 -7.73 13.60 10.86
C ALA G 48 -8.76 14.50 10.24
N ALA G 49 -8.67 15.78 10.46
CA ALA G 49 -9.58 16.68 9.84
C ALA G 49 -9.57 16.57 8.32
N LYS G 50 -8.38 16.68 7.75
CA LYS G 50 -8.22 16.61 6.31
C LYS G 50 -8.83 15.37 5.77
N ARG G 51 -8.67 14.29 6.48
CA ARG G 51 -9.24 13.04 6.05
C ARG G 51 -10.75 13.18 6.05
N ALA G 52 -11.29 13.72 7.14
CA ALA G 52 -12.72 13.91 7.23
C ALA G 52 -13.33 14.92 6.30
N PHE G 53 -12.58 15.94 5.91
CA PHE G 53 -13.13 16.99 5.06
C PHE G 53 -14.04 16.62 3.91
N PRO G 54 -13.53 15.84 2.99
CA PRO G 54 -14.26 15.44 1.79
C PRO G 54 -15.65 14.87 2.02
N ALA G 55 -15.80 13.92 2.92
CA ALA G 55 -17.10 13.32 3.16
C ALA G 55 -17.97 14.29 3.92
N TRP G 56 -17.34 15.06 4.78
CA TRP G 56 -18.00 16.07 5.59
C TRP G 56 -18.59 17.21 4.79
N SER G 57 -17.81 17.75 3.88
CA SER G 57 -18.27 18.85 3.07
C SER G 57 -19.22 18.32 2.03
N ALA G 58 -19.24 17.01 1.92
CA ALA G 58 -20.04 16.35 0.95
C ALA G 58 -21.32 15.88 1.57
N LEU G 59 -21.50 16.21 2.81
CA LEU G 59 -22.57 15.66 3.56
C LEU G 59 -23.91 16.19 3.18
N GLY G 60 -23.97 17.33 2.54
CA GLY G 60 -25.27 17.92 2.19
C GLY G 60 -25.74 18.75 3.35
N ALA G 61 -25.74 20.05 3.15
CA ALA G 61 -25.87 20.99 4.26
C ALA G 61 -26.86 20.61 5.35
N ALA G 62 -28.05 20.16 4.97
CA ALA G 62 -29.07 19.84 5.97
C ALA G 62 -28.57 18.85 7.03
N GLU G 63 -27.76 17.90 6.60
CA GLU G 63 -27.22 16.89 7.48
C GLU G 63 -26.25 17.50 8.48
N ARG G 64 -25.38 18.38 8.03
CA ARG G 64 -24.47 19.06 8.93
C ARG G 64 -25.30 19.85 9.88
N GLY G 65 -26.36 20.46 9.36
CA GLY G 65 -27.28 21.23 10.17
C GLY G 65 -27.97 20.40 11.23
N ARG G 66 -28.57 19.30 10.86
CA ARG G 66 -29.26 18.49 11.85
C ARG G 66 -28.32 18.11 12.97
N LEU G 67 -27.07 17.83 12.65
CA LEU G 67 -26.12 17.44 13.67
C LEU G 67 -25.85 18.60 14.60
N LEU G 68 -25.73 19.80 14.05
CA LEU G 68 -25.50 20.98 14.87
C LEU G 68 -26.72 21.24 15.74
N LEU G 69 -27.90 21.00 15.19
CA LEU G 69 -29.13 21.12 15.94
C LEU G 69 -29.16 20.10 17.06
N LYS G 70 -28.80 18.87 16.79
CA LYS G 70 -28.79 17.88 17.85
C LYS G 70 -27.79 18.25 18.93
N LEU G 71 -26.69 18.85 18.53
CA LEU G 71 -25.66 19.25 19.46
C LEU G 71 -26.19 20.29 20.40
N ALA G 72 -26.95 21.21 19.86
CA ALA G 72 -27.56 22.25 20.64
C ALA G 72 -28.45 21.63 21.68
N ASP G 73 -29.29 20.69 21.25
CA ASP G 73 -30.19 19.98 22.12
C ASP G 73 -29.42 19.25 23.22
N ARG G 74 -28.40 18.48 22.85
CA ARG G 74 -27.57 17.80 23.81
C ARG G 74 -27.09 18.85 24.77
N ILE G 75 -26.30 19.78 24.28
CA ILE G 75 -25.76 20.84 25.13
C ILE G 75 -26.75 21.30 26.19
N GLU G 76 -28.01 21.38 25.83
CA GLU G 76 -29.03 21.82 26.75
C GLU G 76 -29.36 20.77 27.78
N GLU G 77 -29.44 19.53 27.32
CA GLU G 77 -29.75 18.42 28.19
C GLU G 77 -28.67 18.24 29.23
N CYS G 78 -27.43 18.44 28.83
CA CYS G 78 -26.34 18.29 29.76
C CYS G 78 -25.96 19.62 30.29
N SER G 79 -26.95 20.47 30.29
CA SER G 79 -26.82 21.85 30.72
C SER G 79 -26.23 22.12 32.07
N GLU G 80 -26.48 21.25 33.02
CA GLU G 80 -26.02 21.44 34.37
C GLU G 80 -24.63 20.91 34.58
N GLU G 81 -24.30 19.84 33.87
CA GLU G 81 -22.99 19.24 34.01
C GLU G 81 -21.98 20.13 33.33
N LEU G 82 -22.36 20.59 32.16
CA LEU G 82 -21.55 21.48 31.36
C LEU G 82 -21.25 22.71 32.19
N ALA G 83 -22.29 23.23 32.81
CA ALA G 83 -22.15 24.39 33.66
C ALA G 83 -21.23 24.33 34.84
N GLN G 84 -21.47 23.33 35.68
CA GLN G 84 -20.57 22.88 36.73
C GLN G 84 -19.17 22.58 36.23
N LEU G 85 -19.05 21.95 35.07
CA LEU G 85 -17.72 21.69 34.59
C LEU G 85 -17.04 22.99 34.20
N GLU G 86 -17.78 23.87 33.55
CA GLU G 86 -17.28 25.16 33.10
C GLU G 86 -17.04 26.19 34.17
N SER G 87 -17.74 26.06 35.29
CA SER G 87 -17.55 27.04 36.33
C SER G 87 -16.35 26.68 37.13
N LEU G 88 -16.17 25.39 37.33
CA LEU G 88 -15.10 24.85 38.12
C LEU G 88 -13.79 25.11 37.47
N ASN G 89 -13.76 24.98 36.18
CA ASN G 89 -12.56 25.24 35.46
C ASN G 89 -12.28 26.69 35.28
N THR G 90 -13.31 27.49 35.16
CA THR G 90 -13.12 28.87 34.70
C THR G 90 -13.23 29.89 35.81
N GLY G 91 -14.12 29.61 36.75
CA GLY G 91 -14.37 30.51 37.85
C GLY G 91 -15.68 31.24 37.69
N HIS G 92 -16.41 30.91 36.64
CA HIS G 92 -17.69 31.54 36.36
C HIS G 92 -18.74 31.21 37.37
N PRO G 93 -19.37 32.22 37.96
CA PRO G 93 -20.42 31.92 38.90
C PRO G 93 -21.17 30.86 38.17
N ILE G 94 -21.86 29.96 38.84
CA ILE G 94 -22.54 28.92 38.14
C ILE G 94 -23.85 29.41 37.61
N ARG G 95 -24.24 30.56 38.10
CA ARG G 95 -25.49 31.15 37.70
C ARG G 95 -25.16 31.70 36.33
N ASP G 96 -23.88 31.99 36.12
CA ASP G 96 -23.38 32.55 34.87
C ASP G 96 -23.21 31.41 33.91
N SER G 97 -22.78 30.26 34.42
CA SER G 97 -22.64 29.05 33.60
C SER G 97 -24.01 28.60 33.11
N ARG G 98 -24.99 28.50 33.99
CA ARG G 98 -26.27 27.98 33.56
C ARG G 98 -27.16 29.01 32.92
N GLY G 99 -26.95 30.27 33.26
CA GLY G 99 -27.76 31.32 32.73
C GLY G 99 -27.30 31.81 31.38
N LEU G 100 -26.00 31.92 31.25
CA LEU G 100 -25.43 32.39 30.02
C LEU G 100 -24.38 31.62 29.27
N ASP G 101 -23.31 31.24 29.95
CA ASP G 101 -22.41 30.25 29.43
C ASP G 101 -23.03 29.11 28.65
N VAL G 102 -23.95 28.40 29.25
CA VAL G 102 -24.62 27.29 28.58
C VAL G 102 -25.73 27.56 27.58
N PRO G 103 -26.58 28.52 27.88
CA PRO G 103 -27.68 28.83 26.98
C PRO G 103 -27.21 29.44 25.68
N ARG G 104 -26.18 30.24 25.81
CA ARG G 104 -25.57 30.95 24.69
C ARG G 104 -24.89 29.94 23.78
N THR G 105 -24.19 28.98 24.35
CA THR G 105 -23.53 27.94 23.57
C THR G 105 -24.57 27.15 22.77
N ALA G 106 -25.64 26.72 23.40
CA ALA G 106 -26.67 25.98 22.67
C ALA G 106 -27.27 26.86 21.61
N ALA G 107 -27.62 28.09 21.97
CA ALA G 107 -28.22 29.03 21.04
C ALA G 107 -27.41 29.24 19.78
N CYS G 108 -26.10 29.38 19.93
CA CYS G 108 -25.24 29.59 18.80
C CYS G 108 -25.27 28.36 17.92
N PHE G 109 -24.98 27.21 18.49
CA PHE G 109 -24.98 25.98 17.73
C PHE G 109 -26.31 25.77 17.01
N ARG G 110 -27.40 26.12 17.67
CA ARG G 110 -28.70 25.93 17.02
C ARG G 110 -28.87 26.89 15.88
N TYR G 111 -28.28 28.06 16.02
CA TYR G 111 -28.39 29.05 14.97
C TYR G 111 -27.70 28.51 13.73
N PHE G 112 -26.52 27.93 13.92
CA PHE G 112 -25.71 27.53 12.78
C PHE G 112 -26.16 26.19 12.24
N GLY G 113 -26.88 25.43 13.01
CA GLY G 113 -27.51 24.26 12.47
C GLY G 113 -28.60 24.58 11.48
N GLY G 114 -29.22 25.71 11.62
CA GLY G 114 -30.26 26.07 10.73
C GLY G 114 -29.70 27.02 9.72
N MET G 115 -28.40 27.19 9.76
CA MET G 115 -27.71 28.04 8.84
C MET G 115 -27.09 27.24 7.77
N ALA G 116 -26.76 26.01 8.07
CA ALA G 116 -26.00 25.15 7.20
C ALA G 116 -26.54 25.05 5.82
N ASP G 117 -27.85 24.88 5.72
CA ASP G 117 -28.49 24.76 4.43
C ASP G 117 -29.06 26.04 3.91
N LYS G 118 -28.67 27.14 4.52
CA LYS G 118 -29.13 28.43 4.08
C LYS G 118 -27.95 29.21 3.49
N ILE G 119 -26.81 28.58 3.35
CA ILE G 119 -25.64 29.21 2.81
C ILE G 119 -25.81 29.03 1.33
N GLU G 120 -26.00 30.11 0.61
CA GLU G 120 -26.21 29.98 -0.80
C GLU G 120 -25.26 30.74 -1.70
N GLY G 121 -24.96 30.12 -2.81
CA GLY G 121 -24.09 30.73 -3.79
C GLY G 121 -24.92 31.73 -4.57
N SER G 122 -24.41 32.08 -5.75
CA SER G 122 -25.04 33.03 -6.65
C SER G 122 -24.89 32.67 -8.11
N VAL G 123 -25.78 33.21 -8.94
CA VAL G 123 -25.74 33.03 -10.39
C VAL G 123 -25.61 34.46 -10.84
N ILE G 124 -24.55 34.77 -11.55
CA ILE G 124 -24.29 36.12 -12.01
C ILE G 124 -24.79 36.42 -13.42
N PRO G 125 -25.17 37.67 -13.67
CA PRO G 125 -25.66 38.04 -15.00
C PRO G 125 -24.42 38.26 -15.84
N VAL G 126 -24.04 37.30 -16.64
CA VAL G 126 -22.85 37.48 -17.43
C VAL G 126 -23.23 37.57 -18.87
N ASP G 127 -22.28 37.79 -19.74
CA ASP G 127 -22.60 37.92 -21.13
C ASP G 127 -23.56 36.88 -21.62
N ALA G 128 -24.21 37.18 -22.72
CA ALA G 128 -25.15 36.22 -23.28
C ALA G 128 -24.49 34.96 -23.82
N GLY G 129 -25.08 33.82 -23.48
CA GLY G 129 -24.56 32.55 -23.92
C GLY G 129 -23.85 31.84 -22.81
N PHE G 130 -23.51 32.57 -21.77
CA PHE G 130 -22.80 31.99 -20.65
C PHE G 130 -23.67 31.77 -19.45
N LEU G 131 -23.24 30.87 -18.58
CA LEU G 131 -23.94 30.57 -17.38
C LEU G 131 -22.80 30.63 -16.41
N ASN G 132 -22.97 31.40 -15.35
CA ASN G 132 -21.94 31.53 -14.36
C ASN G 132 -22.54 31.44 -13.02
N TYR G 133 -22.21 30.40 -12.30
CA TYR G 133 -22.73 30.26 -10.98
C TYR G 133 -21.52 30.26 -10.10
N VAL G 134 -21.68 30.82 -8.93
CA VAL G 134 -20.60 30.86 -7.97
C VAL G 134 -21.02 30.11 -6.73
N GLN G 135 -20.39 29.00 -6.46
CA GLN G 135 -20.75 28.30 -5.26
C GLN G 135 -19.99 28.90 -4.10
N ARG G 136 -20.51 28.71 -2.90
CA ARG G 136 -19.85 29.20 -1.72
C ARG G 136 -19.50 27.92 -1.01
N LYS G 137 -18.24 27.51 -1.14
CA LYS G 137 -17.75 26.26 -0.55
C LYS G 137 -17.02 26.38 0.77
N PRO G 138 -16.70 25.24 1.37
CA PRO G 138 -15.99 25.21 2.64
C PRO G 138 -14.53 25.48 2.33
N ILE G 139 -13.80 26.10 3.24
CA ILE G 139 -12.43 26.38 2.97
C ILE G 139 -11.67 25.07 2.99
N GLY G 140 -12.00 24.22 3.96
CA GLY G 140 -11.34 22.93 4.12
C GLY G 140 -11.08 22.62 5.59
N VAL G 141 -9.82 22.54 5.97
CA VAL G 141 -9.48 22.31 7.36
C VAL G 141 -9.19 23.64 7.99
N VAL G 142 -9.94 23.92 9.03
CA VAL G 142 -9.88 25.22 9.69
C VAL G 142 -9.28 25.04 11.08
N ALA G 143 -8.36 25.91 11.45
CA ALA G 143 -7.75 25.87 12.77
C ALA G 143 -8.36 26.98 13.61
N GLN G 144 -8.63 26.67 14.86
CA GLN G 144 -9.20 27.64 15.74
C GLN G 144 -8.54 27.62 17.07
N ILE G 145 -8.15 28.80 17.50
CA ILE G 145 -7.51 29.03 18.77
C ILE G 145 -8.47 29.85 19.61
N VAL G 146 -8.68 29.44 20.84
CA VAL G 146 -9.60 30.19 21.68
C VAL G 146 -9.09 30.40 23.09
N PRO G 147 -9.53 31.49 23.70
CA PRO G 147 -9.13 31.87 25.04
C PRO G 147 -9.99 31.26 26.13
N TRP G 148 -9.60 31.53 27.36
CA TRP G 148 -10.26 30.99 28.53
C TRP G 148 -11.43 31.72 29.07
N ASN G 149 -11.65 32.95 28.66
CA ASN G 149 -12.79 33.65 29.24
C ASN G 149 -14.14 32.96 29.05
N PHE G 150 -14.38 32.39 27.90
CA PHE G 150 -15.63 31.71 27.65
C PHE G 150 -15.35 30.45 26.89
N PRO G 151 -14.54 29.56 27.46
CA PRO G 151 -14.18 28.32 26.81
C PRO G 151 -15.38 27.68 26.14
N LEU G 152 -16.43 27.47 26.92
CA LEU G 152 -17.65 26.84 26.50
C LEU G 152 -18.43 27.51 25.39
N MET G 153 -18.71 28.77 25.57
CA MET G 153 -19.44 29.56 24.60
C MET G 153 -18.70 29.69 23.30
N PHE G 154 -17.42 29.92 23.42
CA PHE G 154 -16.56 30.09 22.28
C PHE G 154 -16.55 28.92 21.33
N THR G 155 -16.82 27.74 21.87
CA THR G 155 -16.86 26.54 21.06
C THR G 155 -17.95 26.68 20.03
N SER G 156 -19.08 27.23 20.45
CA SER G 156 -20.18 27.43 19.51
C SER G 156 -19.82 28.53 18.51
N TRP G 157 -19.34 29.66 19.03
CA TRP G 157 -18.98 30.80 18.21
C TRP G 157 -18.03 30.46 17.06
N LYS G 158 -17.06 29.63 17.35
CA LYS G 158 -16.06 29.23 16.38
C LYS G 158 -16.48 28.11 15.49
N MET G 159 -16.84 26.98 16.07
CA MET G 159 -17.22 25.81 15.29
C MET G 159 -18.56 25.91 14.68
N GLY G 160 -19.43 26.64 15.32
CA GLY G 160 -20.76 26.75 14.74
C GLY G 160 -20.74 27.05 13.24
N PRO G 161 -20.21 28.23 12.87
CA PRO G 161 -20.12 28.66 11.48
C PRO G 161 -19.26 27.71 10.64
N ALA G 162 -18.06 27.39 11.13
CA ALA G 162 -17.13 26.56 10.36
C ALA G 162 -17.74 25.21 10.00
N LEU G 163 -18.36 24.58 10.96
CA LEU G 163 -18.96 23.30 10.78
C LEU G 163 -20.12 23.35 9.87
N ALA G 164 -20.95 24.39 9.98
CA ALA G 164 -22.09 24.55 9.11
C ALA G 164 -21.65 24.66 7.65
N ALA G 165 -20.57 25.40 7.42
CA ALA G 165 -20.07 25.57 6.08
C ALA G 165 -19.46 24.30 5.50
N GLY G 166 -19.11 23.34 6.34
CA GLY G 166 -18.54 22.09 5.89
C GLY G 166 -17.04 21.97 6.04
N ASN G 167 -16.49 22.72 6.98
CA ASN G 167 -15.07 22.71 7.21
C ASN G 167 -14.75 21.77 8.32
N THR G 168 -13.60 21.15 8.24
CA THR G 168 -13.25 20.27 9.30
C THR G 168 -12.51 21.22 10.21
N ILE G 169 -12.43 20.89 11.48
CA ILE G 169 -11.87 21.76 12.43
C ILE G 169 -10.87 21.07 13.29
N VAL G 170 -9.76 21.72 13.48
CA VAL G 170 -8.85 21.42 14.56
C VAL G 170 -8.90 22.64 15.49
N ILE G 171 -9.39 22.43 16.70
CA ILE G 171 -9.50 23.50 17.66
C ILE G 171 -8.59 23.33 18.88
N LYS G 172 -7.95 24.42 19.28
CA LYS G 172 -7.09 24.44 20.42
C LYS G 172 -7.60 25.41 21.48
N PRO G 173 -8.22 24.86 22.51
CA PRO G 173 -8.76 25.61 23.61
C PRO G 173 -7.63 26.00 24.53
N SER G 174 -7.89 26.90 25.46
CA SER G 174 -6.85 27.31 26.36
C SER G 174 -6.40 26.15 27.20
N GLU G 175 -5.10 26.03 27.42
CA GLU G 175 -4.59 24.96 28.24
C GLU G 175 -5.16 25.17 29.60
N ILE G 176 -5.60 26.39 29.84
CA ILE G 176 -6.17 26.79 31.14
C ILE G 176 -7.59 26.31 31.32
N THR G 177 -8.39 26.40 30.27
CA THR G 177 -9.79 26.01 30.33
C THR G 177 -10.18 25.20 29.11
N PRO G 178 -10.00 23.89 29.19
CA PRO G 178 -10.29 22.99 28.08
C PRO G 178 -11.30 21.92 28.43
N LEU G 179 -11.41 21.60 29.73
CA LEU G 179 -12.31 20.54 30.16
C LEU G 179 -13.67 20.67 29.53
N SER G 180 -14.06 21.90 29.24
CA SER G 180 -15.39 22.17 28.76
C SER G 180 -15.55 21.93 27.28
N THR G 181 -14.48 22.08 26.58
CA THR G 181 -14.45 21.98 25.16
C THR G 181 -14.33 20.55 24.76
N LEU G 182 -13.60 19.82 25.57
CA LEU G 182 -13.41 18.40 25.42
C LEU G 182 -14.69 17.66 25.61
N ARG G 183 -15.46 18.18 26.57
CA ARG G 183 -16.75 17.65 26.95
C ARG G 183 -17.81 18.00 25.90
N ILE G 184 -17.44 18.83 24.96
CA ILE G 184 -18.33 19.20 23.91
C ILE G 184 -18.09 18.35 22.68
N VAL G 185 -16.84 18.10 22.35
CA VAL G 185 -16.55 17.24 21.22
C VAL G 185 -17.21 15.89 21.56
N GLU G 186 -17.21 15.52 22.82
CA GLU G 186 -17.83 14.27 23.25
C GLU G 186 -19.26 14.30 22.80
N LEU G 187 -19.99 15.30 23.27
CA LEU G 187 -21.37 15.47 22.91
C LEU G 187 -21.53 15.44 21.42
N MET G 188 -20.55 15.95 20.72
CA MET G 188 -20.65 15.94 19.28
C MET G 188 -20.55 14.51 18.83
N THR G 189 -19.80 13.69 19.54
CA THR G 189 -19.69 12.30 19.11
C THR G 189 -20.95 11.55 19.43
N GLU G 190 -21.69 11.99 20.44
CA GLU G 190 -22.91 11.29 20.77
C GLU G 190 -24.00 11.72 19.85
N VAL G 191 -23.81 12.89 19.26
CA VAL G 191 -24.80 13.42 18.38
C VAL G 191 -24.65 12.87 16.97
N GLY G 192 -23.53 12.25 16.67
CA GLY G 192 -23.40 11.70 15.33
C GLY G 192 -22.36 12.35 14.45
N PHE G 193 -21.64 13.34 14.97
CA PHE G 193 -20.54 13.94 14.20
C PHE G 193 -19.52 12.88 13.83
N PRO G 194 -19.20 12.78 12.55
CA PRO G 194 -18.17 11.85 12.09
C PRO G 194 -16.80 12.11 12.70
N LYS G 195 -16.06 11.06 12.92
CA LYS G 195 -14.73 11.16 13.46
C LYS G 195 -13.89 12.06 12.62
N GLY G 196 -13.02 12.81 13.26
CA GLY G 196 -12.10 13.68 12.55
C GLY G 196 -12.69 14.99 12.05
N VAL G 197 -14.02 15.14 12.13
CA VAL G 197 -14.61 16.39 11.71
C VAL G 197 -14.24 17.47 12.70
N VAL G 198 -14.19 17.10 13.97
CA VAL G 198 -13.69 18.02 14.97
C VAL G 198 -12.59 17.37 15.79
N ASN G 199 -11.50 18.11 15.99
CA ASN G 199 -10.36 17.60 16.71
C ASN G 199 -9.91 18.64 17.70
N VAL G 200 -9.96 18.28 18.97
CA VAL G 200 -9.60 19.17 20.06
C VAL G 200 -8.19 18.87 20.51
N VAL G 201 -7.38 19.91 20.54
CA VAL G 201 -5.99 19.79 20.88
C VAL G 201 -5.42 20.87 21.78
N PRO G 202 -5.87 20.88 23.01
CA PRO G 202 -5.39 21.84 24.00
C PRO G 202 -3.89 21.73 24.16
N GLY G 203 -3.23 22.86 24.32
CA GLY G 203 -1.80 22.86 24.49
C GLY G 203 -1.38 24.29 24.69
N TYR G 204 -0.09 24.54 24.82
CA TYR G 204 0.33 25.89 25.00
C TYR G 204 0.17 26.54 23.70
N GLY G 205 0.38 27.83 23.66
CA GLY G 205 0.29 28.56 22.41
C GLY G 205 1.46 28.32 21.47
N HIS G 206 2.68 28.40 22.00
CA HIS G 206 3.89 28.25 21.19
C HIS G 206 4.14 26.86 20.66
N THR G 207 3.36 25.89 21.11
CA THR G 207 3.49 24.53 20.63
C THR G 207 2.32 24.24 19.72
N ALA G 208 1.17 23.93 20.31
CA ALA G 208 0.00 23.61 19.50
C ALA G 208 -0.42 24.80 18.68
N GLY G 209 -0.69 25.89 19.39
CA GLY G 209 -1.15 27.11 18.77
C GLY G 209 -0.26 27.53 17.63
N GLN G 210 1.03 27.53 17.87
CA GLN G 210 1.97 27.92 16.87
C GLN G 210 2.02 26.93 15.73
N ALA G 211 1.84 25.65 16.04
CA ALA G 211 1.88 24.60 15.04
C ALA G 211 0.73 24.71 14.07
N LEU G 212 -0.41 25.10 14.62
CA LEU G 212 -1.66 25.30 13.94
C LEU G 212 -1.59 26.43 12.96
N ALA G 213 -1.03 27.54 13.37
CA ALA G 213 -0.92 28.70 12.51
C ALA G 213 0.01 28.53 11.35
N GLU G 214 0.94 27.60 11.42
CA GLU G 214 1.83 27.49 10.29
C GLU G 214 1.61 26.23 9.54
N HIS G 215 0.60 25.47 9.92
CA HIS G 215 0.39 24.24 9.19
C HIS G 215 0.10 24.54 7.73
N LEU G 216 0.61 23.71 6.84
CA LEU G 216 0.41 23.89 5.43
C LEU G 216 -0.90 23.34 4.93
N ASP G 217 -1.59 22.54 5.71
CA ASP G 217 -2.87 21.99 5.27
C ASP G 217 -4.06 22.72 5.90
N VAL G 218 -3.79 23.66 6.80
CA VAL G 218 -4.84 24.45 7.38
C VAL G 218 -5.12 25.65 6.49
N GLY G 219 -6.38 25.80 6.08
CA GLY G 219 -6.79 26.83 5.14
C GLY G 219 -7.20 28.15 5.75
N LYS G 220 -7.41 28.15 7.04
CA LYS G 220 -7.81 29.35 7.68
C LYS G 220 -7.44 29.18 9.13
N ILE G 221 -7.32 30.25 9.86
CA ILE G 221 -6.99 30.16 11.24
C ILE G 221 -7.76 31.25 11.90
N ALA G 222 -8.66 30.84 12.78
CA ALA G 222 -9.45 31.77 13.50
C ALA G 222 -8.76 31.91 14.85
N PHE G 223 -8.54 33.13 15.27
CA PHE G 223 -7.88 33.39 16.52
C PHE G 223 -8.76 34.32 17.31
N THR G 224 -8.46 34.45 18.59
CA THR G 224 -9.20 35.29 19.50
C THR G 224 -8.22 35.23 20.61
N GLY G 225 -7.68 36.38 20.97
CA GLY G 225 -6.66 36.47 21.99
C GLY G 225 -5.95 37.78 21.94
N SER G 226 -4.80 37.87 22.57
CA SER G 226 -4.12 39.16 22.68
C SER G 226 -3.67 39.66 21.32
N THR G 227 -3.55 40.98 21.19
CA THR G 227 -3.00 41.57 19.99
C THR G 227 -1.61 41.00 19.68
N ALA G 228 -0.75 40.94 20.69
CA ALA G 228 0.63 40.52 20.49
C ALA G 228 0.69 39.14 19.83
N THR G 229 -0.04 38.20 20.42
CA THR G 229 0.00 36.83 19.92
C THR G 229 -0.75 36.79 18.60
N GLY G 230 -1.76 37.63 18.48
CA GLY G 230 -2.44 37.82 17.19
C GLY G 230 -1.46 38.12 16.07
N ARG G 231 -0.53 39.04 16.28
CA ARG G 231 0.43 39.40 15.23
C ARG G 231 1.28 38.22 14.82
N ARG G 232 1.51 37.34 15.77
CA ARG G 232 2.30 36.16 15.50
C ARG G 232 1.47 35.10 14.81
N ILE G 233 0.16 35.29 14.84
CA ILE G 233 -0.75 34.37 14.20
C ILE G 233 -0.73 34.76 12.76
N VAL G 234 -0.53 36.05 12.54
CA VAL G 234 -0.39 36.61 11.22
C VAL G 234 0.97 36.23 10.60
N GLU G 235 2.02 36.36 11.39
CA GLU G 235 3.33 36.02 10.94
C GLU G 235 3.37 34.55 10.52
N ALA G 236 2.66 33.68 11.24
CA ALA G 236 2.69 32.26 10.96
C ALA G 236 1.88 31.88 9.72
N SER G 237 0.81 32.63 9.50
CA SER G 237 -0.07 32.37 8.38
C SER G 237 0.66 32.42 7.04
N LYS G 238 1.76 33.11 6.94
CA LYS G 238 2.39 33.17 5.64
C LYS G 238 2.76 31.80 5.15
N SER G 239 3.08 30.89 6.05
CA SER G 239 3.44 29.55 5.62
C SER G 239 2.70 29.15 4.35
N ASN G 240 1.37 29.20 4.37
CA ASN G 240 0.58 28.76 3.22
C ASN G 240 -0.44 29.78 2.81
N LEU G 241 -0.35 30.96 3.43
CA LEU G 241 -1.28 32.03 3.13
C LEU G 241 -2.69 31.58 3.41
N LYS G 242 -2.84 30.92 4.54
CA LYS G 242 -4.15 30.57 5.07
C LYS G 242 -4.90 31.86 5.36
N ARG G 243 -6.22 31.81 5.29
CA ARG G 243 -7.00 32.98 5.63
C ARG G 243 -6.98 33.16 7.14
N ILE G 244 -7.26 34.37 7.59
CA ILE G 244 -7.15 34.70 9.00
C ILE G 244 -8.39 35.41 9.51
N GLN G 245 -8.76 35.08 10.74
CA GLN G 245 -9.79 35.80 11.48
C GLN G 245 -9.14 36.14 12.82
N LEU G 246 -9.22 37.39 13.21
CA LEU G 246 -8.62 37.79 14.48
C LEU G 246 -9.61 38.65 15.27
N GLU G 247 -9.90 38.22 16.49
CA GLU G 247 -10.49 39.07 17.49
C GLU G 247 -9.41 39.31 18.56
N LEU G 248 -8.93 40.56 18.65
CA LEU G 248 -7.73 40.83 19.44
C LEU G 248 -7.94 41.79 20.59
N GLY G 249 -9.13 41.80 21.17
CA GLY G 249 -9.33 42.55 22.38
C GLY G 249 -10.12 43.84 22.18
N GLY G 250 -10.56 44.41 23.29
CA GLY G 250 -11.30 45.64 23.20
C GLY G 250 -11.23 46.53 24.41
N LYS G 251 -11.15 47.83 24.17
CA LYS G 251 -11.11 48.85 25.21
C LYS G 251 -12.48 49.51 25.11
N GLY G 252 -13.49 48.74 25.52
CA GLY G 252 -14.88 49.14 25.45
C GLY G 252 -15.34 50.36 26.16
N ALA G 253 -15.82 51.31 25.37
CA ALA G 253 -16.31 52.55 25.92
C ALA G 253 -17.76 52.36 26.31
N ASN G 254 -18.09 52.77 27.51
CA ASN G 254 -19.45 52.68 28.01
C ASN G 254 -19.80 54.10 28.35
N ILE G 255 -20.29 54.83 27.37
CA ILE G 255 -20.63 56.23 27.55
C ILE G 255 -21.97 56.49 28.19
N VAL G 256 -22.00 57.43 29.14
CA VAL G 256 -23.27 57.78 29.78
C VAL G 256 -23.55 59.27 29.70
N PHE G 257 -24.52 59.60 28.91
CA PHE G 257 -24.93 60.95 28.74
C PHE G 257 -25.89 61.45 29.80
N GLU G 258 -26.07 62.75 29.82
CA GLU G 258 -26.92 63.45 30.76
C GLU G 258 -28.33 62.97 30.89
N ASP G 259 -28.94 62.68 29.77
CA ASP G 259 -30.30 62.26 29.74
C ASP G 259 -30.42 60.79 29.74
N ALA G 260 -29.38 60.08 30.12
CA ALA G 260 -29.50 58.65 30.31
C ALA G 260 -30.32 58.32 31.50
N ASN G 261 -31.01 57.20 31.44
CA ASN G 261 -31.66 56.63 32.57
C ASN G 261 -30.60 55.97 33.40
N ILE G 262 -30.31 56.58 34.51
CA ILE G 262 -29.12 56.28 35.23
C ILE G 262 -29.23 55.05 36.05
N GLU G 263 -30.41 54.69 36.46
CA GLU G 263 -30.55 53.37 37.05
C GLU G 263 -30.24 52.27 36.03
N ALA G 264 -30.77 52.43 34.82
CA ALA G 264 -30.56 51.43 33.78
C ALA G 264 -29.09 51.40 33.39
N ALA G 265 -28.51 52.60 33.26
CA ALA G 265 -27.12 52.72 32.87
C ALA G 265 -26.20 52.07 33.89
N VAL G 266 -26.52 52.25 35.17
CA VAL G 266 -25.71 51.67 36.23
C VAL G 266 -25.76 50.15 36.17
N ASN G 267 -26.96 49.62 36.03
CA ASN G 267 -27.18 48.19 35.97
C ASN G 267 -26.49 47.47 34.83
N GLY G 268 -26.43 48.10 33.67
CA GLY G 268 -25.81 47.51 32.51
C GLY G 268 -24.33 47.80 32.55
N ALA G 269 -23.97 48.90 33.17
CA ALA G 269 -22.57 49.24 33.28
C ALA G 269 -21.96 48.17 34.14
N ALA G 270 -22.62 47.89 35.25
CA ALA G 270 -22.18 46.86 36.18
C ALA G 270 -22.09 45.51 35.45
N TRP G 271 -23.09 45.21 34.66
CA TRP G 271 -23.11 43.99 33.88
C TRP G 271 -22.09 44.04 32.76
N ALA G 272 -21.83 45.24 32.25
CA ALA G 272 -20.87 45.40 31.15
C ALA G 272 -19.44 45.05 31.53
N ILE G 273 -19.09 45.30 32.78
CA ILE G 273 -17.72 45.04 33.13
C ILE G 273 -17.50 44.04 34.23
N PHE G 274 -18.52 43.76 35.00
CA PHE G 274 -18.33 42.84 36.09
C PHE G 274 -18.80 41.44 35.75
N HIS G 275 -19.64 41.32 34.73
CA HIS G 275 -20.02 39.99 34.32
C HIS G 275 -18.76 39.29 33.84
N ASN G 276 -18.68 38.01 34.12
CA ASN G 276 -17.54 37.22 33.76
C ASN G 276 -16.24 37.80 34.30
N GLN G 277 -16.37 38.52 35.40
CA GLN G 277 -15.23 39.11 36.06
C GLN G 277 -14.43 39.98 35.14
N GLY G 278 -15.15 40.61 34.22
CA GLY G 278 -14.59 41.55 33.28
C GLY G 278 -13.72 40.88 32.23
N GLN G 279 -13.72 39.55 32.25
CA GLN G 279 -12.95 38.82 31.29
C GLN G 279 -13.79 38.65 30.06
N ALA G 280 -13.90 39.74 29.31
CA ALA G 280 -14.68 39.80 28.08
C ALA G 280 -14.14 40.98 27.30
N CYS G 281 -13.80 40.74 26.05
CA CYS G 281 -13.20 41.78 25.24
C CYS G 281 -14.17 42.92 24.96
N ILE G 282 -15.46 42.62 25.04
CA ILE G 282 -16.48 43.62 24.81
C ILE G 282 -16.93 44.24 26.13
N ALA G 283 -16.23 43.89 27.21
CA ALA G 283 -16.50 44.49 28.51
C ALA G 283 -16.54 46.01 28.36
N GLY G 284 -17.45 46.63 29.09
CA GLY G 284 -17.45 48.08 29.19
C GLY G 284 -16.46 48.48 30.27
N SER G 285 -15.20 48.52 29.90
CA SER G 285 -14.11 48.73 30.84
C SER G 285 -13.74 50.21 30.97
N ARG G 286 -14.34 51.04 30.13
CA ARG G 286 -14.10 52.46 30.16
C ARG G 286 -15.43 53.19 30.31
N LEU G 287 -15.74 53.60 31.52
CA LEU G 287 -16.95 54.36 31.78
C LEU G 287 -16.62 55.80 31.42
N ILE G 288 -17.46 56.42 30.60
CA ILE G 288 -17.31 57.79 30.17
C ILE G 288 -18.59 58.53 30.56
N LEU G 289 -18.55 59.16 31.73
CA LEU G 289 -19.74 59.81 32.22
C LEU G 289 -19.79 61.29 32.04
N HIS G 290 -20.97 61.76 31.66
CA HIS G 290 -21.17 63.18 31.48
C HIS G 290 -21.11 63.83 32.84
N LYS G 291 -20.34 64.91 32.96
CA LYS G 291 -20.16 65.56 34.24
C LYS G 291 -21.42 65.82 35.02
N ASP G 292 -22.51 66.07 34.33
CA ASP G 292 -23.78 66.36 35.00
C ASP G 292 -24.54 65.17 35.56
N ILE G 293 -23.95 63.98 35.52
CA ILE G 293 -24.62 62.81 36.06
C ILE G 293 -23.59 61.86 36.59
N ALA G 294 -22.33 62.24 36.41
CA ALA G 294 -21.23 61.42 36.89
C ALA G 294 -21.35 61.01 38.35
N ASP G 295 -21.69 61.95 39.22
CA ASP G 295 -21.83 61.59 40.61
C ASP G 295 -23.08 60.81 41.03
N GLN G 296 -24.24 61.39 40.77
CA GLN G 296 -25.49 60.67 40.86
C GLN G 296 -25.33 59.24 40.36
N PHE G 297 -24.43 59.06 39.42
CA PHE G 297 -24.19 57.77 38.85
C PHE G 297 -23.31 56.99 39.75
N LEU G 298 -22.09 57.47 39.88
CA LEU G 298 -21.07 56.80 40.68
C LEU G 298 -21.54 56.36 42.07
N GLU G 299 -22.44 57.10 42.63
CA GLU G 299 -23.07 56.74 43.86
C GLU G 299 -23.79 55.42 43.79
N ARG G 300 -24.58 55.17 42.79
CA ARG G 300 -25.23 53.91 42.79
C ARG G 300 -24.32 52.87 42.27
N PHE G 301 -23.46 53.24 41.35
CA PHE G 301 -22.56 52.26 40.77
C PHE G 301 -21.62 51.75 41.82
N ILE G 302 -20.92 52.68 42.44
CA ILE G 302 -19.98 52.26 43.46
C ILE G 302 -20.65 51.39 44.52
N ALA G 303 -21.81 51.81 44.99
CA ALA G 303 -22.56 50.99 45.93
C ALA G 303 -22.82 49.60 45.35
N LEU G 304 -23.16 49.57 44.07
CA LEU G 304 -23.44 48.31 43.40
C LEU G 304 -22.25 47.38 43.44
N ALA G 305 -21.10 47.88 43.03
CA ALA G 305 -19.88 47.10 43.01
C ALA G 305 -19.59 46.53 44.38
N LYS G 306 -19.46 47.44 45.35
CA LYS G 306 -19.19 47.14 46.73
C LYS G 306 -20.19 46.16 47.30
N SER G 307 -21.22 45.86 46.54
CA SER G 307 -22.25 44.94 47.06
C SER G 307 -22.22 43.63 46.30
N ILE G 308 -21.29 43.52 45.39
CA ILE G 308 -21.21 42.36 44.58
C ILE G 308 -20.63 41.22 45.33
N ARG G 309 -21.35 40.09 45.28
CA ARG G 309 -21.03 38.82 45.93
C ARG G 309 -19.89 38.06 45.27
N LEU G 310 -18.66 38.37 45.65
CA LEU G 310 -17.47 37.74 45.12
C LEU G 310 -17.34 36.46 45.92
N GLY G 311 -17.09 35.35 45.25
CA GLY G 311 -16.94 34.08 45.95
C GLY G 311 -16.70 32.78 45.22
N ASP G 312 -17.10 31.70 45.88
CA ASP G 312 -17.11 30.33 45.35
C ASP G 312 -18.02 30.35 44.14
N PRO G 313 -17.39 30.30 42.98
CA PRO G 313 -18.08 30.13 41.71
C PRO G 313 -19.19 29.11 41.75
N MET G 314 -19.08 28.14 42.64
CA MET G 314 -20.10 27.10 42.71
C MET G 314 -21.29 27.33 43.62
N ASP G 315 -21.38 28.54 44.17
CA ASP G 315 -22.46 28.94 45.07
C ASP G 315 -23.23 29.33 43.81
N PRO G 316 -24.52 29.08 43.85
CA PRO G 316 -25.60 29.73 43.12
C PRO G 316 -25.95 31.12 43.62
N GLU G 317 -25.23 31.63 44.60
CA GLU G 317 -25.52 32.96 45.12
C GLU G 317 -24.44 33.85 44.54
N THR G 318 -23.29 33.27 44.23
CA THR G 318 -22.14 34.08 43.86
C THR G 318 -22.53 34.99 42.70
N GLU G 319 -21.97 36.19 42.66
CA GLU G 319 -22.32 37.08 41.59
C GLU G 319 -21.11 37.34 40.72
N MET G 320 -19.96 37.29 41.36
CA MET G 320 -18.68 37.49 40.69
C MET G 320 -17.63 36.56 41.26
N GLY G 321 -17.39 35.47 40.53
CA GLY G 321 -16.40 34.49 40.90
C GLY G 321 -15.08 35.07 40.44
N PRO G 322 -14.06 34.24 40.38
CA PRO G 322 -12.66 34.64 40.35
C PRO G 322 -12.11 34.81 38.97
N LEU G 323 -10.91 35.34 38.86
CA LEU G 323 -10.23 35.43 37.59
C LEU G 323 -9.71 34.01 37.36
N THR G 324 -9.88 33.48 36.15
CA THR G 324 -9.45 32.11 35.85
C THR G 324 -7.99 31.76 36.06
N SER G 325 -7.08 32.69 35.87
CA SER G 325 -5.67 32.32 36.09
C SER G 325 -4.97 33.21 37.10
N ALA G 326 -4.00 32.66 37.81
CA ALA G 326 -3.26 33.43 38.78
C ALA G 326 -2.46 34.53 38.09
N LEU G 327 -2.16 34.32 36.82
CA LEU G 327 -1.40 35.31 36.08
C LEU G 327 -2.28 36.46 35.67
N ARG G 328 -3.55 36.21 35.47
CA ARG G 328 -4.41 37.31 35.09
C ARG G 328 -4.63 38.13 36.35
N ARG G 329 -4.94 37.49 37.45
CA ARG G 329 -5.15 38.24 38.67
C ARG G 329 -3.91 39.08 38.97
N ASP G 330 -2.75 38.51 38.71
CA ASP G 330 -1.48 39.16 38.96
C ASP G 330 -1.11 40.24 37.94
N ARG G 331 -1.84 40.25 36.83
CA ARG G 331 -1.65 41.22 35.78
C ARG G 331 -2.68 42.31 35.98
N VAL G 332 -3.76 41.97 36.65
CA VAL G 332 -4.80 42.90 36.93
C VAL G 332 -4.38 43.74 38.11
N LEU G 333 -3.81 43.14 39.13
CA LEU G 333 -3.37 43.93 40.27
C LEU G 333 -2.30 44.87 39.80
N SER G 334 -1.37 44.38 38.99
CA SER G 334 -0.36 45.24 38.50
C SER G 334 -1.06 46.48 37.95
N TYR G 335 -1.96 46.31 36.97
CA TYR G 335 -2.66 47.42 36.36
C TYR G 335 -3.26 48.33 37.42
N ILE G 336 -3.92 47.69 38.38
CA ILE G 336 -4.56 48.38 39.48
C ILE G 336 -3.50 49.14 40.22
N ASP G 337 -2.30 48.58 40.23
CA ASP G 337 -1.24 49.27 40.91
C ASP G 337 -0.69 50.32 39.97
N ILE G 338 0.05 49.93 38.95
CA ILE G 338 0.54 50.88 37.93
C ILE G 338 -0.56 51.84 37.58
N ALA G 339 -1.79 51.41 37.82
CA ALA G 339 -2.97 52.22 37.55
C ALA G 339 -2.89 53.47 38.40
N ILE G 340 -2.95 53.27 39.71
CA ILE G 340 -2.90 54.34 40.70
C ILE G 340 -1.69 55.26 40.59
N GLU G 341 -0.51 54.68 40.64
CA GLU G 341 0.71 55.42 40.60
C GLU G 341 0.57 56.51 39.58
N GLN G 342 -0.41 56.37 38.68
CA GLN G 342 -0.62 57.34 37.57
C GLN G 342 -1.59 58.45 37.93
N GLY G 343 -1.98 58.43 39.18
CA GLY G 343 -2.91 59.40 39.76
C GLY G 343 -4.33 58.91 39.85
N GLY G 344 -4.57 57.68 39.40
CA GLY G 344 -5.89 57.07 39.51
C GLY G 344 -6.37 57.07 40.94
N LYS G 345 -7.68 57.19 41.11
CA LYS G 345 -8.28 57.18 42.43
C LYS G 345 -9.30 56.07 42.48
N VAL G 346 -8.97 55.02 43.21
CA VAL G 346 -9.84 53.89 43.36
C VAL G 346 -11.11 54.31 44.07
N LEU G 347 -12.25 53.89 43.54
CA LEU G 347 -13.52 54.24 44.19
C LEU G 347 -14.18 53.00 44.73
N ALA G 348 -13.67 51.85 44.34
CA ALA G 348 -14.22 50.61 44.84
C ALA G 348 -13.15 49.57 44.64
N GLY G 349 -13.31 48.40 45.26
CA GLY G 349 -12.34 47.32 45.16
C GLY G 349 -10.93 47.80 45.41
N GLY G 350 -10.06 47.64 44.41
CA GLY G 350 -8.69 48.08 44.54
C GLY G 350 -7.71 46.97 44.81
N LYS G 351 -8.23 45.82 45.17
CA LYS G 351 -7.34 44.71 45.46
C LYS G 351 -8.08 43.40 45.64
N ALA G 352 -7.39 42.41 46.18
CA ALA G 352 -7.97 41.11 46.39
C ALA G 352 -8.76 41.12 47.66
N PRO G 353 -9.85 40.38 47.69
CA PRO G 353 -10.67 40.31 48.88
C PRO G 353 -9.87 40.00 50.13
N ASP G 354 -10.09 40.83 51.14
CA ASP G 354 -9.43 40.67 52.41
C ASP G 354 -10.08 39.44 52.98
N ASP G 355 -11.15 39.01 52.35
CA ASP G 355 -11.83 37.83 52.83
C ASP G 355 -10.85 36.71 52.67
N LYS G 356 -10.80 35.79 53.63
CA LYS G 356 -9.87 34.67 53.57
C LYS G 356 -10.48 33.46 52.88
N ALA G 357 -11.78 33.27 53.07
CA ALA G 357 -12.45 32.14 52.44
C ALA G 357 -11.78 31.94 51.08
N LEU G 358 -11.30 33.03 50.48
CA LEU G 358 -10.90 33.08 49.08
C LEU G 358 -9.46 33.45 48.76
N ALA G 359 -8.62 33.41 49.78
CA ALA G 359 -7.23 33.79 49.83
C ALA G 359 -6.48 32.78 49.03
N ASN G 360 -7.21 31.75 48.61
CA ASN G 360 -6.62 30.70 47.83
C ASN G 360 -6.83 30.86 46.35
N GLY G 361 -8.03 31.27 45.98
CA GLY G 361 -8.37 31.48 44.58
C GLY G 361 -7.78 32.74 43.97
N PHE G 362 -8.13 32.98 42.72
CA PHE G 362 -7.67 34.13 41.95
C PHE G 362 -8.73 35.21 41.96
N TYR G 363 -9.02 35.74 43.13
CA TYR G 363 -10.04 36.76 43.22
C TYR G 363 -9.51 38.15 43.18
N VAL G 364 -10.31 39.03 42.63
CA VAL G 364 -9.98 40.42 42.58
C VAL G 364 -11.29 41.15 42.84
N GLU G 365 -11.26 42.15 43.70
CA GLU G 365 -12.46 42.92 44.04
C GLU G 365 -12.95 43.81 42.92
N PRO G 366 -14.25 43.79 42.66
CA PRO G 366 -14.83 44.63 41.61
C PRO G 366 -14.19 46.01 41.75
N THR G 367 -13.29 46.37 40.86
CA THR G 367 -12.60 47.65 40.95
C THR G 367 -13.15 48.76 40.06
N VAL G 368 -13.14 49.97 40.61
CA VAL G 368 -13.63 51.16 39.91
C VAL G 368 -12.58 52.24 40.13
N VAL G 369 -11.89 52.66 39.08
CA VAL G 369 -10.84 53.64 39.21
C VAL G 369 -10.92 54.91 38.36
N GLU G 370 -11.25 56.04 38.99
CA GLU G 370 -11.34 57.31 38.28
C GLU G 370 -9.99 57.65 37.69
N ALA G 371 -9.95 57.88 36.39
CA ALA G 371 -8.70 58.16 35.74
C ALA G 371 -8.84 59.13 34.59
N LYS G 372 -7.76 59.37 33.88
CA LYS G 372 -7.77 60.26 32.74
C LYS G 372 -7.57 59.44 31.49
N PRO G 373 -8.28 59.79 30.43
CA PRO G 373 -8.18 59.05 29.19
C PRO G 373 -6.74 58.65 28.87
N GLN G 374 -5.85 59.62 28.82
CA GLN G 374 -4.47 59.32 28.49
C GLN G 374 -3.78 58.34 29.43
N ASP G 375 -4.36 58.02 30.57
CA ASP G 375 -3.62 57.05 31.40
C ASP G 375 -3.40 55.73 30.70
N ARG G 376 -2.64 54.82 31.30
CA ARG G 376 -2.37 53.54 30.63
C ARG G 376 -3.37 52.40 30.87
N VAL G 377 -4.15 52.53 31.93
CA VAL G 377 -5.19 51.61 32.24
C VAL G 377 -6.45 51.95 31.48
N CYS G 378 -6.35 53.01 30.69
CA CYS G 378 -7.44 53.48 29.87
C CYS G 378 -7.05 53.24 28.42
N GLN G 379 -5.77 53.06 28.18
CA GLN G 379 -5.27 52.83 26.83
C GLN G 379 -5.14 51.36 26.48
N GLU G 380 -4.93 50.55 27.50
CA GLU G 380 -4.74 49.12 27.34
C GLU G 380 -5.91 48.34 27.88
N GLU G 381 -5.92 47.04 27.59
CA GLU G 381 -6.96 46.18 28.06
C GLU G 381 -6.55 45.41 29.30
N VAL G 382 -7.04 45.85 30.46
CA VAL G 382 -7.03 45.11 31.71
C VAL G 382 -8.11 44.08 31.51
N PHE G 383 -7.84 42.82 31.82
CA PHE G 383 -8.84 41.81 31.60
C PHE G 383 -9.62 41.36 32.84
N GLY G 384 -10.17 42.29 33.61
CA GLY G 384 -10.92 41.87 34.77
C GLY G 384 -12.19 42.59 35.12
N PRO G 385 -12.59 42.54 36.39
CA PRO G 385 -13.48 43.48 37.08
C PRO G 385 -12.66 44.72 37.33
N PHE G 386 -12.69 45.62 36.37
CA PHE G 386 -11.96 46.84 36.49
C PHE G 386 -12.60 47.64 35.42
N VAL G 387 -12.99 48.85 35.77
CA VAL G 387 -13.47 49.88 34.88
C VAL G 387 -12.79 51.15 35.23
N THR G 388 -12.60 52.00 34.24
CA THR G 388 -12.01 53.28 34.45
C THR G 388 -13.12 54.31 34.32
N VAL G 389 -13.09 55.37 35.12
CA VAL G 389 -14.14 56.35 35.01
C VAL G 389 -13.52 57.66 34.57
N VAL G 390 -14.11 58.28 33.57
CA VAL G 390 -13.62 59.52 33.04
C VAL G 390 -14.87 60.36 32.86
N ARG G 391 -14.73 61.68 32.85
CA ARG G 391 -15.89 62.54 32.68
C ARG G 391 -15.76 63.39 31.46
N PHE G 392 -16.90 63.77 30.90
CA PHE G 392 -16.95 64.61 29.72
C PHE G 392 -18.07 65.65 29.80
N SER G 393 -18.06 66.59 28.87
CA SER G 393 -19.10 67.60 28.81
C SER G 393 -19.79 67.68 27.46
N SER G 394 -19.09 67.32 26.41
CA SER G 394 -19.62 67.38 25.05
C SER G 394 -19.74 66.00 24.39
N ASP G 395 -20.75 65.79 23.55
CA ASP G 395 -20.89 64.50 22.93
C ASP G 395 -19.58 64.23 22.22
N GLU G 396 -18.99 65.30 21.72
CA GLU G 396 -17.72 65.27 21.01
C GLU G 396 -16.52 65.02 21.92
N GLU G 397 -16.67 65.27 23.22
CA GLU G 397 -15.61 65.02 24.17
C GLU G 397 -15.67 63.53 24.41
N ALA G 398 -16.88 63.00 24.41
CA ALA G 398 -17.11 61.57 24.59
C ALA G 398 -16.55 60.81 23.40
N LEU G 399 -17.07 61.08 22.22
CA LEU G 399 -16.62 60.43 21.02
C LEU G 399 -15.12 60.45 20.98
N ALA G 400 -14.52 61.62 21.19
CA ALA G 400 -13.07 61.66 21.18
C ALA G 400 -12.48 60.61 22.10
N ILE G 401 -13.01 60.56 23.32
CA ILE G 401 -12.51 59.60 24.31
C ILE G 401 -12.77 58.18 23.85
N ALA G 402 -14.02 57.90 23.50
CA ALA G 402 -14.42 56.59 23.02
C ALA G 402 -13.46 56.09 21.94
N ASN G 403 -13.11 56.97 21.01
CA ASN G 403 -12.28 56.59 19.87
C ASN G 403 -10.79 56.82 20.03
N ASN G 404 -10.42 57.41 21.13
CA ASN G 404 -9.04 57.70 21.39
C ASN G 404 -8.22 56.47 21.77
N THR G 405 -8.64 55.29 21.33
CA THR G 405 -7.90 54.07 21.63
C THR G 405 -7.48 53.35 20.37
N GLU G 406 -6.73 52.28 20.53
CA GLU G 406 -6.25 51.49 19.40
C GLU G 406 -7.20 50.33 19.14
N TYR G 407 -8.08 50.09 20.10
CA TYR G 407 -9.09 49.06 20.02
C TYR G 407 -10.30 49.49 19.23
N GLY G 408 -11.16 48.54 18.87
CA GLY G 408 -12.32 48.87 18.10
C GLY G 408 -13.50 47.94 18.25
N LEU G 409 -13.42 47.05 19.23
CA LEU G 409 -14.28 45.88 19.29
C LEU G 409 -15.74 46.12 19.62
N GLY G 410 -16.00 46.50 20.86
CA GLY G 410 -17.34 46.88 21.28
C GLY G 410 -17.35 48.31 21.78
N SER G 411 -18.56 48.77 22.04
CA SER G 411 -18.80 50.12 22.49
C SER G 411 -20.26 50.23 22.88
N GLY G 412 -20.59 51.26 23.64
CA GLY G 412 -21.95 51.42 24.06
C GLY G 412 -22.17 52.79 24.64
N LEU G 413 -23.41 53.24 24.60
CA LEU G 413 -23.72 54.54 25.13
C LEU G 413 -25.14 54.55 25.67
N TRP G 414 -25.44 55.55 26.48
CA TRP G 414 -26.74 55.63 27.11
C TRP G 414 -27.30 57.02 26.95
N THR G 415 -28.44 57.09 26.27
CA THR G 415 -29.19 58.32 26.03
C THR G 415 -30.59 58.02 25.65
N GLN G 416 -31.37 59.09 25.58
CA GLN G 416 -32.76 59.04 25.17
C GLN G 416 -32.86 59.90 23.92
N ASN G 417 -31.73 60.53 23.55
CA ASN G 417 -31.71 61.37 22.38
C ASN G 417 -31.55 60.56 21.12
N LEU G 418 -32.56 60.63 20.27
CA LEU G 418 -32.51 59.91 19.00
C LEU G 418 -31.32 60.16 18.11
N ALA G 419 -31.05 61.42 17.83
CA ALA G 419 -29.95 61.79 16.98
C ALA G 419 -28.66 61.38 17.63
N ARG G 420 -28.43 61.85 18.85
CA ARG G 420 -27.22 61.45 19.53
C ARG G 420 -26.92 59.98 19.43
N ALA G 421 -27.89 59.18 19.77
CA ALA G 421 -27.72 57.72 19.75
C ALA G 421 -27.13 57.14 18.50
N HIS G 422 -27.56 57.62 17.35
CA HIS G 422 -27.08 57.12 16.09
C HIS G 422 -25.86 57.90 15.66
N LYS G 423 -25.87 59.21 15.85
CA LYS G 423 -24.67 59.92 15.46
C LYS G 423 -23.47 59.26 16.12
N MET G 424 -23.58 58.98 17.41
CA MET G 424 -22.48 58.38 18.16
C MET G 424 -22.15 57.00 17.67
N ALA G 425 -23.16 56.15 17.61
CA ALA G 425 -22.97 54.80 17.12
C ALA G 425 -22.29 54.76 15.73
N ASN G 426 -22.65 55.66 14.85
CA ASN G 426 -22.05 55.69 13.53
C ASN G 426 -20.66 56.32 13.52
N ALA G 427 -20.36 57.05 14.56
CA ALA G 427 -19.08 57.73 14.64
C ALA G 427 -18.04 56.99 15.46
N ILE G 428 -18.43 56.03 16.28
CA ILE G 428 -17.45 55.30 17.06
C ILE G 428 -16.85 54.21 16.22
N HIS G 429 -15.53 54.15 16.19
CA HIS G 429 -14.83 53.15 15.42
C HIS G 429 -14.75 51.84 16.17
N ALA G 430 -15.85 51.11 16.15
CA ALA G 430 -15.97 49.81 16.80
C ALA G 430 -16.80 48.92 15.91
N GLY G 431 -16.60 47.61 16.01
CA GLY G 431 -17.35 46.65 15.22
C GLY G 431 -18.80 46.59 15.67
N MET G 432 -19.01 46.77 16.96
CA MET G 432 -20.35 46.73 17.53
C MET G 432 -20.61 47.82 18.55
N CYS G 433 -21.83 48.34 18.55
CA CYS G 433 -22.18 49.38 19.47
C CYS G 433 -23.54 49.13 20.04
N TRP G 434 -23.63 49.22 21.35
CA TRP G 434 -24.89 49.02 22.03
C TRP G 434 -25.40 50.30 22.66
N ILE G 435 -26.68 50.57 22.46
CA ILE G 435 -27.31 51.78 22.97
C ILE G 435 -28.36 51.42 23.98
N ASN G 436 -28.19 51.93 25.19
CA ASN G 436 -29.14 51.64 26.22
C ASN G 436 -29.19 50.17 26.46
N CYS G 437 -28.02 49.56 26.37
CA CYS G 437 -27.81 48.15 26.61
C CYS G 437 -26.36 47.93 26.39
N TYR G 438 -25.89 46.73 26.73
CA TYR G 438 -24.48 46.43 26.54
C TYR G 438 -24.21 44.96 26.45
N LYS G 439 -23.10 44.60 25.84
CA LYS G 439 -22.73 43.20 25.70
C LYS G 439 -23.84 42.29 25.22
N ARG G 440 -24.74 42.80 24.40
CA ARG G 440 -25.82 42.02 23.84
C ARG G 440 -25.33 41.31 22.62
N VAL G 441 -25.30 40.00 22.66
CA VAL G 441 -24.84 39.24 21.51
C VAL G 441 -25.89 38.28 21.02
N SER G 442 -26.02 38.17 19.72
CA SER G 442 -26.98 37.26 19.11
C SER G 442 -26.26 36.43 18.04
N PRO G 443 -26.65 35.18 17.90
CA PRO G 443 -26.04 34.28 16.93
C PRO G 443 -26.08 34.76 15.51
N GLY G 444 -26.98 35.66 15.21
CA GLY G 444 -27.12 36.16 13.86
C GLY G 444 -26.53 37.55 13.71
N SER G 445 -26.11 38.16 14.80
CA SER G 445 -25.54 39.50 14.75
C SER G 445 -24.02 39.48 14.71
N PRO G 446 -23.42 39.84 13.59
CA PRO G 446 -21.97 39.84 13.41
C PRO G 446 -21.19 40.33 14.61
N PHE G 447 -20.18 39.57 15.01
CA PHE G 447 -19.38 39.94 16.15
C PHE G 447 -17.94 40.00 15.70
N GLY G 448 -17.31 41.13 15.90
CA GLY G 448 -15.94 41.24 15.49
C GLY G 448 -15.36 42.57 15.78
N GLY G 449 -14.10 42.73 15.44
CA GLY G 449 -13.39 43.97 15.68
C GLY G 449 -13.08 44.72 14.42
N VAL G 450 -12.55 45.91 14.60
CA VAL G 450 -12.22 46.84 13.58
C VAL G 450 -10.83 47.32 14.00
N GLY G 451 -10.08 47.87 13.06
CA GLY G 451 -8.73 48.30 13.37
C GLY G 451 -7.88 47.20 14.00
N GLN G 452 -7.26 47.49 15.13
CA GLN G 452 -6.37 46.55 15.79
C GLN G 452 -7.01 45.53 16.69
N SER G 453 -8.33 45.45 16.68
CA SER G 453 -9.06 44.50 17.46
C SER G 453 -9.33 43.35 16.53
N GLY G 454 -8.75 43.44 15.35
CA GLY G 454 -8.85 42.41 14.35
C GLY G 454 -9.79 42.64 13.20
N TYR G 455 -10.17 41.55 12.60
CA TYR G 455 -11.08 41.53 11.48
C TYR G 455 -11.70 40.15 11.40
N GLY G 456 -12.69 40.02 10.52
CA GLY G 456 -13.51 38.83 10.47
C GLY G 456 -14.65 39.00 11.45
N ARG G 457 -15.67 38.21 11.30
CA ARG G 457 -16.79 38.29 12.18
C ARG G 457 -17.32 36.93 12.53
N GLU G 458 -17.79 36.82 13.75
CA GLU G 458 -18.36 35.59 14.21
C GLU G 458 -19.83 35.87 14.26
N MET G 459 -20.64 34.89 13.91
CA MET G 459 -22.07 35.06 13.95
C MET G 459 -22.66 35.48 12.64
N GLY G 460 -23.91 35.14 12.43
CA GLY G 460 -24.62 35.50 11.22
C GLY G 460 -23.93 35.11 9.95
N PHE G 461 -24.58 35.42 8.85
CA PHE G 461 -24.08 35.10 7.53
C PHE G 461 -22.63 35.49 7.37
N GLU G 462 -22.24 36.54 8.06
CA GLU G 462 -20.88 37.02 8.03
C GLU G 462 -19.88 35.97 8.43
N ALA G 463 -20.14 35.30 9.54
CA ALA G 463 -19.28 34.23 10.00
C ALA G 463 -19.18 33.16 8.92
N ILE G 464 -20.32 32.83 8.32
CA ILE G 464 -20.36 31.85 7.25
C ILE G 464 -19.51 32.31 6.06
N HIS G 465 -19.63 33.59 5.72
CA HIS G 465 -18.81 34.13 4.64
C HIS G 465 -17.33 33.89 4.93
N ASP G 466 -16.94 34.07 6.19
CA ASP G 466 -15.54 33.94 6.57
C ASP G 466 -15.05 32.51 6.56
N TYR G 467 -15.98 31.58 6.57
CA TYR G 467 -15.64 30.18 6.57
C TYR G 467 -16.00 29.55 5.25
N THR G 468 -16.20 30.37 4.25
CA THR G 468 -16.53 29.85 2.94
C THR G 468 -15.60 30.45 1.89
N GLU G 469 -15.75 30.02 0.67
CA GLU G 469 -14.94 30.57 -0.39
C GLU G 469 -15.76 30.63 -1.62
N ALA G 470 -15.50 31.62 -2.43
CA ALA G 470 -16.16 31.76 -3.70
C ALA G 470 -15.53 30.82 -4.72
N ARG G 471 -16.36 30.02 -5.35
CA ARG G 471 -15.86 29.17 -6.39
C ARG G 471 -16.70 29.50 -7.59
N SER G 472 -16.18 30.29 -8.50
CA SER G 472 -16.93 30.67 -9.68
C SER G 472 -16.80 29.68 -10.81
N VAL G 473 -17.92 29.27 -11.38
CA VAL G 473 -17.91 28.34 -12.46
C VAL G 473 -18.58 28.94 -13.69
N TRP G 474 -17.88 28.91 -14.82
CA TRP G 474 -18.39 29.46 -16.06
C TRP G 474 -18.72 28.34 -17.01
N VAL G 475 -19.96 28.32 -17.46
CA VAL G 475 -20.33 27.40 -18.53
C VAL G 475 -20.60 28.17 -19.80
N ASN G 476 -19.88 27.84 -20.86
CA ASN G 476 -20.26 28.37 -22.15
C ASN G 476 -21.24 27.42 -22.75
N VAL G 477 -22.49 27.84 -22.88
CA VAL G 477 -23.49 26.95 -23.39
C VAL G 477 -23.32 27.25 -24.86
N ASP G 478 -23.59 28.48 -25.27
CA ASP G 478 -24.20 28.94 -26.50
C ASP G 478 -23.55 30.21 -26.97
N ALA G 479 -22.45 30.58 -26.33
CA ALA G 479 -21.76 31.80 -26.68
C ALA G 479 -21.15 31.65 -28.03
N LYS G 480 -21.31 32.67 -28.85
CA LYS G 480 -20.60 32.67 -30.11
C LYS G 480 -19.42 33.59 -29.90
N ILE G 481 -18.24 33.01 -29.74
CA ILE G 481 -17.06 33.82 -29.47
C ILE G 481 -16.11 33.82 -30.64
N ALA G 482 -15.61 34.99 -30.99
CA ALA G 482 -14.74 35.12 -32.12
C ALA G 482 -13.35 34.72 -31.70
N PRO G 483 -12.71 33.91 -32.52
CA PRO G 483 -11.34 33.56 -32.29
C PRO G 483 -10.58 34.81 -32.05
N HIS G 484 -9.64 34.76 -31.12
CA HIS G 484 -8.86 35.92 -30.78
C HIS G 484 -7.93 36.13 -31.93
N PHE G 485 -7.43 35.01 -32.44
CA PHE G 485 -6.57 34.97 -33.60
C PHE G 485 -7.39 34.51 -34.79
N LYS G 486 -7.90 35.46 -35.57
CA LYS G 486 -8.67 35.12 -36.76
C LYS G 486 -7.55 34.56 -37.61
N ARG G 487 -7.03 33.41 -37.21
CA ARG G 487 -5.99 32.72 -37.96
C ARG G 487 -4.57 33.27 -38.07
N MET H 1 34.68 1.04 -50.20
CA MET H 1 34.08 2.36 -50.16
C MET H 1 32.80 2.39 -49.34
N GLN H 2 32.96 2.76 -48.07
CA GLN H 2 31.86 2.80 -47.15
C GLN H 2 31.04 4.03 -47.43
N ASN H 3 29.80 4.05 -46.95
CA ASN H 3 28.94 5.18 -47.14
C ASN H 3 27.86 5.34 -46.11
N GLN H 4 27.94 4.56 -45.05
CA GLN H 4 26.96 4.69 -44.01
C GLN H 4 27.57 5.36 -42.82
N LEU H 5 26.71 5.76 -41.91
CA LEU H 5 27.16 6.37 -40.68
C LEU H 5 28.08 5.39 -40.03
N TYR H 6 28.99 5.89 -39.20
CA TYR H 6 29.83 5.00 -38.41
C TYR H 6 29.61 5.36 -36.95
N ILE H 7 28.91 4.48 -36.25
CA ILE H 7 28.52 4.73 -34.88
C ILE H 7 28.73 3.52 -34.00
N ASP H 8 29.56 3.68 -32.99
CA ASP H 8 29.87 2.64 -32.03
C ASP H 8 30.62 1.45 -32.62
N GLY H 9 31.46 1.71 -33.62
CA GLY H 9 32.28 0.68 -34.22
C GLY H 9 31.69 -0.08 -35.40
N ARG H 10 30.57 0.42 -35.91
CA ARG H 10 29.81 -0.22 -36.97
C ARG H 10 29.37 0.77 -38.03
N PHE H 11 29.25 0.35 -39.28
CA PHE H 11 28.62 1.23 -40.25
C PHE H 11 27.16 0.93 -40.20
N VAL H 12 26.36 1.95 -39.94
CA VAL H 12 24.94 1.76 -39.80
C VAL H 12 24.21 2.82 -40.61
N ASP H 13 23.00 2.53 -41.02
CA ASP H 13 22.28 3.44 -41.88
C ASP H 13 21.66 4.47 -41.00
N ALA H 14 21.17 5.58 -41.53
CA ALA H 14 20.57 6.57 -40.67
C ALA H 14 19.29 6.01 -40.08
N VAL H 15 18.98 6.41 -38.86
CA VAL H 15 17.81 5.86 -38.22
C VAL H 15 16.63 5.97 -39.15
N ALA H 16 16.42 7.14 -39.72
CA ALA H 16 15.29 7.34 -40.62
C ALA H 16 15.57 6.83 -42.03
N GLY H 17 16.74 6.26 -42.25
CA GLY H 17 17.15 5.74 -43.55
C GLY H 17 17.32 6.83 -44.58
N GLY H 18 17.39 8.09 -44.14
CA GLY H 18 17.65 9.20 -45.02
C GLY H 18 18.96 9.13 -45.78
N THR H 19 18.96 9.64 -47.00
CA THR H 19 20.06 9.40 -47.92
C THR H 19 20.50 10.67 -48.62
N ILE H 20 21.77 10.71 -49.00
CA ILE H 20 22.29 11.85 -49.71
C ILE H 20 23.14 11.42 -50.89
N ASP H 21 22.93 12.03 -52.05
CA ASP H 21 23.74 11.64 -53.21
C ASP H 21 25.09 12.29 -53.11
N VAL H 22 26.14 11.49 -53.28
CA VAL H 22 27.50 12.01 -53.20
C VAL H 22 28.04 11.93 -54.59
N VAL H 23 28.41 13.07 -55.11
CA VAL H 23 28.61 13.22 -56.52
C VAL H 23 30.09 13.43 -56.82
N SER H 24 30.46 13.27 -58.08
CA SER H 24 31.81 13.59 -58.49
C SER H 24 31.70 14.93 -59.13
N PRO H 25 32.68 15.78 -58.89
CA PRO H 25 32.61 17.18 -59.31
C PRO H 25 33.15 17.37 -60.69
N HIS H 26 33.57 16.27 -61.30
CA HIS H 26 34.15 16.29 -62.63
C HIS H 26 33.10 16.10 -63.71
N ASP H 27 32.19 15.17 -63.49
CA ASP H 27 31.15 14.92 -64.46
C ASP H 27 29.76 14.81 -63.83
N GLY H 28 29.67 15.12 -62.55
CA GLY H 28 28.37 15.20 -61.89
C GLY H 28 27.73 13.85 -61.66
N SER H 29 28.39 12.79 -62.12
CA SER H 29 27.93 11.42 -61.92
C SER H 29 27.92 10.99 -60.45
N LEU H 30 27.02 10.06 -60.13
CA LEU H 30 26.85 9.61 -58.76
C LEU H 30 27.94 8.64 -58.36
N ILE H 31 28.68 8.97 -57.30
CA ILE H 31 29.68 8.08 -56.77
C ILE H 31 29.03 7.02 -55.89
N THR H 32 28.11 7.43 -55.04
CA THR H 32 27.39 6.47 -54.23
C THR H 32 26.47 7.25 -53.35
N ARG H 33 25.60 6.57 -52.64
CA ARG H 33 24.72 7.27 -51.73
C ARG H 33 25.30 7.11 -50.36
N ILE H 34 25.12 8.12 -49.54
CA ILE H 34 25.52 7.98 -48.17
C ILE H 34 24.31 8.14 -47.30
N ALA H 35 24.41 7.49 -46.17
CA ALA H 35 23.42 7.55 -45.11
C ALA H 35 23.32 8.91 -44.51
N ALA H 36 22.12 9.45 -44.43
CA ALA H 36 22.01 10.83 -43.99
C ALA H 36 21.65 10.90 -42.53
N ALA H 37 22.64 11.15 -41.67
CA ALA H 37 22.40 11.26 -40.25
C ALA H 37 21.47 12.42 -39.96
N GLU H 38 20.54 12.21 -39.05
CA GLU H 38 19.69 13.28 -38.54
C GLU H 38 19.82 13.33 -37.02
N ALA H 39 18.99 14.14 -36.38
CA ALA H 39 19.08 14.29 -34.94
C ALA H 39 19.20 12.95 -34.22
N ALA H 40 18.34 12.00 -34.57
CA ALA H 40 18.31 10.71 -33.88
C ALA H 40 19.63 9.98 -34.01
N ASP H 41 20.32 10.17 -35.12
CA ASP H 41 21.60 9.51 -35.30
C ASP H 41 22.78 10.16 -34.62
N VAL H 42 22.61 11.40 -34.19
CA VAL H 42 23.67 12.07 -33.46
C VAL H 42 23.49 11.80 -31.98
N ASP H 43 22.24 11.51 -31.64
CA ASP H 43 21.87 11.10 -30.32
C ASP H 43 22.60 9.83 -30.04
N LEU H 44 22.62 8.97 -31.04
CA LEU H 44 23.23 7.66 -30.94
C LEU H 44 24.72 7.71 -31.02
N ALA H 45 25.19 8.60 -31.83
CA ALA H 45 26.62 8.85 -31.95
C ALA H 45 27.16 9.45 -30.65
N VAL H 46 26.50 10.50 -30.16
CA VAL H 46 26.91 11.15 -28.95
C VAL H 46 26.85 10.18 -27.78
N ALA H 47 25.88 9.28 -27.82
CA ALA H 47 25.72 8.30 -26.75
C ALA H 47 26.89 7.32 -26.80
N ALA H 48 27.24 6.92 -28.00
CA ALA H 48 28.36 6.01 -28.18
C ALA H 48 29.61 6.68 -27.70
N ALA H 49 29.84 7.91 -28.10
CA ALA H 49 30.98 8.62 -27.62
C ALA H 49 31.01 8.70 -26.11
N LYS H 50 29.93 9.14 -25.50
CA LYS H 50 29.81 9.21 -24.09
C LYS H 50 30.13 7.91 -23.43
N ARG H 51 29.62 6.82 -23.98
CA ARG H 51 29.86 5.56 -23.35
C ARG H 51 31.36 5.30 -23.38
N ALA H 52 31.98 5.59 -24.52
CA ALA H 52 33.39 5.33 -24.72
C ALA H 52 34.34 6.24 -23.97
N PHE H 53 33.87 7.42 -23.65
CA PHE H 53 34.74 8.45 -23.06
C PHE H 53 35.56 8.04 -21.84
N PRO H 54 34.91 7.42 -20.86
CA PRO H 54 35.64 7.14 -19.62
C PRO H 54 36.81 6.19 -19.82
N ALA H 55 36.60 5.06 -20.45
CA ALA H 55 37.69 4.15 -20.75
C ALA H 55 38.74 4.78 -21.66
N TRP H 56 38.32 5.69 -22.51
CA TRP H 56 39.23 6.30 -23.46
C TRP H 56 40.09 7.39 -22.81
N SER H 57 39.46 8.21 -21.99
CA SER H 57 40.12 9.31 -21.32
C SER H 57 41.03 8.82 -20.24
N ALA H 58 40.86 7.58 -19.84
CA ALA H 58 41.66 7.03 -18.79
C ALA H 58 42.70 6.10 -19.38
N LEU H 59 42.70 6.01 -20.69
CA LEU H 59 43.55 5.08 -21.39
C LEU H 59 45.01 5.25 -21.02
N GLY H 60 45.41 6.46 -20.69
CA GLY H 60 46.81 6.73 -20.42
C GLY H 60 47.43 7.26 -21.69
N ALA H 61 47.77 8.53 -21.67
CA ALA H 61 48.08 9.27 -22.89
C ALA H 61 48.88 8.51 -23.95
N ALA H 62 49.93 7.81 -23.55
CA ALA H 62 50.80 7.17 -24.52
C ALA H 62 50.07 6.18 -25.44
N GLU H 63 49.01 5.58 -24.93
CA GLU H 63 48.29 4.55 -25.66
C GLU H 63 47.27 5.15 -26.59
N ARG H 64 46.84 6.36 -26.28
CA ARG H 64 46.06 7.08 -27.24
C ARG H 64 47.02 7.51 -28.30
N GLY H 65 48.17 7.99 -27.88
CA GLY H 65 49.21 8.39 -28.81
C GLY H 65 49.62 7.29 -29.76
N ARG H 66 49.90 6.12 -29.23
CA ARG H 66 50.30 5.01 -30.05
C ARG H 66 49.29 4.76 -31.14
N LEU H 67 48.03 4.88 -30.77
CA LEU H 67 46.94 4.62 -31.66
C LEU H 67 46.92 5.64 -32.77
N LEU H 68 47.13 6.89 -32.42
CA LEU H 68 47.16 7.90 -33.45
C LEU H 68 48.36 7.74 -34.35
N LEU H 69 49.47 7.32 -33.78
CA LEU H 69 50.69 7.08 -34.54
C LEU H 69 50.53 5.90 -35.47
N LYS H 70 49.73 4.93 -35.06
CA LYS H 70 49.41 3.79 -35.88
C LYS H 70 48.46 4.21 -36.98
N LEU H 71 47.62 5.18 -36.68
CA LEU H 71 46.71 5.70 -37.68
C LEU H 71 47.46 6.43 -38.80
N ALA H 72 48.46 7.22 -38.45
CA ALA H 72 49.27 7.83 -39.48
C ALA H 72 49.88 6.78 -40.39
N ASP H 73 50.59 5.83 -39.79
CA ASP H 73 51.20 4.74 -40.54
C ASP H 73 50.20 4.12 -41.49
N ARG H 74 49.01 3.82 -40.99
CA ARG H 74 47.97 3.20 -41.80
C ARG H 74 47.49 4.12 -42.92
N ILE H 75 47.25 5.38 -42.62
CA ILE H 75 46.91 6.35 -43.64
C ILE H 75 47.95 6.35 -44.73
N GLU H 76 49.22 6.33 -44.35
CA GLU H 76 50.27 6.34 -45.36
C GLU H 76 50.27 5.04 -46.17
N GLU H 77 50.05 3.93 -45.48
CA GLU H 77 49.93 2.62 -46.11
C GLU H 77 48.83 2.62 -47.16
N CYS H 78 47.77 3.35 -46.88
CA CYS H 78 46.54 3.40 -47.62
C CYS H 78 46.41 4.65 -48.40
N SER H 79 47.52 5.18 -48.81
CA SER H 79 47.63 6.52 -49.20
C SER H 79 47.12 6.71 -50.56
N GLU H 80 47.28 5.71 -51.41
CA GLU H 80 46.82 5.80 -52.78
C GLU H 80 45.34 5.55 -52.88
N GLU H 81 44.84 4.75 -51.96
CA GLU H 81 43.45 4.53 -51.89
C GLU H 81 42.74 5.77 -51.47
N LEU H 82 43.24 6.36 -50.40
CA LEU H 82 42.72 7.59 -49.87
C LEU H 82 42.86 8.68 -50.88
N ALA H 83 44.04 8.80 -51.48
CA ALA H 83 44.25 9.81 -52.46
C ALA H 83 43.14 9.76 -53.47
N GLN H 84 42.91 8.61 -54.06
CA GLN H 84 41.94 8.53 -55.09
C GLN H 84 40.56 8.71 -54.58
N LEU H 85 40.25 8.08 -53.48
CA LEU H 85 38.95 8.29 -52.91
C LEU H 85 38.69 9.76 -52.71
N GLU H 86 39.67 10.47 -52.18
CA GLU H 86 39.48 11.89 -51.90
C GLU H 86 39.47 12.79 -53.14
N SER H 87 39.94 12.27 -54.27
CA SER H 87 40.04 13.09 -55.45
C SER H 87 38.87 12.85 -56.37
N LEU H 88 38.08 11.85 -56.08
CA LEU H 88 36.96 11.54 -56.92
C LEU H 88 35.75 12.11 -56.26
N ASN H 89 35.85 12.31 -54.96
CA ASN H 89 34.79 12.90 -54.20
C ASN H 89 34.93 14.39 -53.99
N THR H 90 36.07 14.94 -54.38
CA THR H 90 36.42 16.31 -54.06
C THR H 90 36.66 17.16 -55.28
N GLY H 91 37.27 16.56 -56.28
CA GLY H 91 37.65 17.29 -57.46
C GLY H 91 39.11 17.64 -57.37
N HIS H 92 39.71 17.24 -56.26
CA HIS H 92 41.10 17.49 -55.98
C HIS H 92 42.03 16.78 -56.91
N PRO H 93 42.87 17.52 -57.63
CA PRO H 93 43.84 16.89 -58.48
C PRO H 93 44.48 15.76 -57.73
N ILE H 94 44.55 14.59 -58.34
CA ILE H 94 45.18 13.49 -57.69
C ILE H 94 46.61 13.88 -57.36
N ARG H 95 47.19 14.71 -58.18
CA ARG H 95 48.53 15.15 -57.94
C ARG H 95 48.60 15.83 -56.62
N ASP H 96 47.43 16.14 -56.06
CA ASP H 96 47.32 16.94 -54.84
C ASP H 96 46.88 16.08 -53.68
N SER H 97 45.98 15.16 -53.97
CA SER H 97 45.58 14.15 -52.99
C SER H 97 46.81 13.42 -52.47
N ARG H 98 47.70 13.10 -53.40
CA ARG H 98 48.85 12.24 -53.19
C ARG H 98 49.97 12.97 -52.48
N GLY H 99 50.22 14.20 -52.92
CA GLY H 99 51.36 14.92 -52.45
C GLY H 99 51.00 15.85 -51.35
N LEU H 100 49.71 16.08 -51.18
CA LEU H 100 49.26 16.97 -50.14
C LEU H 100 48.22 16.37 -49.21
N ASP H 101 47.00 16.18 -49.65
CA ASP H 101 45.97 15.81 -48.72
C ASP H 101 46.34 14.73 -47.74
N VAL H 102 46.92 13.65 -48.26
CA VAL H 102 47.12 12.47 -47.45
C VAL H 102 48.41 12.50 -46.65
N PRO H 103 49.41 13.20 -47.16
CA PRO H 103 50.65 13.35 -46.40
C PRO H 103 50.47 14.33 -45.25
N ARG H 104 49.62 15.32 -45.45
CA ARG H 104 49.35 16.30 -44.42
C ARG H 104 48.36 15.74 -43.42
N THR H 105 47.50 14.84 -43.85
CA THR H 105 46.65 14.10 -42.93
C THR H 105 47.48 13.19 -42.04
N ALA H 106 48.39 12.41 -42.62
CA ALA H 106 49.23 11.54 -41.83
C ALA H 106 50.07 12.36 -40.88
N ALA H 107 50.69 13.41 -41.41
CA ALA H 107 51.61 14.22 -40.65
C ALA H 107 50.93 14.76 -39.40
N CYS H 108 49.72 15.27 -39.58
CA CYS H 108 48.95 15.84 -38.49
C CYS H 108 48.59 14.81 -37.42
N PHE H 109 48.08 13.67 -37.85
CA PHE H 109 47.82 12.59 -36.91
C PHE H 109 49.07 12.13 -36.21
N ARG H 110 50.19 12.08 -36.93
CA ARG H 110 51.45 11.68 -36.31
C ARG H 110 51.83 12.67 -35.23
N TYR H 111 51.63 13.95 -35.53
CA TYR H 111 52.04 15.00 -34.62
C TYR H 111 51.29 14.82 -33.31
N PHE H 112 49.99 14.54 -33.40
CA PHE H 112 49.17 14.51 -32.22
C PHE H 112 49.29 13.17 -31.50
N GLY H 113 49.75 12.16 -32.18
CA GLY H 113 50.10 10.95 -31.49
C GLY H 113 51.27 11.10 -30.57
N GLY H 114 52.14 12.01 -30.88
CA GLY H 114 53.29 12.20 -30.05
C GLY H 114 53.04 13.37 -29.17
N MET H 115 51.85 13.94 -29.25
CA MET H 115 51.54 15.08 -28.46
C MET H 115 50.88 14.55 -27.23
N ALA H 116 50.16 13.46 -27.41
CA ALA H 116 49.25 12.96 -26.39
C ALA H 116 49.84 12.70 -25.02
N ASP H 117 51.09 12.26 -24.93
CA ASP H 117 51.70 12.09 -23.62
C ASP H 117 52.57 13.27 -23.27
N LYS H 118 52.35 14.38 -23.98
CA LYS H 118 53.10 15.61 -23.78
C LYS H 118 52.16 16.74 -23.35
N ILE H 119 50.91 16.38 -23.13
CA ILE H 119 49.92 17.31 -22.69
C ILE H 119 49.91 17.31 -21.19
N GLU H 120 50.48 18.34 -20.60
CA GLU H 120 50.72 18.38 -19.18
C GLU H 120 49.99 19.49 -18.47
N GLY H 121 49.82 19.32 -17.18
CA GLY H 121 49.18 20.28 -16.32
C GLY H 121 50.28 20.98 -15.61
N SER H 122 49.98 21.57 -14.47
CA SER H 122 50.97 22.40 -13.81
C SER H 122 50.76 22.33 -12.32
N VAL H 123 51.74 22.79 -11.56
CA VAL H 123 51.57 22.95 -10.13
C VAL H 123 51.73 24.41 -9.83
N ILE H 124 50.71 25.04 -9.27
CA ILE H 124 50.76 26.45 -8.98
C ILE H 124 51.46 26.67 -7.65
N PRO H 125 52.25 27.73 -7.56
CA PRO H 125 52.84 28.10 -6.28
C PRO H 125 51.81 28.78 -5.40
N VAL H 126 51.26 28.08 -4.42
CA VAL H 126 50.17 28.62 -3.67
C VAL H 126 50.52 28.86 -2.23
N ASP H 127 49.59 29.45 -1.51
CA ASP H 127 49.78 29.76 -0.11
C ASP H 127 50.47 28.56 0.48
N ALA H 128 51.26 28.77 1.52
CA ALA H 128 52.07 27.70 2.07
C ALA H 128 51.22 26.78 2.91
N GLY H 129 51.35 25.49 2.66
CA GLY H 129 50.57 24.51 3.38
C GLY H 129 49.71 23.79 2.40
N PHE H 130 49.54 24.39 1.24
CA PHE H 130 48.72 23.83 0.20
C PHE H 130 49.54 23.37 -0.96
N LEU H 131 49.16 22.20 -1.47
CA LEU H 131 49.57 21.70 -2.74
C LEU H 131 48.48 22.03 -3.73
N ASN H 132 48.82 22.70 -4.81
CA ASN H 132 47.85 23.03 -5.84
C ASN H 132 48.28 22.51 -7.19
N TYR H 133 47.65 21.45 -7.63
CA TYR H 133 48.03 20.90 -8.91
C TYR H 133 46.86 21.00 -9.86
N VAL H 134 47.14 21.47 -11.06
CA VAL H 134 46.09 21.73 -12.01
C VAL H 134 46.23 20.82 -13.19
N GLN H 135 45.25 19.97 -13.39
CA GLN H 135 45.32 19.05 -14.49
C GLN H 135 44.72 19.62 -15.75
N ARG H 136 45.07 19.06 -16.87
CA ARG H 136 44.46 19.47 -18.12
C ARG H 136 43.70 18.28 -18.64
N LYS H 137 42.41 18.18 -18.37
CA LYS H 137 41.72 16.95 -18.72
C LYS H 137 41.00 17.12 -20.02
N PRO H 138 40.54 16.01 -20.59
CA PRO H 138 39.76 16.09 -21.81
C PRO H 138 38.49 16.83 -21.48
N ILE H 139 37.81 17.36 -22.47
CA ILE H 139 36.55 18.03 -22.21
C ILE H 139 35.45 17.00 -22.02
N GLY H 140 35.50 15.96 -22.83
CA GLY H 140 34.54 14.87 -22.80
C GLY H 140 34.14 14.46 -24.22
N VAL H 141 32.88 14.63 -24.57
CA VAL H 141 32.47 14.28 -25.91
C VAL H 141 32.61 15.53 -26.70
N VAL H 142 33.24 15.44 -27.86
CA VAL H 142 33.43 16.65 -28.63
C VAL H 142 32.73 16.52 -29.98
N ALA H 143 32.08 17.59 -30.43
CA ALA H 143 31.43 17.57 -31.72
C ALA H 143 32.29 18.29 -32.70
N GLN H 144 32.36 17.80 -33.91
CA GLN H 144 33.17 18.44 -34.93
C GLN H 144 32.48 18.44 -36.27
N ILE H 145 32.24 19.64 -36.81
CA ILE H 145 31.68 19.76 -38.13
C ILE H 145 32.76 20.29 -39.02
N VAL H 146 33.07 19.55 -40.07
CA VAL H 146 34.10 19.95 -41.00
C VAL H 146 33.49 20.15 -42.36
N PRO H 147 34.13 20.96 -43.16
CA PRO H 147 33.61 21.33 -44.47
C PRO H 147 34.18 20.45 -45.56
N TRP H 148 33.86 20.76 -46.79
CA TRP H 148 34.16 19.86 -47.88
C TRP H 148 35.40 20.22 -48.65
N ASN H 149 36.14 21.23 -48.26
CA ASN H 149 37.31 21.54 -49.07
C ASN H 149 38.46 20.63 -48.80
N PHE H 150 38.65 20.23 -47.56
CA PHE H 150 39.75 19.34 -47.22
C PHE H 150 39.19 18.30 -46.33
N PRO H 151 38.25 17.53 -46.86
CA PRO H 151 37.63 16.46 -46.08
C PRO H 151 38.66 15.52 -45.47
N LEU H 152 39.65 15.07 -46.25
CA LEU H 152 40.67 14.18 -45.71
C LEU H 152 41.50 14.83 -44.63
N MET H 153 42.17 15.91 -44.98
CA MET H 153 43.08 16.58 -44.09
C MET H 153 42.41 17.02 -42.83
N PHE H 154 41.22 17.57 -42.92
CA PHE H 154 40.56 18.07 -41.73
C PHE H 154 40.14 17.00 -40.75
N THR H 155 40.43 15.74 -41.01
CA THR H 155 40.17 14.71 -40.03
C THR H 155 41.30 14.73 -39.03
N SER H 156 42.50 14.92 -39.54
CA SER H 156 43.67 15.00 -38.70
C SER H 156 43.58 16.24 -37.86
N TRP H 157 43.24 17.34 -38.51
CA TRP H 157 43.21 18.65 -37.90
C TRP H 157 42.28 18.74 -36.74
N LYS H 158 41.09 18.21 -36.90
CA LYS H 158 40.10 18.28 -35.86
C LYS H 158 40.29 17.15 -34.89
N MET H 159 40.35 15.93 -35.42
CA MET H 159 40.36 14.72 -34.62
C MET H 159 41.69 14.40 -33.98
N GLY H 160 42.76 14.93 -34.54
CA GLY H 160 44.08 14.69 -34.03
C GLY H 160 44.30 15.25 -32.65
N PRO H 161 43.83 16.45 -32.41
CA PRO H 161 44.00 17.13 -31.14
C PRO H 161 42.96 16.73 -30.11
N ALA H 162 41.79 16.36 -30.57
CA ALA H 162 40.72 15.95 -29.69
C ALA H 162 40.99 14.56 -29.13
N LEU H 163 41.45 13.67 -29.98
CA LEU H 163 41.74 12.30 -29.59
C LEU H 163 42.96 12.22 -28.71
N ALA H 164 44.01 12.93 -29.10
CA ALA H 164 45.14 13.08 -28.22
C ALA H 164 44.65 13.37 -26.82
N ALA H 165 43.94 14.46 -26.64
CA ALA H 165 43.54 14.89 -25.32
C ALA H 165 42.66 13.90 -24.56
N GLY H 166 42.04 12.98 -25.27
CA GLY H 166 41.26 11.94 -24.65
C GLY H 166 39.79 12.13 -24.75
N ASN H 167 39.41 13.10 -25.59
CA ASN H 167 38.05 13.44 -25.87
C ASN H 167 37.44 12.39 -26.75
N THR H 168 36.15 12.24 -26.65
CA THR H 168 35.44 11.32 -27.50
C THR H 168 34.71 12.11 -28.56
N ILE H 169 34.77 11.60 -29.77
CA ILE H 169 34.41 12.40 -30.89
C ILE H 169 33.19 11.91 -31.59
N VAL H 170 32.37 12.86 -32.00
CA VAL H 170 31.32 12.66 -32.98
C VAL H 170 31.60 13.65 -34.07
N ILE H 171 31.88 13.18 -35.27
CA ILE H 171 32.26 14.11 -36.32
C ILE H 171 31.31 14.11 -37.51
N LYS H 172 30.86 15.26 -37.93
CA LYS H 172 30.03 15.37 -39.10
C LYS H 172 30.79 16.03 -40.25
N PRO H 173 31.14 15.27 -41.27
CA PRO H 173 31.65 15.85 -42.48
C PRO H 173 30.50 16.33 -43.30
N SER H 174 30.82 16.99 -44.39
CA SER H 174 29.79 17.52 -45.24
C SER H 174 29.21 16.32 -45.88
N GLU H 175 27.98 16.45 -46.35
CA GLU H 175 27.36 15.40 -47.10
C GLU H 175 28.01 15.43 -48.47
N ILE H 176 28.67 16.54 -48.77
CA ILE H 176 29.30 16.69 -50.07
C ILE H 176 30.56 15.87 -50.17
N THR H 177 31.20 15.64 -49.04
CA THR H 177 32.49 14.97 -49.05
C THR H 177 32.66 14.17 -47.79
N PRO H 178 31.91 13.10 -47.67
CA PRO H 178 31.98 12.23 -46.50
C PRO H 178 32.91 11.05 -46.66
N LEU H 179 33.13 10.56 -47.86
CA LEU H 179 33.68 9.24 -48.05
C LEU H 179 35.00 9.03 -47.37
N SER H 180 35.89 9.97 -47.62
CA SER H 180 37.23 10.02 -47.10
C SER H 180 37.21 9.78 -45.63
N THR H 181 36.27 10.45 -44.99
CA THR H 181 36.28 10.54 -43.57
C THR H 181 35.83 9.24 -42.99
N LEU H 182 34.91 8.59 -43.69
CA LEU H 182 34.37 7.32 -43.29
C LEU H 182 35.43 6.25 -43.43
N ARG H 183 36.25 6.37 -44.45
CA ARG H 183 37.33 5.43 -44.64
C ARG H 183 38.29 5.51 -43.48
N ILE H 184 38.50 6.72 -42.98
CA ILE H 184 39.53 6.98 -42.00
C ILE H 184 39.13 6.41 -40.66
N VAL H 185 37.85 6.51 -40.36
CA VAL H 185 37.35 5.98 -39.13
C VAL H 185 37.40 4.47 -39.17
N GLU H 186 37.36 3.90 -40.36
CA GLU H 186 37.52 2.47 -40.55
C GLU H 186 38.96 2.14 -40.26
N LEU H 187 39.88 2.88 -40.84
CA LEU H 187 41.28 2.65 -40.54
C LEU H 187 41.49 2.75 -39.07
N MET H 188 40.81 3.70 -38.44
CA MET H 188 40.86 3.87 -37.01
C MET H 188 40.59 2.57 -36.30
N THR H 189 39.49 1.91 -36.62
CA THR H 189 39.22 0.63 -36.01
C THR H 189 40.21 -0.43 -36.44
N GLU H 190 40.72 -0.31 -37.64
CA GLU H 190 41.68 -1.28 -38.13
C GLU H 190 42.92 -1.16 -37.29
N VAL H 191 43.05 -0.03 -36.60
CA VAL H 191 44.30 0.33 -35.96
C VAL H 191 44.20 0.11 -34.48
N GLY H 192 43.00 -0.07 -34.00
CA GLY H 192 42.81 -0.39 -32.59
C GLY H 192 42.01 0.60 -31.79
N PHE H 193 41.53 1.69 -32.35
CA PHE H 193 40.78 2.62 -31.51
C PHE H 193 39.57 1.88 -31.05
N PRO H 194 39.13 2.13 -29.83
CA PRO H 194 37.95 1.43 -29.33
C PRO H 194 36.71 2.03 -29.92
N LYS H 195 35.70 1.20 -30.07
CA LYS H 195 34.43 1.61 -30.58
C LYS H 195 33.88 2.74 -29.76
N GLY H 196 33.28 3.71 -30.42
CA GLY H 196 32.65 4.81 -29.72
C GLY H 196 33.55 6.01 -29.54
N VAL H 197 34.84 5.78 -29.68
CA VAL H 197 35.80 6.86 -29.52
C VAL H 197 35.59 7.85 -30.63
N VAL H 198 35.36 7.35 -31.83
CA VAL H 198 35.00 8.24 -32.91
C VAL H 198 33.75 7.77 -33.59
N ASN H 199 32.90 8.72 -33.92
CA ASN H 199 31.63 8.44 -34.56
C ASN H 199 31.42 9.42 -35.67
N VAL H 200 31.29 8.91 -36.88
CA VAL H 200 31.10 9.75 -38.05
C VAL H 200 29.66 9.77 -38.47
N VAL H 201 29.11 10.97 -38.62
CA VAL H 201 27.70 11.08 -38.90
C VAL H 201 27.36 12.14 -39.96
N PRO H 202 27.80 11.89 -41.18
CA PRO H 202 27.51 12.79 -42.29
C PRO H 202 26.03 13.07 -42.43
N GLY H 203 25.69 14.31 -42.73
CA GLY H 203 24.31 14.73 -42.74
C GLY H 203 24.23 16.20 -43.10
N TYR H 204 23.07 16.71 -43.37
CA TYR H 204 23.00 18.10 -43.73
C TYR H 204 23.38 18.84 -42.52
N GLY H 205 23.51 20.14 -42.66
CA GLY H 205 23.83 20.98 -41.52
C GLY H 205 22.69 21.16 -40.53
N HIS H 206 21.49 21.40 -41.03
CA HIS H 206 20.37 21.76 -40.17
C HIS H 206 19.74 20.54 -39.51
N THR H 207 20.27 19.37 -39.83
CA THR H 207 19.81 18.16 -39.17
C THR H 207 20.90 17.69 -38.24
N ALA H 208 21.91 17.02 -38.80
CA ALA H 208 23.00 16.51 -37.98
C ALA H 208 23.75 17.66 -37.33
N GLY H 209 24.20 18.60 -38.14
CA GLY H 209 24.93 19.76 -37.65
C GLY H 209 24.24 20.45 -36.49
N GLN H 210 23.00 20.85 -36.65
CA GLN H 210 22.36 21.57 -35.57
C GLN H 210 22.34 20.72 -34.32
N ALA H 211 21.92 19.47 -34.46
CA ALA H 211 21.80 18.56 -33.34
C ALA H 211 23.09 18.44 -32.57
N LEU H 212 24.19 18.29 -33.29
CA LEU H 212 25.49 18.19 -32.67
C LEU H 212 25.82 19.47 -31.94
N ALA H 213 25.43 20.59 -32.52
CA ALA H 213 25.75 21.90 -31.97
C ALA H 213 24.94 22.23 -30.75
N GLU H 214 23.71 21.74 -30.69
CA GLU H 214 22.87 22.05 -29.55
C GLU H 214 22.64 20.85 -28.67
N HIS H 215 23.47 19.84 -28.79
CA HIS H 215 23.35 18.65 -27.95
C HIS H 215 23.85 18.88 -26.52
N LEU H 216 23.08 18.43 -25.54
CA LEU H 216 23.37 18.70 -24.14
C LEU H 216 24.58 17.93 -23.60
N ASP H 217 24.93 16.80 -24.19
CA ASP H 217 26.05 16.01 -23.70
C ASP H 217 27.36 16.32 -24.43
N VAL H 218 27.28 17.18 -25.45
CA VAL H 218 28.48 17.59 -26.14
C VAL H 218 29.10 18.78 -25.41
N GLY H 219 30.38 18.65 -25.06
CA GLY H 219 31.06 19.65 -24.28
C GLY H 219 31.77 20.73 -25.06
N LYS H 220 31.92 20.50 -26.35
CA LYS H 220 32.59 21.43 -27.21
C LYS H 220 32.16 21.15 -28.62
N ILE H 221 31.96 22.19 -29.42
CA ILE H 221 31.69 21.98 -30.80
C ILE H 221 32.71 22.74 -31.59
N ALA H 222 33.42 22.06 -32.47
CA ALA H 222 34.37 22.68 -33.35
C ALA H 222 33.76 22.85 -34.70
N PHE H 223 33.67 24.06 -35.20
CA PHE H 223 33.04 24.25 -36.48
C PHE H 223 33.95 25.03 -37.40
N THR H 224 34.21 24.48 -38.57
CA THR H 224 34.82 25.24 -39.64
C THR H 224 33.78 25.38 -40.75
N GLY H 225 33.58 26.59 -41.24
CA GLY H 225 32.57 26.80 -42.25
C GLY H 225 32.23 28.26 -42.36
N SER H 226 31.10 28.57 -42.99
CA SER H 226 30.76 29.95 -43.25
C SER H 226 30.52 30.73 -41.97
N THR H 227 30.76 32.04 -42.01
CA THR H 227 30.42 32.90 -40.89
C THR H 227 28.95 32.74 -40.49
N ALA H 228 28.04 32.72 -41.47
CA ALA H 228 26.60 32.59 -41.19
C ALA H 228 26.20 31.38 -40.35
N THR H 229 26.51 30.19 -40.84
CA THR H 229 26.28 28.98 -40.08
C THR H 229 27.05 29.00 -38.80
N GLY H 230 28.12 29.77 -38.80
CA GLY H 230 28.98 29.92 -37.65
C GLY H 230 28.23 30.56 -36.51
N ARG H 231 27.49 31.60 -36.80
CA ARG H 231 26.75 32.29 -35.77
C ARG H 231 25.59 31.45 -35.29
N ARG H 232 25.23 30.45 -36.07
CA ARG H 232 24.13 29.58 -35.73
C ARG H 232 24.65 28.50 -34.84
N ILE H 233 25.92 28.17 -34.98
CA ILE H 233 26.54 27.18 -34.11
C ILE H 233 26.87 27.80 -32.78
N VAL H 234 26.86 29.12 -32.75
CA VAL H 234 27.09 29.83 -31.53
C VAL H 234 25.73 29.96 -30.89
N GLU H 235 24.71 30.01 -31.73
CA GLU H 235 23.36 30.17 -31.24
C GLU H 235 22.94 28.88 -30.62
N ALA H 236 23.45 27.79 -31.17
CA ALA H 236 23.10 26.47 -30.74
C ALA H 236 23.76 26.14 -29.41
N SER H 237 24.98 26.64 -29.27
CA SER H 237 25.83 26.32 -28.16
C SER H 237 25.26 26.72 -26.83
N LYS H 238 24.30 27.63 -26.81
CA LYS H 238 23.75 28.08 -25.54
C LYS H 238 22.95 26.98 -24.84
N SER H 239 22.52 25.96 -25.57
CA SER H 239 21.85 24.83 -24.95
C SER H 239 22.53 24.42 -23.65
N ASN H 240 23.82 24.11 -23.71
CA ASN H 240 24.52 23.63 -22.52
C ASN H 240 25.80 24.40 -22.26
N LEU H 241 25.99 25.50 -22.97
CA LEU H 241 27.19 26.30 -22.84
C LEU H 241 28.41 25.45 -23.11
N LYS H 242 28.36 24.72 -24.22
CA LYS H 242 29.46 23.92 -24.65
C LYS H 242 30.48 24.86 -25.19
N ARG H 243 31.75 24.47 -25.17
CA ARG H 243 32.80 25.33 -25.65
C ARG H 243 32.77 25.39 -27.15
N ILE H 244 33.35 26.42 -27.74
CA ILE H 244 33.30 26.58 -29.17
C ILE H 244 34.63 26.97 -29.78
N GLN H 245 34.85 26.45 -30.98
CA GLN H 245 36.00 26.77 -31.78
C GLN H 245 35.45 26.97 -33.15
N LEU H 246 35.71 28.14 -33.73
CA LEU H 246 35.16 28.48 -35.03
C LEU H 246 36.21 29.06 -35.97
N GLU H 247 36.37 28.46 -37.14
CA GLU H 247 37.15 29.04 -38.22
C GLU H 247 36.13 29.37 -39.26
N LEU H 248 35.94 30.65 -39.53
CA LEU H 248 34.82 31.07 -40.35
C LEU H 248 35.18 31.72 -41.66
N GLY H 249 36.35 31.40 -42.18
CA GLY H 249 36.68 31.91 -43.49
C GLY H 249 37.77 32.97 -43.47
N GLY H 250 38.31 33.21 -44.66
CA GLY H 250 39.35 34.19 -44.81
C GLY H 250 39.22 34.93 -46.11
N LYS H 251 39.78 36.12 -46.15
CA LYS H 251 39.92 36.86 -47.37
C LYS H 251 41.34 37.38 -47.41
N GLY H 252 42.24 36.49 -47.76
CA GLY H 252 43.66 36.62 -47.50
C GLY H 252 44.48 37.59 -48.29
N ALA H 253 45.08 38.53 -47.59
CA ALA H 253 45.93 39.51 -48.22
C ALA H 253 47.23 38.87 -48.65
N ASN H 254 47.51 38.95 -49.94
CA ASN H 254 48.80 38.54 -50.45
C ASN H 254 49.48 39.74 -51.01
N ILE H 255 50.25 40.41 -50.17
CA ILE H 255 50.86 41.67 -50.52
C ILE H 255 52.20 41.48 -51.18
N VAL H 256 52.35 42.06 -52.36
CA VAL H 256 53.59 42.01 -53.12
C VAL H 256 54.26 43.37 -53.18
N PHE H 257 55.36 43.53 -52.45
CA PHE H 257 56.10 44.74 -52.47
C PHE H 257 57.09 44.83 -53.60
N GLU H 258 57.59 46.05 -53.75
CA GLU H 258 58.53 46.47 -54.77
C GLU H 258 59.77 45.62 -54.85
N ASP H 259 60.35 45.30 -53.69
CA ASP H 259 61.62 44.62 -53.67
C ASP H 259 61.40 43.14 -53.60
N ALA H 260 60.16 42.75 -53.76
CA ALA H 260 59.81 41.36 -53.76
C ALA H 260 60.58 40.71 -54.85
N ASN H 261 60.82 39.42 -54.71
CA ASN H 261 61.37 38.64 -55.79
C ASN H 261 60.22 38.13 -56.60
N ILE H 262 59.78 38.90 -57.57
CA ILE H 262 58.53 38.61 -58.24
C ILE H 262 58.38 37.20 -58.76
N GLU H 263 59.46 36.58 -59.19
CA GLU H 263 59.35 35.22 -59.68
C GLU H 263 58.74 34.27 -58.64
N ALA H 264 59.29 34.30 -57.44
CA ALA H 264 58.88 33.54 -56.27
C ALA H 264 57.47 33.94 -55.86
N ALA H 265 57.23 35.24 -55.89
CA ALA H 265 55.96 35.80 -55.49
C ALA H 265 54.84 35.36 -56.37
N VAL H 266 55.14 35.12 -57.64
CA VAL H 266 54.14 34.71 -58.59
C VAL H 266 53.81 33.25 -58.38
N ASN H 267 54.83 32.44 -58.18
CA ASN H 267 54.61 31.03 -57.90
C ASN H 267 53.89 30.81 -56.59
N GLY H 268 54.20 31.64 -55.60
CA GLY H 268 53.50 31.59 -54.33
C GLY H 268 52.06 32.01 -54.47
N ALA H 269 51.80 33.13 -55.14
CA ALA H 269 50.44 33.57 -55.31
C ALA H 269 49.64 32.53 -56.06
N ALA H 270 50.16 32.05 -57.17
CA ALA H 270 49.46 31.04 -57.92
C ALA H 270 49.06 29.89 -57.03
N TRP H 271 50.02 29.38 -56.28
CA TRP H 271 49.82 28.30 -55.35
C TRP H 271 48.86 28.73 -54.26
N ALA H 272 49.03 29.95 -53.80
CA ALA H 272 48.26 30.51 -52.71
C ALA H 272 46.79 30.53 -52.98
N ILE H 273 46.40 30.61 -54.25
CA ILE H 273 45.00 30.80 -54.56
C ILE H 273 44.42 29.75 -55.49
N PHE H 274 45.29 29.13 -56.26
CA PHE H 274 44.88 28.11 -57.22
C PHE H 274 45.09 26.70 -56.72
N HIS H 275 45.77 26.53 -55.60
CA HIS H 275 45.87 25.21 -55.07
C HIS H 275 44.53 24.89 -54.49
N ASN H 276 44.05 23.70 -54.76
CA ASN H 276 42.77 23.28 -54.26
C ASN H 276 41.68 24.11 -54.81
N GLN H 277 41.99 24.78 -55.92
CA GLN H 277 40.95 25.45 -56.66
C GLN H 277 40.43 26.64 -55.87
N GLY H 278 41.25 27.19 -54.99
CA GLY H 278 40.88 28.34 -54.19
C GLY H 278 40.10 27.96 -52.97
N GLN H 279 39.71 26.70 -52.91
CA GLN H 279 38.88 26.26 -51.82
C GLN H 279 39.62 26.14 -50.51
N ALA H 280 40.25 27.22 -50.09
CA ALA H 280 40.91 27.26 -48.79
C ALA H 280 40.73 28.62 -48.17
N CYS H 281 40.34 28.64 -46.91
CA CYS H 281 40.11 29.91 -46.26
C CYS H 281 41.39 30.68 -46.08
N ILE H 282 42.52 30.01 -46.22
CA ILE H 282 43.79 30.69 -46.17
C ILE H 282 44.30 30.98 -47.56
N ALA H 283 43.45 30.82 -48.55
CA ALA H 283 43.79 31.16 -49.92
C ALA H 283 44.23 32.61 -49.98
N GLY H 284 45.23 32.90 -50.80
CA GLY H 284 45.59 34.26 -51.09
C GLY H 284 44.69 34.77 -52.20
N SER H 285 43.49 35.18 -51.82
CA SER H 285 42.45 35.55 -52.76
C SER H 285 42.47 37.03 -53.09
N ARG H 286 43.31 37.77 -52.39
CA ARG H 286 43.44 39.19 -52.58
C ARG H 286 44.88 39.54 -52.85
N LEU H 287 45.22 39.71 -54.13
CA LEU H 287 46.52 40.21 -54.54
C LEU H 287 46.64 41.70 -54.36
N ILE H 288 47.58 42.13 -53.54
CA ILE H 288 47.84 43.55 -53.35
C ILE H 288 49.23 43.84 -53.85
N LEU H 289 49.33 44.35 -55.08
CA LEU H 289 50.61 44.52 -55.74
C LEU H 289 51.05 45.96 -55.70
N HIS H 290 52.32 46.16 -55.41
CA HIS H 290 52.89 47.50 -55.43
C HIS H 290 52.94 47.97 -56.86
N LYS H 291 52.56 49.20 -57.11
CA LYS H 291 52.44 49.69 -58.47
C LYS H 291 53.69 49.50 -59.33
N ASP H 292 54.86 49.52 -58.71
CA ASP H 292 56.07 49.46 -59.50
C ASP H 292 56.46 48.07 -59.93
N ILE H 293 55.69 47.09 -59.49
CA ILE H 293 55.90 45.70 -59.91
C ILE H 293 54.61 45.09 -60.44
N ALA H 294 53.50 45.78 -60.26
CA ALA H 294 52.21 45.29 -60.69
C ALA H 294 52.25 44.62 -62.08
N ASP H 295 52.73 45.33 -63.08
CA ASP H 295 52.70 44.83 -64.44
C ASP H 295 53.66 43.68 -64.68
N GLN H 296 54.87 43.79 -64.16
CA GLN H 296 55.81 42.71 -64.26
C GLN H 296 55.16 41.46 -63.68
N PHE H 297 54.55 41.61 -62.53
CA PHE H 297 53.89 40.53 -61.81
C PHE H 297 52.75 39.88 -62.58
N LEU H 298 51.84 40.71 -63.06
CA LEU H 298 50.65 40.24 -63.73
C LEU H 298 50.98 39.53 -65.03
N GLU H 299 52.06 39.97 -65.65
CA GLU H 299 52.57 39.35 -66.85
C GLU H 299 52.88 37.88 -66.64
N ARG H 300 53.66 37.59 -65.63
CA ARG H 300 54.04 36.23 -65.35
C ARG H 300 52.86 35.49 -64.77
N PHE H 301 52.14 36.17 -63.88
CA PHE H 301 51.05 35.55 -63.15
C PHE H 301 49.85 35.22 -64.00
N ILE H 302 49.47 36.13 -64.89
CA ILE H 302 48.39 35.85 -65.83
C ILE H 302 48.77 34.70 -66.77
N ALA H 303 49.98 34.74 -67.31
CA ALA H 303 50.45 33.65 -68.14
C ALA H 303 50.39 32.33 -67.38
N LEU H 304 50.76 32.39 -66.12
CA LEU H 304 50.81 31.24 -65.24
C LEU H 304 49.43 30.68 -65.10
N ALA H 305 48.49 31.56 -64.78
CA ALA H 305 47.13 31.20 -64.46
C ALA H 305 46.39 30.54 -65.61
N LYS H 306 46.63 31.03 -66.81
CA LYS H 306 45.92 30.52 -67.95
C LYS H 306 46.57 29.25 -68.43
N SER H 307 47.80 29.05 -67.99
CA SER H 307 48.61 27.91 -68.38
C SER H 307 48.29 26.71 -67.52
N ILE H 308 47.41 26.91 -66.55
CA ILE H 308 47.04 25.91 -65.58
C ILE H 308 46.12 24.86 -66.17
N ARG H 309 46.54 23.60 -66.04
CA ARG H 309 45.79 22.49 -66.61
C ARG H 309 44.65 22.08 -65.72
N LEU H 310 43.50 22.60 -66.08
CA LEU H 310 42.28 22.31 -65.40
C LEU H 310 41.75 21.08 -66.08
N GLY H 311 41.25 20.14 -65.30
CA GLY H 311 40.75 18.89 -65.83
C GLY H 311 40.46 17.76 -64.87
N ASP H 312 40.31 16.58 -65.45
CA ASP H 312 40.00 15.39 -64.71
C ASP H 312 40.90 15.43 -63.53
N PRO H 313 40.34 15.11 -62.38
CA PRO H 313 41.07 15.19 -61.12
C PRO H 313 41.79 13.90 -60.86
N MET H 314 41.51 12.89 -61.68
CA MET H 314 42.16 11.59 -61.57
C MET H 314 43.29 11.47 -62.59
N ASP H 315 43.62 12.58 -63.21
CA ASP H 315 44.76 12.66 -64.09
C ASP H 315 45.90 13.25 -63.29
N PRO H 316 47.00 12.54 -63.20
CA PRO H 316 48.17 13.07 -62.51
C PRO H 316 48.63 14.33 -63.22
N GLU H 317 48.13 14.53 -64.43
CA GLU H 317 48.54 15.68 -65.24
C GLU H 317 47.82 16.91 -64.76
N THR H 318 46.56 16.74 -64.41
CA THR H 318 45.73 17.84 -63.95
C THR H 318 46.39 18.61 -62.85
N GLU H 319 46.32 19.93 -62.96
CA GLU H 319 46.91 20.86 -62.04
C GLU H 319 45.83 21.42 -61.12
N MET H 320 44.65 21.66 -61.67
CA MET H 320 43.49 22.15 -60.94
C MET H 320 42.24 21.40 -61.36
N GLY H 321 41.41 21.01 -60.40
CA GLY H 321 40.22 20.25 -60.70
C GLY H 321 39.00 21.15 -60.70
N PRO H 322 37.81 20.60 -60.51
CA PRO H 322 36.63 21.44 -60.46
C PRO H 322 36.38 21.94 -59.06
N LEU H 323 35.37 22.77 -58.85
CA LEU H 323 34.96 23.07 -57.48
C LEU H 323 34.15 21.88 -56.99
N THR H 324 34.06 21.66 -55.69
CA THR H 324 33.47 20.42 -55.19
C THR H 324 31.95 20.38 -55.15
N SER H 325 31.34 21.54 -55.26
CA SER H 325 29.92 21.61 -55.23
C SER H 325 29.53 22.52 -56.37
N ALA H 326 28.35 22.31 -56.91
CA ALA H 326 27.86 23.18 -57.93
C ALA H 326 27.08 24.35 -57.39
N LEU H 327 26.53 24.18 -56.19
CA LEU H 327 26.02 25.26 -55.41
C LEU H 327 27.13 26.25 -55.27
N ARG H 328 28.36 25.77 -55.43
CA ARG H 328 29.53 26.57 -55.18
C ARG H 328 30.11 27.09 -56.47
N ARG H 329 30.05 26.28 -57.52
CA ARG H 329 30.43 26.77 -58.81
C ARG H 329 29.55 27.96 -59.11
N ASP H 330 28.25 27.78 -58.93
CA ASP H 330 27.26 28.82 -59.21
C ASP H 330 27.45 30.09 -58.39
N ARG H 331 28.08 29.98 -57.24
CA ARG H 331 28.28 31.10 -56.37
C ARG H 331 29.56 31.84 -56.69
N VAL H 332 30.53 31.14 -57.24
CA VAL H 332 31.79 31.76 -57.63
C VAL H 332 31.58 32.47 -58.95
N LEU H 333 30.59 32.02 -59.69
CA LEU H 333 30.28 32.67 -60.94
C LEU H 333 29.50 33.91 -60.61
N SER H 334 28.83 33.89 -59.46
CA SER H 334 28.05 35.01 -59.00
C SER H 334 28.96 36.10 -58.58
N TYR H 335 30.03 35.73 -57.90
CA TYR H 335 31.03 36.67 -57.45
C TYR H 335 31.82 37.13 -58.66
N ILE H 336 32.16 36.19 -59.52
CA ILE H 336 32.92 36.52 -60.70
C ILE H 336 32.25 37.56 -61.53
N ASP H 337 30.94 37.54 -61.59
CA ASP H 337 30.27 38.48 -62.46
C ASP H 337 29.72 39.71 -61.74
N ILE H 338 29.88 39.75 -60.43
CA ILE H 338 29.47 40.90 -59.68
C ILE H 338 30.71 41.77 -59.58
N ALA H 339 31.83 41.20 -59.95
CA ALA H 339 33.09 41.89 -59.95
C ALA H 339 33.18 42.61 -61.29
N ILE H 340 32.46 42.10 -62.26
CA ILE H 340 32.40 42.72 -63.58
C ILE H 340 31.42 43.87 -63.53
N GLU H 341 30.34 43.68 -62.79
CA GLU H 341 29.30 44.69 -62.64
C GLU H 341 29.77 45.85 -61.80
N GLN H 342 30.93 45.71 -61.20
CA GLN H 342 31.49 46.76 -60.37
C GLN H 342 32.78 47.28 -60.93
N GLY H 343 32.91 47.16 -62.24
CA GLY H 343 34.08 47.62 -62.94
C GLY H 343 35.21 46.61 -63.00
N GLY H 344 35.08 45.50 -62.30
CA GLY H 344 36.19 44.57 -62.35
C GLY H 344 36.60 44.25 -63.78
N LYS H 345 37.88 44.02 -63.95
CA LYS H 345 38.47 43.70 -65.23
C LYS H 345 39.12 42.35 -65.19
N VAL H 346 38.47 41.34 -65.77
CA VAL H 346 39.01 39.99 -65.82
C VAL H 346 40.30 39.87 -66.62
N LEU H 347 41.37 39.49 -65.95
CA LEU H 347 42.65 39.35 -66.63
C LEU H 347 42.93 37.90 -67.02
N ALA H 348 42.16 36.96 -66.50
CA ALA H 348 42.31 35.56 -66.82
C ALA H 348 41.07 34.79 -66.37
N GLY H 349 40.72 33.68 -66.98
CA GLY H 349 39.50 33.05 -66.58
C GLY H 349 38.26 33.91 -66.76
N GLY H 350 37.38 33.84 -65.79
CA GLY H 350 36.17 34.62 -65.82
C GLY H 350 34.95 33.75 -65.91
N LYS H 351 35.16 32.47 -66.16
CA LYS H 351 34.01 31.58 -66.25
C LYS H 351 34.37 30.12 -66.06
N ALA H 352 33.36 29.28 -66.28
CA ALA H 352 33.56 27.86 -66.30
C ALA H 352 34.16 27.68 -67.67
N PRO H 353 34.89 26.61 -67.89
CA PRO H 353 35.57 26.46 -69.17
C PRO H 353 34.57 25.94 -70.16
N ASP H 354 34.68 26.41 -71.41
CA ASP H 354 33.85 25.94 -72.51
C ASP H 354 34.36 24.59 -72.97
N ASP H 355 35.24 24.00 -72.16
CA ASP H 355 35.74 22.66 -72.43
C ASP H 355 34.53 21.80 -72.16
N LYS H 356 33.76 21.54 -73.20
CA LYS H 356 32.52 20.81 -73.10
C LYS H 356 32.91 19.57 -72.36
N ALA H 357 34.21 19.43 -72.15
CA ALA H 357 34.77 18.19 -71.64
C ALA H 357 34.59 18.07 -70.14
N LEU H 358 34.51 19.21 -69.50
CA LEU H 358 34.33 19.26 -68.07
C LEU H 358 32.91 19.73 -67.82
N ALA H 359 32.19 19.97 -68.91
CA ALA H 359 30.88 20.57 -68.86
C ALA H 359 29.86 19.82 -68.01
N ASN H 360 30.26 18.71 -67.41
CA ASN H 360 29.36 18.06 -66.50
C ASN H 360 29.86 18.25 -65.07
N GLY H 361 31.04 18.83 -64.97
CA GLY H 361 31.62 19.11 -63.69
C GLY H 361 31.60 20.59 -63.44
N PHE H 362 31.71 20.94 -62.17
CA PHE H 362 31.59 22.31 -61.74
C PHE H 362 32.91 23.03 -61.85
N TYR H 363 33.61 22.84 -62.95
CA TYR H 363 34.88 23.53 -63.10
C TYR H 363 34.70 25.01 -63.37
N VAL H 364 35.71 25.77 -63.03
CA VAL H 364 35.77 27.21 -63.25
C VAL H 364 37.20 27.54 -63.57
N GLU H 365 37.40 28.37 -64.57
CA GLU H 365 38.75 28.70 -64.99
C GLU H 365 39.47 29.51 -63.93
N PRO H 366 40.76 29.23 -63.72
CA PRO H 366 41.57 30.07 -62.84
C PRO H 366 41.31 31.53 -63.22
N THR H 367 40.75 32.30 -62.29
CA THR H 367 40.24 33.62 -62.60
C THR H 367 41.01 34.71 -61.85
N VAL H 368 41.27 35.80 -62.55
CA VAL H 368 42.02 36.90 -61.97
C VAL H 368 41.34 38.19 -62.37
N VAL H 369 40.99 39.00 -61.39
CA VAL H 369 40.17 40.19 -61.63
C VAL H 369 40.80 41.44 -61.05
N GLU H 370 41.02 42.48 -61.87
CA GLU H 370 41.59 43.71 -61.35
C GLU H 370 40.48 44.54 -60.76
N ALA H 371 40.65 45.00 -59.53
CA ALA H 371 39.60 45.78 -58.91
C ALA H 371 40.07 46.85 -57.95
N LYS H 372 39.14 47.27 -57.09
CA LYS H 372 39.40 48.30 -56.10
C LYS H 372 39.10 47.76 -54.72
N PRO H 373 39.94 48.11 -53.77
CA PRO H 373 39.78 47.66 -52.41
C PRO H 373 38.32 47.59 -51.94
N GLN H 374 37.52 48.57 -52.31
CA GLN H 374 36.13 48.62 -51.85
C GLN H 374 35.13 47.76 -52.62
N ASP H 375 35.59 46.90 -53.51
CA ASP H 375 34.70 46.06 -54.27
C ASP H 375 34.21 44.93 -53.39
N ARG H 376 33.08 44.32 -53.68
CA ARG H 376 32.61 43.26 -52.80
C ARG H 376 33.39 41.96 -52.97
N VAL H 377 33.75 41.65 -54.21
CA VAL H 377 34.51 40.47 -54.51
C VAL H 377 35.90 40.59 -53.86
N CYS H 378 36.09 41.65 -53.10
CA CYS H 378 37.35 41.96 -52.49
C CYS H 378 37.16 41.97 -51.03
N GLN H 379 35.94 41.80 -50.58
CA GLN H 379 35.71 41.89 -49.17
C GLN H 379 35.05 40.62 -48.72
N GLU H 380 34.33 40.00 -49.63
CA GLU H 380 33.65 38.79 -49.34
C GLU H 380 34.55 37.69 -49.78
N GLU H 381 34.26 36.52 -49.27
CA GLU H 381 35.05 35.38 -49.62
C GLU H 381 34.43 34.47 -50.68
N VAL H 382 34.91 34.64 -51.89
CA VAL H 382 34.64 33.79 -53.04
C VAL H 382 35.44 32.55 -52.72
N PHE H 383 34.84 31.37 -52.80
CA PHE H 383 35.57 30.22 -52.33
C PHE H 383 36.07 29.40 -53.50
N GLY H 384 36.74 30.07 -54.43
CA GLY H 384 37.13 29.43 -55.67
C GLY H 384 38.45 29.89 -56.23
N PRO H 385 38.76 29.48 -57.47
CA PRO H 385 40.04 29.80 -58.09
C PRO H 385 39.97 31.23 -58.56
N PHE H 386 39.98 32.15 -57.61
CA PHE H 386 39.59 33.51 -57.91
C PHE H 386 40.42 34.49 -57.10
N VAL H 387 41.26 35.26 -57.76
CA VAL H 387 42.03 36.29 -57.08
C VAL H 387 41.68 37.68 -57.59
N THR H 388 41.50 38.61 -56.67
CA THR H 388 41.35 40.00 -57.05
C THR H 388 42.72 40.65 -57.02
N VAL H 389 42.92 41.63 -57.89
CA VAL H 389 44.17 42.37 -57.92
C VAL H 389 43.92 43.82 -57.66
N VAL H 390 44.71 44.37 -56.75
CA VAL H 390 44.60 45.75 -56.38
C VAL H 390 46.03 46.25 -56.26
N ARG H 391 46.23 47.54 -56.47
CA ARG H 391 47.57 48.09 -56.44
C ARG H 391 47.71 49.10 -55.35
N PHE H 392 48.95 49.28 -54.90
CA PHE H 392 49.24 50.21 -53.84
C PHE H 392 50.55 50.97 -54.03
N SER H 393 50.67 52.05 -53.26
CA SER H 393 51.80 52.94 -53.33
C SER H 393 52.65 53.05 -52.06
N SER H 394 52.16 52.53 -50.94
CA SER H 394 52.93 52.63 -49.72
C SER H 394 52.62 51.47 -48.79
N ASP H 395 53.56 51.14 -47.92
CA ASP H 395 53.34 50.10 -46.93
C ASP H 395 52.01 50.36 -46.23
N GLU H 396 51.81 51.62 -45.88
CA GLU H 396 50.61 52.08 -45.19
C GLU H 396 49.34 51.76 -45.93
N GLU H 397 49.37 51.92 -47.22
CA GLU H 397 48.27 51.62 -48.10
C GLU H 397 48.01 50.11 -48.10
N ALA H 398 49.07 49.35 -48.36
CA ALA H 398 49.01 47.88 -48.35
C ALA H 398 48.42 47.37 -47.05
N LEU H 399 48.94 47.86 -45.92
CA LEU H 399 48.41 47.47 -44.63
C LEU H 399 46.92 47.76 -44.58
N ALA H 400 46.56 48.99 -44.93
CA ALA H 400 45.17 49.42 -44.89
C ALA H 400 44.30 48.43 -45.66
N ILE H 401 44.73 48.11 -46.87
CA ILE H 401 43.96 47.19 -47.71
C ILE H 401 43.88 45.82 -47.07
N ALA H 402 45.03 45.27 -46.71
CA ALA H 402 45.11 43.97 -46.07
C ALA H 402 44.11 43.88 -44.92
N ASN H 403 43.99 44.98 -44.20
CA ASN H 403 43.12 45.04 -43.05
C ASN H 403 41.73 45.56 -43.29
N ASN H 404 41.42 46.00 -44.48
CA ASN H 404 40.08 46.49 -44.76
C ASN H 404 39.10 45.39 -45.11
N THR H 405 39.11 44.36 -44.27
CA THR H 405 38.21 43.21 -44.38
C THR H 405 37.75 42.80 -43.00
N GLU H 406 36.64 42.08 -42.92
CA GLU H 406 36.11 41.63 -41.67
C GLU H 406 36.84 40.38 -41.24
N TYR H 407 37.52 39.78 -42.21
CA TYR H 407 38.26 38.55 -42.05
C TYR H 407 39.58 38.70 -41.34
N GLY H 408 40.12 37.61 -40.83
CA GLY H 408 41.38 37.73 -40.14
C GLY H 408 42.22 36.48 -40.12
N LEU H 409 41.91 35.56 -41.02
CA LEU H 409 42.44 34.22 -40.94
C LEU H 409 43.90 34.03 -41.31
N GLY H 410 44.19 34.17 -42.60
CA GLY H 410 45.55 34.13 -43.09
C GLY H 410 45.91 35.44 -43.78
N SER H 411 47.18 35.54 -44.12
CA SER H 411 47.72 36.72 -44.74
C SER H 411 49.15 36.40 -45.17
N GLY H 412 49.69 37.20 -46.05
CA GLY H 412 51.03 36.95 -46.52
C GLY H 412 51.56 38.14 -47.29
N LEU H 413 52.87 38.25 -47.31
CA LEU H 413 53.48 39.35 -48.02
C LEU H 413 54.82 38.93 -48.59
N TRP H 414 55.33 39.71 -49.52
CA TRP H 414 56.57 39.38 -50.18
C TRP H 414 57.48 40.59 -50.21
N THR H 415 58.62 40.42 -49.57
CA THR H 415 59.75 41.35 -49.58
C THR H 415 61.04 40.72 -49.22
N GLN H 416 62.09 41.47 -49.45
CA GLN H 416 63.35 41.23 -48.82
C GLN H 416 63.73 42.25 -47.77
N ASN H 417 62.88 43.20 -47.45
CA ASN H 417 63.15 44.16 -46.41
C ASN H 417 62.82 43.60 -45.04
N LEU H 418 63.82 43.54 -44.17
CA LEU H 418 63.66 43.00 -42.83
C LEU H 418 62.58 43.71 -42.03
N ALA H 419 62.76 44.99 -41.86
CA ALA H 419 61.84 45.73 -41.13
C ALA H 419 60.46 45.40 -41.67
N ARG H 420 60.20 45.93 -42.86
CA ARG H 420 58.93 45.81 -43.52
C ARG H 420 58.22 44.51 -43.23
N ALA H 421 58.90 43.43 -43.50
CA ALA H 421 58.39 42.08 -43.25
C ALA H 421 57.74 41.97 -41.88
N HIS H 422 58.46 42.32 -40.82
CA HIS H 422 57.94 42.15 -39.47
C HIS H 422 56.92 43.21 -39.11
N LYS H 423 57.19 44.44 -39.49
CA LYS H 423 56.30 45.56 -39.24
C LYS H 423 54.91 45.30 -39.79
N MET H 424 54.83 44.65 -40.94
CA MET H 424 53.58 44.27 -41.57
C MET H 424 52.94 43.06 -40.89
N ALA H 425 53.70 41.99 -40.77
CA ALA H 425 53.20 40.80 -40.10
C ALA H 425 52.60 41.10 -38.72
N ASN H 426 53.24 42.02 -38.00
CA ASN H 426 52.79 42.40 -36.68
C ASN H 426 51.62 43.34 -36.69
N ALA H 427 51.37 43.94 -37.84
CA ALA H 427 50.31 44.91 -37.98
C ALA H 427 49.07 44.37 -38.69
N ILE H 428 49.21 43.23 -39.37
CA ILE H 428 48.05 42.63 -40.03
C ILE H 428 47.17 41.87 -39.03
N HIS H 429 45.92 42.21 -38.91
CA HIS H 429 45.07 41.48 -38.02
C HIS H 429 44.63 40.24 -38.68
N ALA H 430 45.44 39.21 -38.55
CA ALA H 430 45.18 37.86 -39.02
C ALA H 430 45.81 36.90 -38.02
N GLY H 431 45.29 35.68 -37.95
CA GLY H 431 45.81 34.67 -37.05
C GLY H 431 47.17 34.19 -37.50
N MET H 432 47.39 34.16 -38.82
CA MET H 432 48.67 33.72 -39.32
C MET H 432 49.09 34.61 -40.48
N CYS H 433 50.40 34.75 -40.64
CA CYS H 433 50.96 35.59 -41.69
C CYS H 433 52.19 34.95 -42.25
N TRP H 434 52.20 34.76 -43.58
CA TRP H 434 53.34 34.17 -44.25
C TRP H 434 54.14 35.21 -44.99
N ILE H 435 55.47 35.13 -44.86
CA ILE H 435 56.37 36.06 -45.53
C ILE H 435 57.27 35.32 -46.55
N ASN H 436 57.15 35.73 -47.80
CA ASN H 436 57.90 35.08 -48.88
C ASN H 436 57.55 33.60 -49.01
N CYS H 437 56.30 33.31 -48.68
CA CYS H 437 55.76 31.97 -48.79
C CYS H 437 54.30 32.19 -48.50
N TYR H 438 53.49 31.16 -48.65
CA TYR H 438 52.07 31.31 -48.38
C TYR H 438 51.42 29.96 -48.12
N LYS H 439 50.34 29.95 -47.34
CA LYS H 439 49.58 28.73 -47.14
C LYS H 439 50.46 27.64 -46.52
N ARG H 440 51.50 28.06 -45.77
CA ARG H 440 52.42 27.14 -45.07
C ARG H 440 51.82 26.71 -43.76
N VAL H 441 51.55 25.43 -43.61
CA VAL H 441 50.92 24.94 -42.40
C VAL H 441 51.71 23.79 -41.83
N SER H 442 51.82 23.75 -40.52
CA SER H 442 52.54 22.71 -39.81
C SER H 442 51.70 22.23 -38.62
N PRO H 443 51.78 20.95 -38.31
CA PRO H 443 50.94 20.37 -37.25
C PRO H 443 51.20 21.00 -35.88
N GLY H 444 52.34 21.66 -35.72
CA GLY H 444 52.65 22.28 -34.45
C GLY H 444 52.44 23.78 -34.47
N SER H 445 52.16 24.33 -35.65
CA SER H 445 51.98 25.77 -35.80
C SER H 445 50.51 26.14 -35.74
N PRO H 446 50.09 26.81 -34.65
CA PRO H 446 48.68 27.14 -34.40
C PRO H 446 48.03 27.77 -35.61
N PHE H 447 46.85 27.25 -35.95
CA PHE H 447 46.14 27.68 -37.14
C PHE H 447 44.75 28.11 -36.69
N GLY H 448 44.40 29.35 -36.98
CA GLY H 448 43.06 29.77 -36.66
C GLY H 448 42.90 31.23 -36.96
N GLY H 449 41.70 31.73 -36.71
CA GLY H 449 41.38 33.09 -37.06
C GLY H 449 41.37 34.07 -35.91
N VAL H 450 41.03 35.28 -36.29
CA VAL H 450 40.97 36.41 -35.40
C VAL H 450 39.75 37.17 -35.84
N GLY H 451 39.19 37.98 -34.97
CA GLY H 451 37.98 38.70 -35.31
C GLY H 451 36.85 37.78 -35.79
N GLN H 452 36.28 38.10 -36.94
CA GLN H 452 35.12 37.38 -37.45
C GLN H 452 35.48 36.11 -38.22
N SER H 453 36.77 35.80 -38.27
CA SER H 453 37.25 34.55 -38.84
C SER H 453 37.24 33.50 -37.75
N GLY H 454 36.95 33.94 -36.54
CA GLY H 454 36.60 33.03 -35.48
C GLY H 454 37.57 33.09 -34.35
N TYR H 455 37.68 31.97 -33.65
CA TYR H 455 38.54 31.85 -32.52
C TYR H 455 38.95 30.39 -32.36
N GLY H 456 39.85 30.10 -31.44
CA GLY H 456 40.33 28.76 -31.25
C GLY H 456 41.44 28.52 -32.26
N ARG H 457 42.25 27.50 -32.02
CA ARG H 457 43.36 27.20 -32.89
C ARG H 457 43.52 25.71 -33.07
N GLU H 458 43.83 25.34 -34.29
CA GLU H 458 44.07 23.97 -34.64
C GLU H 458 45.56 23.86 -34.66
N MET H 459 46.08 22.69 -34.36
CA MET H 459 47.50 22.45 -34.46
C MET H 459 48.17 22.92 -33.22
N GLY H 460 49.20 22.24 -32.80
CA GLY H 460 50.00 22.71 -31.70
C GLY H 460 49.51 22.41 -30.34
N PHE H 461 50.26 22.85 -29.35
CA PHE H 461 49.77 22.83 -27.99
C PHE H 461 48.46 23.61 -27.87
N GLU H 462 48.31 24.64 -28.68
CA GLU H 462 47.11 25.45 -28.71
C GLU H 462 45.88 24.62 -28.92
N ALA H 463 45.91 23.79 -29.95
CA ALA H 463 44.78 22.92 -30.26
C ALA H 463 44.46 22.06 -29.04
N ILE H 464 45.52 21.54 -28.41
CA ILE H 464 45.40 20.71 -27.22
C ILE H 464 44.75 21.50 -26.09
N HIS H 465 45.15 22.76 -25.93
CA HIS H 465 44.56 23.62 -24.92
C HIS H 465 43.06 23.74 -25.16
N ASP H 466 42.66 23.86 -26.42
CA ASP H 466 41.26 24.04 -26.76
C ASP H 466 40.42 22.80 -26.56
N TYR H 467 41.05 21.65 -26.51
CA TYR H 467 40.34 20.39 -26.34
C TYR H 467 40.55 19.80 -24.97
N THR H 468 41.07 20.59 -24.05
CA THR H 468 41.29 20.15 -22.71
C THR H 468 40.70 21.19 -21.80
N GLU H 469 40.71 20.96 -20.49
CA GLU H 469 40.19 21.91 -19.54
C GLU H 469 41.07 21.88 -18.31
N ALA H 470 41.07 22.96 -17.53
CA ALA H 470 41.80 23.07 -16.31
C ALA H 470 41.01 22.47 -15.15
N ARG H 471 41.62 21.53 -14.44
CA ARG H 471 40.99 20.96 -13.28
C ARG H 471 41.94 21.23 -12.13
N SER H 472 41.67 22.27 -11.35
CA SER H 472 42.53 22.67 -10.23
C SER H 472 42.23 21.90 -8.96
N VAL H 473 43.24 21.23 -8.43
CA VAL H 473 43.07 20.47 -7.20
C VAL H 473 43.91 21.07 -6.08
N TRP H 474 43.28 21.30 -4.93
CA TRP H 474 43.96 21.85 -3.78
C TRP H 474 44.05 20.81 -2.70
N VAL H 475 45.26 20.53 -2.26
CA VAL H 475 45.44 19.68 -1.09
C VAL H 475 45.95 20.50 0.06
N ASN H 476 45.21 20.50 1.15
CA ASN H 476 45.70 21.20 2.29
C ASN H 476 46.56 20.21 3.07
N VAL H 477 47.88 20.28 2.96
CA VAL H 477 48.76 19.39 3.73
C VAL H 477 49.19 19.92 5.11
N ASP H 478 49.58 21.17 5.15
CA ASP H 478 50.10 21.71 6.38
C ASP H 478 49.55 23.08 6.73
N ALA H 479 48.58 23.56 5.99
CA ALA H 479 48.10 24.91 6.19
C ALA H 479 47.37 25.00 7.48
N LYS H 480 47.82 25.89 8.33
CA LYS H 480 47.10 26.15 9.55
C LYS H 480 46.43 27.49 9.33
N ILE H 481 45.11 27.47 9.26
CA ILE H 481 44.37 28.69 9.05
C ILE H 481 43.21 28.76 10.01
N ALA H 482 43.01 29.94 10.55
CA ALA H 482 42.03 30.18 11.56
C ALA H 482 40.66 30.26 10.94
N PRO H 483 39.70 29.71 11.63
CA PRO H 483 38.32 29.73 11.14
C PRO H 483 37.94 31.13 10.81
N HIS H 484 37.10 31.30 9.80
CA HIS H 484 36.69 32.62 9.43
C HIS H 484 35.94 33.16 10.63
N PHE H 485 35.19 32.25 11.26
CA PHE H 485 34.40 32.56 12.43
C PHE H 485 35.10 32.06 13.68
N LYS H 486 35.87 32.91 14.32
CA LYS H 486 36.61 32.53 15.52
C LYS H 486 35.66 32.27 16.67
N ARG H 487 35.46 30.98 16.98
CA ARG H 487 34.58 30.60 18.07
C ARG H 487 33.13 30.97 17.75
#